data_1JCU
#
_entry.id   1JCU
#
_cell.length_a   ?
_cell.length_b   ?
_cell.length_c   ?
_cell.angle_alpha   ?
_cell.angle_beta   ?
_cell.angle_gamma   ?
#
_entity_poly.entity_id   1
_entity_poly.type   'polypeptide(L)'
_entity_poly.pdbx_seq_one_letter_code
;MLIRKITRKNPSPDVLEEAISVMEGGGIVIYPTDTIYGLGVNALDEDAVRRLFRVKGRSPHKPVSICVSCVDEIPRFSRP
SGDAMELMERILPGPYTVVLERNELIPDVITGGSSRVGIRVPDDEICRRIAARFPVTATSANISGKPPSPRLEEIVRDLD
AVDLVLDAGDCLDMEPSTVIDLTVNPPRVLRRGKGPLDPVLLRGAGDV
;
_entity_poly.pdbx_strand_id   A
#
# COMPACT_ATOMS: atom_id res chain seq x y z
N MET A 1 -20.47 34.57 -4.08
CA MET A 1 -20.07 33.77 -2.89
C MET A 1 -19.11 34.57 -2.01
N LEU A 2 -19.14 34.31 -0.71
CA LEU A 2 -18.27 34.98 0.24
C LEU A 2 -17.15 34.06 0.71
N ILE A 3 -17.52 33.00 1.43
CA ILE A 3 -16.54 32.05 1.94
C ILE A 3 -16.01 31.15 0.82
N ARG A 4 -14.75 30.76 0.93
CA ARG A 4 -14.12 29.90 -0.07
C ARG A 4 -14.63 28.46 0.07
N LYS A 5 -15.61 28.10 -0.75
CA LYS A 5 -16.17 26.76 -0.72
C LYS A 5 -15.49 25.85 -1.75
N ILE A 6 -15.93 24.60 -1.80
CA ILE A 6 -15.38 23.63 -2.74
C ILE A 6 -16.34 23.36 -3.89
N THR A 7 -15.80 22.96 -5.04
CA THR A 7 -16.63 22.67 -6.20
C THR A 7 -17.46 21.41 -5.99
N ARG A 8 -18.21 21.03 -7.01
CA ARG A 8 -19.05 19.84 -6.95
C ARG A 8 -18.37 18.65 -7.63
N LYS A 9 -18.18 18.76 -8.94
CA LYS A 9 -17.54 17.69 -9.70
C LYS A 9 -16.03 17.81 -9.65
N ASN A 10 -15.36 16.72 -9.32
CA ASN A 10 -13.90 16.70 -9.23
C ASN A 10 -13.29 16.17 -10.52
N PRO A 11 -12.26 16.87 -11.06
CA PRO A 11 -11.59 16.47 -12.29
C PRO A 11 -11.06 15.04 -12.22
N SER A 12 -11.38 14.25 -13.24
CA SER A 12 -10.93 12.86 -13.30
C SER A 12 -10.00 12.63 -14.49
N PRO A 13 -8.68 12.62 -14.26
CA PRO A 13 -7.69 12.42 -15.32
C PRO A 13 -7.87 11.08 -16.03
N ASP A 14 -7.02 10.81 -17.02
CA ASP A 14 -7.09 9.57 -17.78
C ASP A 14 -6.71 8.37 -16.91
N VAL A 15 -5.72 8.57 -16.02
CA VAL A 15 -5.26 7.50 -15.15
C VAL A 15 -6.30 7.18 -14.07
N LEU A 16 -7.10 8.19 -13.72
CA LEU A 16 -8.13 8.02 -12.70
C LEU A 16 -9.24 7.11 -13.19
N GLU A 17 -9.73 7.38 -14.41
CA GLU A 17 -10.81 6.58 -14.99
C GLU A 17 -10.29 5.21 -15.42
N GLU A 18 -8.98 5.10 -15.60
CA GLU A 18 -8.38 3.84 -16.00
C GLU A 18 -8.29 2.87 -14.83
N ALA A 19 -8.07 3.42 -13.64
CA ALA A 19 -7.96 2.60 -12.43
C ALA A 19 -9.33 2.09 -11.98
N ILE A 20 -10.34 2.94 -12.07
CA ILE A 20 -11.68 2.56 -11.66
C ILE A 20 -12.33 1.63 -12.69
N SER A 21 -11.79 1.64 -13.90
CA SER A 21 -12.30 0.81 -14.97
C SER A 21 -12.05 -0.66 -14.69
N VAL A 22 -10.78 -1.00 -14.44
CA VAL A 22 -10.40 -2.37 -14.15
C VAL A 22 -11.06 -2.85 -12.86
N MET A 23 -11.24 -1.94 -11.91
CA MET A 23 -11.87 -2.26 -10.63
C MET A 23 -13.30 -2.70 -10.83
N GLU A 24 -13.94 -2.17 -11.88
CA GLU A 24 -15.32 -2.51 -12.19
C GLU A 24 -15.42 -3.93 -12.74
N GLY A 25 -14.34 -4.38 -13.39
CA GLY A 25 -14.32 -5.72 -13.96
C GLY A 25 -13.90 -6.76 -12.94
N GLY A 26 -13.63 -6.32 -11.72
CA GLY A 26 -13.22 -7.23 -10.67
C GLY A 26 -11.85 -7.83 -10.93
N GLY A 27 -10.87 -6.97 -11.16
CA GLY A 27 -9.51 -7.44 -11.41
C GLY A 27 -8.51 -6.87 -10.42
N ILE A 28 -7.28 -7.36 -10.47
CA ILE A 28 -6.24 -6.89 -9.57
C ILE A 28 -5.39 -5.81 -10.24
N VAL A 29 -5.10 -4.75 -9.49
CA VAL A 29 -4.30 -3.64 -10.02
C VAL A 29 -2.99 -3.52 -9.23
N ILE A 30 -1.88 -3.41 -9.95
CA ILE A 30 -0.58 -3.27 -9.30
C ILE A 30 -0.10 -1.82 -9.36
N TYR A 31 0.87 -1.48 -8.51
CA TYR A 31 1.38 -0.11 -8.47
C TYR A 31 2.68 -0.03 -7.66
N PRO A 32 3.83 0.12 -8.33
CA PRO A 32 5.13 0.25 -7.66
C PRO A 32 5.37 1.67 -7.17
N THR A 33 6.04 1.80 -6.04
CA THR A 33 6.32 3.12 -5.47
C THR A 33 7.82 3.32 -5.27
N ASP A 34 8.18 4.14 -4.27
CA ASP A 34 9.58 4.44 -3.99
C ASP A 34 10.39 3.17 -3.77
N THR A 35 9.71 2.08 -3.41
CA THR A 35 10.38 0.81 -3.17
C THR A 35 10.24 -0.12 -4.37
N ILE A 36 9.50 -1.21 -4.22
CA ILE A 36 9.32 -2.17 -5.30
C ILE A 36 7.87 -2.17 -5.80
N TYR A 37 7.49 -3.24 -6.50
CA TYR A 37 6.14 -3.35 -7.03
C TYR A 37 5.13 -3.54 -5.91
N GLY A 38 4.03 -2.80 -5.98
CA GLY A 38 2.99 -2.90 -4.97
C GLY A 38 1.70 -3.41 -5.56
N LEU A 39 0.70 -3.58 -4.70
CA LEU A 39 -0.61 -4.05 -5.15
C LEU A 39 -1.74 -3.21 -4.56
N GLY A 40 -2.73 -2.94 -5.39
CA GLY A 40 -3.88 -2.16 -4.96
C GLY A 40 -5.15 -2.61 -5.63
N VAL A 41 -6.15 -2.96 -4.83
CA VAL A 41 -7.43 -3.41 -5.36
C VAL A 41 -8.55 -3.23 -4.32
N ASN A 42 -9.79 -3.32 -4.76
CA ASN A 42 -10.94 -3.14 -3.87
C ASN A 42 -10.85 -4.10 -2.69
N ALA A 43 -10.40 -3.58 -1.56
CA ALA A 43 -10.22 -4.39 -0.35
C ALA A 43 -11.54 -4.98 0.15
N LEU A 44 -12.60 -4.18 0.13
CA LEU A 44 -13.91 -4.63 0.60
C LEU A 44 -14.59 -5.52 -0.43
N ASP A 45 -13.81 -6.00 -1.39
CA ASP A 45 -14.34 -6.88 -2.43
C ASP A 45 -13.80 -8.29 -2.26
N GLU A 46 -14.62 -9.28 -2.60
CA GLU A 46 -14.22 -10.68 -2.50
C GLU A 46 -13.07 -11.00 -3.45
N ASP A 47 -12.97 -10.21 -4.51
CA ASP A 47 -11.92 -10.39 -5.50
C ASP A 47 -10.54 -10.22 -4.87
N ALA A 48 -10.47 -9.41 -3.83
CA ALA A 48 -9.21 -9.15 -3.13
C ALA A 48 -8.78 -10.38 -2.33
N VAL A 49 -9.74 -11.03 -1.69
CA VAL A 49 -9.46 -12.21 -0.87
C VAL A 49 -8.96 -13.36 -1.75
N ARG A 50 -9.51 -13.45 -2.96
CA ARG A 50 -9.12 -14.51 -3.90
C ARG A 50 -7.71 -14.28 -4.43
N ARG A 51 -7.45 -13.07 -4.92
CA ARG A 51 -6.14 -12.74 -5.48
C ARG A 51 -5.08 -12.67 -4.40
N LEU A 52 -5.51 -12.63 -3.14
CA LEU A 52 -4.59 -12.58 -2.02
C LEU A 52 -3.93 -13.94 -1.80
N PHE A 53 -4.76 -14.99 -1.75
CA PHE A 53 -4.26 -16.34 -1.54
C PHE A 53 -3.38 -16.79 -2.72
N ARG A 54 -3.62 -16.18 -3.87
CA ARG A 54 -2.85 -16.51 -5.07
C ARG A 54 -1.39 -16.08 -4.92
N VAL A 55 -1.18 -14.86 -4.42
CA VAL A 55 0.16 -14.33 -4.23
C VAL A 55 0.86 -15.00 -3.06
N LYS A 56 0.20 -15.03 -1.90
CA LYS A 56 0.77 -15.63 -0.70
C LYS A 56 0.63 -17.14 -0.72
N GLY A 57 -0.59 -17.61 -0.49
CA GLY A 57 -0.83 -19.04 -0.48
C GLY A 57 -0.08 -19.76 0.64
N ARG A 58 -0.06 -19.13 1.81
CA ARG A 58 0.63 -19.72 2.96
C ARG A 58 -0.38 -20.11 4.05
N SER A 59 -0.80 -19.12 4.84
CA SER A 59 -1.76 -19.37 5.91
C SER A 59 -2.83 -18.27 5.95
N PRO A 60 -4.12 -18.65 5.97
CA PRO A 60 -5.23 -17.70 6.01
C PRO A 60 -5.48 -17.17 7.41
N HIS A 61 -4.47 -17.23 8.27
CA HIS A 61 -4.58 -16.76 9.64
C HIS A 61 -3.79 -15.48 9.84
N LYS A 62 -2.98 -15.12 8.86
CA LYS A 62 -2.16 -13.92 8.93
C LYS A 62 -2.92 -12.69 8.44
N PRO A 63 -2.75 -11.54 9.09
CA PRO A 63 -3.42 -10.29 8.70
C PRO A 63 -2.94 -9.78 7.35
N VAL A 64 -3.69 -8.84 6.78
CA VAL A 64 -3.34 -8.26 5.48
C VAL A 64 -3.03 -6.77 5.61
N SER A 65 -2.26 -6.25 4.65
CA SER A 65 -1.89 -4.84 4.66
C SER A 65 -2.75 -4.06 3.67
N ILE A 66 -3.21 -2.88 4.09
CA ILE A 66 -4.04 -2.03 3.24
C ILE A 66 -3.32 -0.72 2.91
N CYS A 67 -3.93 0.07 2.03
CA CYS A 67 -3.36 1.35 1.62
C CYS A 67 -4.32 2.49 1.91
N VAL A 68 -3.78 3.62 2.34
CA VAL A 68 -4.59 4.80 2.65
C VAL A 68 -3.79 6.08 2.41
N SER A 69 -4.43 7.23 2.58
CA SER A 69 -3.77 8.51 2.39
C SER A 69 -3.04 8.94 3.66
N CYS A 70 -3.74 8.84 4.80
CA CYS A 70 -3.17 9.21 6.09
C CYS A 70 -4.01 8.65 7.23
N VAL A 71 -3.52 8.86 8.45
CA VAL A 71 -4.22 8.38 9.65
C VAL A 71 -5.63 8.99 9.73
N ASP A 72 -5.76 10.20 9.22
CA ASP A 72 -7.04 10.90 9.24
C ASP A 72 -8.05 10.22 8.32
N GLU A 73 -7.55 9.52 7.30
CA GLU A 73 -8.40 8.84 6.35
C GLU A 73 -8.90 7.51 6.90
N ILE A 74 -8.15 6.94 7.84
CA ILE A 74 -8.53 5.66 8.44
C ILE A 74 -8.90 5.80 9.92
N PRO A 75 -9.85 6.69 10.28
CA PRO A 75 -10.26 6.87 11.68
C PRO A 75 -10.86 5.60 12.26
N ARG A 76 -12.13 5.36 12.00
CA ARG A 76 -12.82 4.17 12.48
C ARG A 76 -12.38 2.93 11.69
N PHE A 77 -11.23 3.01 11.02
CA PHE A 77 -10.73 1.90 10.22
C PHE A 77 -9.79 1.02 11.03
N SER A 78 -8.89 1.66 11.78
CA SER A 78 -7.94 0.93 12.61
C SER A 78 -7.97 1.46 14.04
N ARG A 79 -7.07 0.94 14.88
CA ARG A 79 -7.00 1.36 16.27
C ARG A 79 -5.70 2.12 16.53
N PRO A 80 -5.77 3.46 16.63
CA PRO A 80 -4.60 4.30 16.84
C PRO A 80 -4.48 4.78 18.28
N SER A 81 -3.46 5.58 18.55
CA SER A 81 -3.23 6.11 19.90
C SER A 81 -2.63 7.51 19.83
N GLY A 82 -2.31 8.07 21.00
CA GLY A 82 -1.74 9.40 21.05
C GLY A 82 -0.29 9.44 20.62
N ASP A 83 0.60 9.16 21.56
CA ASP A 83 2.04 9.16 21.28
C ASP A 83 2.37 8.23 20.12
N ALA A 84 1.52 7.22 19.92
CA ALA A 84 1.70 6.26 18.84
C ALA A 84 1.65 6.96 17.48
N MET A 85 0.60 7.74 17.26
CA MET A 85 0.43 8.48 16.01
C MET A 85 1.46 9.59 15.89
N GLU A 86 2.02 10.00 17.02
CA GLU A 86 3.03 11.05 17.04
C GLU A 86 4.34 10.56 16.45
N LEU A 87 4.71 9.32 16.78
CA LEU A 87 5.93 8.72 16.27
C LEU A 87 5.91 8.65 14.76
N MET A 88 4.77 8.22 14.21
CA MET A 88 4.63 8.09 12.76
C MET A 88 4.47 9.47 12.10
N GLU A 89 3.79 10.38 12.79
CA GLU A 89 3.57 11.73 12.26
C GLU A 89 4.90 12.46 12.12
N ARG A 90 5.93 11.91 12.72
CA ARG A 90 7.27 12.51 12.68
C ARG A 90 7.94 12.32 11.32
N ILE A 91 8.04 11.07 10.89
CA ILE A 91 8.71 10.74 9.62
C ILE A 91 7.76 10.15 8.59
N LEU A 92 6.69 10.88 8.26
CA LEU A 92 5.74 10.42 7.24
C LEU A 92 5.43 11.52 6.23
N PRO A 93 5.02 11.15 5.00
CA PRO A 93 4.91 9.74 4.56
C PRO A 93 6.26 9.15 4.20
N GLY A 94 6.25 8.15 3.31
CA GLY A 94 7.49 7.53 2.89
C GLY A 94 7.29 6.10 2.42
N PRO A 95 8.37 5.43 1.96
CA PRO A 95 8.30 4.05 1.48
C PRO A 95 8.26 3.04 2.60
N TYR A 96 7.66 3.42 3.73
CA TYR A 96 7.55 2.52 4.88
C TYR A 96 6.09 2.12 5.12
N THR A 97 5.90 0.89 5.59
CA THR A 97 4.55 0.40 5.88
C THR A 97 4.22 0.59 7.35
N VAL A 98 2.96 0.92 7.63
CA VAL A 98 2.52 1.16 9.00
C VAL A 98 1.48 0.14 9.43
N VAL A 99 1.88 -0.76 10.33
CA VAL A 99 0.98 -1.78 10.85
C VAL A 99 0.41 -1.35 12.21
N LEU A 100 -0.91 -1.36 12.31
CA LEU A 100 -1.60 -0.98 13.54
C LEU A 100 -2.58 -2.07 13.98
N GLU A 101 -3.34 -1.80 15.02
CA GLU A 101 -4.35 -2.74 15.51
C GLU A 101 -5.55 -2.75 14.57
N ARG A 102 -6.57 -3.53 14.92
CA ARG A 102 -7.76 -3.63 14.08
C ARG A 102 -9.01 -3.17 14.84
N ASN A 103 -9.86 -2.42 14.15
CA ASN A 103 -11.09 -1.91 14.74
C ASN A 103 -12.13 -3.02 14.86
N GLU A 104 -13.38 -2.62 15.11
CA GLU A 104 -14.48 -3.58 15.25
C GLU A 104 -14.93 -4.11 13.89
N LEU A 105 -13.98 -4.46 13.04
CA LEU A 105 -14.29 -4.98 11.71
C LEU A 105 -14.64 -6.47 11.78
N ILE A 106 -15.81 -6.82 11.28
CA ILE A 106 -16.28 -8.22 11.29
C ILE A 106 -15.54 -9.07 10.26
N PRO A 107 -15.47 -8.64 8.99
CA PRO A 107 -14.81 -9.41 7.92
C PRO A 107 -13.42 -9.89 8.32
N ASP A 108 -13.31 -11.18 8.65
CA ASP A 108 -12.05 -11.76 9.06
C ASP A 108 -11.18 -12.09 7.85
N VAL A 109 -11.73 -11.90 6.66
CA VAL A 109 -11.00 -12.19 5.43
C VAL A 109 -9.88 -11.18 5.20
N ILE A 110 -10.00 -10.02 5.83
CA ILE A 110 -8.99 -8.97 5.71
C ILE A 110 -8.24 -8.77 7.02
N THR A 111 -8.95 -8.93 8.13
CA THR A 111 -8.35 -8.77 9.45
C THR A 111 -7.53 -9.99 9.82
N GLY A 112 -7.80 -11.12 9.15
CA GLY A 112 -7.08 -12.34 9.43
C GLY A 112 -7.59 -13.06 10.66
N GLY A 113 -6.83 -14.05 11.13
CA GLY A 113 -7.23 -14.80 12.31
C GLY A 113 -6.86 -14.10 13.59
N SER A 114 -6.34 -12.88 13.48
CA SER A 114 -5.95 -12.10 14.65
C SER A 114 -6.68 -10.77 14.68
N SER A 115 -6.37 -9.95 15.68
CA SER A 115 -7.00 -8.64 15.83
C SER A 115 -6.03 -7.53 15.45
N ARG A 116 -5.43 -7.65 14.26
CA ARG A 116 -4.49 -6.65 13.78
C ARG A 116 -4.61 -6.48 12.26
N VAL A 117 -4.33 -5.26 11.80
CA VAL A 117 -4.40 -4.96 10.37
C VAL A 117 -3.24 -4.06 9.96
N GLY A 118 -2.70 -4.29 8.77
CA GLY A 118 -1.59 -3.49 8.28
C GLY A 118 -2.04 -2.35 7.39
N ILE A 119 -1.19 -1.34 7.27
CA ILE A 119 -1.47 -0.18 6.43
C ILE A 119 -0.20 0.29 5.74
N ARG A 120 -0.34 1.08 4.68
CA ARG A 120 0.81 1.57 3.95
C ARG A 120 0.56 2.97 3.40
N VAL A 121 1.50 3.89 3.68
CA VAL A 121 1.39 5.26 3.20
C VAL A 121 2.45 5.54 2.15
N PRO A 122 2.22 5.13 0.89
CA PRO A 122 3.18 5.34 -0.20
C PRO A 122 3.21 6.77 -0.70
N ASP A 123 4.07 7.02 -1.68
CA ASP A 123 4.21 8.36 -2.25
C ASP A 123 3.32 8.51 -3.49
N ASP A 124 2.46 7.53 -3.73
CA ASP A 124 1.57 7.55 -4.88
C ASP A 124 0.49 8.61 -4.72
N GLU A 125 0.64 9.71 -5.46
CA GLU A 125 -0.32 10.81 -5.41
C GLU A 125 -1.72 10.34 -5.76
N ILE A 126 -1.84 9.63 -6.88
CA ILE A 126 -3.14 9.13 -7.33
C ILE A 126 -3.75 8.17 -6.32
N CYS A 127 -2.97 7.15 -5.95
CA CYS A 127 -3.43 6.15 -4.98
C CYS A 127 -3.76 6.79 -3.65
N ARG A 128 -3.25 8.00 -3.43
CA ARG A 128 -3.49 8.72 -2.18
C ARG A 128 -4.90 9.27 -2.13
N ARG A 129 -5.41 9.71 -3.28
CA ARG A 129 -6.75 10.27 -3.36
C ARG A 129 -7.81 9.18 -3.20
N ILE A 130 -7.70 8.12 -4.00
CA ILE A 130 -8.65 7.01 -3.94
C ILE A 130 -8.64 6.36 -2.56
N ALA A 131 -7.45 6.02 -2.07
CA ALA A 131 -7.30 5.38 -0.77
C ALA A 131 -7.79 6.28 0.35
N ALA A 132 -7.72 7.59 0.14
CA ALA A 132 -8.18 8.55 1.12
C ALA A 132 -9.62 8.26 1.51
N ARG A 133 -10.50 8.22 0.51
CA ARG A 133 -11.90 7.89 0.72
C ARG A 133 -12.05 6.39 0.93
N PHE A 134 -12.21 5.66 -0.17
CA PHE A 134 -12.35 4.21 -0.12
C PHE A 134 -11.01 3.53 0.11
N PRO A 135 -10.91 2.66 1.13
CA PRO A 135 -9.66 1.93 1.42
C PRO A 135 -9.36 0.88 0.35
N VAL A 136 -8.09 0.54 0.19
CA VAL A 136 -7.68 -0.43 -0.82
C VAL A 136 -6.71 -1.45 -0.25
N THR A 137 -6.57 -2.58 -0.92
CA THR A 137 -5.65 -3.63 -0.49
C THR A 137 -4.23 -3.30 -0.95
N ALA A 138 -3.28 -3.33 -0.01
CA ALA A 138 -1.89 -3.02 -0.33
C ALA A 138 -0.95 -4.15 0.04
N THR A 139 -0.55 -4.93 -0.97
CA THR A 139 0.37 -6.05 -0.75
C THR A 139 1.60 -5.92 -1.65
N SER A 140 2.74 -6.37 -1.15
CA SER A 140 3.99 -6.29 -1.90
C SER A 140 4.11 -7.46 -2.88
N ALA A 141 4.22 -7.15 -4.17
CA ALA A 141 4.36 -8.18 -5.20
C ALA A 141 5.82 -8.58 -5.37
N ASN A 142 6.28 -9.50 -4.53
CA ASN A 142 7.66 -9.97 -4.60
C ASN A 142 7.81 -11.33 -3.95
N ILE A 143 6.77 -12.15 -4.04
CA ILE A 143 6.79 -13.50 -3.47
C ILE A 143 7.63 -14.44 -4.33
N SER A 144 7.34 -15.74 -4.23
CA SER A 144 8.07 -16.75 -4.99
C SER A 144 7.94 -16.50 -6.49
N GLY A 145 8.99 -16.84 -7.23
CA GLY A 145 8.98 -16.64 -8.68
C GLY A 145 9.47 -15.27 -9.08
N LYS A 146 8.78 -14.68 -10.06
CA LYS A 146 9.15 -13.34 -10.54
C LYS A 146 7.93 -12.41 -10.52
N PRO A 147 7.43 -12.06 -9.32
CA PRO A 147 6.24 -11.19 -9.19
C PRO A 147 6.44 -9.79 -9.78
N PRO A 148 7.57 -9.09 -9.47
CA PRO A 148 7.81 -7.74 -10.01
C PRO A 148 8.19 -7.78 -11.49
N SER A 149 7.37 -7.13 -12.32
CA SER A 149 7.61 -7.09 -13.75
C SER A 149 8.55 -5.94 -14.11
N PRO A 150 9.43 -6.13 -15.11
CA PRO A 150 10.39 -5.13 -15.53
C PRO A 150 9.89 -4.30 -16.72
N ARG A 151 8.84 -4.77 -17.37
CA ARG A 151 8.29 -4.09 -18.53
C ARG A 151 6.79 -3.86 -18.37
N LEU A 152 6.36 -2.61 -18.54
CA LEU A 152 4.96 -2.24 -18.41
C LEU A 152 4.11 -2.94 -19.48
N GLU A 153 4.65 -3.01 -20.69
CA GLU A 153 3.94 -3.62 -21.81
C GLU A 153 3.87 -5.14 -21.64
N GLU A 154 4.76 -5.68 -20.81
CA GLU A 154 4.79 -7.12 -20.57
C GLU A 154 3.62 -7.58 -19.72
N ILE A 155 3.23 -6.75 -18.76
CA ILE A 155 2.12 -7.07 -17.86
C ILE A 155 0.80 -7.07 -18.60
N VAL A 156 0.52 -5.98 -19.31
CA VAL A 156 -0.74 -5.86 -20.05
C VAL A 156 -0.86 -6.97 -21.09
N ARG A 157 0.28 -7.47 -21.56
CA ARG A 157 0.30 -8.54 -22.54
C ARG A 157 -0.12 -9.86 -21.93
N ASP A 158 0.56 -10.27 -20.88
CA ASP A 158 0.26 -11.53 -20.21
C ASP A 158 -1.11 -11.50 -19.55
N LEU A 159 -1.32 -10.52 -18.67
CA LEU A 159 -2.58 -10.39 -17.97
C LEU A 159 -3.55 -9.50 -18.74
N ASP A 160 -4.10 -10.04 -19.82
CA ASP A 160 -5.04 -9.31 -20.68
C ASP A 160 -5.96 -8.41 -19.86
N ALA A 161 -6.46 -8.93 -18.73
CA ALA A 161 -7.35 -8.16 -17.87
C ALA A 161 -7.26 -8.64 -16.43
N VAL A 162 -6.24 -9.42 -16.12
CA VAL A 162 -6.04 -9.94 -14.78
C VAL A 162 -5.42 -8.89 -13.87
N ASP A 163 -4.10 -8.73 -13.99
CA ASP A 163 -3.37 -7.74 -13.20
C ASP A 163 -3.10 -6.49 -14.03
N LEU A 164 -4.05 -5.56 -14.00
CA LEU A 164 -3.94 -4.32 -14.76
C LEU A 164 -2.70 -3.53 -14.36
N VAL A 165 -1.92 -3.13 -15.35
CA VAL A 165 -0.71 -2.36 -15.11
C VAL A 165 -1.03 -0.95 -14.62
N LEU A 166 -0.03 -0.09 -14.56
CA LEU A 166 -0.22 1.28 -14.09
C LEU A 166 0.29 2.29 -15.12
N ASP A 167 -0.26 3.50 -15.09
CA ASP A 167 0.12 4.55 -16.02
C ASP A 167 1.23 5.41 -15.44
N ALA A 168 1.35 5.41 -14.12
CA ALA A 168 2.35 6.21 -13.44
C ALA A 168 3.70 5.49 -13.39
N GLY A 169 3.68 4.25 -12.92
CA GLY A 169 4.89 3.47 -12.83
C GLY A 169 5.52 3.50 -11.45
N ASP A 170 6.82 3.27 -11.39
CA ASP A 170 7.54 3.27 -10.12
C ASP A 170 7.66 4.69 -9.56
N CYS A 171 8.60 4.88 -8.63
CA CYS A 171 8.80 6.18 -8.01
C CYS A 171 10.27 6.43 -7.68
N LEU A 172 10.89 5.49 -6.95
CA LEU A 172 12.29 5.64 -6.57
C LEU A 172 13.10 4.38 -6.87
N ASP A 173 13.83 3.88 -5.88
CA ASP A 173 14.67 2.70 -6.06
C ASP A 173 13.89 1.40 -5.87
N MET A 174 14.24 0.38 -6.65
CA MET A 174 13.57 -0.90 -6.57
C MET A 174 13.83 -1.57 -5.21
N GLU A 175 14.79 -1.04 -4.47
CA GLU A 175 15.13 -1.60 -3.16
C GLU A 175 15.86 -0.56 -2.30
N PRO A 176 15.81 -0.70 -0.96
CA PRO A 176 15.10 -1.77 -0.28
C PRO A 176 13.66 -1.40 0.06
N SER A 177 13.22 -1.80 1.25
CA SER A 177 11.86 -1.51 1.71
C SER A 177 11.79 -1.46 3.22
N THR A 178 11.03 -0.53 3.76
CA THR A 178 10.90 -0.37 5.21
C THR A 178 9.60 -0.97 5.72
N VAL A 179 9.67 -1.62 6.88
CA VAL A 179 8.50 -2.24 7.49
C VAL A 179 8.34 -1.82 8.95
N ILE A 180 7.29 -1.05 9.22
CA ILE A 180 7.04 -0.57 10.58
C ILE A 180 5.71 -1.12 11.12
N ASP A 181 5.77 -1.69 12.32
CA ASP A 181 4.56 -2.24 12.95
C ASP A 181 4.12 -1.36 14.13
N LEU A 182 3.71 -0.13 13.81
CA LEU A 182 3.26 0.81 14.82
C LEU A 182 1.92 0.39 15.43
N THR A 183 1.97 -0.41 16.48
CA THR A 183 0.75 -0.86 17.13
C THR A 183 0.21 0.21 18.08
N VAL A 184 0.79 0.30 19.27
CA VAL A 184 0.36 1.30 20.25
C VAL A 184 1.52 2.23 20.62
N ASN A 185 1.79 2.37 21.92
CA ASN A 185 2.86 3.25 22.38
C ASN A 185 4.22 2.84 21.81
N PRO A 186 4.61 1.56 21.93
CA PRO A 186 5.89 1.08 21.41
C PRO A 186 5.86 0.84 19.90
N PRO A 187 6.51 1.71 19.11
CA PRO A 187 6.54 1.57 17.65
C PRO A 187 7.54 0.51 17.21
N ARG A 188 7.17 -0.30 16.23
CA ARG A 188 8.04 -1.35 15.73
C ARG A 188 8.71 -0.96 14.43
N VAL A 189 9.16 0.30 14.37
CA VAL A 189 9.86 0.79 13.18
C VAL A 189 11.07 -0.09 12.89
N LEU A 190 10.95 -0.93 11.86
CA LEU A 190 12.01 -1.86 11.50
C LEU A 190 12.30 -1.82 10.00
N ARG A 191 13.30 -1.02 9.63
CA ARG A 191 13.69 -0.89 8.23
C ARG A 191 14.64 -2.02 7.84
N ARG A 192 14.46 -2.55 6.62
CA ARG A 192 15.31 -3.64 6.13
C ARG A 192 16.64 -3.10 5.63
N GLY A 193 17.60 -2.97 6.53
CA GLY A 193 18.91 -2.46 6.16
C GLY A 193 19.87 -3.57 5.78
N LYS A 194 21.15 -3.22 5.61
CA LYS A 194 22.17 -4.18 5.25
C LYS A 194 22.90 -4.70 6.49
N GLY A 195 24.00 -5.42 6.26
CA GLY A 195 24.78 -5.95 7.36
C GLY A 195 25.52 -4.87 8.12
N PRO A 196 26.35 -5.25 9.11
CA PRO A 196 27.12 -4.29 9.91
C PRO A 196 28.27 -3.67 9.12
N LEU A 197 27.94 -2.75 8.22
CA LEU A 197 28.94 -2.08 7.40
C LEU A 197 28.41 -0.74 6.89
N ASP A 198 27.70 -0.03 7.76
CA ASP A 198 27.13 1.27 7.40
C ASP A 198 28.22 2.26 6.99
N PRO A 199 27.91 3.15 6.02
CA PRO A 199 28.87 4.16 5.55
C PRO A 199 29.27 5.14 6.64
N VAL A 200 30.52 5.03 7.10
CA VAL A 200 31.02 5.92 8.14
C VAL A 200 31.29 7.31 7.59
N LEU A 201 31.73 8.22 8.46
CA LEU A 201 32.01 9.58 8.06
C LEU A 201 33.52 9.86 8.11
N LEU A 202 34.31 8.83 7.85
CA LEU A 202 35.76 8.95 7.85
C LEU A 202 36.26 9.68 6.62
N ARG A 203 37.58 9.71 6.44
CA ARG A 203 38.17 10.38 5.29
C ARG A 203 38.56 9.39 4.20
N GLY A 204 37.82 9.41 3.10
CA GLY A 204 38.09 8.51 2.00
C GLY A 204 37.45 8.96 0.69
N ALA A 205 38.26 9.52 -0.20
CA ALA A 205 37.76 10.00 -1.49
C ALA A 205 38.21 9.09 -2.62
N GLY A 206 39.16 8.20 -2.32
CA GLY A 206 39.67 7.29 -3.34
C GLY A 206 38.83 6.04 -3.46
N ASP A 207 37.74 6.12 -4.23
CA ASP A 207 36.85 4.99 -4.42
C ASP A 207 37.46 3.98 -5.39
N VAL A 208 38.58 4.35 -6.00
CA VAL A 208 39.27 3.48 -6.94
C VAL A 208 40.40 2.72 -6.26
N MET A 1 -29.93 13.66 2.47
CA MET A 1 -29.33 13.99 1.15
C MET A 1 -27.96 14.63 1.31
N LEU A 2 -27.33 14.96 0.19
CA LEU A 2 -26.02 15.59 0.20
C LEU A 2 -26.14 17.11 0.27
N ILE A 3 -25.00 17.79 0.31
CA ILE A 3 -24.99 19.25 0.37
C ILE A 3 -25.06 19.86 -1.02
N ARG A 4 -25.78 20.98 -1.14
CA ARG A 4 -25.92 21.67 -2.41
C ARG A 4 -24.85 22.73 -2.57
N LYS A 5 -23.85 22.45 -3.41
CA LYS A 5 -22.76 23.37 -3.64
C LYS A 5 -22.84 23.96 -5.05
N ILE A 6 -21.98 24.93 -5.33
CA ILE A 6 -21.95 25.59 -6.63
C ILE A 6 -21.33 24.67 -7.69
N THR A 7 -20.55 25.25 -8.60
CA THR A 7 -19.91 24.49 -9.65
C THR A 7 -18.82 23.59 -9.10
N ARG A 8 -18.14 22.87 -9.99
CA ARG A 8 -17.09 21.96 -9.60
C ARG A 8 -15.84 22.73 -9.17
N LYS A 9 -15.40 22.51 -7.94
CA LYS A 9 -14.22 23.19 -7.41
C LYS A 9 -13.07 22.21 -7.25
N ASN A 10 -13.39 20.91 -7.24
CA ASN A 10 -12.37 19.87 -7.11
C ASN A 10 -12.02 19.29 -8.48
N PRO A 11 -10.73 19.29 -8.85
CA PRO A 11 -10.27 18.77 -10.14
C PRO A 11 -10.67 17.31 -10.35
N SER A 12 -10.96 16.94 -11.60
CA SER A 12 -11.35 15.58 -11.92
C SER A 12 -10.21 14.84 -12.64
N PRO A 13 -9.39 14.08 -11.89
CA PRO A 13 -8.26 13.34 -12.46
C PRO A 13 -8.71 12.21 -13.36
N ASP A 14 -8.10 12.11 -14.54
CA ASP A 14 -8.41 11.06 -15.50
C ASP A 14 -7.89 9.72 -15.03
N VAL A 15 -6.73 9.74 -14.37
CA VAL A 15 -6.13 8.52 -13.85
C VAL A 15 -7.04 7.86 -12.83
N LEU A 16 -7.73 8.67 -12.05
CA LEU A 16 -8.66 8.18 -11.04
C LEU A 16 -9.85 7.48 -11.70
N GLU A 17 -10.54 8.21 -12.57
CA GLU A 17 -11.71 7.67 -13.26
C GLU A 17 -11.34 6.45 -14.09
N GLU A 18 -10.05 6.33 -14.44
CA GLU A 18 -9.58 5.22 -15.24
C GLU A 18 -9.48 3.95 -14.40
N ALA A 19 -9.11 4.11 -13.12
CA ALA A 19 -8.98 2.97 -12.23
C ALA A 19 -10.34 2.37 -11.91
N ILE A 20 -11.37 3.22 -11.83
CA ILE A 20 -12.72 2.75 -11.54
C ILE A 20 -13.24 1.86 -12.67
N SER A 21 -12.93 2.24 -13.90
CA SER A 21 -13.36 1.48 -15.06
C SER A 21 -12.59 0.18 -15.20
N VAL A 22 -11.28 0.25 -14.97
CA VAL A 22 -10.41 -0.92 -15.08
C VAL A 22 -10.71 -1.93 -13.96
N MET A 23 -11.16 -1.43 -12.82
CA MET A 23 -11.48 -2.28 -11.68
C MET A 23 -12.78 -3.03 -11.92
N GLU A 24 -13.65 -2.46 -12.76
CA GLU A 24 -14.93 -3.07 -13.07
C GLU A 24 -14.76 -4.32 -13.93
N GLY A 25 -13.51 -4.62 -14.29
CA GLY A 25 -13.23 -5.79 -15.11
C GLY A 25 -13.05 -7.05 -14.28
N GLY A 26 -13.28 -6.94 -12.98
CA GLY A 26 -13.13 -8.08 -12.09
C GLY A 26 -11.71 -8.61 -12.05
N GLY A 27 -10.75 -7.69 -12.00
CA GLY A 27 -9.35 -8.08 -11.95
C GLY A 27 -8.58 -7.39 -10.84
N ILE A 28 -7.31 -7.72 -10.71
CA ILE A 28 -6.45 -7.12 -9.68
C ILE A 28 -5.68 -5.95 -10.26
N VAL A 29 -5.46 -4.92 -9.45
CA VAL A 29 -4.73 -3.74 -9.89
C VAL A 29 -3.44 -3.59 -9.09
N ILE A 30 -2.31 -3.49 -9.79
CA ILE A 30 -1.02 -3.33 -9.11
C ILE A 30 -0.56 -1.88 -9.16
N TYR A 31 0.41 -1.54 -8.32
CA TYR A 31 0.91 -0.18 -8.27
C TYR A 31 2.24 -0.08 -7.53
N PRO A 32 3.35 0.07 -8.27
CA PRO A 32 4.69 0.22 -7.68
C PRO A 32 4.97 1.65 -7.27
N THR A 33 5.57 1.83 -6.09
CA THR A 33 5.88 3.17 -5.59
C THR A 33 7.40 3.35 -5.44
N ASP A 34 7.79 4.22 -4.52
CA ASP A 34 9.19 4.50 -4.27
C ASP A 34 9.98 3.23 -3.98
N THR A 35 9.27 2.19 -3.56
CA THR A 35 9.89 0.92 -3.23
C THR A 35 9.71 -0.09 -4.38
N ILE A 36 8.99 -1.18 -4.12
CA ILE A 36 8.78 -2.21 -5.12
C ILE A 36 7.32 -2.26 -5.56
N TYR A 37 6.99 -3.24 -6.41
CA TYR A 37 5.64 -3.39 -6.91
C TYR A 37 4.67 -3.71 -5.78
N GLY A 38 3.54 -3.02 -5.78
CA GLY A 38 2.53 -3.25 -4.75
C GLY A 38 1.21 -3.69 -5.34
N LEU A 39 0.23 -3.93 -4.47
CA LEU A 39 -1.08 -4.36 -4.92
C LEU A 39 -2.16 -3.40 -4.45
N GLY A 40 -3.17 -3.19 -5.29
CA GLY A 40 -4.27 -2.31 -4.96
C GLY A 40 -5.57 -2.78 -5.55
N VAL A 41 -6.53 -3.10 -4.68
CA VAL A 41 -7.84 -3.57 -5.13
C VAL A 41 -8.91 -3.27 -4.10
N ASN A 42 -10.17 -3.39 -4.52
CA ASN A 42 -11.29 -3.17 -3.61
C ASN A 42 -11.18 -4.08 -2.40
N ALA A 43 -10.89 -3.49 -1.25
CA ALA A 43 -10.70 -4.24 -0.02
C ALA A 43 -11.91 -5.08 0.35
N LEU A 44 -13.10 -4.48 0.27
CA LEU A 44 -14.33 -5.19 0.62
C LEU A 44 -14.86 -6.00 -0.55
N ASP A 45 -13.98 -6.37 -1.46
CA ASP A 45 -14.36 -7.18 -2.62
C ASP A 45 -13.79 -8.59 -2.51
N GLU A 46 -14.52 -9.56 -3.05
CA GLU A 46 -14.08 -10.95 -3.02
C GLU A 46 -12.93 -11.19 -3.98
N ASP A 47 -12.85 -10.33 -5.01
CA ASP A 47 -11.79 -10.45 -6.01
C ASP A 47 -10.42 -10.36 -5.36
N ALA A 48 -10.35 -9.67 -4.22
CA ALA A 48 -9.10 -9.52 -3.49
C ALA A 48 -8.73 -10.80 -2.75
N VAL A 49 -9.75 -11.57 -2.38
CA VAL A 49 -9.54 -12.83 -1.68
C VAL A 49 -8.85 -13.85 -2.56
N ARG A 50 -9.32 -13.95 -3.81
CA ARG A 50 -8.74 -14.90 -4.77
C ARG A 50 -7.29 -14.55 -5.07
N ARG A 51 -7.04 -13.28 -5.39
CA ARG A 51 -5.69 -12.82 -5.71
C ARG A 51 -4.75 -12.99 -4.52
N LEU A 52 -5.24 -12.66 -3.33
CA LEU A 52 -4.44 -12.77 -2.11
C LEU A 52 -4.07 -14.23 -1.85
N PHE A 53 -4.89 -15.15 -2.35
CA PHE A 53 -4.64 -16.56 -2.17
C PHE A 53 -3.47 -17.03 -3.02
N ARG A 54 -3.28 -16.37 -4.16
CA ARG A 54 -2.19 -16.72 -5.07
C ARG A 54 -0.84 -16.22 -4.54
N VAL A 55 -0.80 -14.95 -4.17
CA VAL A 55 0.43 -14.33 -3.67
C VAL A 55 0.85 -14.93 -2.33
N LYS A 56 -0.08 -14.97 -1.38
CA LYS A 56 0.21 -15.50 -0.05
C LYS A 56 0.19 -17.03 -0.03
N GLY A 57 -0.20 -17.61 -1.16
CA GLY A 57 -0.26 -19.06 -1.25
C GLY A 57 -1.30 -19.66 -0.32
N ARG A 58 -0.84 -20.42 0.67
CA ARG A 58 -1.73 -21.06 1.62
C ARG A 58 -1.49 -20.54 3.03
N SER A 59 -1.99 -19.33 3.31
CA SER A 59 -1.84 -18.72 4.63
C SER A 59 -2.96 -17.71 4.88
N PRO A 60 -4.20 -18.20 5.12
CA PRO A 60 -5.35 -17.35 5.37
C PRO A 60 -5.45 -16.91 6.82
N HIS A 61 -4.32 -16.93 7.52
CA HIS A 61 -4.29 -16.54 8.93
C HIS A 61 -3.31 -15.39 9.15
N LYS A 62 -2.54 -15.07 8.12
CA LYS A 62 -1.56 -13.99 8.19
C LYS A 62 -2.23 -12.64 7.97
N PRO A 63 -1.93 -11.64 8.82
CA PRO A 63 -2.51 -10.30 8.71
C PRO A 63 -2.34 -9.70 7.31
N VAL A 64 -3.24 -8.80 6.95
CA VAL A 64 -3.18 -8.15 5.63
C VAL A 64 -2.99 -6.64 5.78
N SER A 65 -2.20 -6.06 4.88
CA SER A 65 -1.94 -4.63 4.90
C SER A 65 -2.85 -3.89 3.94
N ILE A 66 -3.20 -2.65 4.28
CA ILE A 66 -4.07 -1.83 3.45
C ILE A 66 -3.32 -0.60 2.92
N CYS A 67 -3.96 0.11 2.01
CA CYS A 67 -3.38 1.32 1.43
C CYS A 67 -4.29 2.51 1.66
N VAL A 68 -3.79 3.51 2.38
CA VAL A 68 -4.57 4.71 2.66
C VAL A 68 -3.70 5.95 2.54
N SER A 69 -4.31 7.13 2.72
CA SER A 69 -3.57 8.39 2.63
C SER A 69 -2.96 8.74 3.98
N CYS A 70 -3.72 8.51 5.05
CA CYS A 70 -3.25 8.80 6.40
C CYS A 70 -4.13 8.11 7.44
N VAL A 71 -3.68 8.14 8.69
CA VAL A 71 -4.44 7.53 9.78
C VAL A 71 -5.83 8.12 9.88
N ASP A 72 -5.94 9.41 9.57
CA ASP A 72 -7.22 10.10 9.62
C ASP A 72 -8.16 9.58 8.55
N GLU A 73 -7.60 9.09 7.45
CA GLU A 73 -8.41 8.57 6.35
C GLU A 73 -9.00 7.21 6.69
N ILE A 74 -8.36 6.51 7.64
CA ILE A 74 -8.83 5.20 8.08
C ILE A 74 -9.33 5.22 9.53
N PRO A 75 -10.36 6.02 9.84
CA PRO A 75 -10.89 6.11 11.20
C PRO A 75 -11.52 4.80 11.67
N ARG A 76 -12.68 4.47 11.11
CA ARG A 76 -13.38 3.25 11.46
C ARG A 76 -12.69 2.01 10.89
N PHE A 77 -11.44 2.18 10.45
CA PHE A 77 -10.71 1.06 9.87
C PHE A 77 -9.67 0.52 10.85
N SER A 78 -8.81 1.40 11.35
CA SER A 78 -7.77 1.01 12.28
C SER A 78 -7.92 1.75 13.62
N ARG A 79 -7.11 1.36 14.59
CA ARG A 79 -7.15 1.97 15.91
C ARG A 79 -5.83 2.68 16.23
N PRO A 80 -5.83 4.02 16.29
CA PRO A 80 -4.64 4.80 16.55
C PRO A 80 -4.56 5.30 17.99
N SER A 81 -3.44 5.95 18.33
CA SER A 81 -3.23 6.47 19.67
C SER A 81 -2.73 7.91 19.62
N GLY A 82 -2.44 8.48 20.79
CA GLY A 82 -1.96 9.84 20.85
C GLY A 82 -0.52 9.98 20.43
N ASP A 83 0.39 9.84 21.40
CA ASP A 83 1.82 9.96 21.14
C ASP A 83 2.25 9.00 20.03
N ALA A 84 1.52 7.90 19.88
CA ALA A 84 1.82 6.91 18.85
C ALA A 84 1.71 7.51 17.46
N MET A 85 0.61 8.21 17.20
CA MET A 85 0.37 8.83 15.91
C MET A 85 1.28 10.03 15.70
N GLU A 86 1.87 10.51 16.79
CA GLU A 86 2.78 11.66 16.73
C GLU A 86 4.08 11.24 16.06
N LEU A 87 4.64 10.11 16.50
CA LEU A 87 5.87 9.58 15.93
C LEU A 87 5.73 9.38 14.43
N MET A 88 4.59 8.82 14.01
CA MET A 88 4.33 8.58 12.60
C MET A 88 4.19 9.89 11.84
N GLU A 89 3.58 10.88 12.49
CA GLU A 89 3.37 12.19 11.88
C GLU A 89 4.70 12.92 11.67
N ARG A 90 5.76 12.39 12.25
CA ARG A 90 7.08 13.00 12.14
C ARG A 90 7.68 12.74 10.75
N ILE A 91 7.69 11.48 10.33
CA ILE A 91 8.25 11.10 9.03
C ILE A 91 7.16 10.58 8.10
N LEU A 92 6.23 11.45 7.73
CA LEU A 92 5.13 11.08 6.84
C LEU A 92 4.99 12.10 5.71
N PRO A 93 4.73 11.64 4.47
CA PRO A 93 4.62 10.21 4.13
C PRO A 93 5.98 9.53 4.00
N GLY A 94 6.02 8.44 3.22
CA GLY A 94 7.26 7.73 3.01
C GLY A 94 7.05 6.30 2.55
N PRO A 95 8.07 5.67 1.96
CA PRO A 95 7.98 4.28 1.49
C PRO A 95 8.12 3.27 2.61
N TYR A 96 7.48 3.56 3.74
CA TYR A 96 7.54 2.69 4.91
C TYR A 96 6.18 2.04 5.18
N THR A 97 6.22 0.84 5.75
CA THR A 97 4.99 0.13 6.09
C THR A 97 4.65 0.36 7.56
N VAL A 98 3.36 0.50 7.85
CA VAL A 98 2.92 0.76 9.22
C VAL A 98 1.86 -0.24 9.65
N VAL A 99 2.22 -1.14 10.57
CA VAL A 99 1.28 -2.11 11.10
C VAL A 99 0.63 -1.58 12.37
N LEU A 100 -0.70 -1.53 12.36
CA LEU A 100 -1.47 -1.01 13.49
C LEU A 100 -2.52 -2.02 13.93
N GLU A 101 -3.19 -1.74 15.04
CA GLU A 101 -4.25 -2.62 15.54
C GLU A 101 -5.51 -2.46 14.69
N ARG A 102 -6.58 -3.16 15.08
CA ARG A 102 -7.83 -3.09 14.33
C ARG A 102 -8.97 -2.54 15.21
N ASN A 103 -9.80 -1.69 14.60
CA ASN A 103 -10.92 -1.09 15.31
C ASN A 103 -12.05 -2.10 15.51
N GLU A 104 -13.27 -1.60 15.70
CA GLU A 104 -14.42 -2.47 15.90
C GLU A 104 -14.74 -3.25 14.62
N LEU A 105 -14.46 -2.64 13.48
CA LEU A 105 -14.71 -3.28 12.19
C LEU A 105 -13.74 -4.44 11.97
N ILE A 106 -14.09 -5.61 12.49
CA ILE A 106 -13.26 -6.80 12.35
C ILE A 106 -13.48 -7.46 10.98
N PRO A 107 -12.53 -7.29 10.05
CA PRO A 107 -12.64 -7.89 8.71
C PRO A 107 -12.47 -9.41 8.74
N ASP A 108 -13.05 -10.08 7.74
CA ASP A 108 -12.98 -11.54 7.67
C ASP A 108 -11.61 -12.02 7.19
N VAL A 109 -11.42 -12.05 5.88
CA VAL A 109 -10.17 -12.54 5.30
C VAL A 109 -9.08 -11.46 5.30
N ILE A 110 -9.36 -10.33 5.95
CA ILE A 110 -8.39 -9.24 6.00
C ILE A 110 -7.68 -9.20 7.35
N THR A 111 -8.41 -9.53 8.42
CA THR A 111 -7.83 -9.52 9.76
C THR A 111 -7.10 -10.83 10.03
N GLY A 112 -7.54 -11.91 9.37
CA GLY A 112 -6.92 -13.20 9.57
C GLY A 112 -7.16 -13.75 10.96
N GLY A 113 -6.12 -14.37 11.53
CA GLY A 113 -6.24 -14.93 12.87
C GLY A 113 -5.84 -13.94 13.94
N SER A 114 -5.39 -12.77 13.52
CA SER A 114 -4.97 -11.73 14.46
C SER A 114 -5.98 -10.59 14.50
N SER A 115 -5.92 -9.78 15.55
CA SER A 115 -6.84 -8.66 15.71
C SER A 115 -6.13 -7.34 15.36
N ARG A 116 -5.40 -7.35 14.25
CA ARG A 116 -4.69 -6.17 13.80
C ARG A 116 -4.84 -5.97 12.30
N VAL A 117 -4.53 -4.75 11.84
CA VAL A 117 -4.64 -4.43 10.43
C VAL A 117 -3.45 -3.56 9.98
N GLY A 118 -2.85 -3.92 8.85
CA GLY A 118 -1.72 -3.17 8.35
C GLY A 118 -2.15 -2.00 7.48
N ILE A 119 -1.27 -1.01 7.36
CA ILE A 119 -1.54 0.17 6.54
C ILE A 119 -0.32 0.51 5.70
N ARG A 120 -0.50 1.41 4.73
CA ARG A 120 0.59 1.82 3.87
C ARG A 120 0.36 3.20 3.28
N VAL A 121 1.26 4.13 3.59
CA VAL A 121 1.18 5.49 3.07
C VAL A 121 2.30 5.76 2.07
N PRO A 122 2.09 5.37 0.79
CA PRO A 122 3.09 5.55 -0.27
C PRO A 122 3.19 6.98 -0.76
N ASP A 123 4.05 7.20 -1.73
CA ASP A 123 4.25 8.53 -2.30
C ASP A 123 3.36 8.74 -3.53
N ASP A 124 2.66 7.68 -3.92
CA ASP A 124 1.78 7.74 -5.08
C ASP A 124 0.66 8.75 -4.86
N GLU A 125 0.71 9.85 -5.60
CA GLU A 125 -0.31 10.90 -5.49
C GLU A 125 -1.70 10.33 -5.75
N ILE A 126 -1.83 9.55 -6.81
CA ILE A 126 -3.11 8.94 -7.16
C ILE A 126 -3.59 8.01 -6.06
N CYS A 127 -2.74 7.05 -5.69
CA CYS A 127 -3.08 6.10 -4.64
C CYS A 127 -3.35 6.81 -3.32
N ARG A 128 -2.86 8.05 -3.21
CA ARG A 128 -3.05 8.84 -2.00
C ARG A 128 -4.47 9.39 -1.92
N ARG A 129 -4.97 9.89 -3.04
CA ARG A 129 -6.32 10.47 -3.10
C ARG A 129 -7.40 9.40 -3.02
N ILE A 130 -7.32 8.41 -3.92
CA ILE A 130 -8.31 7.34 -3.97
C ILE A 130 -8.40 6.61 -2.63
N ALA A 131 -7.24 6.28 -2.06
CA ALA A 131 -7.20 5.55 -0.79
C ALA A 131 -7.62 6.44 0.37
N ALA A 132 -7.47 7.75 0.20
CA ALA A 132 -7.87 8.70 1.23
C ALA A 132 -9.31 8.48 1.62
N ARG A 133 -10.19 8.55 0.62
CA ARG A 133 -11.61 8.30 0.84
C ARG A 133 -11.87 6.81 0.99
N PHE A 134 -12.01 6.12 -0.15
CA PHE A 134 -12.23 4.68 -0.15
C PHE A 134 -10.94 3.92 0.13
N PRO A 135 -10.94 2.99 1.11
CA PRO A 135 -9.76 2.20 1.44
C PRO A 135 -9.45 1.18 0.35
N VAL A 136 -8.18 0.77 0.26
CA VAL A 136 -7.76 -0.19 -0.77
C VAL A 136 -6.87 -1.27 -0.18
N THR A 137 -6.80 -2.41 -0.86
CA THR A 137 -5.95 -3.50 -0.44
C THR A 137 -4.52 -3.24 -0.88
N ALA A 138 -3.55 -3.54 -0.01
CA ALA A 138 -2.15 -3.29 -0.33
C ALA A 138 -1.28 -4.51 -0.01
N THR A 139 -0.80 -5.17 -1.06
CA THR A 139 0.05 -6.34 -0.90
C THR A 139 1.28 -6.24 -1.79
N SER A 140 2.46 -6.40 -1.20
CA SER A 140 3.71 -6.30 -1.95
C SER A 140 3.89 -7.52 -2.86
N ALA A 141 3.97 -7.25 -4.17
CA ALA A 141 4.15 -8.31 -5.16
C ALA A 141 5.64 -8.62 -5.35
N ASN A 142 6.11 -9.66 -4.67
CA ASN A 142 7.52 -10.06 -4.77
C ASN A 142 7.73 -11.48 -4.25
N ILE A 143 6.70 -12.32 -4.40
CA ILE A 143 6.78 -13.70 -3.94
C ILE A 143 7.52 -14.57 -4.95
N SER A 144 7.23 -15.87 -4.93
CA SER A 144 7.87 -16.82 -5.84
C SER A 144 7.62 -16.42 -7.30
N GLY A 145 8.54 -16.79 -8.17
CA GLY A 145 8.41 -16.47 -9.58
C GLY A 145 9.02 -15.13 -9.92
N LYS A 146 8.37 -14.40 -10.83
CA LYS A 146 8.86 -13.10 -11.25
C LYS A 146 7.77 -12.03 -11.12
N PRO A 147 7.36 -11.70 -9.88
CA PRO A 147 6.30 -10.72 -9.63
C PRO A 147 6.62 -9.31 -10.18
N PRO A 148 7.82 -8.75 -9.90
CA PRO A 148 8.18 -7.42 -10.38
C PRO A 148 8.48 -7.40 -11.88
N SER A 149 7.68 -6.64 -12.63
CA SER A 149 7.85 -6.53 -14.07
C SER A 149 8.66 -5.29 -14.42
N PRO A 150 9.52 -5.38 -15.46
CA PRO A 150 10.37 -4.28 -15.89
C PRO A 150 9.77 -3.47 -17.03
N ARG A 151 8.71 -4.01 -17.64
CA ARG A 151 8.05 -3.33 -18.75
C ARG A 151 6.54 -3.27 -18.55
N LEU A 152 6.00 -2.06 -18.56
CA LEU A 152 4.56 -1.87 -18.38
C LEU A 152 3.78 -2.57 -19.48
N GLU A 153 4.39 -2.66 -20.66
CA GLU A 153 3.74 -3.31 -21.80
C GLU A 153 3.76 -4.83 -21.65
N GLU A 154 4.77 -5.34 -20.95
CA GLU A 154 4.90 -6.78 -20.74
C GLU A 154 3.77 -7.30 -19.85
N ILE A 155 3.27 -6.44 -18.97
CA ILE A 155 2.20 -6.83 -18.05
C ILE A 155 0.86 -6.93 -18.76
N VAL A 156 0.51 -5.87 -19.50
CA VAL A 156 -0.76 -5.85 -20.23
C VAL A 156 -0.80 -6.96 -21.27
N ARG A 157 0.35 -7.27 -21.85
CA ARG A 157 0.44 -8.30 -22.88
C ARG A 157 0.37 -9.70 -22.29
N ASP A 158 1.28 -10.01 -21.38
CA ASP A 158 1.35 -11.33 -20.77
C ASP A 158 0.12 -11.61 -19.91
N LEU A 159 -0.41 -10.58 -19.27
CA LEU A 159 -1.57 -10.73 -18.40
C LEU A 159 -2.83 -10.17 -19.04
N ASP A 160 -3.28 -10.85 -20.10
CA ASP A 160 -4.47 -10.46 -20.87
C ASP A 160 -5.34 -9.45 -20.14
N ALA A 161 -5.90 -9.85 -19.01
CA ALA A 161 -6.77 -8.97 -18.23
C ALA A 161 -6.89 -9.46 -16.79
N VAL A 162 -5.90 -10.24 -16.35
CA VAL A 162 -5.89 -10.74 -14.98
C VAL A 162 -5.38 -9.69 -14.01
N ASP A 163 -4.12 -9.30 -14.18
CA ASP A 163 -3.50 -8.28 -13.34
C ASP A 163 -3.33 -6.99 -14.15
N LEU A 164 -4.24 -6.05 -13.93
CA LEU A 164 -4.24 -4.78 -14.66
C LEU A 164 -3.09 -3.89 -14.20
N VAL A 165 -2.27 -3.48 -15.16
CA VAL A 165 -1.13 -2.60 -14.88
C VAL A 165 -1.60 -1.24 -14.35
N LEU A 166 -0.69 -0.26 -14.33
CA LEU A 166 -1.01 1.07 -13.83
C LEU A 166 -0.66 2.13 -14.88
N ASP A 167 -1.26 3.30 -14.75
CA ASP A 167 -1.03 4.40 -15.68
C ASP A 167 0.10 5.30 -15.21
N ALA A 168 0.34 5.32 -13.90
CA ALA A 168 1.40 6.14 -13.32
C ALA A 168 2.75 5.43 -13.39
N GLY A 169 2.80 4.22 -12.83
CA GLY A 169 4.03 3.46 -12.83
C GLY A 169 4.78 3.52 -11.52
N ASP A 170 6.06 3.14 -11.55
CA ASP A 170 6.89 3.14 -10.35
C ASP A 170 7.15 4.57 -9.87
N CYS A 171 8.12 4.73 -8.98
CA CYS A 171 8.46 6.05 -8.45
C CYS A 171 9.96 6.20 -8.20
N LEU A 172 10.49 5.34 -7.33
CA LEU A 172 11.91 5.40 -6.99
C LEU A 172 12.61 4.07 -7.23
N ASP A 173 13.37 3.59 -6.24
CA ASP A 173 14.12 2.35 -6.37
C ASP A 173 13.26 1.14 -6.02
N MET A 174 13.44 0.05 -6.77
CA MET A 174 12.70 -1.18 -6.54
C MET A 174 12.89 -1.67 -5.10
N GLU A 175 14.10 -1.51 -4.59
CA GLU A 175 14.43 -1.94 -3.24
C GLU A 175 15.37 -0.95 -2.56
N PRO A 176 15.43 -0.95 -1.21
CA PRO A 176 14.66 -1.85 -0.36
C PRO A 176 13.32 -1.26 0.07
N SER A 177 12.88 -1.62 1.27
CA SER A 177 11.60 -1.14 1.79
C SER A 177 11.61 -1.16 3.32
N THR A 178 10.77 -0.33 3.93
CA THR A 178 10.69 -0.26 5.39
C THR A 178 9.51 -1.06 5.91
N VAL A 179 9.70 -1.72 7.05
CA VAL A 179 8.65 -2.53 7.66
C VAL A 179 8.47 -2.17 9.13
N ILE A 180 7.59 -1.20 9.40
CA ILE A 180 7.32 -0.75 10.76
C ILE A 180 5.99 -1.28 11.27
N ASP A 181 5.98 -1.80 12.49
CA ASP A 181 4.76 -2.30 13.11
C ASP A 181 4.29 -1.36 14.21
N LEU A 182 3.87 -0.16 13.82
CA LEU A 182 3.41 0.84 14.77
C LEU A 182 2.09 0.44 15.41
N THR A 183 2.16 -0.30 16.51
CA THR A 183 0.96 -0.74 17.20
C THR A 183 0.44 0.36 18.11
N VAL A 184 1.08 0.54 19.26
CA VAL A 184 0.67 1.57 20.20
C VAL A 184 1.81 2.57 20.46
N ASN A 185 2.16 2.78 21.72
CA ASN A 185 3.21 3.72 22.08
C ASN A 185 4.57 3.29 21.54
N PRO A 186 5.01 2.03 21.83
CA PRO A 186 6.30 1.54 21.35
C PRO A 186 6.26 1.12 19.88
N PRO A 187 6.89 1.89 18.99
CA PRO A 187 6.91 1.58 17.56
C PRO A 187 7.88 0.46 17.23
N ARG A 188 7.48 -0.43 16.33
CA ARG A 188 8.32 -1.55 15.94
C ARG A 188 9.03 -1.28 14.62
N VAL A 189 9.65 -0.11 14.55
CA VAL A 189 10.38 0.29 13.34
C VAL A 189 11.44 -0.73 12.97
N LEU A 190 11.10 -1.60 12.02
CA LEU A 190 12.02 -2.65 11.58
C LEU A 190 12.26 -2.56 10.08
N ARG A 191 13.23 -1.73 9.69
CA ARG A 191 13.55 -1.56 8.27
C ARG A 191 14.51 -2.65 7.80
N ARG A 192 14.48 -2.93 6.50
CA ARG A 192 15.34 -3.95 5.92
C ARG A 192 16.72 -3.38 5.60
N GLY A 193 17.30 -2.67 6.56
CA GLY A 193 18.62 -2.08 6.36
C GLY A 193 19.73 -3.06 6.64
N LYS A 194 19.78 -4.14 5.87
CA LYS A 194 20.81 -5.16 6.02
C LYS A 194 22.02 -4.85 5.14
N GLY A 195 22.29 -3.57 4.94
CA GLY A 195 23.42 -3.17 4.12
C GLY A 195 24.74 -3.38 4.81
N PRO A 196 25.63 -2.35 4.83
CA PRO A 196 26.95 -2.46 5.47
C PRO A 196 26.84 -2.74 6.97
N LEU A 197 26.10 -1.88 7.68
CA LEU A 197 25.92 -2.03 9.11
C LEU A 197 24.61 -1.39 9.56
N ASP A 198 24.11 -1.83 10.71
CA ASP A 198 22.86 -1.31 11.25
C ASP A 198 23.04 0.12 11.80
N PRO A 199 24.05 0.34 12.67
CA PRO A 199 24.30 1.67 13.25
C PRO A 199 24.51 2.74 12.18
N VAL A 200 24.32 4.00 12.56
CA VAL A 200 24.49 5.11 11.63
C VAL A 200 25.91 5.16 11.08
N LEU A 201 26.04 5.60 9.84
CA LEU A 201 27.35 5.70 9.18
C LEU A 201 28.00 7.04 9.49
N LEU A 202 27.82 7.52 10.72
CA LEU A 202 28.40 8.79 11.13
C LEU A 202 29.91 8.67 11.32
N ARG A 203 30.40 7.44 11.26
CA ARG A 203 31.84 7.18 11.42
C ARG A 203 32.55 7.23 10.08
N GLY A 204 33.28 8.31 9.83
CA GLY A 204 34.00 8.47 8.59
C GLY A 204 35.50 8.59 8.80
N ALA A 205 36.11 7.52 9.27
CA ALA A 205 37.55 7.52 9.52
C ALA A 205 38.31 6.83 8.37
N GLY A 206 37.75 5.74 7.87
CA GLY A 206 38.37 5.02 6.78
C GLY A 206 39.49 4.10 7.25
N ASP A 207 40.44 3.82 6.37
CA ASP A 207 41.56 2.95 6.70
C ASP A 207 42.69 3.74 7.34
N VAL A 208 42.60 5.07 7.25
CA VAL A 208 43.61 5.95 7.81
C VAL A 208 43.08 6.70 9.03
N MET A 1 -19.00 27.20 7.56
CA MET A 1 -18.60 25.97 6.81
C MET A 1 -17.09 25.80 6.81
N LEU A 2 -16.63 24.68 6.26
CA LEU A 2 -15.20 24.40 6.19
C LEU A 2 -14.60 24.96 4.92
N ILE A 3 -13.29 24.78 4.74
CA ILE A 3 -12.59 25.28 3.56
C ILE A 3 -12.99 24.47 2.33
N ARG A 4 -12.96 25.13 1.18
CA ARG A 4 -13.32 24.48 -0.09
C ARG A 4 -12.08 24.15 -0.90
N LYS A 5 -12.24 23.29 -1.90
CA LYS A 5 -11.13 22.89 -2.75
C LYS A 5 -11.04 23.77 -3.99
N ILE A 6 -9.86 23.81 -4.60
CA ILE A 6 -9.65 24.61 -5.80
C ILE A 6 -10.27 23.94 -7.02
N THR A 7 -10.37 22.62 -6.98
CA THR A 7 -10.94 21.86 -8.08
C THR A 7 -12.46 22.01 -8.11
N ARG A 8 -13.12 21.14 -8.88
CA ARG A 8 -14.57 21.19 -9.00
C ARG A 8 -15.23 20.28 -7.96
N LYS A 9 -16.51 19.96 -8.18
CA LYS A 9 -17.25 19.11 -7.26
C LYS A 9 -16.76 17.67 -7.32
N ASN A 10 -17.05 16.99 -8.44
CA ASN A 10 -16.64 15.61 -8.62
C ASN A 10 -15.55 15.51 -9.69
N PRO A 11 -14.27 15.54 -9.29
CA PRO A 11 -13.14 15.46 -10.23
C PRO A 11 -13.16 14.15 -11.02
N SER A 12 -12.98 13.03 -10.32
CA SER A 12 -12.96 11.72 -10.96
C SER A 12 -11.92 11.65 -12.06
N PRO A 13 -10.62 11.59 -11.69
CA PRO A 13 -9.52 11.53 -12.65
C PRO A 13 -9.65 10.33 -13.60
N ASP A 14 -9.01 10.42 -14.75
CA ASP A 14 -9.05 9.35 -15.74
C ASP A 14 -8.25 8.14 -15.26
N VAL A 15 -7.17 8.40 -14.54
CA VAL A 15 -6.32 7.33 -14.02
C VAL A 15 -7.12 6.41 -13.10
N LEU A 16 -7.77 6.98 -12.10
CA LEU A 16 -8.57 6.21 -11.16
C LEU A 16 -9.71 5.51 -11.89
N GLU A 17 -10.26 6.17 -12.90
CA GLU A 17 -11.35 5.61 -13.70
C GLU A 17 -10.92 4.28 -14.32
N GLU A 18 -9.64 4.17 -14.61
CA GLU A 18 -9.09 2.94 -15.19
C GLU A 18 -8.94 1.87 -14.11
N ALA A 19 -8.63 2.34 -12.90
CA ALA A 19 -8.42 1.44 -11.77
C ALA A 19 -9.73 0.81 -11.31
N ILE A 20 -10.78 1.62 -11.16
CA ILE A 20 -12.06 1.10 -10.70
C ILE A 20 -12.79 0.36 -11.83
N SER A 21 -12.34 0.59 -13.06
CA SER A 21 -12.94 -0.07 -14.22
C SER A 21 -12.68 -1.57 -14.19
N VAL A 22 -11.42 -1.95 -14.06
CA VAL A 22 -11.04 -3.36 -14.01
C VAL A 22 -11.49 -4.01 -12.71
N MET A 23 -11.61 -3.22 -11.66
CA MET A 23 -12.04 -3.72 -10.36
C MET A 23 -13.44 -4.33 -10.44
N GLU A 24 -14.30 -3.72 -11.25
CA GLU A 24 -15.66 -4.22 -11.42
C GLU A 24 -15.68 -5.47 -12.29
N GLY A 25 -14.59 -5.70 -13.01
CA GLY A 25 -14.50 -6.86 -13.87
C GLY A 25 -13.92 -8.07 -13.17
N GLY A 26 -13.78 -7.97 -11.85
CA GLY A 26 -13.23 -9.07 -11.08
C GLY A 26 -11.78 -9.37 -11.41
N GLY A 27 -10.96 -8.32 -11.40
CA GLY A 27 -9.54 -8.49 -11.70
C GLY A 27 -8.66 -7.85 -10.65
N ILE A 28 -7.39 -8.26 -10.63
CA ILE A 28 -6.43 -7.71 -9.67
C ILE A 28 -5.62 -6.59 -10.32
N VAL A 29 -5.31 -5.57 -9.54
CA VAL A 29 -4.56 -4.43 -10.07
C VAL A 29 -3.21 -4.27 -9.36
N ILE A 30 -2.21 -3.83 -10.10
CA ILE A 30 -0.87 -3.61 -9.55
C ILE A 30 -0.55 -2.13 -9.48
N TYR A 31 0.49 -1.77 -8.73
CA TYR A 31 0.87 -0.37 -8.60
C TYR A 31 2.21 -0.21 -7.88
N PRO A 32 3.32 -0.16 -8.64
CA PRO A 32 4.64 0.06 -8.07
C PRO A 32 4.90 1.55 -7.80
N THR A 33 5.82 1.85 -6.89
CA THR A 33 6.14 3.24 -6.58
C THR A 33 7.64 3.45 -6.42
N ASP A 34 8.02 4.40 -5.59
CA ASP A 34 9.43 4.71 -5.35
C ASP A 34 10.18 3.50 -4.83
N THR A 35 9.44 2.54 -4.27
CA THR A 35 10.04 1.33 -3.73
C THR A 35 10.05 0.20 -4.76
N ILE A 36 9.08 -0.69 -4.67
CA ILE A 36 8.98 -1.82 -5.60
C ILE A 36 7.56 -1.95 -6.14
N TYR A 37 7.28 -3.08 -6.77
CA TYR A 37 5.96 -3.34 -7.33
C TYR A 37 4.94 -3.59 -6.23
N GLY A 38 3.80 -2.91 -6.30
CA GLY A 38 2.77 -3.09 -5.30
C GLY A 38 1.49 -3.64 -5.90
N LEU A 39 0.49 -3.86 -5.04
CA LEU A 39 -0.79 -4.39 -5.50
C LEU A 39 -1.94 -3.60 -4.89
N GLY A 40 -3.00 -3.43 -5.65
CA GLY A 40 -4.16 -2.70 -5.16
C GLY A 40 -5.46 -3.25 -5.73
N VAL A 41 -6.42 -3.48 -4.85
CA VAL A 41 -7.73 -4.01 -5.26
C VAL A 41 -8.81 -3.66 -4.24
N ASN A 42 -10.06 -3.77 -4.66
CA ASN A 42 -11.19 -3.50 -3.78
C ASN A 42 -11.10 -4.37 -2.53
N ALA A 43 -10.75 -3.74 -1.40
CA ALA A 43 -10.60 -4.46 -0.14
C ALA A 43 -11.88 -5.18 0.26
N LEU A 44 -13.02 -4.51 0.09
CA LEU A 44 -14.31 -5.08 0.46
C LEU A 44 -14.83 -6.03 -0.61
N ASP A 45 -13.92 -6.48 -1.48
CA ASP A 45 -14.29 -7.41 -2.54
C ASP A 45 -13.69 -8.79 -2.29
N GLU A 46 -14.41 -9.83 -2.71
CA GLU A 46 -13.95 -11.20 -2.53
C GLU A 46 -12.85 -11.53 -3.53
N ASP A 47 -12.82 -10.81 -4.65
CA ASP A 47 -11.82 -11.03 -5.68
C ASP A 47 -10.42 -10.77 -5.15
N ALA A 48 -10.33 -9.92 -4.14
CA ALA A 48 -9.04 -9.58 -3.53
C ALA A 48 -8.54 -10.72 -2.64
N VAL A 49 -9.46 -11.37 -1.95
CA VAL A 49 -9.12 -12.47 -1.05
C VAL A 49 -8.55 -13.65 -1.83
N ARG A 50 -9.18 -13.98 -2.95
CA ARG A 50 -8.75 -15.11 -3.78
C ARG A 50 -7.42 -14.80 -4.46
N ARG A 51 -7.30 -13.58 -5.00
CA ARG A 51 -6.08 -13.17 -5.69
C ARG A 51 -4.92 -13.03 -4.72
N LEU A 52 -5.21 -12.70 -3.47
CA LEU A 52 -4.19 -12.54 -2.45
C LEU A 52 -3.53 -13.87 -2.12
N PHE A 53 -4.34 -14.92 -2.09
CA PHE A 53 -3.84 -16.26 -1.78
C PHE A 53 -2.88 -16.74 -2.87
N ARG A 54 -3.19 -16.42 -4.12
CA ARG A 54 -2.36 -16.83 -5.25
C ARG A 54 -0.96 -16.25 -5.16
N VAL A 55 -0.87 -14.99 -4.73
CA VAL A 55 0.41 -14.31 -4.61
C VAL A 55 1.19 -14.80 -3.38
N LYS A 56 0.58 -14.66 -2.21
CA LYS A 56 1.21 -15.08 -0.97
C LYS A 56 1.07 -16.58 -0.74
N GLY A 57 -0.15 -17.01 -0.44
CA GLY A 57 -0.41 -18.41 -0.19
C GLY A 57 0.28 -18.92 1.08
N ARG A 58 0.90 -18.00 1.81
CA ARG A 58 1.59 -18.35 3.04
C ARG A 58 0.98 -17.62 4.23
N SER A 59 -0.25 -17.14 4.05
CA SER A 59 -0.95 -16.42 5.11
C SER A 59 -2.40 -16.90 5.22
N PRO A 60 -2.60 -18.17 5.64
CA PRO A 60 -3.93 -18.76 5.79
C PRO A 60 -4.85 -17.91 6.66
N HIS A 61 -4.39 -17.61 7.87
CA HIS A 61 -5.16 -16.81 8.80
C HIS A 61 -4.40 -15.56 9.23
N LYS A 62 -3.46 -15.13 8.39
CA LYS A 62 -2.67 -13.95 8.70
C LYS A 62 -3.35 -12.69 8.19
N PRO A 63 -3.13 -11.55 8.88
CA PRO A 63 -3.74 -10.26 8.49
C PRO A 63 -3.22 -9.76 7.14
N VAL A 64 -3.87 -8.73 6.61
CA VAL A 64 -3.49 -8.16 5.33
C VAL A 64 -3.11 -6.69 5.48
N SER A 65 -2.41 -6.16 4.49
CA SER A 65 -1.97 -4.77 4.51
C SER A 65 -2.86 -3.93 3.59
N ILE A 66 -3.22 -2.73 4.06
CA ILE A 66 -4.05 -1.83 3.27
C ILE A 66 -3.30 -0.56 2.92
N CYS A 67 -3.84 0.20 1.97
CA CYS A 67 -3.23 1.45 1.54
C CYS A 67 -4.18 2.62 1.73
N VAL A 68 -3.68 3.68 2.36
CA VAL A 68 -4.48 4.87 2.61
C VAL A 68 -3.64 6.14 2.35
N SER A 69 -4.21 7.31 2.62
CA SER A 69 -3.51 8.56 2.41
C SER A 69 -2.73 8.94 3.68
N CYS A 70 -3.37 8.83 4.82
CA CYS A 70 -2.74 9.15 6.09
C CYS A 70 -3.55 8.59 7.26
N VAL A 71 -2.96 8.62 8.45
CA VAL A 71 -3.63 8.12 9.65
C VAL A 71 -4.97 8.82 9.85
N ASP A 72 -5.02 10.10 9.49
CA ASP A 72 -6.25 10.87 9.60
C ASP A 72 -7.30 10.38 8.61
N GLU A 73 -6.84 9.84 7.49
CA GLU A 73 -7.75 9.33 6.46
C GLU A 73 -8.38 8.01 6.88
N ILE A 74 -7.79 7.37 7.89
CA ILE A 74 -8.32 6.10 8.40
C ILE A 74 -8.87 6.22 9.82
N PRO A 75 -9.86 7.11 10.05
CA PRO A 75 -10.44 7.28 11.39
C PRO A 75 -11.07 5.99 11.92
N ARG A 76 -12.33 5.76 11.57
CA ARG A 76 -13.03 4.55 11.99
C ARG A 76 -12.52 3.32 11.23
N PHE A 77 -11.31 3.40 10.70
CA PHE A 77 -10.74 2.28 9.95
C PHE A 77 -9.83 1.43 10.84
N SER A 78 -8.95 2.10 11.59
CA SER A 78 -8.03 1.41 12.48
C SER A 78 -8.06 2.01 13.87
N ARG A 79 -7.19 1.53 14.75
CA ARG A 79 -7.12 2.01 16.12
C ARG A 79 -5.75 2.64 16.41
N PRO A 80 -5.66 3.98 16.37
CA PRO A 80 -4.43 4.71 16.60
C PRO A 80 -4.36 5.32 18.00
N SER A 81 -3.33 6.12 18.24
CA SER A 81 -3.15 6.78 19.53
C SER A 81 -2.60 8.19 19.35
N GLY A 82 -2.46 8.92 20.46
CA GLY A 82 -1.96 10.27 20.40
C GLY A 82 -0.47 10.33 20.13
N ASP A 83 0.33 10.29 21.19
CA ASP A 83 1.78 10.35 21.06
C ASP A 83 2.31 9.27 20.14
N ALA A 84 1.65 8.11 20.16
CA ALA A 84 2.05 6.99 19.31
C ALA A 84 2.06 7.38 17.84
N MET A 85 1.00 8.06 17.40
CA MET A 85 0.88 8.48 16.01
C MET A 85 1.78 9.68 15.73
N GLU A 86 2.09 10.45 16.78
CA GLU A 86 2.94 11.62 16.64
C GLU A 86 4.30 11.24 16.06
N LEU A 87 4.89 10.18 16.60
CA LEU A 87 6.19 9.71 16.14
C LEU A 87 6.11 9.16 14.72
N MET A 88 5.07 8.39 14.44
CA MET A 88 4.90 7.79 13.11
C MET A 88 4.71 8.86 12.04
N GLU A 89 3.70 9.69 12.21
CA GLU A 89 3.39 10.74 11.25
C GLU A 89 4.53 11.75 11.12
N ARG A 90 5.47 11.68 12.05
CA ARG A 90 6.61 12.59 12.05
C ARG A 90 7.51 12.32 10.84
N ILE A 91 7.58 11.06 10.43
CA ILE A 91 8.39 10.66 9.29
C ILE A 91 7.52 10.14 8.15
N LEU A 92 6.63 10.99 7.65
CA LEU A 92 5.73 10.61 6.57
C LEU A 92 5.73 11.65 5.45
N PRO A 93 5.52 11.23 4.19
CA PRO A 93 5.31 9.83 3.82
C PRO A 93 6.62 9.05 3.76
N GLY A 94 6.62 7.95 3.01
CA GLY A 94 7.82 7.14 2.89
C GLY A 94 7.53 5.69 2.50
N PRO A 95 8.54 4.96 2.00
CA PRO A 95 8.38 3.57 1.59
C PRO A 95 8.46 2.60 2.77
N TYR A 96 7.77 2.92 3.85
CA TYR A 96 7.79 2.09 5.04
C TYR A 96 6.42 1.43 5.28
N THR A 97 6.32 0.66 6.35
CA THR A 97 5.07 -0.01 6.69
C THR A 97 4.53 0.52 8.02
N VAL A 98 3.20 0.59 8.13
CA VAL A 98 2.56 1.09 9.34
C VAL A 98 1.49 0.12 9.84
N VAL A 99 1.90 -0.80 10.72
CA VAL A 99 0.97 -1.76 11.29
C VAL A 99 0.29 -1.20 12.52
N LEU A 100 -1.05 -1.16 12.50
CA LEU A 100 -1.83 -0.65 13.61
C LEU A 100 -2.88 -1.68 14.04
N GLU A 101 -3.61 -1.36 15.10
CA GLU A 101 -4.67 -2.24 15.57
C GLU A 101 -5.88 -2.17 14.65
N ARG A 102 -6.72 -3.19 14.69
CA ARG A 102 -7.91 -3.22 13.84
C ARG A 102 -9.19 -3.29 14.66
N ASN A 103 -10.23 -2.65 14.16
CA ASN A 103 -11.52 -2.61 14.84
C ASN A 103 -12.26 -3.95 14.70
N GLU A 104 -13.40 -4.06 15.36
CA GLU A 104 -14.20 -5.28 15.31
C GLU A 104 -14.98 -5.37 13.99
N LEU A 105 -14.25 -5.40 12.87
CA LEU A 105 -14.88 -5.48 11.56
C LEU A 105 -15.46 -6.87 11.33
N ILE A 106 -16.48 -6.94 10.47
CA ILE A 106 -17.14 -8.20 10.16
C ILE A 106 -16.29 -9.07 9.22
N PRO A 107 -15.83 -8.52 8.07
CA PRO A 107 -15.03 -9.27 7.12
C PRO A 107 -13.77 -9.85 7.75
N ASP A 108 -13.82 -11.14 8.06
CA ASP A 108 -12.68 -11.83 8.67
C ASP A 108 -11.66 -12.25 7.61
N VAL A 109 -11.91 -11.85 6.37
CA VAL A 109 -11.02 -12.18 5.27
C VAL A 109 -9.86 -11.20 5.18
N ILE A 110 -10.02 -10.04 5.82
CA ILE A 110 -8.99 -9.01 5.82
C ILE A 110 -8.39 -8.82 7.21
N THR A 111 -9.19 -9.09 8.24
CA THR A 111 -8.75 -8.95 9.62
C THR A 111 -7.90 -10.15 10.03
N GLY A 112 -8.26 -11.33 9.53
CA GLY A 112 -7.53 -12.54 9.86
C GLY A 112 -7.97 -13.15 11.17
N GLY A 113 -7.21 -14.12 11.66
CA GLY A 113 -7.55 -14.78 12.91
C GLY A 113 -7.34 -13.89 14.11
N SER A 114 -6.62 -12.78 13.91
CA SER A 114 -6.37 -11.84 14.99
C SER A 114 -6.97 -10.47 14.67
N SER A 115 -6.80 -9.53 15.59
CA SER A 115 -7.32 -8.18 15.42
C SER A 115 -6.20 -7.19 15.11
N ARG A 116 -5.51 -7.41 14.00
CA ARG A 116 -4.41 -6.54 13.60
C ARG A 116 -4.42 -6.31 12.09
N VAL A 117 -4.11 -5.10 11.67
CA VAL A 117 -4.07 -4.76 10.25
C VAL A 117 -2.93 -3.79 9.95
N GLY A 118 -2.26 -4.01 8.83
CA GLY A 118 -1.16 -3.13 8.44
C GLY A 118 -1.60 -2.12 7.40
N ILE A 119 -0.84 -1.03 7.28
CA ILE A 119 -1.16 0.01 6.31
C ILE A 119 0.13 0.55 5.69
N ARG A 120 -0.01 1.43 4.69
CA ARG A 120 1.16 1.99 4.01
C ARG A 120 0.81 3.24 3.22
N VAL A 121 1.59 4.29 3.42
CA VAL A 121 1.40 5.54 2.69
C VAL A 121 2.55 5.78 1.72
N PRO A 122 2.44 5.24 0.49
CA PRO A 122 3.48 5.38 -0.54
C PRO A 122 3.54 6.79 -1.12
N ASP A 123 4.43 6.99 -2.08
CA ASP A 123 4.60 8.29 -2.71
C ASP A 123 3.65 8.45 -3.90
N ASP A 124 2.74 7.50 -4.05
CA ASP A 124 1.78 7.53 -5.14
C ASP A 124 0.68 8.55 -4.88
N GLU A 125 0.79 9.73 -5.49
CA GLU A 125 -0.20 10.77 -5.33
C GLU A 125 -1.60 10.29 -5.70
N ILE A 126 -1.69 9.66 -6.87
CA ILE A 126 -2.97 9.14 -7.36
C ILE A 126 -3.56 8.15 -6.36
N CYS A 127 -2.75 7.17 -5.96
CA CYS A 127 -3.19 6.16 -5.01
C CYS A 127 -3.47 6.78 -3.65
N ARG A 128 -2.95 7.98 -3.42
CA ARG A 128 -3.15 8.68 -2.17
C ARG A 128 -4.55 9.27 -2.09
N ARG A 129 -5.05 9.77 -3.22
CA ARG A 129 -6.38 10.36 -3.27
C ARG A 129 -7.46 9.31 -3.15
N ILE A 130 -7.37 8.26 -3.97
CA ILE A 130 -8.35 7.19 -3.96
C ILE A 130 -8.37 6.47 -2.61
N ALA A 131 -7.19 6.18 -2.08
CA ALA A 131 -7.07 5.50 -0.79
C ALA A 131 -7.56 6.39 0.34
N ALA A 132 -7.44 7.70 0.15
CA ALA A 132 -7.88 8.65 1.15
C ALA A 132 -9.34 8.39 1.51
N ARG A 133 -10.19 8.38 0.49
CA ARG A 133 -11.61 8.08 0.68
C ARG A 133 -11.81 6.59 0.89
N PHE A 134 -11.97 5.86 -0.21
CA PHE A 134 -12.15 4.41 -0.15
C PHE A 134 -10.83 3.70 0.11
N PRO A 135 -10.79 2.79 1.11
CA PRO A 135 -9.58 2.03 1.42
C PRO A 135 -9.33 0.93 0.39
N VAL A 136 -8.07 0.67 0.08
CA VAL A 136 -7.71 -0.33 -0.91
C VAL A 136 -6.74 -1.36 -0.35
N THR A 137 -6.71 -2.54 -0.94
CA THR A 137 -5.80 -3.59 -0.52
C THR A 137 -4.40 -3.32 -1.08
N ALA A 138 -3.38 -3.64 -0.29
CA ALA A 138 -2.00 -3.38 -0.71
C ALA A 138 -1.07 -4.53 -0.33
N THR A 139 -0.61 -5.26 -1.35
CA THR A 139 0.32 -6.37 -1.14
C THR A 139 1.54 -6.20 -2.04
N SER A 140 2.68 -6.71 -1.59
CA SER A 140 3.93 -6.59 -2.35
C SER A 140 3.97 -7.58 -3.50
N ALA A 141 4.00 -7.05 -4.73
CA ALA A 141 4.05 -7.88 -5.93
C ALA A 141 5.50 -8.21 -6.30
N ASN A 142 6.06 -9.21 -5.63
CA ASN A 142 7.43 -9.62 -5.89
C ASN A 142 7.67 -11.06 -5.42
N ILE A 143 6.63 -11.88 -5.54
CA ILE A 143 6.72 -13.28 -5.13
C ILE A 143 7.38 -14.13 -6.21
N SER A 144 7.07 -15.43 -6.22
CA SER A 144 7.64 -16.34 -7.20
C SER A 144 7.33 -15.86 -8.63
N GLY A 145 8.19 -16.24 -9.56
CA GLY A 145 8.00 -15.84 -10.95
C GLY A 145 8.70 -14.52 -11.25
N LYS A 146 8.08 -13.72 -12.12
CA LYS A 146 8.64 -12.43 -12.50
C LYS A 146 7.62 -11.30 -12.31
N PRO A 147 7.23 -11.02 -11.06
CA PRO A 147 6.23 -9.98 -10.76
C PRO A 147 6.67 -8.58 -11.23
N PRO A 148 7.90 -8.13 -10.90
CA PRO A 148 8.38 -6.80 -11.30
C PRO A 148 8.70 -6.74 -12.79
N SER A 149 7.84 -6.08 -13.56
CA SER A 149 8.04 -5.94 -15.00
C SER A 149 8.70 -4.60 -15.32
N PRO A 150 9.39 -4.51 -16.48
CA PRO A 150 10.07 -3.28 -16.89
C PRO A 150 9.23 -2.42 -17.84
N ARG A 151 8.16 -3.00 -18.38
CA ARG A 151 7.28 -2.29 -19.28
C ARG A 151 5.82 -2.53 -18.93
N LEU A 152 5.06 -1.44 -18.79
CA LEU A 152 3.64 -1.53 -18.45
C LEU A 152 2.87 -2.31 -19.51
N GLU A 153 3.13 -1.98 -20.78
CA GLU A 153 2.45 -2.63 -21.89
C GLU A 153 2.82 -4.11 -21.97
N GLU A 154 3.98 -4.46 -21.42
CA GLU A 154 4.45 -5.84 -21.45
C GLU A 154 3.64 -6.72 -20.50
N ILE A 155 3.15 -6.12 -19.42
CA ILE A 155 2.36 -6.86 -18.43
C ILE A 155 0.95 -7.14 -18.94
N VAL A 156 0.27 -6.08 -19.39
CA VAL A 156 -1.10 -6.22 -19.89
C VAL A 156 -1.19 -7.21 -21.05
N ARG A 157 -0.08 -7.38 -21.76
CA ARG A 157 -0.04 -8.30 -22.89
C ARG A 157 0.01 -9.74 -22.41
N ASP A 158 0.91 -10.02 -21.47
CA ASP A 158 1.06 -11.37 -20.93
C ASP A 158 -0.07 -11.71 -19.97
N LEU A 159 -0.71 -10.67 -19.44
CA LEU A 159 -1.80 -10.85 -18.50
C LEU A 159 -3.13 -10.42 -19.10
N ASP A 160 -3.57 -11.19 -20.10
CA ASP A 160 -4.82 -10.93 -20.83
C ASP A 160 -5.73 -9.95 -20.12
N ALA A 161 -6.21 -10.34 -18.93
CA ALA A 161 -7.09 -9.48 -18.15
C ALA A 161 -7.09 -9.88 -16.69
N VAL A 162 -6.03 -10.55 -16.26
CA VAL A 162 -5.92 -10.97 -14.86
C VAL A 162 -5.44 -9.81 -13.98
N ASP A 163 -4.21 -9.36 -14.21
CA ASP A 163 -3.64 -8.25 -13.44
C ASP A 163 -3.49 -7.02 -14.33
N LEU A 164 -4.41 -6.07 -14.19
CA LEU A 164 -4.38 -4.85 -14.98
C LEU A 164 -3.28 -3.90 -14.52
N VAL A 165 -2.49 -3.42 -15.48
CA VAL A 165 -1.40 -2.48 -15.19
C VAL A 165 -1.95 -1.16 -14.66
N LEU A 166 -1.08 -0.14 -14.61
CA LEU A 166 -1.47 1.18 -14.13
C LEU A 166 -1.15 2.25 -15.15
N ASP A 167 -1.69 3.45 -14.93
CA ASP A 167 -1.48 4.57 -15.85
C ASP A 167 -0.29 5.42 -15.42
N ALA A 168 -0.15 5.63 -14.12
CA ALA A 168 0.94 6.45 -13.59
C ALA A 168 2.30 5.83 -13.88
N GLY A 169 2.59 4.72 -13.21
CA GLY A 169 3.85 4.03 -13.41
C GLY A 169 4.95 4.53 -12.49
N ASP A 170 4.65 4.57 -11.19
CA ASP A 170 5.62 5.02 -10.19
C ASP A 170 6.72 3.97 -10.00
N CYS A 171 7.97 4.38 -10.24
CA CYS A 171 9.10 3.47 -10.10
C CYS A 171 10.40 4.24 -9.89
N LEU A 172 11.09 3.93 -8.80
CA LEU A 172 12.37 4.58 -8.49
C LEU A 172 13.39 3.56 -7.99
N ASP A 173 13.78 3.67 -6.73
CA ASP A 173 14.77 2.76 -6.15
C ASP A 173 14.10 1.50 -5.62
N MET A 174 14.61 0.35 -6.05
CA MET A 174 14.07 -0.94 -5.62
C MET A 174 14.38 -1.20 -4.14
N GLU A 175 15.10 -0.27 -3.52
CA GLU A 175 15.47 -0.40 -2.12
C GLU A 175 15.62 0.97 -1.47
N PRO A 176 15.50 1.06 -0.13
CA PRO A 176 15.26 -0.09 0.74
C PRO A 176 13.77 -0.33 1.02
N SER A 177 13.48 -0.90 2.18
CA SER A 177 12.11 -1.19 2.57
C SER A 177 11.99 -1.31 4.09
N THR A 178 11.24 -0.38 4.70
CA THR A 178 11.07 -0.36 6.15
C THR A 178 9.71 -0.93 6.55
N VAL A 179 9.69 -1.65 7.67
CA VAL A 179 8.45 -2.23 8.19
C VAL A 179 8.27 -1.88 9.67
N ILE A 180 7.35 -0.96 9.95
CA ILE A 180 7.10 -0.53 11.33
C ILE A 180 5.71 -0.93 11.78
N ASP A 181 5.63 -1.54 12.97
CA ASP A 181 4.35 -1.95 13.54
C ASP A 181 3.87 -0.93 14.57
N LEU A 182 3.40 0.21 14.09
CA LEU A 182 2.91 1.28 14.96
C LEU A 182 1.60 0.88 15.63
N THR A 183 1.70 0.11 16.71
CA THR A 183 0.51 -0.31 17.44
C THR A 183 0.05 0.80 18.39
N VAL A 184 0.62 0.80 19.60
CA VAL A 184 0.30 1.83 20.58
C VAL A 184 1.55 2.62 20.99
N ASN A 185 1.80 2.74 22.30
CA ASN A 185 2.95 3.48 22.79
C ASN A 185 4.27 2.89 22.28
N PRO A 186 4.48 1.57 22.43
CA PRO A 186 5.72 0.92 21.98
C PRO A 186 5.76 0.72 20.47
N PRO A 187 6.61 1.48 19.76
CA PRO A 187 6.74 1.38 18.31
C PRO A 187 7.69 0.26 17.90
N ARG A 188 7.18 -0.68 17.10
CA ARG A 188 7.99 -1.80 16.63
C ARG A 188 8.69 -1.46 15.33
N VAL A 189 9.42 -0.37 15.34
CA VAL A 189 10.16 0.07 14.15
C VAL A 189 11.17 -1.00 13.71
N LEU A 190 10.84 -1.67 12.62
CA LEU A 190 11.69 -2.73 12.10
C LEU A 190 12.11 -2.45 10.66
N ARG A 191 13.20 -1.70 10.50
CA ARG A 191 13.72 -1.35 9.18
C ARG A 191 14.71 -2.40 8.69
N ARG A 192 14.63 -2.72 7.40
CA ARG A 192 15.52 -3.70 6.80
C ARG A 192 16.84 -3.07 6.37
N GLY A 193 16.91 -1.74 6.46
CA GLY A 193 18.11 -1.03 6.08
C GLY A 193 19.02 -0.74 7.26
N LYS A 194 19.52 -1.79 7.89
CA LYS A 194 20.41 -1.64 9.03
C LYS A 194 21.85 -1.96 8.65
N GLY A 195 22.05 -3.09 7.99
CA GLY A 195 23.38 -3.49 7.57
C GLY A 195 23.83 -2.76 6.32
N PRO A 196 24.54 -3.45 5.40
CA PRO A 196 25.04 -2.85 4.16
C PRO A 196 23.91 -2.40 3.24
N LEU A 197 24.28 -1.91 2.07
CA LEU A 197 23.29 -1.45 1.08
C LEU A 197 23.75 -1.74 -0.34
N ASP A 198 22.85 -1.57 -1.29
CA ASP A 198 23.16 -1.80 -2.69
C ASP A 198 24.05 -0.68 -3.25
N PRO A 199 23.64 0.60 -3.09
CA PRO A 199 24.43 1.73 -3.59
C PRO A 199 25.75 1.88 -2.84
N VAL A 200 26.76 1.13 -3.28
CA VAL A 200 28.08 1.17 -2.65
C VAL A 200 28.79 2.49 -2.95
N LEU A 201 29.16 2.68 -4.21
CA LEU A 201 29.84 3.91 -4.62
C LEU A 201 28.89 4.78 -5.43
N LEU A 202 27.61 4.48 -5.33
CA LEU A 202 26.58 5.22 -6.05
C LEU A 202 26.46 6.64 -5.50
N ARG A 203 26.84 6.82 -4.24
CA ARG A 203 26.78 8.12 -3.59
C ARG A 203 28.01 8.95 -3.93
N GLY A 204 27.79 10.16 -4.41
CA GLY A 204 28.89 11.04 -4.76
C GLY A 204 28.80 12.39 -4.08
N ALA A 205 27.72 13.12 -4.36
CA ALA A 205 27.52 14.44 -3.78
C ALA A 205 26.63 14.37 -2.54
N GLY A 206 27.01 15.11 -1.51
CA GLY A 206 26.24 15.13 -0.27
C GLY A 206 25.81 16.52 0.13
N ASP A 207 26.66 17.50 -0.16
CA ASP A 207 26.35 18.89 0.18
C ASP A 207 26.00 19.69 -1.08
N VAL A 208 26.42 19.18 -2.24
CA VAL A 208 26.14 19.84 -3.50
C VAL A 208 24.87 19.30 -4.14
N MET A 1 -18.42 30.81 9.99
CA MET A 1 -19.20 29.61 10.41
C MET A 1 -18.28 28.47 10.84
N LEU A 2 -18.87 27.32 11.11
CA LEU A 2 -18.10 26.15 11.53
C LEU A 2 -17.64 25.34 10.31
N ILE A 3 -18.59 24.89 9.51
CA ILE A 3 -18.28 24.10 8.33
C ILE A 3 -18.40 24.95 7.06
N ARG A 4 -17.28 25.13 6.36
CA ARG A 4 -17.26 25.93 5.14
C ARG A 4 -17.94 25.19 4.00
N LYS A 5 -18.17 25.90 2.89
CA LYS A 5 -18.83 25.31 1.73
C LYS A 5 -17.88 24.39 0.97
N ILE A 6 -18.43 23.42 0.26
CA ILE A 6 -17.63 22.49 -0.52
C ILE A 6 -17.49 22.95 -1.97
N THR A 7 -16.31 22.73 -2.55
CA THR A 7 -16.04 23.12 -3.91
C THR A 7 -16.82 22.25 -4.90
N ARG A 8 -16.57 22.46 -6.19
CA ARG A 8 -17.24 21.71 -7.23
C ARG A 8 -16.67 20.30 -7.34
N LYS A 9 -17.28 19.47 -8.19
CA LYS A 9 -16.83 18.10 -8.39
C LYS A 9 -15.64 18.05 -9.34
N ASN A 10 -14.61 17.31 -8.94
CA ASN A 10 -13.41 17.18 -9.76
C ASN A 10 -13.66 16.27 -10.96
N PRO A 11 -13.09 16.60 -12.13
CA PRO A 11 -13.26 15.80 -13.35
C PRO A 11 -12.55 14.44 -13.25
N SER A 12 -12.38 13.79 -14.39
CA SER A 12 -11.73 12.49 -14.42
C SER A 12 -10.73 12.40 -15.58
N PRO A 13 -9.42 12.32 -15.27
CA PRO A 13 -8.38 12.22 -16.30
C PRO A 13 -8.44 10.89 -17.05
N ASP A 14 -7.58 10.74 -18.05
CA ASP A 14 -7.55 9.52 -18.85
C ASP A 14 -7.05 8.34 -18.03
N VAL A 15 -6.22 8.62 -17.02
CA VAL A 15 -5.67 7.58 -16.16
C VAL A 15 -6.73 7.03 -15.22
N LEU A 16 -7.32 7.90 -14.40
CA LEU A 16 -8.34 7.48 -13.46
C LEU A 16 -9.53 6.87 -14.18
N GLU A 17 -9.94 7.48 -15.29
CA GLU A 17 -11.06 6.97 -16.07
C GLU A 17 -10.81 5.53 -16.49
N GLU A 18 -9.54 5.20 -16.69
CA GLU A 18 -9.16 3.84 -17.06
C GLU A 18 -9.22 2.93 -15.84
N ALA A 19 -8.92 3.51 -14.67
CA ALA A 19 -8.92 2.76 -13.42
C ALA A 19 -10.34 2.48 -12.92
N ILE A 20 -11.22 3.46 -13.01
CA ILE A 20 -12.59 3.29 -12.54
C ILE A 20 -13.38 2.35 -13.47
N SER A 21 -13.03 2.37 -14.75
CA SER A 21 -13.68 1.52 -15.74
C SER A 21 -13.23 0.08 -15.60
N VAL A 22 -11.94 -0.10 -15.32
CA VAL A 22 -11.37 -1.44 -15.17
C VAL A 22 -11.77 -2.05 -13.82
N MET A 23 -11.97 -1.20 -12.82
CA MET A 23 -12.35 -1.65 -11.50
C MET A 23 -13.70 -2.37 -11.54
N GLU A 24 -14.64 -1.81 -12.29
CA GLU A 24 -15.95 -2.42 -12.43
C GLU A 24 -15.88 -3.69 -13.26
N GLY A 25 -14.70 -3.98 -13.79
CA GLY A 25 -14.51 -5.18 -14.59
C GLY A 25 -14.09 -6.38 -13.76
N GLY A 26 -13.98 -6.18 -12.46
CA GLY A 26 -13.59 -7.27 -11.57
C GLY A 26 -12.16 -7.71 -11.79
N GLY A 27 -11.23 -6.75 -11.78
CA GLY A 27 -9.82 -7.06 -11.96
C GLY A 27 -8.94 -6.44 -10.90
N ILE A 28 -7.70 -6.91 -10.80
CA ILE A 28 -6.76 -6.38 -9.83
C ILE A 28 -5.86 -5.32 -10.45
N VAL A 29 -5.45 -4.35 -9.65
CA VAL A 29 -4.59 -3.26 -10.12
C VAL A 29 -3.24 -3.30 -9.43
N ILE A 30 -2.16 -3.29 -10.20
CA ILE A 30 -0.81 -3.31 -9.64
C ILE A 30 -0.19 -1.92 -9.69
N TYR A 31 0.71 -1.64 -8.75
CA TYR A 31 1.34 -0.33 -8.69
C TYR A 31 2.67 -0.36 -7.96
N PRO A 32 3.79 -0.13 -8.67
CA PRO A 32 5.12 -0.06 -8.06
C PRO A 32 5.41 1.32 -7.50
N THR A 33 5.94 1.36 -6.28
CA THR A 33 6.24 2.63 -5.63
C THR A 33 7.74 2.79 -5.39
N ASP A 34 8.09 3.51 -4.33
CA ASP A 34 9.49 3.77 -3.99
C ASP A 34 10.28 2.47 -3.90
N THR A 35 9.56 1.37 -3.66
CA THR A 35 10.18 0.05 -3.52
C THR A 35 10.02 -0.75 -4.83
N ILE A 36 9.40 -1.93 -4.76
CA ILE A 36 9.22 -2.76 -5.93
C ILE A 36 7.74 -2.86 -6.33
N TYR A 37 7.36 -4.00 -6.93
CA TYR A 37 6.00 -4.21 -7.37
C TYR A 37 5.02 -4.24 -6.21
N GLY A 38 3.95 -3.46 -6.31
CA GLY A 38 2.95 -3.42 -5.27
C GLY A 38 1.57 -3.77 -5.81
N LEU A 39 0.61 -3.96 -4.91
CA LEU A 39 -0.75 -4.30 -5.30
C LEU A 39 -1.76 -3.29 -4.76
N GLY A 40 -2.75 -2.98 -5.58
CA GLY A 40 -3.79 -2.05 -5.18
C GLY A 40 -5.12 -2.42 -5.79
N VAL A 41 -6.07 -2.86 -4.96
CA VAL A 41 -7.38 -3.26 -5.44
C VAL A 41 -8.45 -3.07 -4.37
N ASN A 42 -9.71 -3.26 -4.74
CA ASN A 42 -10.81 -3.11 -3.80
C ASN A 42 -10.61 -4.02 -2.59
N ALA A 43 -10.46 -3.41 -1.42
CA ALA A 43 -10.23 -4.15 -0.19
C ALA A 43 -11.34 -5.15 0.12
N LEU A 44 -12.58 -4.64 0.19
CA LEU A 44 -13.72 -5.49 0.50
C LEU A 44 -14.25 -6.21 -0.74
N ASP A 45 -13.33 -6.62 -1.60
CA ASP A 45 -13.69 -7.34 -2.82
C ASP A 45 -13.23 -8.79 -2.75
N GLU A 46 -13.90 -9.66 -3.51
CA GLU A 46 -13.53 -11.07 -3.52
C GLU A 46 -12.23 -11.28 -4.30
N ASP A 47 -12.01 -10.44 -5.31
CA ASP A 47 -10.80 -10.52 -6.12
C ASP A 47 -9.56 -10.30 -5.25
N ALA A 48 -9.74 -9.54 -4.17
CA ALA A 48 -8.64 -9.26 -3.26
C ALA A 48 -8.29 -10.50 -2.45
N VAL A 49 -9.31 -11.28 -2.10
CA VAL A 49 -9.11 -12.51 -1.33
C VAL A 49 -8.31 -13.54 -2.13
N ARG A 50 -8.72 -13.75 -3.38
CA ARG A 50 -8.05 -14.70 -4.25
C ARG A 50 -6.62 -14.25 -4.54
N ARG A 51 -6.45 -12.97 -4.84
CA ARG A 51 -5.14 -12.41 -5.13
C ARG A 51 -4.24 -12.46 -3.89
N LEU A 52 -4.86 -12.36 -2.72
CA LEU A 52 -4.12 -12.41 -1.47
C LEU A 52 -3.51 -13.79 -1.25
N PHE A 53 -4.30 -14.82 -1.47
CA PHE A 53 -3.86 -16.20 -1.31
C PHE A 53 -2.75 -16.53 -2.31
N ARG A 54 -2.64 -15.72 -3.36
CA ARG A 54 -1.65 -15.94 -4.40
C ARG A 54 -0.24 -15.58 -3.91
N VAL A 55 0.00 -14.29 -3.68
CA VAL A 55 1.31 -13.81 -3.24
C VAL A 55 1.59 -14.18 -1.79
N LYS A 56 0.59 -14.05 -0.93
CA LYS A 56 0.75 -14.35 0.49
C LYS A 56 0.68 -15.85 0.74
N GLY A 57 0.25 -16.61 -0.27
CA GLY A 57 0.15 -18.05 -0.12
C GLY A 57 -0.90 -18.45 0.91
N ARG A 58 -0.59 -19.46 1.71
CA ARG A 58 -1.51 -19.94 2.74
C ARG A 58 -1.13 -19.40 4.11
N SER A 59 -1.60 -18.20 4.42
CA SER A 59 -1.32 -17.58 5.70
C SER A 59 -2.54 -16.81 6.23
N PRO A 60 -3.61 -17.54 6.59
CA PRO A 60 -4.85 -16.94 7.08
C PRO A 60 -4.72 -16.44 8.52
N HIS A 61 -3.50 -16.43 9.04
CA HIS A 61 -3.25 -15.99 10.41
C HIS A 61 -2.60 -14.61 10.43
N LYS A 62 -1.89 -14.27 9.36
CA LYS A 62 -1.22 -12.98 9.26
C LYS A 62 -2.15 -11.91 8.68
N PRO A 63 -2.27 -10.76 9.35
CA PRO A 63 -3.12 -9.65 8.87
C PRO A 63 -2.68 -9.15 7.51
N VAL A 64 -3.48 -8.27 6.92
CA VAL A 64 -3.17 -7.71 5.61
C VAL A 64 -2.92 -6.21 5.68
N SER A 65 -2.07 -5.71 4.79
CA SER A 65 -1.74 -4.29 4.75
C SER A 65 -2.54 -3.58 3.66
N ILE A 66 -3.11 -2.43 4.01
CA ILE A 66 -3.91 -1.66 3.06
C ILE A 66 -3.25 -0.32 2.74
N CYS A 67 -3.80 0.38 1.77
CA CYS A 67 -3.27 1.67 1.35
C CYS A 67 -4.32 2.76 1.50
N VAL A 68 -3.94 3.86 2.15
CA VAL A 68 -4.83 4.99 2.36
C VAL A 68 -4.10 6.30 2.09
N SER A 69 -4.81 7.42 2.23
CA SER A 69 -4.20 8.73 2.01
C SER A 69 -3.54 9.22 3.29
N CYS A 70 -4.25 9.02 4.41
CA CYS A 70 -3.75 9.43 5.72
C CYS A 70 -4.56 8.75 6.82
N VAL A 71 -4.03 8.81 8.04
CA VAL A 71 -4.72 8.22 9.19
C VAL A 71 -6.11 8.83 9.34
N ASP A 72 -6.24 10.09 8.96
CA ASP A 72 -7.52 10.79 9.03
C ASP A 72 -8.51 10.20 8.05
N GLU A 73 -8.01 9.63 6.96
CA GLU A 73 -8.86 9.03 5.95
C GLU A 73 -9.39 7.68 6.40
N ILE A 74 -8.72 7.06 7.36
CA ILE A 74 -9.14 5.76 7.89
C ILE A 74 -9.60 5.85 9.35
N PRO A 75 -10.62 6.68 9.66
CA PRO A 75 -11.13 6.81 11.03
C PRO A 75 -11.75 5.52 11.54
N ARG A 76 -12.95 5.20 11.05
CA ARG A 76 -13.64 3.99 11.44
C ARG A 76 -13.01 2.74 10.83
N PHE A 77 -11.79 2.89 10.32
CA PHE A 77 -11.09 1.76 9.70
C PHE A 77 -10.08 1.15 10.65
N SER A 78 -9.28 2.00 11.30
CA SER A 78 -8.28 1.55 12.25
C SER A 78 -8.32 2.38 13.52
N ARG A 79 -7.76 1.84 14.60
CA ARG A 79 -7.73 2.54 15.88
C ARG A 79 -6.30 2.77 16.34
N PRO A 80 -5.78 4.00 16.20
CA PRO A 80 -4.42 4.34 16.59
C PRO A 80 -4.35 5.07 17.92
N SER A 81 -3.19 5.67 18.21
CA SER A 81 -3.00 6.40 19.46
C SER A 81 -2.42 7.78 19.18
N GLY A 82 -2.46 8.64 20.20
CA GLY A 82 -1.94 9.99 20.05
C GLY A 82 -0.43 10.02 19.90
N ASP A 83 0.28 9.76 20.99
CA ASP A 83 1.75 9.75 20.97
C ASP A 83 2.27 8.78 19.91
N ALA A 84 1.56 7.69 19.72
CA ALA A 84 1.93 6.69 18.73
C ALA A 84 1.89 7.26 17.32
N MET A 85 0.91 8.12 17.07
CA MET A 85 0.75 8.75 15.77
C MET A 85 1.85 9.78 15.51
N GLU A 86 2.51 10.21 16.58
CA GLU A 86 3.60 11.18 16.46
C GLU A 86 4.82 10.53 15.83
N LEU A 87 5.19 9.35 16.33
CA LEU A 87 6.33 8.63 15.82
C LEU A 87 6.19 8.34 14.32
N MET A 88 4.98 7.98 13.91
CA MET A 88 4.72 7.67 12.51
C MET A 88 4.67 8.92 11.66
N GLU A 89 3.95 9.94 12.13
CA GLU A 89 3.82 11.19 11.41
C GLU A 89 5.17 11.81 11.10
N ARG A 90 6.20 11.32 11.77
CA ARG A 90 7.57 11.80 11.56
C ARG A 90 8.09 11.34 10.21
N ILE A 91 7.88 10.06 9.90
CA ILE A 91 8.33 9.49 8.63
C ILE A 91 7.15 9.22 7.70
N LEU A 92 6.33 10.24 7.47
CA LEU A 92 5.17 10.11 6.61
C LEU A 92 5.12 11.25 5.59
N PRO A 93 4.89 10.93 4.29
CA PRO A 93 4.71 9.56 3.83
C PRO A 93 6.02 8.79 3.70
N GLY A 94 6.00 7.68 2.98
CA GLY A 94 7.20 6.89 2.79
C GLY A 94 6.89 5.43 2.50
N PRO A 95 7.89 4.64 2.04
CA PRO A 95 7.70 3.23 1.73
C PRO A 95 7.72 2.34 2.98
N TYR A 96 7.15 2.86 4.06
CA TYR A 96 7.10 2.11 5.32
C TYR A 96 5.67 1.71 5.66
N THR A 97 5.52 0.53 6.25
CA THR A 97 4.20 0.03 6.63
C THR A 97 3.90 0.38 8.09
N VAL A 98 2.63 0.58 8.39
CA VAL A 98 2.20 0.92 9.75
C VAL A 98 1.12 -0.02 10.25
N VAL A 99 1.52 -0.97 11.09
CA VAL A 99 0.57 -1.94 11.65
C VAL A 99 0.04 -1.45 13.00
N LEU A 100 -1.27 -1.29 13.08
CA LEU A 100 -1.93 -0.85 14.30
C LEU A 100 -3.06 -1.81 14.68
N GLU A 101 -3.89 -1.40 15.63
CA GLU A 101 -5.03 -2.21 16.06
C GLU A 101 -6.14 -2.16 15.02
N ARG A 102 -7.14 -3.02 15.17
CA ARG A 102 -8.25 -3.07 14.24
C ARG A 102 -9.57 -2.77 14.94
N ASN A 103 -10.49 -2.13 14.20
CA ASN A 103 -11.79 -1.77 14.75
C ASN A 103 -12.69 -2.99 14.89
N GLU A 104 -14.01 -2.76 14.82
CA GLU A 104 -14.98 -3.84 14.94
C GLU A 104 -15.05 -4.69 13.66
N LEU A 105 -13.91 -4.81 12.98
CA LEU A 105 -13.86 -5.61 11.76
C LEU A 105 -14.00 -7.09 12.07
N ILE A 106 -15.23 -7.58 11.96
CA ILE A 106 -15.52 -9.00 12.24
C ILE A 106 -14.84 -9.92 11.24
N PRO A 107 -15.00 -9.67 9.92
CA PRO A 107 -14.37 -10.51 8.89
C PRO A 107 -12.89 -10.73 9.13
N ASP A 108 -12.52 -11.95 9.52
CA ASP A 108 -11.13 -12.29 9.79
C ASP A 108 -10.38 -12.57 8.49
N VAL A 109 -11.09 -12.48 7.37
CA VAL A 109 -10.49 -12.72 6.06
C VAL A 109 -9.54 -11.58 5.70
N ILE A 110 -9.74 -10.42 6.32
CA ILE A 110 -8.90 -9.26 6.07
C ILE A 110 -7.92 -9.02 7.22
N THR A 111 -8.45 -8.96 8.43
CA THR A 111 -7.63 -8.73 9.62
C THR A 111 -6.72 -9.93 9.88
N GLY A 112 -7.02 -11.05 9.23
CA GLY A 112 -6.23 -12.26 9.42
C GLY A 112 -6.56 -12.98 10.70
N GLY A 113 -5.61 -13.74 11.21
CA GLY A 113 -5.82 -14.48 12.45
C GLY A 113 -5.50 -13.65 13.68
N SER A 114 -5.18 -12.38 13.47
CA SER A 114 -4.84 -11.47 14.56
C SER A 114 -5.82 -10.30 14.63
N SER A 115 -5.73 -9.53 15.70
CA SER A 115 -6.60 -8.37 15.89
C SER A 115 -5.89 -7.08 15.50
N ARG A 116 -5.11 -7.15 14.42
CA ARG A 116 -4.37 -5.98 13.94
C ARG A 116 -4.46 -5.87 12.43
N VAL A 117 -4.20 -4.66 11.92
CA VAL A 117 -4.26 -4.41 10.48
C VAL A 117 -3.12 -3.49 10.06
N GLY A 118 -2.63 -3.67 8.84
CA GLY A 118 -1.55 -2.84 8.34
C GLY A 118 -2.05 -1.73 7.45
N ILE A 119 -1.36 -0.59 7.48
CA ILE A 119 -1.72 0.57 6.67
C ILE A 119 -0.47 1.36 6.30
N ARG A 120 -0.36 1.75 5.03
CA ARG A 120 0.80 2.50 4.58
C ARG A 120 0.42 3.54 3.53
N VAL A 121 1.13 4.67 3.54
CA VAL A 121 0.88 5.74 2.58
C VAL A 121 2.03 5.85 1.58
N PRO A 122 1.91 5.24 0.40
CA PRO A 122 2.95 5.27 -0.63
C PRO A 122 3.14 6.66 -1.22
N ASP A 123 4.07 6.77 -2.17
CA ASP A 123 4.35 8.04 -2.82
C ASP A 123 3.48 8.23 -4.05
N ASP A 124 2.55 7.30 -4.27
CA ASP A 124 1.65 7.37 -5.41
C ASP A 124 0.55 8.40 -5.18
N GLU A 125 0.68 9.55 -5.85
CA GLU A 125 -0.29 10.62 -5.72
C GLU A 125 -1.69 10.15 -6.10
N ILE A 126 -1.80 9.49 -7.25
CA ILE A 126 -3.09 8.98 -7.71
C ILE A 126 -3.70 8.01 -6.72
N CYS A 127 -2.89 7.04 -6.28
CA CYS A 127 -3.35 6.05 -5.32
C CYS A 127 -3.75 6.70 -4.00
N ARG A 128 -3.24 7.91 -3.77
CA ARG A 128 -3.54 8.64 -2.55
C ARG A 128 -4.96 9.23 -2.59
N ARG A 129 -5.44 9.49 -3.80
CA ARG A 129 -6.77 10.06 -3.99
C ARG A 129 -7.86 9.02 -3.74
N ILE A 130 -7.84 7.95 -4.54
CA ILE A 130 -8.82 6.87 -4.40
C ILE A 130 -8.79 6.27 -3.00
N ALA A 131 -7.58 6.01 -2.50
CA ALA A 131 -7.42 5.42 -1.18
C ALA A 131 -7.94 6.37 -0.09
N ALA A 132 -7.89 7.67 -0.38
CA ALA A 132 -8.37 8.67 0.57
C ALA A 132 -9.81 8.37 0.96
N ARG A 133 -10.66 8.21 -0.05
CA ARG A 133 -12.06 7.87 0.17
C ARG A 133 -12.18 6.39 0.53
N PHE A 134 -12.32 5.54 -0.48
CA PHE A 134 -12.41 4.11 -0.27
C PHE A 134 -11.04 3.50 0.02
N PRO A 135 -10.97 2.48 0.89
CA PRO A 135 -9.71 1.81 1.22
C PRO A 135 -9.23 0.92 0.07
N VAL A 136 -7.94 0.62 0.06
CA VAL A 136 -7.36 -0.20 -0.99
C VAL A 136 -6.46 -1.30 -0.44
N THR A 137 -6.38 -2.41 -1.15
CA THR A 137 -5.51 -3.52 -0.75
C THR A 137 -4.08 -3.23 -1.18
N ALA A 138 -3.12 -3.59 -0.32
CA ALA A 138 -1.71 -3.34 -0.61
C ALA A 138 -0.86 -4.57 -0.34
N THR A 139 -0.41 -5.21 -1.41
CA THR A 139 0.43 -6.41 -1.29
C THR A 139 1.62 -6.33 -2.23
N SER A 140 2.82 -6.42 -1.67
CA SER A 140 4.04 -6.37 -2.47
C SER A 140 4.20 -7.64 -3.31
N ALA A 141 4.05 -7.50 -4.62
CA ALA A 141 4.18 -8.63 -5.52
C ALA A 141 5.64 -8.96 -5.80
N ASN A 142 6.13 -10.03 -5.17
CA ASN A 142 7.52 -10.45 -5.35
C ASN A 142 7.65 -11.96 -5.19
N ILE A 143 6.58 -12.69 -5.49
CA ILE A 143 6.59 -14.14 -5.37
C ILE A 143 7.22 -14.79 -6.59
N SER A 144 6.87 -16.05 -6.84
CA SER A 144 7.42 -16.78 -7.99
C SER A 144 7.02 -16.11 -9.30
N GLY A 145 7.56 -16.62 -10.40
CA GLY A 145 7.25 -16.05 -11.71
C GLY A 145 8.09 -14.84 -12.03
N LYS A 146 7.47 -13.83 -12.62
CA LYS A 146 8.17 -12.60 -12.98
C LYS A 146 7.43 -11.37 -12.43
N PRO A 147 7.49 -11.16 -11.10
CA PRO A 147 6.81 -10.03 -10.46
C PRO A 147 7.28 -8.66 -10.97
N PRO A 148 8.60 -8.41 -11.09
CA PRO A 148 9.11 -7.13 -11.58
C PRO A 148 8.67 -6.85 -13.02
N SER A 149 8.12 -5.66 -13.24
CA SER A 149 7.64 -5.28 -14.56
C SER A 149 8.77 -4.70 -15.41
N PRO A 150 9.04 -5.30 -16.59
CA PRO A 150 10.11 -4.85 -17.48
C PRO A 150 9.57 -3.92 -18.57
N ARG A 151 8.31 -4.11 -18.94
CA ARG A 151 7.67 -3.29 -19.96
C ARG A 151 6.19 -3.11 -19.63
N LEU A 152 5.72 -1.86 -19.70
CA LEU A 152 4.32 -1.56 -19.40
C LEU A 152 3.38 -2.30 -20.34
N GLU A 153 3.80 -2.44 -21.60
CA GLU A 153 2.98 -3.13 -22.59
C GLU A 153 3.03 -4.64 -22.38
N GLU A 154 4.05 -5.10 -21.66
CA GLU A 154 4.22 -6.52 -21.40
C GLU A 154 3.12 -7.05 -20.50
N ILE A 155 2.80 -6.30 -19.44
CA ILE A 155 1.76 -6.71 -18.51
C ILE A 155 0.38 -6.65 -19.16
N VAL A 156 0.12 -5.58 -19.90
CA VAL A 156 -1.17 -5.41 -20.57
C VAL A 156 -1.49 -6.60 -21.46
N ARG A 157 -0.48 -7.10 -22.18
CA ARG A 157 -0.67 -8.22 -23.08
C ARG A 157 -0.80 -9.54 -22.32
N ASP A 158 0.18 -9.83 -21.46
CA ASP A 158 0.19 -11.08 -20.69
C ASP A 158 -1.09 -11.24 -19.87
N LEU A 159 -1.57 -10.14 -19.31
CA LEU A 159 -2.78 -10.17 -18.49
C LEU A 159 -3.92 -9.43 -19.17
N ASP A 160 -4.52 -10.08 -20.17
CA ASP A 160 -5.62 -9.50 -20.94
C ASP A 160 -6.55 -8.65 -20.07
N ALA A 161 -6.88 -9.17 -18.89
CA ALA A 161 -7.78 -8.45 -17.99
C ALA A 161 -7.53 -8.83 -16.53
N VAL A 162 -6.36 -9.38 -16.26
CA VAL A 162 -6.01 -9.76 -14.90
C VAL A 162 -5.53 -8.55 -14.09
N ASP A 163 -4.21 -8.37 -14.00
CA ASP A 163 -3.65 -7.23 -13.28
C ASP A 163 -3.36 -6.09 -14.24
N LEU A 164 -4.32 -5.19 -14.39
CA LEU A 164 -4.18 -4.06 -15.29
C LEU A 164 -2.93 -3.24 -14.94
N VAL A 165 -2.18 -2.87 -15.98
CA VAL A 165 -0.96 -2.12 -15.81
C VAL A 165 -1.23 -0.71 -15.28
N LEU A 166 -0.16 0.00 -14.95
CA LEU A 166 -0.27 1.38 -14.45
C LEU A 166 0.62 2.32 -15.26
N ASP A 167 0.02 3.39 -15.77
CA ASP A 167 0.75 4.35 -16.60
C ASP A 167 1.34 5.48 -15.78
N ALA A 168 0.99 5.54 -14.50
CA ALA A 168 1.50 6.59 -13.61
C ALA A 168 3.01 6.45 -13.46
N GLY A 169 3.48 5.22 -13.38
CA GLY A 169 4.92 4.97 -13.26
C GLY A 169 5.33 4.61 -11.84
N ASP A 170 6.56 4.11 -11.71
CA ASP A 170 7.10 3.73 -10.40
C ASP A 170 7.41 4.96 -9.57
N CYS A 171 8.38 4.85 -8.65
CA CYS A 171 8.75 5.96 -7.78
C CYS A 171 10.25 6.00 -7.49
N LEU A 172 10.76 4.96 -6.83
CA LEU A 172 12.17 4.94 -6.46
C LEU A 172 12.85 3.61 -6.86
N ASP A 173 13.70 3.09 -5.96
CA ASP A 173 14.46 1.88 -6.24
C ASP A 173 13.70 0.61 -5.87
N MET A 174 14.22 -0.52 -6.30
CA MET A 174 13.62 -1.82 -5.99
C MET A 174 13.81 -2.17 -4.52
N GLU A 175 14.45 -1.26 -3.77
CA GLU A 175 14.70 -1.49 -2.34
C GLU A 175 14.98 -0.17 -1.63
N PRO A 176 14.84 -0.12 -0.29
CA PRO A 176 14.46 -1.27 0.53
C PRO A 176 12.96 -1.31 0.85
N SER A 177 12.63 -1.86 2.01
CA SER A 177 11.24 -1.94 2.45
C SER A 177 11.16 -2.00 3.98
N THR A 178 10.48 -1.03 4.56
CA THR A 178 10.36 -0.96 6.01
C THR A 178 9.02 -1.50 6.49
N VAL A 179 9.06 -2.28 7.57
CA VAL A 179 7.85 -2.87 8.15
C VAL A 179 7.79 -2.59 9.65
N ILE A 180 6.89 -1.69 10.05
CA ILE A 180 6.75 -1.33 11.46
C ILE A 180 5.36 -1.65 11.99
N ASP A 181 5.32 -2.28 13.16
CA ASP A 181 4.05 -2.62 13.80
C ASP A 181 3.70 -1.57 14.86
N LEU A 182 3.39 -0.37 14.40
CA LEU A 182 3.04 0.74 15.29
C LEU A 182 1.70 0.50 15.97
N THR A 183 1.72 -0.19 17.11
CA THR A 183 0.51 -0.45 17.85
C THR A 183 0.15 0.74 18.72
N VAL A 184 0.78 0.83 19.89
CA VAL A 184 0.53 1.94 20.80
C VAL A 184 1.83 2.71 21.08
N ASN A 185 2.17 2.89 22.36
CA ASN A 185 3.38 3.63 22.72
C ASN A 185 4.64 2.97 22.16
N PRO A 186 4.84 1.65 22.41
CA PRO A 186 6.02 0.94 21.92
C PRO A 186 5.93 0.59 20.44
N PRO A 187 6.72 1.28 19.58
CA PRO A 187 6.72 1.04 18.15
C PRO A 187 7.64 -0.13 17.76
N ARG A 188 7.14 -1.02 16.93
CA ARG A 188 7.92 -2.17 16.49
C ARG A 188 8.65 -1.86 15.20
N VAL A 189 9.50 -0.84 15.24
CA VAL A 189 10.27 -0.43 14.06
C VAL A 189 11.15 -1.58 13.58
N LEU A 190 10.81 -2.13 12.42
CA LEU A 190 11.56 -3.23 11.84
C LEU A 190 11.86 -2.99 10.37
N ARG A 191 12.98 -2.32 10.10
CA ARG A 191 13.38 -2.02 8.73
C ARG A 191 14.27 -3.13 8.17
N ARG A 192 13.90 -3.64 7.01
CA ARG A 192 14.66 -4.71 6.37
C ARG A 192 15.85 -4.15 5.60
N GLY A 193 16.05 -2.84 5.70
CA GLY A 193 17.16 -2.20 5.01
C GLY A 193 18.41 -2.17 5.84
N LYS A 194 19.54 -1.84 5.21
CA LYS A 194 20.82 -1.78 5.90
C LYS A 194 21.30 -0.33 6.03
N GLY A 195 22.51 -0.17 6.55
CA GLY A 195 23.07 1.17 6.72
C GLY A 195 23.54 1.77 5.41
N PRO A 196 24.22 2.92 5.46
CA PRO A 196 24.72 3.59 4.24
C PRO A 196 25.92 2.87 3.64
N LEU A 197 25.64 1.85 2.83
CA LEU A 197 26.70 1.08 2.17
C LEU A 197 26.17 0.44 0.88
N ASP A 198 24.91 0.69 0.57
CA ASP A 198 24.29 0.14 -0.63
C ASP A 198 24.69 0.94 -1.88
N PRO A 199 24.55 2.27 -1.86
CA PRO A 199 24.91 3.11 -3.03
C PRO A 199 26.40 3.06 -3.34
N VAL A 200 26.75 3.45 -4.57
CA VAL A 200 28.14 3.45 -5.00
C VAL A 200 28.90 4.63 -4.40
N LEU A 201 30.21 4.63 -4.57
CA LEU A 201 31.06 5.70 -4.05
C LEU A 201 31.14 6.86 -5.02
N LEU A 202 30.08 7.66 -5.07
CA LEU A 202 30.03 8.82 -5.96
C LEU A 202 30.58 10.06 -5.27
N ARG A 203 30.62 10.04 -3.94
CA ARG A 203 31.13 11.16 -3.17
C ARG A 203 32.62 10.99 -2.88
N GLY A 204 33.08 9.74 -2.89
CA GLY A 204 34.47 9.47 -2.63
C GLY A 204 35.39 10.01 -3.71
N ALA A 205 36.26 10.94 -3.34
CA ALA A 205 37.19 11.54 -4.30
C ALA A 205 38.55 10.86 -4.23
N GLY A 206 39.27 10.89 -5.35
CA GLY A 206 40.58 10.27 -5.40
C GLY A 206 41.28 10.48 -6.73
N ASP A 207 41.03 9.59 -7.68
CA ASP A 207 41.63 9.69 -9.01
C ASP A 207 40.67 10.35 -9.99
N VAL A 208 39.37 10.16 -9.75
CA VAL A 208 38.35 10.74 -10.62
C VAL A 208 37.86 12.09 -10.07
N MET A 1 -10.71 29.55 9.32
CA MET A 1 -10.97 28.31 8.54
C MET A 1 -9.68 27.75 7.97
N LEU A 2 -9.71 26.46 7.62
CA LEU A 2 -8.55 25.80 7.05
C LEU A 2 -8.25 26.30 5.64
N ILE A 3 -7.31 25.65 4.97
CA ILE A 3 -6.93 26.04 3.61
C ILE A 3 -7.45 25.03 2.59
N ARG A 4 -7.93 23.90 3.09
CA ARG A 4 -8.47 22.85 2.22
C ARG A 4 -9.99 22.94 2.14
N LYS A 5 -10.48 23.41 0.99
CA LYS A 5 -11.92 23.54 0.78
C LYS A 5 -12.52 22.25 0.23
N ILE A 6 -13.76 22.32 -0.24
CA ILE A 6 -14.44 21.15 -0.79
C ILE A 6 -14.38 21.16 -2.31
N THR A 7 -14.16 19.98 -2.89
CA THR A 7 -14.09 19.85 -4.34
C THR A 7 -15.48 19.96 -4.97
N ARG A 8 -15.63 20.95 -5.85
CA ARG A 8 -16.91 21.16 -6.52
C ARG A 8 -17.08 20.20 -7.69
N LYS A 9 -16.41 20.49 -8.80
CA LYS A 9 -16.49 19.66 -9.99
C LYS A 9 -15.16 18.94 -10.23
N ASN A 10 -15.23 17.62 -10.42
CA ASN A 10 -14.03 16.83 -10.66
C ASN A 10 -13.98 16.33 -12.10
N PRO A 11 -12.81 16.38 -12.74
CA PRO A 11 -12.64 15.93 -14.13
C PRO A 11 -12.67 14.41 -14.25
N SER A 12 -12.44 13.91 -15.46
CA SER A 12 -12.44 12.47 -15.72
C SER A 12 -11.13 12.03 -16.34
N PRO A 13 -10.06 11.90 -15.51
CA PRO A 13 -8.74 11.49 -15.98
C PRO A 13 -8.77 10.11 -16.62
N ASP A 14 -7.90 9.89 -17.60
CA ASP A 14 -7.83 8.61 -18.29
C ASP A 14 -7.22 7.54 -17.40
N VAL A 15 -6.34 7.97 -16.50
CA VAL A 15 -5.67 7.05 -15.57
C VAL A 15 -6.63 6.60 -14.47
N LEU A 16 -7.54 7.49 -14.09
CA LEU A 16 -8.51 7.19 -13.04
C LEU A 16 -9.56 6.20 -13.52
N GLU A 17 -10.03 6.39 -14.75
CA GLU A 17 -11.04 5.51 -15.33
C GLU A 17 -10.45 4.17 -15.74
N GLU A 18 -9.14 4.12 -15.88
CA GLU A 18 -8.46 2.88 -16.26
C GLU A 18 -8.37 1.92 -15.08
N ALA A 19 -8.17 2.48 -13.88
CA ALA A 19 -8.06 1.67 -12.67
C ALA A 19 -9.40 1.10 -12.25
N ILE A 20 -10.45 1.91 -12.36
CA ILE A 20 -11.79 1.46 -11.96
C ILE A 20 -12.38 0.53 -13.01
N SER A 21 -11.81 0.54 -14.20
CA SER A 21 -12.28 -0.33 -15.28
C SER A 21 -11.93 -1.79 -15.02
N VAL A 22 -10.69 -2.03 -14.63
CA VAL A 22 -10.22 -3.38 -14.34
C VAL A 22 -10.80 -3.89 -13.03
N MET A 23 -11.10 -2.98 -12.12
CA MET A 23 -11.65 -3.35 -10.81
C MET A 23 -12.97 -4.08 -10.96
N GLU A 24 -13.88 -3.51 -11.77
CA GLU A 24 -15.17 -4.12 -12.00
C GLU A 24 -15.05 -5.38 -12.85
N GLY A 25 -13.88 -5.57 -13.45
CA GLY A 25 -13.64 -6.74 -14.27
C GLY A 25 -13.21 -7.95 -13.47
N GLY A 26 -13.14 -7.78 -12.15
CA GLY A 26 -12.74 -8.88 -11.28
C GLY A 26 -11.29 -9.29 -11.48
N GLY A 27 -10.41 -8.30 -11.58
CA GLY A 27 -9.00 -8.57 -11.77
C GLY A 27 -8.12 -7.86 -10.76
N ILE A 28 -6.84 -8.21 -10.73
CA ILE A 28 -5.91 -7.59 -9.80
C ILE A 28 -5.15 -6.45 -10.50
N VAL A 29 -4.87 -5.39 -9.75
CA VAL A 29 -4.17 -4.24 -10.30
C VAL A 29 -2.83 -4.05 -9.61
N ILE A 30 -1.80 -3.70 -10.37
CA ILE A 30 -0.47 -3.48 -9.81
C ILE A 30 -0.16 -1.98 -9.76
N TYR A 31 0.88 -1.62 -9.01
CA TYR A 31 1.27 -0.22 -8.90
C TYR A 31 2.57 -0.06 -8.13
N PRO A 32 3.68 0.20 -8.83
CA PRO A 32 4.99 0.41 -8.21
C PRO A 32 5.16 1.85 -7.72
N THR A 33 5.68 2.00 -6.51
CA THR A 33 5.87 3.33 -5.93
C THR A 33 7.33 3.61 -5.61
N ASP A 34 7.57 4.50 -4.66
CA ASP A 34 8.92 4.87 -4.26
C ASP A 34 9.74 3.66 -3.87
N THR A 35 9.05 2.57 -3.52
CA THR A 35 9.70 1.33 -3.12
C THR A 35 9.76 0.34 -4.28
N ILE A 36 9.11 -0.82 -4.13
CA ILE A 36 9.12 -1.83 -5.17
C ILE A 36 7.72 -2.00 -5.77
N TYR A 37 7.55 -3.04 -6.59
CA TYR A 37 6.27 -3.31 -7.22
C TYR A 37 5.21 -3.64 -6.18
N GLY A 38 4.05 -2.99 -6.28
CA GLY A 38 2.98 -3.22 -5.35
C GLY A 38 1.70 -3.66 -6.02
N LEU A 39 0.69 -3.97 -5.22
CA LEU A 39 -0.61 -4.41 -5.74
C LEU A 39 -1.75 -3.66 -5.05
N GLY A 40 -2.78 -3.34 -5.82
CA GLY A 40 -3.94 -2.66 -5.27
C GLY A 40 -5.23 -3.11 -5.94
N VAL A 41 -6.24 -3.37 -5.12
CA VAL A 41 -7.54 -3.81 -5.62
C VAL A 41 -8.66 -3.41 -4.67
N ASN A 42 -9.89 -3.54 -5.14
CA ASN A 42 -11.06 -3.21 -4.31
C ASN A 42 -11.03 -4.02 -3.01
N ALA A 43 -10.69 -3.34 -1.92
CA ALA A 43 -10.56 -4.00 -0.62
C ALA A 43 -11.86 -4.68 -0.18
N LEU A 44 -12.97 -3.94 -0.25
CA LEU A 44 -14.26 -4.47 0.18
C LEU A 44 -14.89 -5.37 -0.88
N ASP A 45 -14.06 -5.90 -1.76
CA ASP A 45 -14.51 -6.80 -2.81
C ASP A 45 -14.01 -8.21 -2.57
N GLU A 46 -14.64 -9.19 -3.21
CA GLU A 46 -14.23 -10.58 -3.08
C GLU A 46 -12.95 -10.84 -3.86
N ASP A 47 -12.73 -10.02 -4.89
CA ASP A 47 -11.54 -10.15 -5.72
C ASP A 47 -10.27 -9.96 -4.90
N ALA A 48 -10.39 -9.18 -3.83
CA ALA A 48 -9.26 -8.92 -2.94
C ALA A 48 -8.97 -10.12 -2.06
N VAL A 49 -9.99 -10.91 -1.80
CA VAL A 49 -9.85 -12.10 -0.96
C VAL A 49 -8.96 -13.13 -1.64
N ARG A 50 -9.31 -13.50 -2.87
CA ARG A 50 -8.54 -14.48 -3.63
C ARG A 50 -7.20 -13.90 -4.08
N ARG A 51 -7.13 -12.57 -4.14
CA ARG A 51 -5.91 -11.89 -4.56
C ARG A 51 -4.80 -12.07 -3.51
N LEU A 52 -5.21 -12.12 -2.25
CA LEU A 52 -4.28 -12.28 -1.15
C LEU A 52 -3.79 -13.72 -1.07
N PHE A 53 -4.72 -14.67 -1.22
CA PHE A 53 -4.38 -16.08 -1.16
C PHE A 53 -3.47 -16.48 -2.32
N ARG A 54 -3.68 -15.84 -3.47
CA ARG A 54 -2.90 -16.15 -4.66
C ARG A 54 -1.44 -15.75 -4.48
N VAL A 55 -1.21 -14.45 -4.28
CA VAL A 55 0.15 -13.93 -4.13
C VAL A 55 0.83 -14.50 -2.88
N LYS A 56 0.16 -14.41 -1.75
CA LYS A 56 0.72 -14.88 -0.48
C LYS A 56 0.59 -16.40 -0.36
N GLY A 57 -0.64 -16.88 -0.16
CA GLY A 57 -0.88 -18.30 -0.01
C GLY A 57 -0.27 -18.86 1.26
N ARG A 58 0.57 -18.08 1.94
CA ARG A 58 1.21 -18.52 3.17
C ARG A 58 0.81 -17.62 4.33
N SER A 59 -0.47 -17.23 4.37
CA SER A 59 -0.97 -16.36 5.42
C SER A 59 -2.39 -16.76 5.84
N PRO A 60 -2.55 -17.98 6.39
CA PRO A 60 -3.86 -18.48 6.83
C PRO A 60 -4.59 -17.49 7.75
N HIS A 61 -4.04 -17.28 8.94
CA HIS A 61 -4.64 -16.37 9.90
C HIS A 61 -3.82 -15.09 10.03
N LYS A 62 -3.05 -14.77 9.00
CA LYS A 62 -2.22 -13.58 9.01
C LYS A 62 -2.97 -12.36 8.49
N PRO A 63 -2.67 -11.16 9.01
CA PRO A 63 -3.33 -9.92 8.61
C PRO A 63 -2.87 -9.45 7.23
N VAL A 64 -3.67 -8.59 6.60
CA VAL A 64 -3.34 -8.06 5.28
C VAL A 64 -3.06 -6.56 5.36
N SER A 65 -2.22 -6.07 4.45
CA SER A 65 -1.87 -4.66 4.41
C SER A 65 -2.76 -3.89 3.45
N ILE A 66 -3.25 -2.74 3.90
CA ILE A 66 -4.11 -1.89 3.08
C ILE A 66 -3.44 -0.55 2.80
N CYS A 67 -4.04 0.25 1.93
CA CYS A 67 -3.52 1.55 1.58
C CYS A 67 -4.51 2.66 1.93
N VAL A 68 -4.01 3.74 2.51
CA VAL A 68 -4.87 4.85 2.90
C VAL A 68 -4.23 6.19 2.51
N SER A 69 -4.91 7.29 2.81
CA SER A 69 -4.40 8.62 2.48
C SER A 69 -3.28 9.04 3.43
N CYS A 70 -3.53 8.90 4.73
CA CYS A 70 -2.54 9.28 5.73
C CYS A 70 -2.87 8.68 7.10
N VAL A 71 -2.02 8.98 8.07
CA VAL A 71 -2.19 8.49 9.43
C VAL A 71 -3.58 8.82 9.95
N ASP A 72 -4.06 10.03 9.66
CA ASP A 72 -5.38 10.46 10.09
C ASP A 72 -6.50 9.71 9.35
N GLU A 73 -6.21 9.27 8.13
CA GLU A 73 -7.21 8.61 7.29
C GLU A 73 -7.43 7.14 7.64
N ILE A 74 -6.58 6.58 8.51
CA ILE A 74 -6.71 5.17 8.88
C ILE A 74 -7.62 4.92 10.09
N PRO A 75 -7.58 5.79 11.13
CA PRO A 75 -8.40 5.61 12.34
C PRO A 75 -9.84 5.21 12.05
N ARG A 76 -10.31 5.53 10.85
CA ARG A 76 -11.67 5.20 10.45
C ARG A 76 -11.95 3.71 10.61
N PHE A 77 -11.17 2.89 9.92
CA PHE A 77 -11.33 1.43 9.98
C PHE A 77 -10.20 0.79 10.77
N SER A 78 -9.32 1.61 11.32
CA SER A 78 -8.18 1.11 12.10
C SER A 78 -8.24 1.60 13.53
N ARG A 79 -7.27 1.21 14.35
CA ARG A 79 -7.22 1.61 15.74
C ARG A 79 -5.83 2.14 16.12
N PRO A 80 -5.64 3.46 16.05
CA PRO A 80 -4.36 4.10 16.35
C PRO A 80 -4.33 4.74 17.73
N SER A 81 -3.32 5.58 17.97
CA SER A 81 -3.18 6.26 19.25
C SER A 81 -2.63 7.66 19.06
N GLY A 82 -2.51 8.41 20.16
CA GLY A 82 -2.01 9.77 20.09
C GLY A 82 -0.50 9.84 19.87
N ASP A 83 0.26 9.71 20.96
CA ASP A 83 1.71 9.77 20.88
C ASP A 83 2.26 8.75 19.89
N ALA A 84 1.57 7.61 19.80
CA ALA A 84 1.99 6.54 18.88
C ALA A 84 1.98 7.02 17.44
N MET A 85 0.89 7.66 17.03
CA MET A 85 0.75 8.16 15.67
C MET A 85 1.64 9.38 15.44
N GLU A 86 2.12 9.97 16.53
CA GLU A 86 3.01 11.13 16.44
C GLU A 86 4.33 10.72 15.79
N LEU A 87 4.89 9.61 16.26
CA LEU A 87 6.13 9.07 15.72
C LEU A 87 5.96 8.72 14.25
N MET A 88 4.79 8.18 13.92
CA MET A 88 4.49 7.80 12.54
C MET A 88 4.41 9.03 11.64
N GLU A 89 3.75 10.08 12.13
CA GLU A 89 3.60 11.31 11.36
C GLU A 89 4.94 11.96 11.08
N ARG A 90 5.95 11.54 11.82
CA ARG A 90 7.29 12.10 11.66
C ARG A 90 7.91 11.64 10.33
N ILE A 91 7.68 10.39 9.96
CA ILE A 91 8.22 9.84 8.73
C ILE A 91 7.10 9.48 7.75
N LEU A 92 6.20 10.42 7.51
CA LEU A 92 5.08 10.20 6.61
C LEU A 92 4.95 11.36 5.61
N PRO A 93 4.75 11.06 4.31
CA PRO A 93 4.68 9.68 3.81
C PRO A 93 6.05 9.04 3.66
N GLY A 94 6.13 7.96 2.88
CA GLY A 94 7.39 7.29 2.68
C GLY A 94 7.22 5.83 2.32
N PRO A 95 8.29 5.17 1.84
CA PRO A 95 8.24 3.75 1.45
C PRO A 95 8.37 2.82 2.64
N TYR A 96 7.69 3.16 3.73
CA TYR A 96 7.73 2.34 4.95
C TYR A 96 6.38 1.69 5.19
N THR A 97 6.39 0.58 5.93
CA THR A 97 5.17 -0.13 6.27
C THR A 97 4.64 0.31 7.63
N VAL A 98 3.34 0.55 7.71
CA VAL A 98 2.72 1.00 8.94
C VAL A 98 1.62 0.04 9.40
N VAL A 99 1.95 -0.84 10.33
CA VAL A 99 0.99 -1.79 10.86
C VAL A 99 0.36 -1.27 12.14
N LEU A 100 -0.97 -1.28 12.18
CA LEU A 100 -1.74 -0.80 13.33
C LEU A 100 -2.72 -1.86 13.81
N GLU A 101 -3.50 -1.53 14.83
CA GLU A 101 -4.52 -2.44 15.34
C GLU A 101 -5.72 -2.48 14.40
N ARG A 102 -6.74 -3.25 14.76
CA ARG A 102 -7.94 -3.36 13.93
C ARG A 102 -9.18 -2.89 14.68
N ASN A 103 -10.03 -2.14 13.98
CA ASN A 103 -11.27 -1.62 14.57
C ASN A 103 -12.30 -2.73 14.72
N GLU A 104 -13.54 -2.33 15.02
CA GLU A 104 -14.63 -3.30 15.19
C GLU A 104 -15.13 -3.82 13.84
N LEU A 105 -14.20 -4.03 12.90
CA LEU A 105 -14.56 -4.53 11.58
C LEU A 105 -14.96 -6.00 11.64
N ILE A 106 -16.08 -6.32 11.00
CA ILE A 106 -16.58 -7.70 10.98
C ILE A 106 -15.74 -8.59 10.07
N PRO A 107 -15.49 -8.17 8.80
CA PRO A 107 -14.70 -8.97 7.85
C PRO A 107 -13.38 -9.44 8.44
N ASP A 108 -13.28 -10.74 8.69
CA ASP A 108 -12.07 -11.33 9.26
C ASP A 108 -11.02 -11.58 8.19
N VAL A 109 -11.46 -11.58 6.95
CA VAL A 109 -10.55 -11.82 5.82
C VAL A 109 -9.59 -10.66 5.63
N ILE A 110 -9.96 -9.50 6.12
CA ILE A 110 -9.11 -8.31 6.01
C ILE A 110 -8.24 -8.13 7.24
N THR A 111 -8.84 -8.33 8.42
CA THR A 111 -8.11 -8.18 9.67
C THR A 111 -7.32 -9.45 9.99
N GLY A 112 -7.51 -10.48 9.16
CA GLY A 112 -6.81 -11.74 9.37
C GLY A 112 -7.33 -12.50 10.58
N GLY A 113 -6.61 -13.56 10.96
CA GLY A 113 -7.01 -14.35 12.10
C GLY A 113 -6.65 -13.69 13.41
N SER A 114 -6.01 -12.53 13.34
CA SER A 114 -5.60 -11.79 14.53
C SER A 114 -6.36 -10.47 14.64
N SER A 115 -5.97 -9.64 15.61
CA SER A 115 -6.61 -8.36 15.83
C SER A 115 -5.72 -7.21 15.36
N ARG A 116 -5.05 -7.42 14.23
CA ARG A 116 -4.16 -6.40 13.67
C ARG A 116 -4.34 -6.28 12.16
N VAL A 117 -4.04 -5.10 11.64
CA VAL A 117 -4.16 -4.85 10.21
C VAL A 117 -2.98 -4.00 9.72
N GLY A 118 -2.53 -4.27 8.50
CA GLY A 118 -1.42 -3.52 7.94
C GLY A 118 -1.88 -2.31 7.15
N ILE A 119 -0.99 -1.32 7.04
CA ILE A 119 -1.30 -0.10 6.31
C ILE A 119 -0.06 0.41 5.58
N ARG A 120 -0.26 1.11 4.47
CA ARG A 120 0.85 1.63 3.68
C ARG A 120 0.50 2.99 3.08
N VAL A 121 1.35 3.98 3.32
CA VAL A 121 1.14 5.32 2.80
C VAL A 121 2.19 5.66 1.73
N PRO A 122 2.02 5.16 0.50
CA PRO A 122 2.96 5.41 -0.60
C PRO A 122 2.91 6.85 -1.08
N ASP A 123 3.68 7.15 -2.12
CA ASP A 123 3.72 8.48 -2.69
C ASP A 123 2.69 8.64 -3.80
N ASP A 124 1.86 7.62 -3.98
CA ASP A 124 0.84 7.64 -5.01
C ASP A 124 -0.23 8.69 -4.70
N GLU A 125 -0.13 9.84 -5.36
CA GLU A 125 -1.09 10.92 -5.17
C GLU A 125 -2.51 10.46 -5.47
N ILE A 126 -2.67 9.76 -6.58
CA ILE A 126 -3.98 9.26 -6.98
C ILE A 126 -4.54 8.28 -5.96
N CYS A 127 -3.76 7.25 -5.64
CA CYS A 127 -4.17 6.24 -4.67
C CYS A 127 -4.47 6.88 -3.31
N ARG A 128 -3.87 8.04 -3.07
CA ARG A 128 -4.07 8.75 -1.81
C ARG A 128 -5.49 9.30 -1.71
N ARG A 129 -6.03 9.74 -2.84
CA ARG A 129 -7.38 10.29 -2.88
C ARG A 129 -8.42 9.21 -2.67
N ILE A 130 -8.36 8.15 -3.48
CA ILE A 130 -9.31 7.05 -3.37
C ILE A 130 -9.24 6.38 -2.01
N ALA A 131 -8.02 6.06 -1.59
CA ALA A 131 -7.81 5.40 -0.30
C ALA A 131 -8.32 6.27 0.85
N ALA A 132 -8.30 7.58 0.65
CA ALA A 132 -8.78 8.51 1.66
C ALA A 132 -10.21 8.15 2.03
N ARG A 133 -11.08 8.12 1.03
CA ARG A 133 -12.47 7.72 1.23
C ARG A 133 -12.56 6.20 1.38
N PHE A 134 -12.73 5.52 0.26
CA PHE A 134 -12.81 4.06 0.25
C PHE A 134 -11.42 3.44 0.40
N PRO A 135 -11.24 2.51 1.36
CA PRO A 135 -9.96 1.84 1.57
C PRO A 135 -9.62 0.90 0.42
N VAL A 136 -8.33 0.65 0.21
CA VAL A 136 -7.90 -0.23 -0.87
C VAL A 136 -6.88 -1.24 -0.38
N THR A 137 -6.77 -2.37 -1.09
CA THR A 137 -5.81 -3.40 -0.73
C THR A 137 -4.43 -3.03 -1.26
N ALA A 138 -3.40 -3.28 -0.46
CA ALA A 138 -2.03 -2.95 -0.86
C ALA A 138 -1.02 -3.99 -0.38
N THR A 139 -0.45 -4.72 -1.33
CA THR A 139 0.55 -5.73 -1.01
C THR A 139 1.67 -5.72 -2.05
N SER A 140 2.91 -5.83 -1.59
CA SER A 140 4.07 -5.81 -2.48
C SER A 140 4.14 -7.09 -3.32
N ALA A 141 4.23 -6.91 -4.63
CA ALA A 141 4.33 -8.05 -5.55
C ALA A 141 5.78 -8.47 -5.76
N ASN A 142 6.22 -9.45 -4.96
CA ASN A 142 7.59 -9.95 -5.07
C ASN A 142 7.69 -11.39 -4.57
N ILE A 143 6.57 -12.11 -4.66
CA ILE A 143 6.53 -13.51 -4.23
C ILE A 143 7.14 -14.43 -5.28
N SER A 144 6.73 -15.69 -5.27
CA SER A 144 7.26 -16.67 -6.22
C SER A 144 7.06 -16.21 -7.65
N GLY A 145 7.81 -16.83 -8.57
CA GLY A 145 7.71 -16.46 -9.97
C GLY A 145 8.55 -15.25 -10.31
N LYS A 146 8.06 -14.42 -11.22
CA LYS A 146 8.77 -13.21 -11.62
C LYS A 146 7.87 -11.98 -11.51
N PRO A 147 7.47 -11.60 -10.28
CA PRO A 147 6.58 -10.45 -10.05
C PRO A 147 7.17 -9.12 -10.56
N PRO A 148 8.45 -8.80 -10.26
CA PRO A 148 9.06 -7.55 -10.71
C PRO A 148 9.24 -7.49 -12.22
N SER A 149 8.39 -6.69 -12.88
CA SER A 149 8.46 -6.57 -14.33
C SER A 149 9.25 -5.32 -14.74
N PRO A 150 10.14 -5.45 -15.75
CA PRO A 150 10.97 -4.35 -16.21
C PRO A 150 10.36 -3.62 -17.41
N ARG A 151 9.33 -4.22 -18.00
CA ARG A 151 8.66 -3.64 -19.16
C ARG A 151 7.16 -3.57 -18.93
N LEU A 152 6.63 -2.35 -18.81
CA LEU A 152 5.22 -2.14 -18.58
C LEU A 152 4.38 -2.81 -19.66
N GLU A 153 4.90 -2.85 -20.88
CA GLU A 153 4.19 -3.45 -22.00
C GLU A 153 4.21 -4.98 -21.92
N GLU A 154 5.21 -5.52 -21.23
CA GLU A 154 5.34 -6.97 -21.09
C GLU A 154 4.28 -7.54 -20.15
N ILE A 155 3.87 -6.74 -19.17
CA ILE A 155 2.88 -7.19 -18.19
C ILE A 155 1.48 -7.20 -18.79
N VAL A 156 1.09 -6.09 -19.40
CA VAL A 156 -0.23 -5.95 -20.01
C VAL A 156 -0.43 -6.96 -21.14
N ARG A 157 0.64 -7.21 -21.88
CA ARG A 157 0.58 -8.14 -23.01
C ARG A 157 0.49 -9.59 -22.53
N ASP A 158 1.39 -9.98 -21.63
CA ASP A 158 1.42 -11.34 -21.11
C ASP A 158 0.21 -11.63 -20.24
N LEU A 159 -0.39 -10.58 -19.68
CA LEU A 159 -1.55 -10.73 -18.81
C LEU A 159 -2.80 -10.16 -19.47
N ASP A 160 -3.38 -10.95 -20.38
CA ASP A 160 -4.57 -10.55 -21.14
C ASP A 160 -5.45 -9.58 -20.36
N ALA A 161 -5.77 -9.92 -19.12
CA ALA A 161 -6.59 -9.08 -18.27
C ALA A 161 -6.46 -9.46 -16.80
N VAL A 162 -5.30 -10.04 -16.45
CA VAL A 162 -5.05 -10.44 -15.07
C VAL A 162 -4.61 -9.24 -14.22
N ASP A 163 -3.29 -9.03 -14.14
CA ASP A 163 -2.75 -7.93 -13.38
C ASP A 163 -2.60 -6.69 -14.25
N LEU A 164 -3.66 -5.89 -14.32
CA LEU A 164 -3.67 -4.68 -15.13
C LEU A 164 -2.53 -3.75 -14.75
N VAL A 165 -1.78 -3.32 -15.77
CA VAL A 165 -0.65 -2.42 -15.56
C VAL A 165 -1.12 -1.05 -15.07
N LEU A 166 -0.19 -0.11 -14.99
CA LEU A 166 -0.51 1.24 -14.53
C LEU A 166 -0.04 2.29 -15.54
N ASP A 167 -0.67 3.46 -15.51
CA ASP A 167 -0.33 4.54 -16.43
C ASP A 167 0.71 5.47 -15.81
N ALA A 168 0.82 5.43 -14.48
CA ALA A 168 1.77 6.27 -13.76
C ALA A 168 3.16 5.65 -13.74
N GLY A 169 3.23 4.39 -13.33
CA GLY A 169 4.49 3.69 -13.27
C GLY A 169 5.14 3.75 -11.91
N ASP A 170 6.47 3.57 -11.87
CA ASP A 170 7.22 3.61 -10.62
C ASP A 170 7.29 5.03 -10.06
N CYS A 171 8.21 5.25 -9.13
CA CYS A 171 8.36 6.57 -8.51
C CYS A 171 9.81 6.82 -8.09
N LEU A 172 10.33 5.99 -7.18
CA LEU A 172 11.69 6.18 -6.67
C LEU A 172 12.56 4.94 -6.90
N ASP A 173 13.24 4.50 -5.83
CA ASP A 173 14.14 3.35 -5.93
C ASP A 173 13.40 2.03 -5.74
N MET A 174 13.85 1.01 -6.47
CA MET A 174 13.25 -0.32 -6.37
C MET A 174 13.55 -0.95 -5.02
N GLU A 175 14.51 -0.40 -4.30
CA GLU A 175 14.89 -0.91 -2.99
C GLU A 175 15.52 0.19 -2.14
N PRO A 176 15.58 0.02 -0.80
CA PRO A 176 15.08 -1.17 -0.11
C PRO A 176 13.60 -1.04 0.28
N SER A 177 13.25 -1.57 1.45
CA SER A 177 11.88 -1.52 1.94
C SER A 177 11.84 -1.58 3.47
N THR A 178 11.08 -0.66 4.07
CA THR A 178 10.97 -0.60 5.52
C THR A 178 9.66 -1.22 6.00
N VAL A 179 9.72 -1.92 7.13
CA VAL A 179 8.54 -2.54 7.70
C VAL A 179 8.38 -2.18 9.18
N ILE A 180 7.37 -1.37 9.48
CA ILE A 180 7.12 -0.94 10.85
C ILE A 180 5.73 -1.38 11.33
N ASP A 181 5.69 -2.09 12.44
CA ASP A 181 4.42 -2.55 13.01
C ASP A 181 4.02 -1.66 14.19
N LEU A 182 3.74 -0.40 13.90
CA LEU A 182 3.37 0.57 14.93
C LEU A 182 1.99 0.26 15.51
N THR A 183 1.95 -0.65 16.48
CA THR A 183 0.68 -1.00 17.12
C THR A 183 0.21 0.12 18.03
N VAL A 184 0.77 0.18 19.24
CA VAL A 184 0.41 1.23 20.18
C VAL A 184 1.63 2.06 20.58
N ASN A 185 1.95 2.11 21.88
CA ASN A 185 3.07 2.90 22.37
C ASN A 185 4.40 2.38 21.81
N PRO A 186 4.70 1.07 21.95
CA PRO A 186 5.95 0.50 21.46
C PRO A 186 5.93 0.26 19.95
N PRO A 187 6.72 1.06 19.19
CA PRO A 187 6.78 0.93 17.74
C PRO A 187 7.70 -0.20 17.29
N ARG A 188 7.19 -1.08 16.45
CA ARG A 188 7.97 -2.20 15.95
C ARG A 188 8.75 -1.82 14.69
N VAL A 189 9.38 -0.65 14.73
CA VAL A 189 10.16 -0.15 13.60
C VAL A 189 11.24 -1.15 13.21
N LEU A 190 10.94 -1.98 12.22
CA LEU A 190 11.88 -3.01 11.76
C LEU A 190 12.19 -2.83 10.28
N ARG A 191 13.16 -1.98 9.98
CA ARG A 191 13.56 -1.73 8.60
C ARG A 191 14.60 -2.75 8.14
N ARG A 192 14.48 -3.19 6.89
CA ARG A 192 15.41 -4.16 6.33
C ARG A 192 16.79 -3.55 6.16
N GLY A 193 17.63 -3.68 7.19
CA GLY A 193 18.97 -3.12 7.13
C GLY A 193 20.00 -4.15 6.67
N LYS A 194 19.97 -4.47 5.38
CA LYS A 194 20.92 -5.43 4.82
C LYS A 194 22.05 -4.70 4.10
N GLY A 195 21.85 -3.41 3.85
CA GLY A 195 22.87 -2.62 3.18
C GLY A 195 24.02 -2.25 4.11
N PRO A 196 23.77 -1.40 5.12
CA PRO A 196 24.81 -1.00 6.07
C PRO A 196 25.26 -2.14 6.97
N LEU A 197 25.99 -1.81 8.03
CA LEU A 197 26.47 -2.82 8.96
C LEU A 197 26.32 -2.36 10.40
N ASP A 198 27.18 -1.42 10.81
CA ASP A 198 27.14 -0.89 12.17
C ASP A 198 26.02 0.14 12.32
N PRO A 199 25.07 -0.10 13.23
CA PRO A 199 23.95 0.81 13.47
C PRO A 199 24.39 2.11 14.14
N VAL A 200 25.34 1.99 15.06
CA VAL A 200 25.85 3.15 15.78
C VAL A 200 26.67 4.05 14.86
N LEU A 201 26.86 5.30 15.27
CA LEU A 201 27.62 6.26 14.49
C LEU A 201 28.90 6.67 15.22
N LEU A 202 30.03 6.15 14.79
CA LEU A 202 31.32 6.45 15.40
C LEU A 202 31.78 7.86 15.03
N ARG A 203 32.97 8.23 15.49
CA ARG A 203 33.53 9.54 15.21
C ARG A 203 34.26 9.54 13.86
N GLY A 204 34.96 8.45 13.58
CA GLY A 204 35.70 8.34 12.34
C GLY A 204 34.83 7.86 11.19
N ALA A 205 35.39 7.87 9.98
CA ALA A 205 34.67 7.43 8.80
C ALA A 205 35.12 6.05 8.36
N GLY A 206 36.40 5.75 8.56
CA GLY A 206 36.94 4.47 8.17
C GLY A 206 38.44 4.37 8.40
N ASP A 207 38.84 4.38 9.66
CA ASP A 207 40.26 4.30 10.01
C ASP A 207 40.60 2.93 10.61
N VAL A 208 39.66 2.00 10.51
CA VAL A 208 39.85 0.66 11.04
C VAL A 208 40.02 -0.36 9.92
N MET A 1 -11.77 38.50 -2.36
CA MET A 1 -11.54 37.17 -2.98
C MET A 1 -11.62 37.24 -4.51
N LEU A 2 -11.27 36.14 -5.16
CA LEU A 2 -11.32 36.08 -6.62
C LEU A 2 -12.44 35.16 -7.09
N ILE A 3 -12.61 35.05 -8.41
CA ILE A 3 -13.64 34.21 -8.98
C ILE A 3 -13.24 32.74 -8.93
N ARG A 4 -14.23 31.86 -8.81
CA ARG A 4 -13.98 30.43 -8.75
C ARG A 4 -14.40 29.75 -10.05
N LYS A 5 -14.00 28.49 -10.21
CA LYS A 5 -14.33 27.73 -11.41
C LYS A 5 -15.82 27.40 -11.46
N ILE A 6 -16.27 26.90 -12.61
CA ILE A 6 -17.67 26.53 -12.79
C ILE A 6 -17.94 25.13 -12.27
N THR A 7 -16.92 24.27 -12.32
CA THR A 7 -17.05 22.90 -11.86
C THR A 7 -17.21 22.84 -10.36
N ARG A 8 -18.35 22.31 -9.90
CA ARG A 8 -18.62 22.19 -8.47
C ARG A 8 -18.19 20.83 -7.94
N LYS A 9 -18.61 19.77 -8.64
CA LYS A 9 -18.27 18.41 -8.23
C LYS A 9 -16.86 18.04 -8.71
N ASN A 10 -16.28 17.03 -8.07
CA ASN A 10 -14.93 16.58 -8.43
C ASN A 10 -14.97 15.68 -9.66
N PRO A 11 -14.21 16.02 -10.72
CA PRO A 11 -14.17 15.24 -11.95
C PRO A 11 -13.38 13.94 -11.79
N SER A 12 -13.38 13.12 -12.84
CA SER A 12 -12.67 11.85 -12.82
C SER A 12 -11.64 11.79 -13.95
N PRO A 13 -10.35 12.05 -13.64
CA PRO A 13 -9.29 12.01 -14.65
C PRO A 13 -9.22 10.68 -15.39
N ASP A 14 -8.44 10.65 -16.47
CA ASP A 14 -8.29 9.44 -17.27
C ASP A 14 -7.70 8.30 -16.45
N VAL A 15 -6.77 8.65 -15.55
CA VAL A 15 -6.12 7.65 -14.71
C VAL A 15 -7.10 7.01 -13.75
N LEU A 16 -7.81 7.85 -13.00
CA LEU A 16 -8.80 7.36 -12.03
C LEU A 16 -9.87 6.55 -12.73
N GLU A 17 -10.18 6.93 -13.97
CA GLU A 17 -11.20 6.24 -14.76
C GLU A 17 -10.71 4.89 -15.21
N GLU A 18 -9.40 4.79 -15.49
CA GLU A 18 -8.80 3.54 -15.93
C GLU A 18 -8.71 2.56 -14.76
N ALA A 19 -8.43 3.10 -13.58
CA ALA A 19 -8.32 2.28 -12.37
C ALA A 19 -9.70 1.86 -11.89
N ILE A 20 -10.64 2.79 -11.90
CA ILE A 20 -12.00 2.53 -11.45
C ILE A 20 -12.71 1.54 -12.38
N SER A 21 -12.33 1.56 -13.66
CA SER A 21 -12.93 0.67 -14.65
C SER A 21 -12.56 -0.78 -14.36
N VAL A 22 -11.29 -1.03 -14.04
CA VAL A 22 -10.82 -2.38 -13.75
C VAL A 22 -11.46 -2.91 -12.48
N MET A 23 -11.80 -2.01 -11.57
CA MET A 23 -12.41 -2.39 -10.30
C MET A 23 -13.77 -3.05 -10.54
N GLU A 24 -14.57 -2.45 -11.43
CA GLU A 24 -15.89 -2.98 -11.74
C GLU A 24 -15.78 -4.22 -12.63
N GLY A 25 -14.62 -4.40 -13.25
CA GLY A 25 -14.41 -5.54 -14.12
C GLY A 25 -14.06 -6.80 -13.35
N GLY A 26 -13.98 -6.68 -12.02
CA GLY A 26 -13.64 -7.81 -11.19
C GLY A 26 -12.23 -8.30 -11.41
N GLY A 27 -11.30 -7.36 -11.56
CA GLY A 27 -9.90 -7.71 -11.78
C GLY A 27 -8.99 -7.09 -10.74
N ILE A 28 -7.72 -7.49 -10.76
CA ILE A 28 -6.74 -6.96 -9.81
C ILE A 28 -5.95 -5.82 -10.44
N VAL A 29 -5.69 -4.79 -9.65
CA VAL A 29 -4.93 -3.64 -10.12
C VAL A 29 -3.62 -3.51 -9.35
N ILE A 30 -2.52 -3.36 -10.07
CA ILE A 30 -1.20 -3.24 -9.43
C ILE A 30 -0.75 -1.78 -9.40
N TYR A 31 0.32 -1.52 -8.64
CA TYR A 31 0.84 -0.17 -8.51
C TYR A 31 2.20 -0.15 -7.83
N PRO A 32 3.29 0.01 -8.59
CA PRO A 32 4.64 0.07 -8.04
C PRO A 32 4.98 1.48 -7.54
N THR A 33 5.73 1.55 -6.45
CA THR A 33 6.12 2.85 -5.88
C THR A 33 7.64 2.97 -5.78
N ASP A 34 8.10 3.88 -4.93
CA ASP A 34 9.52 4.12 -4.74
C ASP A 34 10.19 2.91 -4.08
N THR A 35 9.40 2.13 -3.34
CA THR A 35 9.92 0.96 -2.65
C THR A 35 9.86 -0.29 -3.53
N ILE A 36 8.74 -1.01 -3.48
CA ILE A 36 8.57 -2.22 -4.27
C ILE A 36 7.21 -2.25 -4.96
N TYR A 37 6.98 -3.27 -5.79
CA TYR A 37 5.71 -3.41 -6.48
C TYR A 37 4.61 -3.75 -5.49
N GLY A 38 3.41 -3.20 -5.71
CA GLY A 38 2.32 -3.45 -4.80
C GLY A 38 1.03 -3.79 -5.51
N LEU A 39 0.00 -4.09 -4.73
CA LEU A 39 -1.31 -4.43 -5.29
C LEU A 39 -2.38 -3.53 -4.70
N GLY A 40 -3.36 -3.18 -5.52
CA GLY A 40 -4.45 -2.33 -5.06
C GLY A 40 -5.76 -2.69 -5.72
N VAL A 41 -6.77 -2.96 -4.91
CA VAL A 41 -8.08 -3.33 -5.41
C VAL A 41 -9.17 -3.03 -4.40
N ASN A 42 -10.42 -3.30 -4.77
CA ASN A 42 -11.55 -3.08 -3.88
C ASN A 42 -11.35 -3.84 -2.57
N ALA A 43 -11.37 -3.10 -1.46
CA ALA A 43 -11.15 -3.68 -0.14
C ALA A 43 -12.15 -4.79 0.17
N LEU A 44 -13.43 -4.44 0.19
CA LEU A 44 -14.48 -5.41 0.52
C LEU A 44 -14.84 -6.29 -0.67
N ASP A 45 -13.84 -6.64 -1.47
CA ASP A 45 -14.05 -7.50 -2.63
C ASP A 45 -13.42 -8.87 -2.41
N GLU A 46 -14.01 -9.89 -3.02
CA GLU A 46 -13.49 -11.25 -2.90
C GLU A 46 -12.24 -11.43 -3.75
N ASP A 47 -12.06 -10.52 -4.71
CA ASP A 47 -10.90 -10.57 -5.60
C ASP A 47 -9.64 -10.16 -4.85
N ALA A 48 -9.81 -9.36 -3.80
CA ALA A 48 -8.68 -8.91 -2.99
C ALA A 48 -8.17 -10.02 -2.09
N VAL A 49 -9.10 -10.73 -1.45
CA VAL A 49 -8.74 -11.83 -0.56
C VAL A 49 -8.23 -13.02 -1.36
N ARG A 50 -8.80 -13.23 -2.54
CA ARG A 50 -8.40 -14.34 -3.40
C ARG A 50 -7.00 -14.09 -3.97
N ARG A 51 -6.73 -12.83 -4.31
CA ARG A 51 -5.43 -12.46 -4.85
C ARG A 51 -4.35 -12.54 -3.79
N LEU A 52 -4.65 -12.03 -2.61
CA LEU A 52 -3.71 -12.05 -1.49
C LEU A 52 -3.35 -13.48 -1.12
N PHE A 53 -4.26 -14.41 -1.41
CA PHE A 53 -4.04 -15.82 -1.12
C PHE A 53 -3.00 -16.42 -2.07
N ARG A 54 -3.01 -15.95 -3.31
CA ARG A 54 -2.08 -16.44 -4.32
C ARG A 54 -0.68 -15.87 -4.10
N VAL A 55 -0.60 -14.55 -3.93
CA VAL A 55 0.69 -13.89 -3.74
C VAL A 55 1.35 -14.31 -2.42
N LYS A 56 0.59 -14.25 -1.33
CA LYS A 56 1.11 -14.61 -0.02
C LYS A 56 1.13 -16.13 0.17
N GLY A 57 0.58 -16.84 -0.80
CA GLY A 57 0.55 -18.30 -0.72
C GLY A 57 -0.32 -18.81 0.41
N ARG A 58 0.30 -19.03 1.57
CA ARG A 58 -0.44 -19.52 2.73
C ARG A 58 -0.71 -18.41 3.73
N SER A 59 -1.99 -18.11 3.94
CA SER A 59 -2.40 -17.07 4.87
C SER A 59 -3.82 -17.32 5.39
N PRO A 60 -4.07 -18.49 6.00
CA PRO A 60 -5.39 -18.84 6.53
C PRO A 60 -5.93 -17.77 7.48
N HIS A 61 -5.17 -17.49 8.54
CA HIS A 61 -5.56 -16.49 9.52
C HIS A 61 -4.53 -15.37 9.60
N LYS A 62 -3.88 -15.11 8.48
CA LYS A 62 -2.85 -14.05 8.42
C LYS A 62 -3.49 -12.71 8.09
N PRO A 63 -3.09 -11.64 8.80
CA PRO A 63 -3.63 -10.30 8.57
C PRO A 63 -3.24 -9.73 7.21
N VAL A 64 -3.98 -8.73 6.76
CA VAL A 64 -3.71 -8.11 5.46
C VAL A 64 -3.37 -6.62 5.63
N SER A 65 -2.77 -6.05 4.60
CA SER A 65 -2.39 -4.63 4.63
C SER A 65 -3.25 -3.82 3.66
N ILE A 66 -3.62 -2.61 4.09
CA ILE A 66 -4.43 -1.73 3.27
C ILE A 66 -3.67 -0.46 2.91
N CYS A 67 -4.21 0.30 1.96
CA CYS A 67 -3.58 1.55 1.53
C CYS A 67 -4.52 2.72 1.76
N VAL A 68 -3.97 3.81 2.29
CA VAL A 68 -4.76 5.01 2.57
C VAL A 68 -3.94 6.27 2.25
N SER A 69 -4.52 7.43 2.49
CA SER A 69 -3.85 8.69 2.24
C SER A 69 -3.06 9.15 3.46
N CYS A 70 -3.68 9.00 4.64
CA CYS A 70 -3.04 9.38 5.89
C CYS A 70 -3.75 8.76 7.08
N VAL A 71 -3.16 8.88 8.27
CA VAL A 71 -3.75 8.34 9.48
C VAL A 71 -5.13 8.93 9.71
N ASP A 72 -5.30 10.20 9.40
CA ASP A 72 -6.57 10.88 9.56
C ASP A 72 -7.62 10.34 8.59
N GLU A 73 -7.16 9.72 7.52
CA GLU A 73 -8.05 9.16 6.51
C GLU A 73 -8.65 7.84 6.98
N ILE A 74 -7.95 7.15 7.87
CA ILE A 74 -8.42 5.87 8.41
C ILE A 74 -8.73 5.96 9.91
N PRO A 75 -9.65 6.87 10.33
CA PRO A 75 -10.01 7.01 11.74
C PRO A 75 -10.58 5.72 12.32
N ARG A 76 -11.88 5.52 12.14
CA ARG A 76 -12.55 4.32 12.63
C ARG A 76 -12.21 3.10 11.78
N PHE A 77 -11.05 3.15 11.11
CA PHE A 77 -10.63 2.04 10.25
C PHE A 77 -9.63 1.15 10.96
N SER A 78 -8.82 1.74 11.84
CA SER A 78 -7.81 0.99 12.58
C SER A 78 -7.82 1.40 14.06
N ARG A 79 -6.96 0.74 14.84
CA ARG A 79 -6.86 1.03 16.26
C ARG A 79 -5.50 1.64 16.60
N PRO A 80 -5.41 2.98 16.55
CA PRO A 80 -4.17 3.71 16.81
C PRO A 80 -4.13 4.32 18.21
N SER A 81 -3.00 4.93 18.55
CA SER A 81 -2.83 5.56 19.84
C SER A 81 -2.32 6.99 19.70
N GLY A 82 -2.07 7.64 20.84
CA GLY A 82 -1.59 9.01 20.82
C GLY A 82 -0.14 9.11 20.38
N ASP A 83 0.77 8.73 21.29
CA ASP A 83 2.20 8.79 21.00
C ASP A 83 2.54 7.91 19.79
N ALA A 84 1.76 6.85 19.61
CA ALA A 84 1.97 5.92 18.50
C ALA A 84 1.81 6.63 17.16
N MET A 85 0.73 7.40 17.04
CA MET A 85 0.45 8.12 15.80
C MET A 85 1.37 9.32 15.64
N GLU A 86 1.98 9.76 16.74
CA GLU A 86 2.89 10.88 16.71
C GLU A 86 4.10 10.57 15.84
N LEU A 87 4.66 9.38 16.02
CA LEU A 87 5.81 8.93 15.24
C LEU A 87 5.42 8.74 13.78
N MET A 88 4.22 8.21 13.56
CA MET A 88 3.72 7.96 12.21
C MET A 88 3.59 9.27 11.42
N GLU A 89 2.79 10.19 11.94
CA GLU A 89 2.56 11.48 11.28
C GLU A 89 3.81 12.35 11.33
N ARG A 90 4.84 11.86 12.00
CA ARG A 90 6.10 12.61 12.10
C ARG A 90 6.87 12.55 10.79
N ILE A 91 7.16 11.34 10.32
CA ILE A 91 7.91 11.16 9.08
C ILE A 91 7.07 10.49 8.00
N LEU A 92 6.10 11.23 7.47
CA LEU A 92 5.24 10.70 6.41
C LEU A 92 5.13 11.69 5.25
N PRO A 93 4.90 11.20 4.01
CA PRO A 93 4.74 9.77 3.72
C PRO A 93 6.08 9.04 3.66
N GLY A 94 6.15 8.01 2.82
CA GLY A 94 7.39 7.26 2.69
C GLY A 94 7.16 5.85 2.16
N PRO A 95 8.22 5.18 1.68
CA PRO A 95 8.13 3.82 1.15
C PRO A 95 8.14 2.76 2.26
N TYR A 96 7.53 3.10 3.39
CA TYR A 96 7.47 2.19 4.52
C TYR A 96 6.06 1.71 4.78
N THR A 97 5.93 0.63 5.54
CA THR A 97 4.62 0.08 5.87
C THR A 97 4.37 0.19 7.38
N VAL A 98 3.26 0.81 7.75
CA VAL A 98 2.92 0.99 9.16
C VAL A 98 1.75 0.09 9.55
N VAL A 99 2.04 -0.94 10.34
CA VAL A 99 1.02 -1.88 10.78
C VAL A 99 0.62 -1.62 12.23
N LEU A 100 -0.67 -1.50 12.46
CA LEU A 100 -1.21 -1.27 13.81
C LEU A 100 -2.27 -2.32 14.14
N GLU A 101 -3.03 -2.07 15.20
CA GLU A 101 -4.10 -2.97 15.60
C GLU A 101 -5.30 -2.85 14.66
N ARG A 102 -6.38 -3.56 14.95
CA ARG A 102 -7.58 -3.51 14.13
C ARG A 102 -8.78 -3.02 14.94
N ASN A 103 -9.64 -2.25 14.28
CA ASN A 103 -10.82 -1.69 14.92
C ASN A 103 -11.90 -2.76 15.12
N GLU A 104 -13.09 -2.33 15.51
CA GLU A 104 -14.21 -3.23 15.72
C GLU A 104 -14.82 -3.68 14.39
N LEU A 105 -13.99 -4.24 13.52
CA LEU A 105 -14.45 -4.72 12.22
C LEU A 105 -14.91 -6.17 12.30
N ILE A 106 -16.11 -6.43 11.79
CA ILE A 106 -16.67 -7.77 11.81
C ILE A 106 -15.96 -8.71 10.83
N PRO A 107 -15.84 -8.31 9.55
CA PRO A 107 -15.18 -9.15 8.53
C PRO A 107 -13.80 -9.64 8.98
N ASP A 108 -13.75 -10.89 9.43
CA ASP A 108 -12.48 -11.48 9.89
C ASP A 108 -11.67 -11.99 8.71
N VAL A 109 -12.19 -11.81 7.51
CA VAL A 109 -11.52 -12.26 6.29
C VAL A 109 -10.29 -11.40 6.01
N ILE A 110 -10.31 -10.16 6.48
CA ILE A 110 -9.19 -9.26 6.27
C ILE A 110 -8.41 -9.04 7.57
N THR A 111 -9.10 -9.14 8.69
CA THR A 111 -8.47 -8.97 10.00
C THR A 111 -7.70 -10.21 10.41
N GLY A 112 -8.02 -11.34 9.77
CA GLY A 112 -7.36 -12.58 10.09
C GLY A 112 -7.82 -13.17 11.40
N GLY A 113 -7.12 -14.19 11.88
CA GLY A 113 -7.48 -14.82 13.14
C GLY A 113 -7.10 -13.97 14.34
N SER A 114 -6.36 -12.90 14.08
CA SER A 114 -5.92 -12.01 15.15
C SER A 114 -6.55 -10.62 14.99
N SER A 115 -6.14 -9.70 15.85
CA SER A 115 -6.66 -8.33 15.82
C SER A 115 -5.58 -7.36 15.38
N ARG A 116 -5.08 -7.53 14.16
CA ARG A 116 -4.03 -6.67 13.63
C ARG A 116 -4.21 -6.42 12.14
N VAL A 117 -4.00 -5.17 11.73
CA VAL A 117 -4.12 -4.79 10.33
C VAL A 117 -3.01 -3.81 9.94
N GLY A 118 -2.47 -3.99 8.75
CA GLY A 118 -1.40 -3.12 8.29
C GLY A 118 -1.89 -2.03 7.36
N ILE A 119 -1.12 -0.95 7.28
CA ILE A 119 -1.45 0.18 6.41
C ILE A 119 -0.17 0.81 5.86
N ARG A 120 -0.26 1.41 4.69
CA ARG A 120 0.91 2.04 4.07
C ARG A 120 0.53 3.27 3.26
N VAL A 121 1.32 4.33 3.39
CA VAL A 121 1.08 5.56 2.66
C VAL A 121 2.17 5.76 1.59
N PRO A 122 1.96 5.22 0.38
CA PRO A 122 2.93 5.33 -0.71
C PRO A 122 3.01 6.73 -1.27
N ASP A 123 3.87 6.91 -2.27
CA ASP A 123 4.05 8.20 -2.91
C ASP A 123 3.10 8.38 -4.09
N ASP A 124 2.35 7.33 -4.40
CA ASP A 124 1.39 7.36 -5.50
C ASP A 124 0.32 8.42 -5.26
N GLU A 125 0.44 9.55 -5.94
CA GLU A 125 -0.52 10.64 -5.81
C GLU A 125 -1.93 10.16 -6.13
N ILE A 126 -2.07 9.42 -7.22
CA ILE A 126 -3.36 8.90 -7.64
C ILE A 126 -3.95 7.99 -6.58
N CYS A 127 -3.16 7.04 -6.11
CA CYS A 127 -3.61 6.11 -5.08
C CYS A 127 -3.91 6.86 -3.77
N ARG A 128 -3.34 8.05 -3.65
CA ARG A 128 -3.54 8.87 -2.45
C ARG A 128 -4.93 9.51 -2.47
N ARG A 129 -5.46 9.71 -3.67
CA ARG A 129 -6.78 10.32 -3.82
C ARG A 129 -7.89 9.32 -3.48
N ILE A 130 -7.94 8.21 -4.21
CA ILE A 130 -8.95 7.19 -3.98
C ILE A 130 -8.89 6.66 -2.56
N ALA A 131 -7.68 6.33 -2.11
CA ALA A 131 -7.48 5.80 -0.76
C ALA A 131 -7.90 6.79 0.30
N ALA A 132 -7.78 8.08 -0.01
CA ALA A 132 -8.17 9.13 0.92
C ALA A 132 -9.60 8.93 1.36
N ARG A 133 -10.51 8.84 0.38
CA ARG A 133 -11.92 8.59 0.66
C ARG A 133 -12.13 7.12 1.02
N PHE A 134 -12.39 6.31 0.01
CA PHE A 134 -12.59 4.87 0.21
C PHE A 134 -11.26 4.16 0.42
N PRO A 135 -11.21 3.17 1.33
CA PRO A 135 -10.00 2.39 1.59
C PRO A 135 -9.71 1.40 0.46
N VAL A 136 -8.44 1.05 0.29
CA VAL A 136 -8.06 0.12 -0.78
C VAL A 136 -7.18 -1.00 -0.23
N THR A 137 -7.16 -2.12 -0.93
CA THR A 137 -6.34 -3.26 -0.54
C THR A 137 -4.90 -3.04 -1.00
N ALA A 138 -3.95 -3.22 -0.09
CA ALA A 138 -2.55 -3.01 -0.40
C ALA A 138 -1.69 -4.21 0.00
N THR A 139 -1.30 -5.01 -0.99
CA THR A 139 -0.46 -6.18 -0.74
C THR A 139 0.72 -6.20 -1.71
N SER A 140 1.89 -6.60 -1.21
CA SER A 140 3.10 -6.67 -2.04
C SER A 140 2.92 -7.65 -3.19
N ALA A 141 3.14 -7.18 -4.42
CA ALA A 141 2.99 -8.02 -5.60
C ALA A 141 4.10 -9.07 -5.68
N ASN A 142 3.68 -10.33 -5.76
CA ASN A 142 4.63 -11.44 -5.85
C ASN A 142 3.99 -12.62 -6.57
N ILE A 143 3.56 -12.40 -7.80
CA ILE A 143 2.93 -13.44 -8.61
C ILE A 143 3.96 -14.48 -9.05
N SER A 144 3.47 -15.60 -9.59
CA SER A 144 4.36 -16.65 -10.06
C SER A 144 5.29 -16.14 -11.15
N GLY A 145 6.52 -16.64 -11.16
CA GLY A 145 7.48 -16.21 -12.16
C GLY A 145 8.29 -15.02 -11.72
N LYS A 146 8.19 -13.92 -12.46
CA LYS A 146 8.91 -12.70 -12.14
C LYS A 146 7.98 -11.49 -12.04
N PRO A 147 7.47 -11.22 -10.83
CA PRO A 147 6.54 -10.10 -10.60
C PRO A 147 7.13 -8.74 -10.96
N PRO A 148 8.37 -8.41 -10.48
CA PRO A 148 8.99 -7.11 -10.78
C PRO A 148 9.30 -6.95 -12.27
N SER A 149 8.43 -6.23 -12.97
CA SER A 149 8.61 -6.00 -14.40
C SER A 149 9.44 -4.74 -14.66
N PRO A 150 10.21 -4.71 -15.76
CA PRO A 150 11.06 -3.58 -16.11
C PRO A 150 10.38 -2.62 -17.08
N ARG A 151 9.33 -3.10 -17.74
CA ARG A 151 8.58 -2.28 -18.69
C ARG A 151 7.08 -2.49 -18.51
N LEU A 152 6.34 -1.39 -18.40
CA LEU A 152 4.90 -1.46 -18.22
C LEU A 152 4.23 -2.25 -19.34
N GLU A 153 4.67 -2.03 -20.57
CA GLU A 153 4.13 -2.73 -21.72
C GLU A 153 4.36 -4.23 -21.61
N GLU A 154 5.53 -4.61 -21.10
CA GLU A 154 5.88 -6.01 -20.94
C GLU A 154 4.87 -6.74 -20.06
N ILE A 155 4.58 -6.16 -18.91
CA ILE A 155 3.63 -6.77 -17.97
C ILE A 155 2.26 -6.92 -18.60
N VAL A 156 1.84 -5.91 -19.37
CA VAL A 156 0.52 -5.91 -20.00
C VAL A 156 0.28 -7.20 -20.78
N ARG A 157 1.32 -7.69 -21.43
CA ARG A 157 1.21 -8.93 -22.19
C ARG A 157 0.99 -10.11 -21.26
N ASP A 158 1.68 -10.11 -20.13
CA ASP A 158 1.59 -11.20 -19.15
C ASP A 158 0.29 -11.12 -18.34
N LEU A 159 -0.31 -9.93 -18.26
CA LEU A 159 -1.53 -9.75 -17.48
C LEU A 159 -2.75 -9.55 -18.38
N ASP A 160 -2.83 -10.35 -19.44
CA ASP A 160 -3.94 -10.29 -20.41
C ASP A 160 -5.15 -9.51 -19.89
N ALA A 161 -5.70 -9.98 -18.77
CA ALA A 161 -6.85 -9.32 -18.17
C ALA A 161 -6.91 -9.56 -16.65
N VAL A 162 -5.83 -10.13 -16.11
CA VAL A 162 -5.77 -10.41 -14.68
C VAL A 162 -5.40 -9.16 -13.88
N ASP A 163 -4.11 -8.86 -13.79
CA ASP A 163 -3.63 -7.69 -13.05
C ASP A 163 -3.33 -6.54 -14.00
N LEU A 164 -4.31 -5.68 -14.22
CA LEU A 164 -4.15 -4.55 -15.14
C LEU A 164 -3.11 -3.55 -14.62
N VAL A 165 -2.19 -3.17 -15.51
CA VAL A 165 -1.14 -2.20 -15.17
C VAL A 165 -1.75 -0.86 -14.76
N LEU A 166 -0.90 0.15 -14.60
CA LEU A 166 -1.34 1.47 -14.20
C LEU A 166 -0.84 2.54 -15.18
N ASP A 167 -1.54 3.66 -15.23
CA ASP A 167 -1.17 4.75 -16.13
C ASP A 167 -0.26 5.76 -15.42
N ALA A 168 -0.09 5.58 -14.12
CA ALA A 168 0.75 6.48 -13.33
C ALA A 168 2.21 6.06 -13.41
N GLY A 169 2.44 4.75 -13.37
CA GLY A 169 3.79 4.23 -13.43
C GLY A 169 4.42 4.09 -12.05
N ASP A 170 5.68 3.65 -12.02
CA ASP A 170 6.40 3.46 -10.77
C ASP A 170 6.74 4.80 -10.14
N CYS A 171 7.74 4.81 -9.25
CA CYS A 171 8.14 6.04 -8.58
C CYS A 171 9.67 6.15 -8.52
N LEU A 172 10.31 5.17 -7.88
CA LEU A 172 11.76 5.18 -7.75
C LEU A 172 12.35 3.80 -8.04
N ASP A 173 12.99 3.20 -7.02
CA ASP A 173 13.62 1.90 -7.19
C ASP A 173 12.63 0.75 -6.97
N MET A 174 12.87 -0.36 -7.64
CA MET A 174 12.02 -1.55 -7.49
C MET A 174 12.24 -2.18 -6.11
N GLU A 175 13.32 -1.77 -5.45
CA GLU A 175 13.65 -2.30 -4.13
C GLU A 175 14.47 -1.28 -3.33
N PRO A 176 14.53 -1.41 -1.99
CA PRO A 176 13.87 -2.47 -1.25
C PRO A 176 12.50 -2.05 -0.71
N SER A 177 12.20 -2.46 0.53
CA SER A 177 10.93 -2.12 1.16
C SER A 177 11.07 -2.13 2.68
N THR A 178 10.32 -1.25 3.34
CA THR A 178 10.36 -1.15 4.79
C THR A 178 9.16 -1.85 5.44
N VAL A 179 9.40 -2.50 6.57
CA VAL A 179 8.35 -3.22 7.28
C VAL A 179 8.27 -2.76 8.75
N ILE A 180 7.35 -1.84 9.03
CA ILE A 180 7.18 -1.33 10.38
C ILE A 180 5.86 -1.81 10.98
N ASP A 181 5.93 -2.32 12.21
CA ASP A 181 4.73 -2.79 12.91
C ASP A 181 4.37 -1.84 14.04
N LEU A 182 3.99 -0.61 13.68
CA LEU A 182 3.61 0.39 14.66
C LEU A 182 2.28 0.04 15.32
N THR A 183 2.35 -0.72 16.41
CA THR A 183 1.13 -1.12 17.11
C THR A 183 0.66 -0.03 18.06
N VAL A 184 1.32 0.08 19.21
CA VAL A 184 0.98 1.08 20.20
C VAL A 184 2.17 2.00 20.48
N ASN A 185 2.53 2.18 21.75
CA ASN A 185 3.64 3.04 22.11
C ASN A 185 4.95 2.58 21.48
N PRO A 186 5.32 1.29 21.65
CA PRO A 186 6.56 0.74 21.08
C PRO A 186 6.45 0.47 19.58
N PRO A 187 7.13 1.29 18.75
CA PRO A 187 7.10 1.12 17.29
C PRO A 187 8.06 0.03 16.83
N ARG A 188 7.58 -0.83 15.94
CA ARG A 188 8.40 -1.93 15.42
C ARG A 188 9.04 -1.56 14.10
N VAL A 189 9.61 -0.36 14.03
CA VAL A 189 10.27 0.11 12.82
C VAL A 189 11.38 -0.86 12.42
N LEU A 190 11.11 -1.66 11.38
CA LEU A 190 12.07 -2.64 10.91
C LEU A 190 12.23 -2.58 9.39
N ARG A 191 13.22 -1.82 8.94
CA ARG A 191 13.50 -1.68 7.51
C ARG A 191 14.38 -2.82 7.02
N ARG A 192 14.21 -3.20 5.76
CA ARG A 192 15.00 -4.29 5.17
C ARG A 192 16.35 -3.77 4.66
N GLY A 193 17.03 -2.99 5.51
CA GLY A 193 18.33 -2.46 5.13
C GLY A 193 19.44 -3.46 5.30
N LYS A 194 20.58 -3.21 4.66
CA LYS A 194 21.72 -4.10 4.74
C LYS A 194 22.73 -3.61 5.78
N GLY A 195 23.51 -2.59 5.39
CA GLY A 195 24.51 -2.04 6.31
C GLY A 195 23.95 -0.90 7.15
N PRO A 196 24.82 -0.08 7.74
CA PRO A 196 24.41 1.05 8.58
C PRO A 196 23.73 2.15 7.76
N LEU A 197 24.31 2.47 6.62
CA LEU A 197 23.76 3.50 5.74
C LEU A 197 24.11 3.21 4.29
N ASP A 198 23.52 4.00 3.38
CA ASP A 198 23.76 3.82 1.95
C ASP A 198 25.22 4.12 1.61
N PRO A 199 25.88 3.22 0.86
CA PRO A 199 27.29 3.42 0.47
C PRO A 199 27.51 4.74 -0.24
N VAL A 200 28.14 5.68 0.46
CA VAL A 200 28.42 7.00 -0.10
C VAL A 200 29.25 6.89 -1.38
N LEU A 201 28.67 7.31 -2.50
CA LEU A 201 29.35 7.26 -3.79
C LEU A 201 29.85 8.63 -4.19
N LEU A 202 30.62 9.26 -3.30
CA LEU A 202 31.16 10.59 -3.56
C LEU A 202 32.20 10.54 -4.68
N ARG A 203 32.93 9.42 -4.76
CA ARG A 203 33.95 9.25 -5.78
C ARG A 203 33.37 8.54 -7.01
N GLY A 204 32.16 8.00 -6.85
CA GLY A 204 31.52 7.31 -7.96
C GLY A 204 31.63 5.80 -7.83
N ALA A 205 31.92 5.33 -6.62
CA ALA A 205 32.05 3.90 -6.38
C ALA A 205 30.69 3.24 -6.19
N GLY A 206 30.69 1.94 -5.94
CA GLY A 206 29.45 1.22 -5.75
C GLY A 206 29.33 0.00 -6.64
N ASP A 207 29.10 -1.16 -6.04
CA ASP A 207 28.97 -2.40 -6.79
C ASP A 207 27.53 -2.90 -6.76
N VAL A 208 26.60 -2.01 -6.40
CA VAL A 208 25.19 -2.36 -6.34
C VAL A 208 24.42 -1.74 -7.50
N MET A 1 -15.96 24.93 12.85
CA MET A 1 -15.26 25.07 11.55
C MET A 1 -16.25 25.41 10.44
N LEU A 2 -15.76 26.10 9.41
CA LEU A 2 -16.59 26.49 8.29
C LEU A 2 -16.61 25.41 7.22
N ILE A 3 -17.29 25.69 6.11
CA ILE A 3 -17.37 24.73 5.01
C ILE A 3 -16.45 25.12 3.87
N ARG A 4 -15.82 24.11 3.25
CA ARG A 4 -14.90 24.35 2.15
C ARG A 4 -15.57 24.04 0.81
N LYS A 5 -14.76 24.03 -0.25
CA LYS A 5 -15.27 23.74 -1.59
C LYS A 5 -15.26 22.24 -1.86
N ILE A 6 -16.12 21.81 -2.78
CA ILE A 6 -16.21 20.39 -3.14
C ILE A 6 -15.41 20.09 -4.40
N THR A 7 -14.78 18.92 -4.43
CA THR A 7 -13.99 18.51 -5.58
C THR A 7 -14.88 18.16 -6.77
N ARG A 8 -14.26 17.71 -7.85
CA ARG A 8 -14.99 17.33 -9.06
C ARG A 8 -15.72 16.01 -8.87
N LYS A 9 -16.86 15.86 -9.54
CA LYS A 9 -17.65 14.64 -9.44
C LYS A 9 -17.41 13.74 -10.65
N ASN A 10 -17.85 14.19 -11.82
CA ASN A 10 -17.68 13.42 -13.05
C ASN A 10 -16.29 13.61 -13.64
N PRO A 11 -15.82 14.87 -13.82
CA PRO A 11 -14.49 15.15 -14.39
C PRO A 11 -13.39 14.48 -13.58
N SER A 12 -12.56 13.69 -14.26
CA SER A 12 -11.46 12.99 -13.61
C SER A 12 -10.35 12.66 -14.61
N PRO A 13 -9.09 12.63 -14.16
CA PRO A 13 -7.95 12.31 -15.01
C PRO A 13 -8.11 10.97 -15.73
N ASP A 14 -7.26 10.73 -16.73
CA ASP A 14 -7.31 9.49 -17.48
C ASP A 14 -6.84 8.31 -16.64
N VAL A 15 -5.77 8.51 -15.88
CA VAL A 15 -5.23 7.47 -15.02
C VAL A 15 -6.18 7.14 -13.88
N LEU A 16 -7.02 8.11 -13.52
CA LEU A 16 -7.98 7.92 -12.44
C LEU A 16 -9.09 6.96 -12.85
N GLU A 17 -9.71 7.24 -14.00
CA GLU A 17 -10.80 6.40 -14.50
C GLU A 17 -10.27 5.04 -14.95
N GLU A 18 -8.97 4.94 -15.10
CA GLU A 18 -8.34 3.70 -15.51
C GLU A 18 -8.29 2.70 -14.36
N ALA A 19 -8.11 3.23 -13.16
CA ALA A 19 -8.01 2.40 -11.96
C ALA A 19 -9.37 1.87 -11.53
N ILE A 20 -10.39 2.73 -11.56
CA ILE A 20 -11.73 2.34 -11.15
C ILE A 20 -12.40 1.46 -12.21
N SER A 21 -11.91 1.55 -13.44
CA SER A 21 -12.47 0.77 -14.55
C SER A 21 -12.15 -0.72 -14.39
N VAL A 22 -10.89 -1.02 -14.11
CA VAL A 22 -10.45 -2.41 -13.95
C VAL A 22 -11.02 -3.00 -12.66
N MET A 23 -11.27 -2.15 -11.68
CA MET A 23 -11.80 -2.60 -10.39
C MET A 23 -13.18 -3.22 -10.56
N GLU A 24 -13.99 -2.64 -11.45
CA GLU A 24 -15.33 -3.15 -11.70
C GLU A 24 -15.30 -4.48 -12.43
N GLY A 25 -14.17 -4.76 -13.08
CA GLY A 25 -14.03 -6.01 -13.82
C GLY A 25 -13.70 -7.19 -12.92
N GLY A 26 -13.70 -6.95 -11.61
CA GLY A 26 -13.40 -8.00 -10.67
C GLY A 26 -11.97 -8.49 -10.78
N GLY A 27 -11.04 -7.56 -11.00
CA GLY A 27 -9.64 -7.91 -11.12
C GLY A 27 -8.77 -7.19 -10.11
N ILE A 28 -7.51 -7.61 -9.99
CA ILE A 28 -6.58 -6.99 -9.08
C ILE A 28 -5.71 -5.97 -9.80
N VAL A 29 -5.30 -4.93 -9.10
CA VAL A 29 -4.48 -3.88 -9.69
C VAL A 29 -3.14 -3.77 -8.97
N ILE A 30 -2.09 -3.42 -9.72
CA ILE A 30 -0.76 -3.26 -9.15
C ILE A 30 -0.32 -1.80 -9.26
N TYR A 31 0.72 -1.43 -8.51
CA TYR A 31 1.21 -0.06 -8.52
C TYR A 31 2.51 0.08 -7.72
N PRO A 32 3.66 0.18 -8.41
CA PRO A 32 4.95 0.36 -7.77
C PRO A 32 5.18 1.81 -7.35
N THR A 33 5.70 2.03 -6.15
CA THR A 33 5.95 3.37 -5.65
C THR A 33 7.44 3.61 -5.42
N ASP A 34 7.75 4.50 -4.48
CA ASP A 34 9.13 4.85 -4.17
C ASP A 34 9.96 3.60 -3.84
N THR A 35 9.28 2.53 -3.45
CA THR A 35 9.95 1.28 -3.10
C THR A 35 9.90 0.27 -4.25
N ILE A 36 9.19 -0.84 -4.06
CA ILE A 36 9.09 -1.87 -5.08
C ILE A 36 7.67 -1.97 -5.62
N TYR A 37 7.36 -3.07 -6.30
CA TYR A 37 6.03 -3.29 -6.86
C TYR A 37 5.00 -3.38 -5.76
N GLY A 38 3.91 -2.65 -5.90
CA GLY A 38 2.85 -2.66 -4.91
C GLY A 38 1.56 -3.21 -5.46
N LEU A 39 0.57 -3.37 -4.59
CA LEU A 39 -0.72 -3.90 -4.99
C LEU A 39 -1.86 -3.06 -4.44
N GLY A 40 -2.87 -2.82 -5.26
CA GLY A 40 -4.01 -2.05 -4.84
C GLY A 40 -5.30 -2.56 -5.46
N VAL A 41 -6.25 -2.95 -4.63
CA VAL A 41 -7.51 -3.48 -5.12
C VAL A 41 -8.60 -3.40 -4.05
N ASN A 42 -9.85 -3.53 -4.46
CA ASN A 42 -10.98 -3.46 -3.52
C ASN A 42 -10.81 -4.47 -2.39
N ALA A 43 -10.40 -3.96 -1.23
CA ALA A 43 -10.15 -4.81 -0.06
C ALA A 43 -11.45 -5.39 0.50
N LEU A 44 -12.50 -4.58 0.54
CA LEU A 44 -13.79 -5.04 1.07
C LEU A 44 -14.52 -5.91 0.07
N ASP A 45 -13.81 -6.34 -0.95
CA ASP A 45 -14.37 -7.20 -1.99
C ASP A 45 -13.77 -8.61 -1.90
N GLU A 46 -14.55 -9.61 -2.30
CA GLU A 46 -14.10 -10.99 -2.26
C GLU A 46 -13.09 -11.26 -3.37
N ASP A 47 -13.09 -10.40 -4.39
CA ASP A 47 -12.18 -10.54 -5.52
C ASP A 47 -10.73 -10.44 -5.05
N ALA A 48 -10.51 -9.68 -3.98
CA ALA A 48 -9.17 -9.49 -3.43
C ALA A 48 -8.72 -10.74 -2.68
N VAL A 49 -9.69 -11.53 -2.21
CA VAL A 49 -9.39 -12.74 -1.47
C VAL A 49 -8.74 -13.80 -2.37
N ARG A 50 -9.43 -14.12 -3.47
CA ARG A 50 -8.92 -15.12 -4.41
C ARG A 50 -7.62 -14.66 -5.06
N ARG A 51 -7.56 -13.37 -5.38
CA ARG A 51 -6.36 -12.80 -6.00
C ARG A 51 -5.17 -12.86 -5.05
N LEU A 52 -5.43 -12.63 -3.77
CA LEU A 52 -4.39 -12.67 -2.75
C LEU A 52 -3.89 -14.09 -2.55
N PHE A 53 -4.68 -15.06 -3.00
CA PHE A 53 -4.30 -16.47 -2.88
C PHE A 53 -3.23 -16.82 -3.90
N ARG A 54 -3.34 -16.23 -5.09
CA ARG A 54 -2.37 -16.48 -6.15
C ARG A 54 -0.99 -15.95 -5.77
N VAL A 55 -0.97 -14.77 -5.16
CA VAL A 55 0.28 -14.15 -4.75
C VAL A 55 0.87 -14.84 -3.53
N LYS A 56 0.07 -14.98 -2.48
CA LYS A 56 0.52 -15.63 -1.25
C LYS A 56 0.50 -17.14 -1.39
N GLY A 57 -0.69 -17.72 -1.32
CA GLY A 57 -0.82 -19.16 -1.44
C GLY A 57 -0.02 -19.92 -0.39
N ARG A 58 0.36 -19.22 0.66
CA ARG A 58 1.13 -19.82 1.75
C ARG A 58 0.36 -19.77 3.06
N SER A 59 0.19 -18.56 3.59
CA SER A 59 -0.55 -18.38 4.85
C SER A 59 -1.48 -17.18 4.75
N PRO A 60 -2.63 -17.35 4.07
CA PRO A 60 -3.61 -16.27 3.89
C PRO A 60 -4.50 -16.08 5.12
N HIS A 61 -3.96 -16.43 6.29
CA HIS A 61 -4.70 -16.30 7.54
C HIS A 61 -4.19 -15.12 8.36
N LYS A 62 -2.95 -14.71 8.08
CA LYS A 62 -2.34 -13.58 8.78
C LYS A 62 -2.94 -12.26 8.33
N PRO A 63 -2.89 -11.23 9.19
CA PRO A 63 -3.45 -9.91 8.87
C PRO A 63 -2.95 -9.38 7.53
N VAL A 64 -3.73 -8.49 6.93
CA VAL A 64 -3.37 -7.91 5.64
C VAL A 64 -3.12 -6.41 5.76
N SER A 65 -2.26 -5.88 4.90
CA SER A 65 -1.94 -4.46 4.91
C SER A 65 -2.79 -3.71 3.88
N ILE A 66 -3.31 -2.56 4.27
CA ILE A 66 -4.14 -1.75 3.38
C ILE A 66 -3.48 -0.40 3.08
N CYS A 67 -4.08 0.34 2.16
CA CYS A 67 -3.56 1.65 1.78
C CYS A 67 -4.56 2.75 2.10
N VAL A 68 -4.07 3.84 2.67
CA VAL A 68 -4.92 4.98 3.01
C VAL A 68 -4.15 6.29 2.85
N SER A 69 -4.85 7.40 3.02
CA SER A 69 -4.23 8.72 2.90
C SER A 69 -3.46 9.06 4.18
N CYS A 70 -4.11 8.87 5.32
CA CYS A 70 -3.50 9.14 6.61
C CYS A 70 -4.30 8.48 7.72
N VAL A 71 -3.80 8.59 8.95
CA VAL A 71 -4.48 8.00 10.10
C VAL A 71 -5.89 8.58 10.25
N ASP A 72 -6.04 9.85 9.89
CA ASP A 72 -7.33 10.52 9.98
C ASP A 72 -8.32 9.93 8.97
N GLU A 73 -7.80 9.40 7.87
CA GLU A 73 -8.64 8.82 6.83
C GLU A 73 -9.08 7.40 7.20
N ILE A 74 -8.39 6.81 8.16
CA ILE A 74 -8.70 5.45 8.61
C ILE A 74 -9.21 5.42 10.08
N PRO A 75 -10.20 6.25 10.45
CA PRO A 75 -10.70 6.30 11.84
C PRO A 75 -11.24 4.96 12.32
N ARG A 76 -12.51 4.69 12.01
CA ARG A 76 -13.17 3.47 12.45
C ARG A 76 -12.66 2.23 11.71
N PHE A 77 -11.55 2.36 10.98
CA PHE A 77 -11.00 1.23 10.26
C PHE A 77 -9.71 0.75 10.93
N SER A 78 -9.13 1.59 11.78
CA SER A 78 -7.91 1.24 12.49
C SER A 78 -8.01 1.65 13.96
N ARG A 79 -6.98 1.33 14.74
CA ARG A 79 -6.94 1.67 16.15
C ARG A 79 -5.64 2.36 16.52
N PRO A 80 -5.58 3.69 16.34
CA PRO A 80 -4.38 4.47 16.59
C PRO A 80 -4.43 5.22 17.92
N SER A 81 -3.41 6.04 18.17
CA SER A 81 -3.33 6.81 19.41
C SER A 81 -2.78 8.21 19.13
N GLY A 82 -2.67 9.01 20.18
CA GLY A 82 -2.16 10.36 20.02
C GLY A 82 -0.66 10.41 19.82
N ASP A 83 0.09 10.17 20.90
CA ASP A 83 1.54 10.18 20.84
C ASP A 83 2.06 9.18 19.80
N ALA A 84 1.30 8.10 19.60
CA ALA A 84 1.69 7.07 18.64
C ALA A 84 1.71 7.64 17.23
N MET A 85 0.64 8.33 16.85
CA MET A 85 0.54 8.92 15.52
C MET A 85 1.50 10.09 15.36
N GLU A 86 1.99 10.60 16.48
CA GLU A 86 2.93 11.72 16.46
C GLU A 86 4.23 11.31 15.79
N LEU A 87 4.79 10.18 16.23
CA LEU A 87 6.03 9.68 15.67
C LEU A 87 5.85 9.35 14.19
N MET A 88 4.67 8.85 13.84
CA MET A 88 4.37 8.49 12.46
C MET A 88 4.36 9.72 11.56
N GLU A 89 3.71 10.78 12.02
CA GLU A 89 3.61 12.01 11.25
C GLU A 89 4.98 12.64 11.05
N ARG A 90 5.95 12.21 11.85
CA ARG A 90 7.30 12.71 11.75
C ARG A 90 8.01 12.15 10.53
N ILE A 91 7.75 10.87 10.25
CA ILE A 91 8.36 10.20 9.11
C ILE A 91 7.29 9.86 8.05
N LEU A 92 6.36 10.78 7.85
CA LEU A 92 5.29 10.58 6.89
C LEU A 92 5.18 11.77 5.94
N PRO A 93 4.97 11.52 4.62
CA PRO A 93 4.87 10.16 4.06
C PRO A 93 6.23 9.51 3.89
N GLY A 94 6.28 8.47 3.05
CA GLY A 94 7.54 7.79 2.81
C GLY A 94 7.35 6.34 2.37
N PRO A 95 8.42 5.70 1.86
CA PRO A 95 8.36 4.31 1.41
C PRO A 95 8.44 3.31 2.57
N TYR A 96 7.69 3.59 3.64
CA TYR A 96 7.69 2.73 4.81
C TYR A 96 6.35 2.03 4.98
N THR A 97 6.40 0.77 5.38
CA THR A 97 5.19 0.00 5.62
C THR A 97 4.90 -0.10 7.11
N VAL A 98 3.82 0.54 7.56
CA VAL A 98 3.48 0.55 8.97
C VAL A 98 2.26 -0.31 9.26
N VAL A 99 2.42 -1.26 10.17
CA VAL A 99 1.34 -2.13 10.58
C VAL A 99 0.79 -1.69 11.93
N LEU A 100 -0.53 -1.53 12.00
CA LEU A 100 -1.20 -1.08 13.21
C LEU A 100 -2.31 -2.04 13.62
N GLU A 101 -2.96 -1.76 14.75
CA GLU A 101 -4.06 -2.59 15.21
C GLU A 101 -5.30 -2.34 14.37
N ARG A 102 -6.35 -3.14 14.60
CA ARG A 102 -7.59 -3.00 13.84
C ARG A 102 -8.77 -2.68 14.76
N ASN A 103 -9.67 -1.85 14.27
CA ASN A 103 -10.86 -1.48 15.02
C ASN A 103 -11.86 -2.64 15.04
N GLU A 104 -13.11 -2.33 15.41
CA GLU A 104 -14.16 -3.35 15.46
C GLU A 104 -14.66 -3.69 14.05
N LEU A 105 -13.74 -4.09 13.18
CA LEU A 105 -14.09 -4.44 11.81
C LEU A 105 -14.80 -5.79 11.76
N ILE A 106 -15.88 -5.86 10.97
CA ILE A 106 -16.65 -7.09 10.83
C ILE A 106 -15.98 -8.06 9.86
N PRO A 107 -15.63 -7.62 8.63
CA PRO A 107 -14.99 -8.48 7.64
C PRO A 107 -13.69 -9.09 8.14
N ASP A 108 -13.74 -10.37 8.50
CA ASP A 108 -12.58 -11.07 9.00
C ASP A 108 -11.69 -11.55 7.85
N VAL A 109 -12.07 -11.20 6.63
CA VAL A 109 -11.31 -11.59 5.44
C VAL A 109 -10.07 -10.73 5.28
N ILE A 110 -10.03 -9.60 5.97
CA ILE A 110 -8.88 -8.69 5.92
C ILE A 110 -8.16 -8.63 7.25
N THR A 111 -8.92 -8.77 8.34
CA THR A 111 -8.36 -8.72 9.68
C THR A 111 -7.62 -10.02 10.00
N GLY A 112 -8.03 -11.10 9.35
CA GLY A 112 -7.39 -12.39 9.58
C GLY A 112 -7.76 -12.99 10.92
N GLY A 113 -6.98 -13.97 11.36
CA GLY A 113 -7.25 -14.63 12.63
C GLY A 113 -6.80 -13.79 13.82
N SER A 114 -6.19 -12.64 13.52
CA SER A 114 -5.71 -11.74 14.57
C SER A 114 -6.47 -10.42 14.55
N SER A 115 -6.24 -9.60 15.57
CA SER A 115 -6.92 -8.31 15.67
C SER A 115 -5.96 -7.17 15.29
N ARG A 116 -5.45 -7.22 14.07
CA ARG A 116 -4.53 -6.20 13.58
C ARG A 116 -4.61 -6.06 12.06
N VAL A 117 -4.37 -4.85 11.58
CA VAL A 117 -4.40 -4.59 10.13
C VAL A 117 -3.27 -3.64 9.74
N GLY A 118 -2.53 -4.01 8.70
CA GLY A 118 -1.43 -3.19 8.25
C GLY A 118 -1.89 -1.99 7.43
N ILE A 119 -0.97 -1.06 7.20
CA ILE A 119 -1.28 0.14 6.43
C ILE A 119 -0.06 0.61 5.65
N ARG A 120 -0.28 1.44 4.64
CA ARG A 120 0.81 1.93 3.82
C ARG A 120 0.53 3.34 3.29
N VAL A 121 1.46 4.26 3.55
CA VAL A 121 1.34 5.64 3.09
C VAL A 121 2.39 5.93 2.01
N PRO A 122 2.14 5.47 0.77
CA PRO A 122 3.08 5.69 -0.34
C PRO A 122 3.05 7.11 -0.87
N ASP A 123 3.84 7.37 -1.90
CA ASP A 123 3.92 8.70 -2.51
C ASP A 123 2.89 8.85 -3.62
N ASP A 124 2.18 7.77 -3.92
CA ASP A 124 1.17 7.78 -4.97
C ASP A 124 0.05 8.75 -4.64
N GLU A 125 0.11 9.94 -5.24
CA GLU A 125 -0.90 10.97 -5.00
C GLU A 125 -2.30 10.47 -5.35
N ILE A 126 -2.41 9.77 -6.48
CA ILE A 126 -3.69 9.22 -6.92
C ILE A 126 -4.25 8.25 -5.89
N CYS A 127 -3.42 7.30 -5.47
CA CYS A 127 -3.83 6.31 -4.49
C CYS A 127 -4.21 6.98 -3.17
N ARG A 128 -3.67 8.17 -2.94
CA ARG A 128 -3.94 8.90 -1.70
C ARG A 128 -5.38 9.41 -1.69
N ARG A 129 -5.91 9.74 -2.86
CA ARG A 129 -7.27 10.24 -2.97
C ARG A 129 -8.30 9.15 -2.72
N ILE A 130 -8.25 8.10 -3.53
CA ILE A 130 -9.19 6.99 -3.43
C ILE A 130 -9.10 6.33 -2.04
N ALA A 131 -7.88 6.01 -1.61
CA ALA A 131 -7.68 5.37 -0.31
C ALA A 131 -8.18 6.25 0.83
N ALA A 132 -8.13 7.55 0.63
CA ALA A 132 -8.60 8.48 1.65
C ALA A 132 -10.03 8.14 2.03
N ARG A 133 -10.92 8.13 1.04
CA ARG A 133 -12.30 7.76 1.26
C ARG A 133 -12.44 6.25 1.40
N PHE A 134 -12.61 5.56 0.28
CA PHE A 134 -12.73 4.10 0.28
C PHE A 134 -11.35 3.45 0.45
N PRO A 135 -11.16 2.69 1.54
CA PRO A 135 -9.89 1.99 1.79
C PRO A 135 -9.63 0.91 0.74
N VAL A 136 -8.36 0.62 0.49
CA VAL A 136 -8.00 -0.38 -0.52
C VAL A 136 -6.93 -1.33 0.00
N THR A 137 -6.68 -2.40 -0.75
CA THR A 137 -5.67 -3.38 -0.39
C THR A 137 -4.29 -2.90 -0.80
N ALA A 138 -3.31 -3.12 0.08
CA ALA A 138 -1.94 -2.70 -0.18
C ALA A 138 -0.94 -3.79 0.22
N THR A 139 -0.53 -4.59 -0.76
CA THR A 139 0.44 -5.66 -0.51
C THR A 139 1.63 -5.54 -1.45
N SER A 140 2.80 -5.91 -0.96
CA SER A 140 4.02 -5.83 -1.75
C SER A 140 4.18 -7.06 -2.65
N ALA A 141 4.16 -6.83 -3.96
CA ALA A 141 4.31 -7.92 -4.93
C ALA A 141 5.77 -8.20 -5.22
N ASN A 142 6.23 -9.39 -4.85
CA ASN A 142 7.63 -9.76 -5.08
C ASN A 142 7.86 -11.26 -4.88
N ILE A 143 7.17 -11.85 -3.89
CA ILE A 143 7.33 -13.26 -3.56
C ILE A 143 6.96 -14.17 -4.74
N SER A 144 5.85 -14.90 -4.62
CA SER A 144 5.43 -15.82 -5.66
C SER A 144 5.14 -15.11 -6.97
N GLY A 145 5.11 -15.88 -8.06
CA GLY A 145 4.85 -15.31 -9.37
C GLY A 145 6.03 -14.53 -9.90
N LYS A 146 5.77 -13.60 -10.81
CA LYS A 146 6.82 -12.77 -11.39
C LYS A 146 6.49 -11.29 -11.26
N PRO A 147 6.34 -10.78 -10.02
CA PRO A 147 6.00 -9.37 -9.78
C PRO A 147 7.03 -8.39 -10.33
N PRO A 148 8.34 -8.57 -10.05
CA PRO A 148 9.38 -7.66 -10.55
C PRO A 148 9.51 -7.71 -12.06
N SER A 149 8.72 -6.87 -12.74
CA SER A 149 8.74 -6.82 -14.19
C SER A 149 9.63 -5.68 -14.68
N PRO A 150 10.36 -5.90 -15.80
CA PRO A 150 11.26 -4.89 -16.35
C PRO A 150 10.61 -4.07 -17.47
N ARG A 151 9.50 -4.57 -17.99
CA ARG A 151 8.79 -3.87 -19.06
C ARG A 151 7.30 -3.82 -18.75
N LEU A 152 6.75 -2.61 -18.68
CA LEU A 152 5.35 -2.41 -18.37
C LEU A 152 4.46 -3.13 -19.39
N GLU A 153 4.86 -3.09 -20.65
CA GLU A 153 4.11 -3.72 -21.73
C GLU A 153 4.11 -5.24 -21.58
N GLU A 154 5.27 -5.80 -21.24
CA GLU A 154 5.42 -7.24 -21.08
C GLU A 154 4.40 -7.81 -20.10
N ILE A 155 4.13 -7.05 -19.03
CA ILE A 155 3.17 -7.50 -18.03
C ILE A 155 1.75 -7.43 -18.55
N VAL A 156 1.47 -6.46 -19.41
CA VAL A 156 0.13 -6.26 -19.95
C VAL A 156 -0.41 -7.53 -20.57
N ARG A 157 0.40 -8.17 -21.41
CA ARG A 157 -0.01 -9.40 -22.06
C ARG A 157 -0.11 -10.55 -21.05
N ASP A 158 0.75 -10.49 -20.03
CA ASP A 158 0.78 -11.53 -19.00
C ASP A 158 -0.38 -11.41 -18.02
N LEU A 159 -0.97 -10.21 -17.93
CA LEU A 159 -2.07 -9.98 -16.97
C LEU A 159 -3.44 -10.06 -17.63
N ASP A 160 -3.62 -11.07 -18.49
CA ASP A 160 -4.89 -11.29 -19.21
C ASP A 160 -6.05 -10.53 -18.56
N ALA A 161 -6.25 -10.76 -17.27
CA ALA A 161 -7.30 -10.07 -16.53
C ALA A 161 -7.03 -10.11 -15.02
N VAL A 162 -5.83 -10.54 -14.66
CA VAL A 162 -5.46 -10.66 -13.25
C VAL A 162 -5.01 -9.31 -12.66
N ASP A 163 -3.72 -8.99 -12.81
CA ASP A 163 -3.18 -7.74 -12.25
C ASP A 163 -2.86 -6.74 -13.36
N LEU A 164 -3.78 -5.83 -13.62
CA LEU A 164 -3.61 -4.82 -14.65
C LEU A 164 -2.45 -3.88 -14.33
N VAL A 165 -1.68 -3.53 -15.37
CA VAL A 165 -0.54 -2.63 -15.21
C VAL A 165 -0.98 -1.25 -14.71
N LEU A 166 -0.02 -0.33 -14.65
CA LEU A 166 -0.30 1.04 -14.19
C LEU A 166 0.17 2.06 -15.22
N ASP A 167 -0.57 3.15 -15.34
CA ASP A 167 -0.23 4.20 -16.29
C ASP A 167 0.85 5.13 -15.74
N ALA A 168 0.97 5.16 -14.42
CA ALA A 168 1.96 6.00 -13.76
C ALA A 168 3.31 5.31 -13.70
N GLY A 169 3.32 4.09 -13.16
CA GLY A 169 4.56 3.35 -13.05
C GLY A 169 5.19 3.47 -11.67
N ASP A 170 6.48 3.17 -11.58
CA ASP A 170 7.20 3.26 -10.31
C ASP A 170 7.31 4.70 -9.84
N CYS A 171 8.21 4.96 -8.91
CA CYS A 171 8.40 6.30 -8.37
C CYS A 171 9.86 6.59 -8.03
N LEU A 172 10.44 5.76 -7.16
CA LEU A 172 11.82 5.96 -6.74
C LEU A 172 12.67 4.70 -6.96
N ASP A 173 13.39 4.28 -5.92
CA ASP A 173 14.27 3.12 -6.02
C ASP A 173 13.54 1.83 -5.74
N MET A 174 13.96 0.75 -6.40
CA MET A 174 13.36 -0.56 -6.21
C MET A 174 13.61 -1.07 -4.80
N GLU A 175 14.66 -0.57 -4.17
CA GLU A 175 15.03 -0.97 -2.81
C GLU A 175 15.78 0.14 -2.10
N PRO A 176 15.80 0.12 -0.74
CA PRO A 176 15.19 -0.91 0.07
C PRO A 176 13.74 -0.58 0.45
N SER A 177 13.32 -1.07 1.62
CA SER A 177 11.96 -0.82 2.10
C SER A 177 11.90 -0.92 3.62
N THR A 178 10.95 -0.23 4.22
CA THR A 178 10.79 -0.23 5.68
C THR A 178 9.68 -1.19 6.11
N VAL A 179 9.89 -1.89 7.22
CA VAL A 179 8.90 -2.83 7.74
C VAL A 179 8.63 -2.57 9.22
N ILE A 180 7.82 -1.55 9.49
CA ILE A 180 7.47 -1.18 10.86
C ILE A 180 6.09 -1.69 11.23
N ASP A 181 5.97 -2.34 12.39
CA ASP A 181 4.69 -2.84 12.88
C ASP A 181 4.23 -2.01 14.07
N LEU A 182 4.01 -0.73 13.84
CA LEU A 182 3.57 0.18 14.88
C LEU A 182 2.11 -0.10 15.28
N THR A 183 1.93 -0.81 16.40
CA THR A 183 0.59 -1.12 16.88
C THR A 183 0.00 0.05 17.64
N VAL A 184 0.50 0.28 18.85
CA VAL A 184 0.02 1.39 19.67
C VAL A 184 1.17 2.36 20.00
N ASN A 185 1.58 2.38 21.26
CA ASN A 185 2.65 3.28 21.70
C ASN A 185 4.02 2.79 21.22
N PRO A 186 4.39 1.51 21.50
CA PRO A 186 5.68 0.96 21.08
C PRO A 186 5.69 0.59 19.60
N PRO A 187 6.42 1.36 18.77
CA PRO A 187 6.52 1.10 17.34
C PRO A 187 7.52 -0.02 17.02
N ARG A 188 7.09 -0.97 16.20
CA ARG A 188 7.95 -2.09 15.83
C ARG A 188 8.81 -1.73 14.62
N VAL A 189 9.52 -0.62 14.72
CA VAL A 189 10.39 -0.16 13.65
C VAL A 189 11.42 -1.22 13.28
N LEU A 190 11.24 -1.84 12.12
CA LEU A 190 12.14 -2.89 11.66
C LEU A 190 12.37 -2.79 10.16
N ARG A 191 13.29 -1.92 9.76
CA ARG A 191 13.61 -1.74 8.36
C ARG A 191 14.73 -2.69 7.93
N ARG A 192 14.63 -3.21 6.71
CA ARG A 192 15.63 -4.15 6.20
C ARG A 192 16.82 -3.40 5.60
N GLY A 193 17.95 -3.47 6.28
CA GLY A 193 19.15 -2.80 5.80
C GLY A 193 20.05 -3.74 5.01
N LYS A 194 20.43 -3.31 3.81
CA LYS A 194 21.28 -4.12 2.94
C LYS A 194 22.75 -3.79 3.17
N GLY A 195 23.03 -2.52 3.45
CA GLY A 195 24.41 -2.11 3.67
C GLY A 195 24.89 -2.42 5.08
N PRO A 196 26.08 -3.03 5.22
CA PRO A 196 26.64 -3.37 6.53
C PRO A 196 27.14 -2.16 7.30
N LEU A 197 27.41 -1.07 6.57
CA LEU A 197 27.90 0.15 7.17
C LEU A 197 27.22 1.37 6.55
N ASP A 198 27.65 2.56 6.95
CA ASP A 198 27.09 3.80 6.43
C ASP A 198 27.31 3.90 4.91
N PRO A 199 26.40 4.56 4.20
CA PRO A 199 26.50 4.72 2.74
C PRO A 199 27.84 5.30 2.32
N VAL A 200 28.27 4.98 1.10
CA VAL A 200 29.54 5.47 0.59
C VAL A 200 29.58 6.99 0.55
N LEU A 201 30.77 7.55 0.74
CA LEU A 201 30.95 8.99 0.73
C LEU A 201 31.75 9.43 -0.49
N LEU A 202 31.10 10.19 -1.38
CA LEU A 202 31.75 10.68 -2.58
C LEU A 202 32.42 12.03 -2.34
N ARG A 203 31.88 12.77 -1.37
CA ARG A 203 32.42 14.09 -1.03
C ARG A 203 33.70 13.97 -0.21
N GLY A 204 33.99 12.75 0.25
CA GLY A 204 35.18 12.53 1.04
C GLY A 204 35.69 11.10 0.95
N ALA A 205 36.95 10.96 0.54
CA ALA A 205 37.55 9.64 0.40
C ALA A 205 38.35 9.27 1.65
N GLY A 206 38.48 7.97 1.91
CA GLY A 206 39.23 7.51 3.07
C GLY A 206 40.72 7.38 2.79
N ASP A 207 41.31 8.45 2.28
CA ASP A 207 42.74 8.45 1.96
C ASP A 207 43.55 9.11 3.08
N VAL A 208 43.06 10.24 3.56
CA VAL A 208 43.74 10.97 4.63
C VAL A 208 43.09 10.68 5.99
N MET A 1 -16.73 22.77 13.01
CA MET A 1 -16.82 23.84 11.98
C MET A 1 -18.05 23.65 11.10
N LEU A 2 -18.21 24.56 10.14
CA LEU A 2 -19.35 24.51 9.22
C LEU A 2 -19.15 23.41 8.18
N ILE A 3 -20.07 23.34 7.22
CA ILE A 3 -20.00 22.35 6.15
C ILE A 3 -19.12 22.85 5.01
N ARG A 4 -18.20 22.01 4.56
CA ARG A 4 -17.30 22.37 3.47
C ARG A 4 -17.91 21.99 2.12
N LYS A 5 -17.63 22.80 1.10
CA LYS A 5 -18.14 22.54 -0.24
C LYS A 5 -17.31 21.49 -0.96
N ILE A 6 -17.74 21.12 -2.16
CA ILE A 6 -17.04 20.11 -2.94
C ILE A 6 -16.06 20.78 -3.92
N THR A 7 -14.91 20.14 -4.12
CA THR A 7 -13.89 20.68 -5.01
C THR A 7 -14.35 20.59 -6.47
N ARG A 8 -14.31 21.73 -7.16
CA ARG A 8 -14.73 21.79 -8.55
C ARG A 8 -13.73 21.06 -9.44
N LYS A 9 -12.50 20.91 -8.95
CA LYS A 9 -11.45 20.23 -9.69
C LYS A 9 -11.45 18.75 -9.37
N ASN A 10 -12.01 17.94 -10.27
CA ASN A 10 -12.07 16.50 -10.07
C ASN A 10 -11.16 15.78 -11.07
N PRO A 11 -9.88 15.57 -10.70
CA PRO A 11 -8.91 14.90 -11.57
C PRO A 11 -9.35 13.47 -11.91
N SER A 12 -9.83 13.30 -13.14
CA SER A 12 -10.28 11.99 -13.60
C SER A 12 -9.73 11.69 -15.00
N PRO A 13 -8.41 11.52 -15.12
CA PRO A 13 -7.76 11.24 -16.41
C PRO A 13 -8.00 9.81 -16.87
N ASP A 14 -7.50 9.48 -18.06
CA ASP A 14 -7.65 8.14 -18.62
C ASP A 14 -6.90 7.12 -17.76
N VAL A 15 -5.84 7.57 -17.10
CA VAL A 15 -5.04 6.69 -16.25
C VAL A 15 -5.89 6.04 -15.17
N LEU A 16 -6.46 6.86 -14.29
CA LEU A 16 -7.30 6.36 -13.21
C LEU A 16 -8.49 5.60 -13.77
N GLU A 17 -9.00 6.07 -14.91
CA GLU A 17 -10.14 5.43 -15.56
C GLU A 17 -9.80 3.99 -15.92
N GLU A 18 -8.52 3.74 -16.17
CA GLU A 18 -8.05 2.40 -16.50
C GLU A 18 -7.99 1.54 -15.24
N ALA A 19 -7.69 2.19 -14.12
CA ALA A 19 -7.59 1.50 -12.84
C ALA A 19 -8.96 1.14 -12.29
N ILE A 20 -9.92 2.06 -12.39
CA ILE A 20 -11.26 1.82 -11.89
C ILE A 20 -12.03 0.88 -12.82
N SER A 21 -11.60 0.81 -14.08
CA SER A 21 -12.27 -0.04 -15.06
C SER A 21 -12.05 -1.52 -14.75
N VAL A 22 -10.78 -1.90 -14.59
CA VAL A 22 -10.45 -3.28 -14.29
C VAL A 22 -10.99 -3.72 -12.93
N MET A 23 -11.14 -2.76 -12.03
CA MET A 23 -11.66 -3.05 -10.69
C MET A 23 -13.03 -3.70 -10.76
N GLU A 24 -13.93 -3.08 -11.51
CA GLU A 24 -15.29 -3.60 -11.67
C GLU A 24 -15.29 -4.81 -12.60
N GLY A 25 -14.16 -5.07 -13.25
CA GLY A 25 -14.06 -6.19 -14.15
C GLY A 25 -13.52 -7.44 -13.48
N GLY A 26 -13.40 -7.39 -12.15
CA GLY A 26 -12.90 -8.53 -11.41
C GLY A 26 -11.43 -8.82 -11.70
N GLY A 27 -10.64 -7.75 -11.83
CA GLY A 27 -9.22 -7.91 -12.09
C GLY A 27 -8.36 -7.28 -11.00
N ILE A 28 -7.07 -7.58 -11.03
CA ILE A 28 -6.14 -7.02 -10.05
C ILE A 28 -5.45 -5.78 -10.60
N VAL A 29 -5.27 -4.79 -9.73
CA VAL A 29 -4.62 -3.55 -10.13
C VAL A 29 -3.31 -3.37 -9.35
N ILE A 30 -2.19 -3.48 -10.05
CA ILE A 30 -0.88 -3.38 -9.39
C ILE A 30 -0.27 -2.00 -9.58
N TYR A 31 0.55 -1.58 -8.63
CA TYR A 31 1.16 -0.27 -8.67
C TYR A 31 2.47 -0.21 -7.89
N PRO A 32 3.60 -0.01 -8.59
CA PRO A 32 4.91 0.14 -7.97
C PRO A 32 5.16 1.58 -7.52
N THR A 33 5.74 1.75 -6.33
CA THR A 33 6.01 3.09 -5.81
C THR A 33 7.51 3.32 -5.60
N ASP A 34 7.84 4.15 -4.61
CA ASP A 34 9.22 4.48 -4.31
C ASP A 34 10.07 3.24 -4.07
N THR A 35 9.40 2.15 -3.69
CA THR A 35 10.07 0.89 -3.41
C THR A 35 9.94 -0.08 -4.60
N ILE A 36 9.25 -1.21 -4.40
CA ILE A 36 9.09 -2.20 -5.46
C ILE A 36 7.63 -2.29 -5.93
N TYR A 37 7.33 -3.34 -6.69
CA TYR A 37 5.99 -3.54 -7.21
C TYR A 37 5.01 -3.88 -6.09
N GLY A 38 3.81 -3.30 -6.16
CA GLY A 38 2.80 -3.56 -5.16
C GLY A 38 1.47 -3.92 -5.78
N LEU A 39 0.55 -4.40 -4.94
CA LEU A 39 -0.79 -4.77 -5.42
C LEU A 39 -1.85 -3.85 -4.82
N GLY A 40 -2.87 -3.55 -5.62
CA GLY A 40 -3.93 -2.68 -5.15
C GLY A 40 -5.29 -3.08 -5.71
N VAL A 41 -6.18 -3.56 -4.84
CA VAL A 41 -7.51 -3.97 -5.25
C VAL A 41 -8.50 -3.80 -4.11
N ASN A 42 -9.78 -4.00 -4.41
CA ASN A 42 -10.81 -3.91 -3.39
C ASN A 42 -10.52 -4.88 -2.25
N ALA A 43 -9.87 -4.37 -1.19
CA ALA A 43 -9.49 -5.19 -0.05
C ALA A 43 -10.69 -5.88 0.59
N LEU A 44 -11.78 -5.14 0.74
CA LEU A 44 -12.99 -5.66 1.36
C LEU A 44 -13.63 -6.75 0.51
N ASP A 45 -13.44 -6.63 -0.79
CA ASP A 45 -14.03 -7.57 -1.73
C ASP A 45 -13.13 -8.79 -1.93
N GLU A 46 -13.75 -9.91 -2.30
CA GLU A 46 -13.04 -11.17 -2.48
C GLU A 46 -11.95 -11.07 -3.56
N ASP A 47 -11.99 -9.99 -4.33
CA ASP A 47 -11.00 -9.78 -5.38
C ASP A 47 -9.60 -9.71 -4.77
N ALA A 48 -9.51 -9.15 -3.56
CA ALA A 48 -8.24 -9.02 -2.87
C ALA A 48 -7.79 -10.35 -2.27
N VAL A 49 -8.70 -11.02 -1.56
CA VAL A 49 -8.39 -12.29 -0.92
C VAL A 49 -7.96 -13.33 -1.95
N ARG A 50 -8.33 -13.10 -3.20
CA ARG A 50 -7.98 -14.02 -4.28
C ARG A 50 -6.51 -13.87 -4.65
N ARG A 51 -6.13 -12.65 -5.03
CA ARG A 51 -4.75 -12.36 -5.42
C ARG A 51 -3.81 -12.57 -4.23
N LEU A 52 -4.36 -12.44 -3.03
CA LEU A 52 -3.58 -12.64 -1.81
C LEU A 52 -3.07 -14.07 -1.72
N PHE A 53 -3.99 -15.03 -1.80
CA PHE A 53 -3.65 -16.44 -1.72
C PHE A 53 -2.60 -16.81 -2.75
N ARG A 54 -2.57 -16.08 -3.86
CA ARG A 54 -1.60 -16.34 -4.92
C ARG A 54 -0.17 -16.02 -4.48
N VAL A 55 0.04 -14.78 -4.06
CA VAL A 55 1.37 -14.33 -3.66
C VAL A 55 1.77 -14.85 -2.28
N LYS A 56 0.94 -14.57 -1.26
CA LYS A 56 1.25 -14.97 0.10
C LYS A 56 0.91 -16.44 0.35
N GLY A 57 0.51 -17.15 -0.70
CA GLY A 57 0.18 -18.55 -0.56
C GLY A 57 -1.00 -18.77 0.36
N ARG A 58 -0.79 -19.55 1.42
CA ARG A 58 -1.85 -19.83 2.38
C ARG A 58 -1.54 -19.20 3.74
N SER A 59 -2.29 -18.16 4.09
CA SER A 59 -2.11 -17.48 5.36
C SER A 59 -3.43 -16.93 5.88
N PRO A 60 -4.38 -17.82 6.24
CA PRO A 60 -5.69 -17.41 6.75
C PRO A 60 -5.61 -16.84 8.17
N HIS A 61 -4.43 -16.95 8.78
CA HIS A 61 -4.22 -16.46 10.13
C HIS A 61 -3.45 -15.14 10.12
N LYS A 62 -2.77 -14.87 9.02
CA LYS A 62 -2.00 -13.64 8.88
C LYS A 62 -2.88 -12.50 8.38
N PRO A 63 -2.79 -11.33 9.02
CA PRO A 63 -3.59 -10.15 8.63
C PRO A 63 -3.15 -9.59 7.28
N VAL A 64 -3.97 -8.72 6.72
CA VAL A 64 -3.67 -8.11 5.43
C VAL A 64 -3.41 -6.61 5.57
N SER A 65 -2.45 -6.10 4.81
CA SER A 65 -2.11 -4.69 4.85
C SER A 65 -2.84 -3.92 3.75
N ILE A 66 -3.33 -2.74 4.10
CA ILE A 66 -4.06 -1.91 3.15
C ILE A 66 -3.33 -0.60 2.88
N CYS A 67 -3.84 0.18 1.95
CA CYS A 67 -3.26 1.47 1.60
C CYS A 67 -4.26 2.60 1.80
N VAL A 68 -3.83 3.67 2.46
CA VAL A 68 -4.70 4.81 2.71
C VAL A 68 -3.94 6.12 2.50
N SER A 69 -4.63 7.24 2.70
CA SER A 69 -4.00 8.55 2.54
C SER A 69 -3.39 9.03 3.84
N CYS A 70 -4.12 8.81 4.93
CA CYS A 70 -3.65 9.21 6.26
C CYS A 70 -4.41 8.47 7.35
N VAL A 71 -3.95 8.62 8.59
CA VAL A 71 -4.59 7.98 9.73
C VAL A 71 -6.05 8.40 9.84
N ASP A 72 -6.31 9.67 9.56
CA ASP A 72 -7.67 10.20 9.62
C ASP A 72 -8.55 9.59 8.54
N GLU A 73 -7.92 9.12 7.47
CA GLU A 73 -8.66 8.51 6.37
C GLU A 73 -9.10 7.09 6.74
N ILE A 74 -8.43 6.50 7.72
CA ILE A 74 -8.77 5.17 8.19
C ILE A 74 -9.32 5.18 9.64
N PRO A 75 -10.45 5.87 9.88
CA PRO A 75 -11.03 5.95 11.23
C PRO A 75 -11.43 4.58 11.77
N ARG A 76 -12.59 4.09 11.31
CA ARG A 76 -13.09 2.80 11.75
C ARG A 76 -12.31 1.64 11.14
N PHE A 77 -11.07 1.91 10.71
CA PHE A 77 -10.25 0.86 10.11
C PHE A 77 -9.24 0.32 11.13
N SER A 78 -8.54 1.23 11.80
CA SER A 78 -7.54 0.83 12.79
C SER A 78 -7.74 1.61 14.09
N ARG A 79 -6.89 1.34 15.07
CA ARG A 79 -6.97 2.02 16.35
C ARG A 79 -5.61 2.58 16.76
N PRO A 80 -5.40 3.91 16.59
CA PRO A 80 -4.15 4.57 16.90
C PRO A 80 -4.20 5.33 18.22
N SER A 81 -3.14 6.08 18.51
CA SER A 81 -3.06 6.86 19.73
C SER A 81 -2.47 8.24 19.46
N GLY A 82 -2.19 8.98 20.53
CA GLY A 82 -1.63 10.32 20.39
C GLY A 82 -0.16 10.29 20.02
N ASP A 83 0.70 10.12 21.02
CA ASP A 83 2.14 10.07 20.79
C ASP A 83 2.50 9.00 19.78
N ALA A 84 1.65 7.98 19.69
CA ALA A 84 1.88 6.88 18.75
C ALA A 84 1.87 7.40 17.32
N MET A 85 0.83 8.15 16.97
CA MET A 85 0.70 8.71 15.63
C MET A 85 1.66 9.88 15.44
N GLU A 86 2.23 10.35 16.54
CA GLU A 86 3.19 11.45 16.49
C GLU A 86 4.50 10.98 15.86
N LEU A 87 5.02 9.87 16.36
CA LEU A 87 6.26 9.30 15.85
C LEU A 87 6.10 8.86 14.39
N MET A 88 4.89 8.45 14.04
CA MET A 88 4.61 8.00 12.68
C MET A 88 4.51 9.18 11.71
N GLU A 89 3.86 10.24 12.14
CA GLU A 89 3.67 11.42 11.30
C GLU A 89 5.00 12.06 10.92
N ARG A 90 6.01 11.81 11.73
CA ARG A 90 7.34 12.37 11.48
C ARG A 90 8.05 11.63 10.35
N ILE A 91 7.84 10.32 10.28
CA ILE A 91 8.50 9.49 9.27
C ILE A 91 7.56 9.11 8.13
N LEU A 92 6.42 9.80 8.04
CA LEU A 92 5.45 9.54 6.98
C LEU A 92 5.03 10.83 6.29
N PRO A 93 4.62 10.75 5.01
CA PRO A 93 4.55 9.50 4.25
C PRO A 93 5.91 9.04 3.75
N GLY A 94 5.93 7.98 2.95
CA GLY A 94 7.17 7.46 2.42
C GLY A 94 7.08 5.98 2.09
N PRO A 95 8.21 5.35 1.68
CA PRO A 95 8.23 3.94 1.34
C PRO A 95 8.30 3.03 2.58
N TYR A 96 7.56 3.43 3.62
CA TYR A 96 7.54 2.67 4.86
C TYR A 96 6.17 2.03 5.08
N THR A 97 6.13 1.02 5.95
CA THR A 97 4.87 0.33 6.25
C THR A 97 4.40 0.69 7.65
N VAL A 98 3.12 1.06 7.76
CA VAL A 98 2.54 1.44 9.04
C VAL A 98 1.47 0.44 9.47
N VAL A 99 1.78 -0.37 10.47
CA VAL A 99 0.84 -1.36 10.98
C VAL A 99 0.22 -0.89 12.28
N LEU A 100 -1.11 -0.98 12.36
CA LEU A 100 -1.85 -0.56 13.54
C LEU A 100 -2.76 -1.68 14.02
N GLU A 101 -3.48 -1.44 15.12
CA GLU A 101 -4.43 -2.42 15.63
C GLU A 101 -5.68 -2.43 14.76
N ARG A 102 -6.62 -3.32 15.07
CA ARG A 102 -7.85 -3.41 14.28
C ARG A 102 -9.07 -3.14 15.14
N ASN A 103 -10.04 -2.44 14.55
CA ASN A 103 -11.27 -2.09 15.24
C ASN A 103 -12.20 -3.30 15.34
N GLU A 104 -13.45 -3.05 15.72
CA GLU A 104 -14.45 -4.10 15.84
C GLU A 104 -14.97 -4.54 14.47
N LEU A 105 -14.09 -4.58 13.48
CA LEU A 105 -14.49 -4.98 12.13
C LEU A 105 -14.83 -6.46 12.09
N ILE A 106 -16.09 -6.76 11.78
CA ILE A 106 -16.58 -8.14 11.72
C ILE A 106 -15.87 -8.94 10.62
N PRO A 107 -15.78 -8.41 9.38
CA PRO A 107 -15.15 -9.11 8.26
C PRO A 107 -13.77 -9.66 8.64
N ASP A 108 -13.69 -10.99 8.76
CA ASP A 108 -12.44 -11.65 9.12
C ASP A 108 -11.54 -11.80 7.89
N VAL A 109 -12.04 -11.39 6.73
CA VAL A 109 -11.28 -11.48 5.49
C VAL A 109 -10.15 -10.45 5.48
N ILE A 110 -10.35 -9.35 6.21
CA ILE A 110 -9.34 -8.30 6.29
C ILE A 110 -8.56 -8.40 7.60
N THR A 111 -9.25 -8.80 8.66
CA THR A 111 -8.64 -8.94 9.98
C THR A 111 -7.75 -10.19 10.03
N GLY A 112 -8.12 -11.20 9.26
CA GLY A 112 -7.35 -12.44 9.24
C GLY A 112 -7.62 -13.31 10.45
N GLY A 113 -6.57 -13.97 10.94
CA GLY A 113 -6.72 -14.83 12.10
C GLY A 113 -6.49 -14.09 13.41
N SER A 114 -5.83 -12.93 13.31
CA SER A 114 -5.55 -12.13 14.50
C SER A 114 -6.45 -10.90 14.55
N SER A 115 -6.17 -9.99 15.49
CA SER A 115 -6.96 -8.77 15.64
C SER A 115 -6.12 -7.54 15.30
N ARG A 116 -5.34 -7.64 14.23
CA ARG A 116 -4.49 -6.54 13.80
C ARG A 116 -4.56 -6.36 12.28
N VAL A 117 -4.25 -5.15 11.82
CA VAL A 117 -4.28 -4.85 10.39
C VAL A 117 -3.10 -3.96 10.00
N GLY A 118 -2.58 -4.17 8.79
CA GLY A 118 -1.47 -3.36 8.32
C GLY A 118 -1.91 -2.25 7.41
N ILE A 119 -1.08 -1.23 7.27
CA ILE A 119 -1.38 -0.09 6.39
C ILE A 119 -0.11 0.39 5.69
N ARG A 120 -0.29 1.11 4.59
CA ARG A 120 0.85 1.63 3.83
C ARG A 120 0.49 2.92 3.10
N VAL A 121 1.28 3.97 3.36
CA VAL A 121 1.06 5.26 2.72
C VAL A 121 2.17 5.57 1.72
N PRO A 122 2.02 5.12 0.46
CA PRO A 122 3.02 5.34 -0.58
C PRO A 122 3.07 6.78 -1.05
N ASP A 123 3.96 7.07 -2.00
CA ASP A 123 4.12 8.42 -2.52
C ASP A 123 3.27 8.62 -3.77
N ASP A 124 2.28 7.76 -3.95
CA ASP A 124 1.38 7.85 -5.10
C ASP A 124 0.29 8.90 -4.86
N GLU A 125 0.39 10.01 -5.58
CA GLU A 125 -0.58 11.09 -5.45
C GLU A 125 -2.00 10.60 -5.71
N ILE A 126 -2.16 9.84 -6.79
CA ILE A 126 -3.47 9.31 -7.16
C ILE A 126 -3.97 8.33 -6.11
N CYS A 127 -3.15 7.34 -5.77
CA CYS A 127 -3.51 6.34 -4.78
C CYS A 127 -3.83 7.00 -3.44
N ARG A 128 -3.41 8.24 -3.29
CA ARG A 128 -3.67 8.98 -2.05
C ARG A 128 -5.12 9.42 -1.96
N ARG A 129 -5.64 9.99 -3.04
CA ARG A 129 -7.01 10.45 -3.09
C ARG A 129 -8.00 9.29 -3.00
N ILE A 130 -7.78 8.27 -3.83
CA ILE A 130 -8.67 7.10 -3.84
C ILE A 130 -8.68 6.40 -2.49
N ALA A 131 -7.50 6.03 -2.01
CA ALA A 131 -7.36 5.33 -0.74
C ALA A 131 -7.89 6.19 0.41
N ALA A 132 -7.83 7.51 0.23
CA ALA A 132 -8.33 8.43 1.24
C ALA A 132 -9.76 8.09 1.59
N ARG A 133 -10.63 8.09 0.58
CA ARG A 133 -12.01 7.73 0.77
C ARG A 133 -12.15 6.21 0.91
N PHE A 134 -12.29 5.54 -0.23
CA PHE A 134 -12.40 4.09 -0.24
C PHE A 134 -11.03 3.42 -0.02
N PRO A 135 -10.91 2.55 0.99
CA PRO A 135 -9.65 1.85 1.28
C PRO A 135 -9.33 0.80 0.23
N VAL A 136 -8.04 0.53 0.03
CA VAL A 136 -7.61 -0.46 -0.97
C VAL A 136 -6.60 -1.42 -0.37
N THR A 137 -6.48 -2.60 -0.98
CA THR A 137 -5.52 -3.60 -0.52
C THR A 137 -4.12 -3.28 -1.05
N ALA A 138 -3.12 -3.41 -0.18
CA ALA A 138 -1.75 -3.12 -0.57
C ALA A 138 -0.82 -4.26 -0.20
N THR A 139 -0.51 -5.11 -1.18
CA THR A 139 0.39 -6.24 -0.97
C THR A 139 1.49 -6.25 -2.02
N SER A 140 2.69 -5.86 -1.60
CA SER A 140 3.84 -5.82 -2.52
C SER A 140 4.16 -7.20 -3.06
N ALA A 141 4.26 -7.29 -4.39
CA ALA A 141 4.57 -8.56 -5.04
C ALA A 141 6.06 -8.86 -4.95
N ASN A 142 6.38 -10.10 -4.58
CA ASN A 142 7.78 -10.51 -4.45
C ASN A 142 7.90 -12.03 -4.44
N ILE A 143 7.03 -12.69 -3.69
CA ILE A 143 7.07 -14.15 -3.58
C ILE A 143 6.57 -14.81 -4.87
N SER A 144 5.48 -15.57 -4.77
CA SER A 144 4.93 -16.27 -5.92
C SER A 144 4.50 -15.31 -7.01
N GLY A 145 4.14 -15.86 -8.18
CA GLY A 145 3.70 -15.04 -9.29
C GLY A 145 4.86 -14.49 -10.09
N LYS A 146 4.63 -13.37 -10.77
CA LYS A 146 5.67 -12.74 -11.58
C LYS A 146 5.89 -11.28 -11.15
N PRO A 147 6.40 -11.06 -9.93
CA PRO A 147 6.62 -9.70 -9.40
C PRO A 147 7.59 -8.86 -10.24
N PRO A 148 8.77 -9.40 -10.64
CA PRO A 148 9.73 -8.65 -11.45
C PRO A 148 9.24 -8.41 -12.86
N SER A 149 8.67 -7.24 -13.11
CA SER A 149 8.16 -6.90 -14.43
C SER A 149 9.24 -6.23 -15.28
N PRO A 150 9.37 -6.64 -16.55
CA PRO A 150 10.37 -6.12 -17.45
C PRO A 150 9.85 -4.97 -18.33
N ARG A 151 8.64 -5.15 -18.86
CA ARG A 151 8.03 -4.13 -19.71
C ARG A 151 6.59 -3.86 -19.28
N LEU A 152 6.22 -2.58 -19.25
CA LEU A 152 4.87 -2.19 -18.84
C LEU A 152 3.82 -2.79 -19.79
N GLU A 153 4.13 -2.79 -21.08
CA GLU A 153 3.23 -3.34 -22.09
C GLU A 153 3.19 -4.86 -22.02
N GLU A 154 4.22 -5.45 -21.42
CA GLU A 154 4.31 -6.90 -21.30
C GLU A 154 3.22 -7.45 -20.38
N ILE A 155 2.98 -6.74 -19.28
CA ILE A 155 1.98 -7.17 -18.31
C ILE A 155 0.57 -7.02 -18.87
N VAL A 156 0.29 -5.85 -19.44
CA VAL A 156 -1.03 -5.56 -20.00
C VAL A 156 -1.36 -6.51 -21.15
N ARG A 157 -0.33 -6.95 -21.86
CA ARG A 157 -0.49 -7.86 -22.98
C ARG A 157 -0.78 -9.28 -22.50
N ASP A 158 0.08 -9.79 -21.63
CA ASP A 158 -0.07 -11.15 -21.09
C ASP A 158 -1.40 -11.30 -20.37
N LEU A 159 -1.79 -10.27 -19.64
CA LEU A 159 -3.05 -10.30 -18.89
C LEU A 159 -4.08 -9.36 -19.52
N ASP A 160 -4.63 -9.79 -20.65
CA ASP A 160 -5.62 -9.02 -21.40
C ASP A 160 -6.57 -8.25 -20.47
N ALA A 161 -6.98 -8.90 -19.39
CA ALA A 161 -7.90 -8.27 -18.44
C ALA A 161 -7.74 -8.84 -17.04
N VAL A 162 -6.68 -9.62 -16.82
CA VAL A 162 -6.43 -10.22 -15.51
C VAL A 162 -5.79 -9.20 -14.57
N ASP A 163 -4.46 -9.04 -14.68
CA ASP A 163 -3.74 -8.08 -13.85
C ASP A 163 -3.39 -6.85 -14.67
N LEU A 164 -4.18 -5.80 -14.53
CA LEU A 164 -3.97 -4.57 -15.28
C LEU A 164 -2.77 -3.80 -14.77
N VAL A 165 -1.86 -3.46 -15.68
CA VAL A 165 -0.66 -2.69 -15.34
C VAL A 165 -1.04 -1.29 -14.86
N LEU A 166 -0.07 -0.37 -14.84
CA LEU A 166 -0.32 0.99 -14.38
C LEU A 166 0.11 2.01 -15.43
N ASP A 167 -0.66 3.09 -15.54
CA ASP A 167 -0.36 4.14 -16.51
C ASP A 167 0.50 5.22 -15.89
N ALA A 168 0.59 5.21 -14.56
CA ALA A 168 1.39 6.19 -13.83
C ALA A 168 2.85 5.72 -13.76
N GLY A 169 3.02 4.43 -13.51
CA GLY A 169 4.37 3.87 -13.45
C GLY A 169 4.93 3.83 -12.04
N ASP A 170 6.24 3.57 -11.95
CA ASP A 170 6.92 3.49 -10.65
C ASP A 170 7.09 4.88 -10.04
N CYS A 171 7.95 4.98 -9.04
CA CYS A 171 8.19 6.25 -8.37
C CYS A 171 9.67 6.49 -8.11
N LEU A 172 10.29 5.61 -7.32
CA LEU A 172 11.71 5.77 -6.99
C LEU A 172 12.52 4.51 -7.31
N ASP A 173 13.34 4.07 -6.36
CA ASP A 173 14.22 2.91 -6.57
C ASP A 173 13.51 1.61 -6.24
N MET A 174 14.10 0.50 -6.68
CA MET A 174 13.54 -0.83 -6.40
C MET A 174 13.71 -1.18 -4.93
N GLU A 175 14.45 -0.35 -4.21
CA GLU A 175 14.70 -0.57 -2.78
C GLU A 175 14.82 0.75 -2.04
N PRO A 176 14.68 0.75 -0.70
CA PRO A 176 14.46 -0.45 0.11
C PRO A 176 12.99 -0.67 0.44
N SER A 177 12.73 -1.28 1.60
CA SER A 177 11.37 -1.55 2.06
C SER A 177 11.33 -1.65 3.57
N THR A 178 10.71 -0.67 4.22
CA THR A 178 10.62 -0.66 5.68
C THR A 178 9.23 -1.11 6.14
N VAL A 179 9.21 -1.92 7.20
CA VAL A 179 7.96 -2.42 7.76
C VAL A 179 7.89 -2.19 9.26
N ILE A 180 7.03 -1.26 9.67
CA ILE A 180 6.87 -0.93 11.09
C ILE A 180 5.46 -1.25 11.58
N ASP A 181 5.36 -1.83 12.77
CA ASP A 181 4.06 -2.15 13.35
C ASP A 181 3.75 -1.22 14.52
N LEU A 182 3.54 0.05 14.20
CA LEU A 182 3.22 1.05 15.22
C LEU A 182 1.85 0.83 15.81
N THR A 183 1.74 -0.05 16.78
CA THR A 183 0.46 -0.33 17.42
C THR A 183 0.06 0.84 18.33
N VAL A 184 0.58 0.83 19.56
CA VAL A 184 0.29 1.91 20.50
C VAL A 184 1.57 2.61 20.96
N ASN A 185 2.05 2.26 22.15
CA ASN A 185 3.26 2.88 22.69
C ASN A 185 4.53 2.19 22.16
N PRO A 186 4.62 0.85 22.27
CA PRO A 186 5.81 0.12 21.80
C PRO A 186 5.85 0.03 20.28
N PRO A 187 6.82 0.73 19.65
CA PRO A 187 6.96 0.72 18.19
C PRO A 187 7.72 -0.50 17.68
N ARG A 188 7.07 -1.32 16.87
CA ARG A 188 7.69 -2.52 16.33
C ARG A 188 8.43 -2.19 15.03
N VAL A 189 9.26 -1.15 15.09
CA VAL A 189 10.04 -0.72 13.93
C VAL A 189 10.90 -1.87 13.39
N LEU A 190 10.47 -2.45 12.29
CA LEU A 190 11.19 -3.57 11.68
C LEU A 190 11.58 -3.24 10.24
N ARG A 191 12.63 -2.44 10.08
CA ARG A 191 13.09 -2.04 8.75
C ARG A 191 14.02 -3.10 8.16
N ARG A 192 13.75 -3.47 6.91
CA ARG A 192 14.55 -4.46 6.20
C ARG A 192 15.80 -3.83 5.61
N GLY A 193 15.61 -2.70 4.92
CA GLY A 193 16.73 -1.99 4.32
C GLY A 193 17.21 -0.84 5.19
N LYS A 194 18.52 -0.74 5.36
CA LYS A 194 19.10 0.31 6.17
C LYS A 194 19.43 1.54 5.33
N GLY A 195 19.80 2.63 6.00
CA GLY A 195 20.14 3.85 5.29
C GLY A 195 21.60 3.89 4.87
N PRO A 196 22.53 4.02 5.84
CA PRO A 196 23.97 4.07 5.55
C PRO A 196 24.48 2.76 4.95
N LEU A 197 25.79 2.60 4.91
CA LEU A 197 26.40 1.40 4.36
C LEU A 197 27.72 1.07 5.06
N ASP A 198 28.00 -0.21 5.22
CA ASP A 198 29.23 -0.66 5.88
C ASP A 198 30.47 -0.33 5.03
N PRO A 199 30.47 -0.70 3.72
CA PRO A 199 31.61 -0.44 2.84
C PRO A 199 32.06 1.02 2.89
N VAL A 200 33.36 1.23 3.01
CA VAL A 200 33.93 2.57 3.06
C VAL A 200 33.75 3.29 1.73
N LEU A 201 33.31 4.55 1.80
CA LEU A 201 33.10 5.36 0.61
C LEU A 201 34.22 6.37 0.42
N LEU A 202 35.44 5.86 0.26
CA LEU A 202 36.61 6.73 0.07
C LEU A 202 36.53 7.47 -1.25
N ARG A 203 36.03 6.77 -2.28
CA ARG A 203 35.91 7.37 -3.61
C ARG A 203 34.51 7.94 -3.82
N GLY A 204 34.33 8.68 -4.91
CA GLY A 204 33.04 9.27 -5.21
C GLY A 204 33.15 10.47 -6.13
N ALA A 205 32.38 11.50 -5.84
CA ALA A 205 32.39 12.72 -6.65
C ALA A 205 33.52 13.65 -6.21
N GLY A 206 34.62 13.62 -6.95
CA GLY A 206 35.75 14.47 -6.62
C GLY A 206 36.48 14.97 -7.86
N ASP A 207 35.86 14.80 -9.02
CA ASP A 207 36.44 15.23 -10.28
C ASP A 207 36.01 16.65 -10.62
N VAL A 208 35.45 17.35 -9.65
CA VAL A 208 34.99 18.72 -9.84
C VAL A 208 35.90 19.70 -9.13
N MET A 1 -21.34 22.08 -28.47
CA MET A 1 -21.37 21.70 -27.04
C MET A 1 -22.00 22.80 -26.19
N LEU A 2 -22.20 22.51 -24.90
CA LEU A 2 -22.79 23.48 -23.99
C LEU A 2 -21.76 23.98 -22.98
N ILE A 3 -22.22 24.72 -21.98
CA ILE A 3 -21.34 25.26 -20.95
C ILE A 3 -21.44 24.45 -19.67
N ARG A 4 -20.29 24.09 -19.11
CA ARG A 4 -20.25 23.31 -17.88
C ARG A 4 -20.45 24.21 -16.66
N LYS A 5 -21.21 23.73 -15.68
CA LYS A 5 -21.48 24.49 -14.46
C LYS A 5 -20.25 24.52 -13.57
N ILE A 6 -20.35 25.22 -12.44
CA ILE A 6 -19.25 25.33 -11.50
C ILE A 6 -19.20 24.13 -10.57
N THR A 7 -20.35 23.54 -10.31
CA THR A 7 -20.45 22.37 -9.43
C THR A 7 -19.91 21.13 -10.12
N ARG A 8 -20.62 20.68 -11.16
CA ARG A 8 -20.23 19.49 -11.90
C ARG A 8 -19.53 19.87 -13.21
N LYS A 9 -18.21 20.02 -13.14
CA LYS A 9 -17.43 20.38 -14.32
C LYS A 9 -16.55 19.21 -14.77
N ASN A 10 -15.51 18.93 -13.99
CA ASN A 10 -14.61 17.83 -14.30
C ASN A 10 -14.77 16.69 -13.30
N PRO A 11 -15.31 15.54 -13.75
CA PRO A 11 -15.52 14.37 -12.88
C PRO A 11 -14.22 13.74 -12.42
N SER A 12 -13.51 13.09 -13.35
CA SER A 12 -12.25 12.44 -13.04
C SER A 12 -11.40 12.27 -14.31
N PRO A 13 -10.06 12.35 -14.18
CA PRO A 13 -9.16 12.20 -15.32
C PRO A 13 -9.38 10.90 -16.08
N ASP A 14 -8.90 10.84 -17.32
CA ASP A 14 -9.05 9.66 -18.15
C ASP A 14 -8.40 8.45 -17.50
N VAL A 15 -7.24 8.66 -16.90
CA VAL A 15 -6.51 7.58 -16.22
C VAL A 15 -7.28 7.09 -15.00
N LEU A 16 -7.96 8.01 -14.33
CA LEU A 16 -8.73 7.67 -13.14
C LEU A 16 -9.94 6.81 -13.50
N GLU A 17 -10.67 7.22 -14.53
CA GLU A 17 -11.85 6.49 -14.97
C GLU A 17 -11.48 5.08 -15.42
N GLU A 18 -10.22 4.88 -15.77
CA GLU A 18 -9.75 3.57 -16.21
C GLU A 18 -9.61 2.62 -15.02
N ALA A 19 -9.19 3.15 -13.88
CA ALA A 19 -9.02 2.35 -12.68
C ALA A 19 -10.37 1.90 -12.14
N ILE A 20 -11.36 2.79 -12.19
CA ILE A 20 -12.70 2.48 -11.71
C ILE A 20 -13.38 1.48 -12.64
N SER A 21 -13.05 1.56 -13.93
CA SER A 21 -13.62 0.66 -14.93
C SER A 21 -13.28 -0.80 -14.59
N VAL A 22 -12.06 -1.02 -14.12
CA VAL A 22 -11.62 -2.36 -13.75
C VAL A 22 -12.37 -2.88 -12.54
N MET A 23 -12.69 -1.97 -11.62
CA MET A 23 -13.42 -2.33 -10.40
C MET A 23 -14.73 -3.03 -10.73
N GLU A 24 -15.43 -2.53 -11.76
CA GLU A 24 -16.70 -3.10 -12.18
C GLU A 24 -16.49 -4.41 -12.93
N GLY A 25 -15.29 -4.58 -13.48
CA GLY A 25 -14.98 -5.79 -14.22
C GLY A 25 -14.38 -6.87 -13.34
N GLY A 26 -14.18 -6.55 -12.06
CA GLY A 26 -13.61 -7.51 -11.14
C GLY A 26 -12.18 -7.86 -11.47
N GLY A 27 -11.32 -6.86 -11.52
CA GLY A 27 -9.92 -7.09 -11.83
C GLY A 27 -8.98 -6.43 -10.84
N ILE A 28 -7.72 -6.86 -10.84
CA ILE A 28 -6.73 -6.32 -9.93
C ILE A 28 -5.91 -5.22 -10.63
N VAL A 29 -5.56 -4.20 -9.87
CA VAL A 29 -4.78 -3.08 -10.40
C VAL A 29 -3.42 -3.00 -9.71
N ILE A 30 -2.35 -3.11 -10.49
CA ILE A 30 -0.99 -3.05 -9.93
C ILE A 30 -0.36 -1.68 -10.16
N TYR A 31 0.51 -1.28 -9.24
CA TYR A 31 1.15 0.03 -9.32
C TYR A 31 2.52 0.04 -8.64
N PRO A 32 3.62 -0.06 -9.42
CA PRO A 32 4.97 0.01 -8.89
C PRO A 32 5.37 1.45 -8.61
N THR A 33 5.96 1.71 -7.44
CA THR A 33 6.34 3.08 -7.09
C THR A 33 7.71 3.15 -6.42
N ASP A 34 7.73 2.95 -5.11
CA ASP A 34 8.97 3.05 -4.36
C ASP A 34 9.87 1.84 -4.58
N THR A 35 9.48 0.71 -4.02
CA THR A 35 10.28 -0.50 -4.14
C THR A 35 10.10 -1.15 -5.50
N ILE A 36 9.09 -2.00 -5.62
CA ILE A 36 8.83 -2.70 -6.87
C ILE A 36 7.34 -2.62 -7.23
N TYR A 37 6.86 -3.58 -8.01
CA TYR A 37 5.46 -3.62 -8.40
C TYR A 37 4.57 -3.79 -7.18
N GLY A 38 3.54 -2.97 -7.07
CA GLY A 38 2.64 -3.05 -5.94
C GLY A 38 1.24 -3.45 -6.35
N LEU A 39 0.39 -3.69 -5.36
CA LEU A 39 -0.99 -4.08 -5.64
C LEU A 39 -1.97 -3.06 -5.09
N GLY A 40 -2.97 -2.74 -5.88
CA GLY A 40 -3.99 -1.80 -5.47
C GLY A 40 -5.34 -2.14 -6.07
N VAL A 41 -6.29 -2.49 -5.21
CA VAL A 41 -7.62 -2.87 -5.67
C VAL A 41 -8.66 -2.73 -4.55
N ASN A 42 -9.92 -2.95 -4.90
CA ASN A 42 -11.00 -2.85 -3.92
C ASN A 42 -10.73 -3.78 -2.73
N ALA A 43 -10.61 -3.18 -1.55
CA ALA A 43 -10.31 -3.93 -0.33
C ALA A 43 -11.38 -4.97 -0.03
N LEU A 44 -12.63 -4.53 0.08
CA LEU A 44 -13.74 -5.42 0.40
C LEU A 44 -14.24 -6.15 -0.84
N ASP A 45 -13.32 -6.52 -1.72
CA ASP A 45 -13.66 -7.24 -2.94
C ASP A 45 -13.14 -8.67 -2.89
N GLU A 46 -13.80 -9.56 -3.62
CA GLU A 46 -13.40 -10.96 -3.67
C GLU A 46 -12.10 -11.13 -4.44
N ASP A 47 -11.88 -10.24 -5.40
CA ASP A 47 -10.66 -10.28 -6.21
C ASP A 47 -9.43 -10.07 -5.35
N ALA A 48 -9.57 -9.26 -4.31
CA ALA A 48 -8.47 -8.97 -3.39
C ALA A 48 -8.14 -10.19 -2.55
N VAL A 49 -9.17 -10.95 -2.19
CA VAL A 49 -8.99 -12.16 -1.39
C VAL A 49 -8.23 -13.23 -2.16
N ARG A 50 -8.61 -13.41 -3.43
CA ARG A 50 -7.98 -14.40 -4.28
C ARG A 50 -6.52 -14.04 -4.56
N ARG A 51 -6.28 -12.76 -4.83
CA ARG A 51 -4.93 -12.27 -5.12
C ARG A 51 -4.08 -12.27 -3.86
N LEU A 52 -4.74 -12.19 -2.71
CA LEU A 52 -4.04 -12.17 -1.43
C LEU A 52 -3.46 -13.54 -1.10
N PHE A 53 -4.27 -14.59 -1.30
CA PHE A 53 -3.84 -15.95 -1.03
C PHE A 53 -2.81 -16.41 -2.06
N ARG A 54 -2.78 -15.74 -3.21
CA ARG A 54 -1.85 -16.08 -4.27
C ARG A 54 -0.43 -15.60 -3.93
N VAL A 55 -0.33 -14.33 -3.55
CA VAL A 55 0.97 -13.74 -3.21
C VAL A 55 1.45 -14.21 -1.84
N LYS A 56 0.53 -14.30 -0.88
CA LYS A 56 0.87 -14.73 0.47
C LYS A 56 0.98 -16.24 0.55
N GLY A 57 0.53 -16.93 -0.49
CA GLY A 57 0.59 -18.38 -0.52
C GLY A 57 -0.30 -19.02 0.52
N ARG A 58 0.32 -19.58 1.56
CA ARG A 58 -0.43 -20.23 2.63
C ARG A 58 -0.19 -19.52 3.97
N SER A 59 -1.04 -18.55 4.28
CA SER A 59 -0.92 -17.80 5.53
C SER A 59 -2.27 -17.23 5.95
N PRO A 60 -3.21 -18.11 6.38
CA PRO A 60 -4.54 -17.68 6.80
C PRO A 60 -4.57 -17.13 8.22
N HIS A 61 -3.39 -16.82 8.75
CA HIS A 61 -3.27 -16.28 10.10
C HIS A 61 -2.61 -14.91 10.09
N LYS A 62 -1.91 -14.61 9.01
CA LYS A 62 -1.21 -13.32 8.87
C LYS A 62 -2.15 -12.24 8.36
N PRO A 63 -2.17 -11.07 9.02
CA PRO A 63 -3.04 -9.95 8.63
C PRO A 63 -2.75 -9.48 7.20
N VAL A 64 -3.56 -8.53 6.72
CA VAL A 64 -3.38 -7.99 5.38
C VAL A 64 -2.94 -6.53 5.43
N SER A 65 -2.22 -6.10 4.40
CA SER A 65 -1.75 -4.73 4.32
C SER A 65 -2.71 -3.86 3.53
N ILE A 66 -3.10 -2.73 4.12
CA ILE A 66 -4.01 -1.81 3.46
C ILE A 66 -3.28 -0.55 3.00
N CYS A 67 -3.91 0.19 2.08
CA CYS A 67 -3.32 1.41 1.56
C CYS A 67 -4.26 2.60 1.78
N VAL A 68 -3.72 3.65 2.39
CA VAL A 68 -4.50 4.86 2.65
C VAL A 68 -3.66 6.11 2.43
N SER A 69 -4.28 7.28 2.58
CA SER A 69 -3.57 8.53 2.41
C SER A 69 -2.89 8.96 3.71
N CYS A 70 -3.61 8.79 4.82
CA CYS A 70 -3.09 9.15 6.12
C CYS A 70 -3.93 8.51 7.23
N VAL A 71 -3.45 8.60 8.46
CA VAL A 71 -4.17 8.04 9.60
C VAL A 71 -5.55 8.66 9.74
N ASP A 72 -5.65 9.94 9.36
CA ASP A 72 -6.92 10.65 9.42
C ASP A 72 -7.92 10.07 8.41
N GLU A 73 -7.38 9.45 7.36
CA GLU A 73 -8.21 8.85 6.33
C GLU A 73 -8.77 7.51 6.79
N ILE A 74 -8.11 6.91 7.79
CA ILE A 74 -8.55 5.64 8.34
C ILE A 74 -9.03 5.75 9.80
N PRO A 75 -10.02 6.62 10.09
CA PRO A 75 -10.53 6.79 11.46
C PRO A 75 -11.07 5.48 12.03
N ARG A 76 -12.34 5.19 11.74
CA ARG A 76 -12.97 3.96 12.22
C ARG A 76 -12.46 2.73 11.47
N PHE A 77 -11.30 2.86 10.82
CA PHE A 77 -10.73 1.76 10.07
C PHE A 77 -9.77 0.95 10.93
N SER A 78 -9.06 1.62 11.83
CA SER A 78 -8.13 0.96 12.72
C SER A 78 -8.28 1.47 14.15
N ARG A 79 -7.44 0.97 15.05
CA ARG A 79 -7.47 1.39 16.45
C ARG A 79 -6.19 2.13 16.82
N PRO A 80 -6.12 3.44 16.54
CA PRO A 80 -4.95 4.25 16.78
C PRO A 80 -5.07 5.12 18.02
N SER A 81 -4.00 5.86 18.32
CA SER A 81 -3.99 6.75 19.48
C SER A 81 -3.52 8.15 19.10
N GLY A 82 -3.48 9.05 20.08
CA GLY A 82 -3.06 10.41 19.83
C GLY A 82 -1.56 10.54 19.63
N ASP A 83 -0.82 10.53 20.74
CA ASP A 83 0.64 10.65 20.70
C ASP A 83 1.24 9.59 19.80
N ALA A 84 0.58 8.42 19.74
CA ALA A 84 1.06 7.32 18.92
C ALA A 84 1.10 7.71 17.45
N MET A 85 0.08 8.44 17.01
CA MET A 85 -0.01 8.87 15.62
C MET A 85 1.04 9.93 15.30
N GLU A 86 1.46 10.66 16.32
CA GLU A 86 2.47 11.70 16.14
C GLU A 86 3.75 11.11 15.56
N LEU A 87 4.28 10.10 16.24
CA LEU A 87 5.50 9.42 15.80
C LEU A 87 5.34 8.91 14.38
N MET A 88 4.16 8.39 14.06
CA MET A 88 3.89 7.85 12.74
C MET A 88 3.89 8.95 11.68
N GLU A 89 3.31 10.10 12.02
CA GLU A 89 3.24 11.22 11.08
C GLU A 89 4.61 11.85 10.86
N ARG A 90 5.59 11.40 11.64
CA ARG A 90 6.95 11.92 11.53
C ARG A 90 7.65 11.37 10.29
N ILE A 91 7.39 10.11 9.97
CA ILE A 91 8.01 9.47 8.83
C ILE A 91 6.98 9.08 7.77
N LEU A 92 6.11 10.03 7.43
CA LEU A 92 5.07 9.81 6.43
C LEU A 92 5.05 10.94 5.40
N PRO A 93 4.88 10.61 4.11
CA PRO A 93 4.73 9.23 3.63
C PRO A 93 6.06 8.48 3.55
N GLY A 94 6.08 7.38 2.81
CA GLY A 94 7.29 6.59 2.67
C GLY A 94 7.00 5.14 2.36
N PRO A 95 8.02 4.38 1.89
CA PRO A 95 7.85 2.96 1.56
C PRO A 95 7.89 2.07 2.79
N TYR A 96 7.44 2.61 3.92
CA TYR A 96 7.43 1.84 5.18
C TYR A 96 6.04 1.32 5.48
N THR A 97 5.96 0.04 5.83
CA THR A 97 4.69 -0.59 6.17
C THR A 97 4.53 -0.70 7.69
N VAL A 98 3.48 -0.09 8.21
CA VAL A 98 3.23 -0.10 9.66
C VAL A 98 2.02 -0.94 10.00
N VAL A 99 2.16 -1.77 11.03
CA VAL A 99 1.08 -2.61 11.51
C VAL A 99 0.43 -2.01 12.75
N LEU A 100 -0.88 -1.91 12.74
CA LEU A 100 -1.63 -1.34 13.85
C LEU A 100 -2.72 -2.29 14.32
N GLU A 101 -3.48 -1.89 15.34
CA GLU A 101 -4.58 -2.70 15.85
C GLU A 101 -5.77 -2.68 14.89
N ARG A 102 -6.80 -3.46 15.20
CA ARG A 102 -7.98 -3.53 14.35
C ARG A 102 -9.23 -3.08 15.09
N ASN A 103 -10.13 -2.42 14.37
CA ASN A 103 -11.38 -1.93 14.94
C ASN A 103 -12.35 -3.09 15.19
N GLU A 104 -13.64 -2.75 15.32
CA GLU A 104 -14.66 -3.76 15.55
C GLU A 104 -14.99 -4.54 14.28
N LEU A 105 -14.03 -4.64 13.37
CA LEU A 105 -14.23 -5.35 12.12
C LEU A 105 -14.35 -6.85 12.36
N ILE A 106 -15.54 -7.40 12.11
CA ILE A 106 -15.79 -8.83 12.31
C ILE A 106 -15.01 -9.69 11.31
N PRO A 107 -15.08 -9.38 9.99
CA PRO A 107 -14.40 -10.15 8.96
C PRO A 107 -12.93 -10.39 9.29
N ASP A 108 -12.59 -11.63 9.60
CA ASP A 108 -11.22 -12.01 9.93
C ASP A 108 -10.35 -12.08 8.68
N VAL A 109 -11.00 -11.91 7.52
CA VAL A 109 -10.29 -11.96 6.25
C VAL A 109 -9.38 -10.73 6.09
N ILE A 110 -9.73 -9.66 6.78
CA ILE A 110 -8.96 -8.42 6.73
C ILE A 110 -7.96 -8.35 7.89
N THR A 111 -8.46 -8.55 9.11
CA THR A 111 -7.60 -8.49 10.29
C THR A 111 -6.80 -9.78 10.45
N GLY A 112 -6.99 -10.72 9.54
CA GLY A 112 -6.26 -11.97 9.59
C GLY A 112 -6.67 -12.83 10.76
N GLY A 113 -5.82 -13.78 11.14
CA GLY A 113 -6.12 -14.67 12.25
C GLY A 113 -5.96 -13.98 13.60
N SER A 114 -5.41 -12.77 13.58
CA SER A 114 -5.21 -11.99 14.80
C SER A 114 -6.07 -10.75 14.80
N SER A 115 -5.85 -9.88 15.79
CA SER A 115 -6.61 -8.65 15.90
C SER A 115 -5.78 -7.44 15.47
N ARG A 116 -5.13 -7.57 14.32
CA ARG A 116 -4.30 -6.49 13.80
C ARG A 116 -4.50 -6.30 12.29
N VAL A 117 -4.21 -5.09 11.82
CA VAL A 117 -4.35 -4.76 10.41
C VAL A 117 -3.19 -3.89 9.94
N GLY A 118 -2.69 -4.18 8.74
CA GLY A 118 -1.56 -3.43 8.21
C GLY A 118 -2.00 -2.23 7.40
N ILE A 119 -1.13 -1.21 7.37
CA ILE A 119 -1.40 0.01 6.61
C ILE A 119 -0.10 0.60 6.09
N ARG A 120 -0.14 1.16 4.88
CA ARG A 120 1.05 1.75 4.27
C ARG A 120 0.68 2.92 3.36
N VAL A 121 1.45 4.00 3.44
CA VAL A 121 1.22 5.17 2.62
C VAL A 121 2.32 5.34 1.57
N PRO A 122 2.07 4.89 0.33
CA PRO A 122 3.04 4.99 -0.77
C PRO A 122 3.16 6.40 -1.32
N ASP A 123 4.01 6.57 -2.32
CA ASP A 123 4.22 7.86 -2.96
C ASP A 123 3.29 8.05 -4.15
N ASP A 124 2.28 7.19 -4.24
CA ASP A 124 1.31 7.25 -5.34
C ASP A 124 0.32 8.40 -5.12
N GLU A 125 0.48 9.47 -5.89
CA GLU A 125 -0.39 10.63 -5.80
C GLU A 125 -1.85 10.25 -6.01
N ILE A 126 -2.12 9.57 -7.11
CA ILE A 126 -3.48 9.16 -7.44
C ILE A 126 -4.06 8.26 -6.35
N CYS A 127 -3.30 7.26 -5.94
CA CYS A 127 -3.74 6.34 -4.90
C CYS A 127 -3.95 7.07 -3.58
N ARG A 128 -3.28 8.21 -3.42
CA ARG A 128 -3.41 9.00 -2.20
C ARG A 128 -4.82 9.58 -2.09
N ARG A 129 -5.40 9.95 -3.22
CA ARG A 129 -6.74 10.51 -3.24
C ARG A 129 -7.80 9.44 -3.02
N ILE A 130 -7.75 8.38 -3.82
CA ILE A 130 -8.72 7.30 -3.71
C ILE A 130 -8.65 6.63 -2.34
N ALA A 131 -7.46 6.19 -1.95
CA ALA A 131 -7.27 5.53 -0.67
C ALA A 131 -7.69 6.41 0.49
N ALA A 132 -7.59 7.73 0.30
CA ALA A 132 -7.99 8.67 1.34
C ALA A 132 -9.43 8.40 1.75
N ARG A 133 -10.33 8.41 0.77
CA ARG A 133 -11.73 8.09 1.02
C ARG A 133 -11.91 6.60 1.23
N PHE A 134 -12.14 5.88 0.12
CA PHE A 134 -12.29 4.43 0.18
C PHE A 134 -10.93 3.75 0.33
N PRO A 135 -10.82 2.76 1.24
CA PRO A 135 -9.57 2.02 1.45
C PRO A 135 -9.21 1.16 0.25
N VAL A 136 -7.92 0.91 0.07
CA VAL A 136 -7.46 0.10 -1.05
C VAL A 136 -6.53 -1.03 -0.58
N THR A 137 -6.48 -2.11 -1.34
CA THR A 137 -5.61 -3.23 -1.01
C THR A 137 -4.19 -2.94 -1.46
N ALA A 138 -3.21 -3.27 -0.62
CA ALA A 138 -1.81 -3.01 -0.94
C ALA A 138 -0.94 -4.22 -0.65
N THR A 139 -0.46 -4.86 -1.72
CA THR A 139 0.41 -6.03 -1.59
C THR A 139 1.59 -5.92 -2.55
N SER A 140 2.79 -6.24 -2.06
CA SER A 140 3.99 -6.18 -2.88
C SER A 140 4.11 -7.40 -3.79
N ALA A 141 4.01 -7.17 -5.09
CA ALA A 141 4.12 -8.26 -6.07
C ALA A 141 5.57 -8.53 -6.43
N ASN A 142 6.22 -9.39 -5.65
CA ASN A 142 7.61 -9.74 -5.89
C ASN A 142 7.93 -11.14 -5.35
N ILE A 143 6.91 -11.98 -5.26
CA ILE A 143 7.08 -13.33 -4.76
C ILE A 143 7.69 -14.24 -5.82
N SER A 144 7.46 -15.55 -5.67
CA SER A 144 7.98 -16.52 -6.62
C SER A 144 7.54 -16.19 -8.05
N GLY A 145 8.26 -16.75 -9.02
CA GLY A 145 7.95 -16.49 -10.42
C GLY A 145 8.60 -15.23 -10.93
N LYS A 146 7.89 -14.52 -11.81
CA LYS A 146 8.42 -13.28 -12.37
C LYS A 146 7.41 -12.14 -12.21
N PRO A 147 7.09 -11.74 -10.96
CA PRO A 147 6.13 -10.67 -10.69
C PRO A 147 6.55 -9.32 -11.28
N PRO A 148 7.81 -8.86 -11.09
CA PRO A 148 8.27 -7.58 -11.62
C PRO A 148 8.51 -7.63 -13.13
N SER A 149 7.72 -6.86 -13.87
CA SER A 149 7.85 -6.81 -15.33
C SER A 149 8.69 -5.61 -15.76
N PRO A 150 9.37 -5.71 -16.91
CA PRO A 150 10.22 -4.64 -17.42
C PRO A 150 9.53 -3.72 -18.42
N ARG A 151 8.37 -4.17 -18.92
CA ARG A 151 7.62 -3.39 -19.89
C ARG A 151 6.13 -3.39 -19.56
N LEU A 152 5.50 -2.22 -19.66
CA LEU A 152 4.08 -2.08 -19.38
C LEU A 152 3.24 -2.87 -20.37
N GLU A 153 3.58 -2.75 -21.66
CA GLU A 153 2.86 -3.45 -22.70
C GLU A 153 3.03 -4.96 -22.59
N GLU A 154 4.14 -5.38 -22.00
CA GLU A 154 4.43 -6.80 -21.82
C GLU A 154 3.44 -7.44 -20.86
N ILE A 155 3.06 -6.72 -19.83
CA ILE A 155 2.12 -7.23 -18.84
C ILE A 155 0.70 -7.30 -19.40
N VAL A 156 0.36 -6.36 -20.27
CA VAL A 156 -0.95 -6.33 -20.89
C VAL A 156 -1.17 -7.55 -21.77
N ARG A 157 -0.08 -8.06 -22.34
CA ARG A 157 -0.13 -9.23 -23.21
C ARG A 157 -0.33 -10.52 -22.41
N ASP A 158 0.53 -10.74 -21.42
CA ASP A 158 0.46 -11.95 -20.61
C ASP A 158 -0.77 -11.95 -19.72
N LEU A 159 -1.02 -10.82 -19.07
CA LEU A 159 -2.16 -10.68 -18.16
C LEU A 159 -3.37 -10.16 -18.94
N ASP A 160 -3.83 -10.97 -19.89
CA ASP A 160 -4.94 -10.63 -20.77
C ASP A 160 -6.04 -9.84 -20.07
N ALA A 161 -6.20 -10.04 -18.76
CA ALA A 161 -7.25 -9.32 -18.03
C ALA A 161 -7.14 -9.52 -16.52
N VAL A 162 -6.00 -9.98 -16.05
CA VAL A 162 -5.81 -10.17 -14.61
C VAL A 162 -5.48 -8.85 -13.92
N ASP A 163 -4.18 -8.56 -13.80
CA ASP A 163 -3.75 -7.30 -13.18
C ASP A 163 -3.43 -6.27 -14.24
N LEU A 164 -4.39 -5.42 -14.54
CA LEU A 164 -4.22 -4.39 -15.55
C LEU A 164 -3.07 -3.44 -15.18
N VAL A 165 -2.27 -3.07 -16.17
CA VAL A 165 -1.13 -2.21 -15.95
C VAL A 165 -1.56 -0.81 -15.51
N LEU A 166 -0.62 0.13 -15.50
CA LEU A 166 -0.89 1.49 -15.08
C LEU A 166 -0.47 2.50 -16.15
N ASP A 167 -1.33 3.48 -16.40
CA ASP A 167 -1.06 4.51 -17.39
C ASP A 167 -0.42 5.73 -16.73
N ALA A 168 -0.27 5.68 -15.42
CA ALA A 168 0.30 6.79 -14.66
C ALA A 168 1.82 6.75 -14.68
N GLY A 169 2.37 5.53 -14.68
CA GLY A 169 3.82 5.38 -14.68
C GLY A 169 4.36 5.01 -13.31
N ASP A 170 5.19 3.97 -13.28
CA ASP A 170 5.77 3.50 -12.02
C ASP A 170 6.86 4.44 -11.51
N CYS A 171 7.50 4.04 -10.42
CA CYS A 171 8.58 4.84 -9.84
C CYS A 171 9.75 3.94 -9.43
N LEU A 172 10.73 4.51 -8.72
CA LEU A 172 11.91 3.75 -8.30
C LEU A 172 12.41 4.18 -6.90
N ASP A 173 11.49 4.48 -5.99
CA ASP A 173 11.90 4.92 -4.65
C ASP A 173 12.19 3.72 -3.74
N MET A 174 13.11 2.87 -4.17
CA MET A 174 13.47 1.67 -3.41
C MET A 174 13.88 2.02 -1.98
N GLU A 175 14.09 1.01 -1.16
CA GLU A 175 14.48 1.21 0.23
C GLU A 175 15.14 -0.03 0.87
N PRO A 176 14.57 -1.26 0.71
CA PRO A 176 13.36 -1.52 -0.08
C PRO A 176 12.06 -1.24 0.67
N SER A 177 11.91 -1.82 1.85
CA SER A 177 10.71 -1.64 2.65
C SER A 177 10.98 -1.81 4.14
N THR A 178 10.26 -1.03 4.94
CA THR A 178 10.40 -1.08 6.40
C THR A 178 9.22 -1.85 7.00
N VAL A 179 9.47 -2.50 8.14
CA VAL A 179 8.43 -3.27 8.81
C VAL A 179 8.27 -2.83 10.26
N ILE A 180 7.45 -1.81 10.48
CA ILE A 180 7.19 -1.30 11.82
C ILE A 180 5.85 -1.81 12.35
N ASP A 181 5.84 -2.33 13.57
CA ASP A 181 4.61 -2.82 14.18
C ASP A 181 4.01 -1.78 15.11
N LEU A 182 3.60 -0.65 14.54
CA LEU A 182 3.00 0.43 15.31
C LEU A 182 1.61 0.06 15.81
N THR A 183 1.55 -0.77 16.85
CA THR A 183 0.27 -1.18 17.40
C THR A 183 -0.43 0.00 18.06
N VAL A 184 -0.01 0.33 19.29
CA VAL A 184 -0.56 1.47 19.99
C VAL A 184 0.53 2.50 20.32
N ASN A 185 1.10 2.43 21.52
CA ASN A 185 2.15 3.35 21.92
C ASN A 185 3.54 2.82 21.57
N PRO A 186 3.86 1.57 21.97
CA PRO A 186 5.18 0.97 21.70
C PRO A 186 5.39 0.70 20.21
N PRO A 187 6.26 1.50 19.56
CA PRO A 187 6.55 1.35 18.13
C PRO A 187 7.64 0.31 17.87
N ARG A 188 7.27 -0.77 17.17
CA ARG A 188 8.22 -1.83 16.86
C ARG A 188 8.89 -1.58 15.51
N VAL A 189 9.71 -0.55 15.45
CA VAL A 189 10.42 -0.20 14.22
C VAL A 189 11.39 -1.31 13.83
N LEU A 190 11.10 -1.98 12.72
CA LEU A 190 11.95 -3.08 12.24
C LEU A 190 12.12 -3.03 10.73
N ARG A 191 13.20 -2.40 10.27
CA ARG A 191 13.48 -2.28 8.84
C ARG A 191 14.19 -3.53 8.33
N ARG A 192 13.92 -3.89 7.08
CA ARG A 192 14.54 -5.06 6.48
C ARG A 192 15.91 -4.72 5.89
N GLY A 193 16.77 -4.14 6.72
CA GLY A 193 18.10 -3.78 6.26
C GLY A 193 19.14 -4.81 6.62
N LYS A 194 19.87 -5.29 5.61
CA LYS A 194 20.91 -6.29 5.82
C LYS A 194 22.30 -5.66 5.74
N GLY A 195 22.35 -4.41 5.29
CA GLY A 195 23.62 -3.72 5.16
C GLY A 195 24.15 -3.25 6.50
N PRO A 196 25.17 -2.38 6.51
CA PRO A 196 25.77 -1.86 7.76
C PRO A 196 24.76 -1.06 8.57
N LEU A 197 25.24 -0.50 9.68
CA LEU A 197 24.39 0.29 10.57
C LEU A 197 25.11 1.54 11.04
N ASP A 198 26.27 1.82 10.44
CA ASP A 198 27.05 3.00 10.80
C ASP A 198 26.49 4.25 10.15
N PRO A 199 26.44 5.38 10.90
CA PRO A 199 25.91 6.64 10.39
C PRO A 199 26.83 7.26 9.33
N VAL A 200 26.96 8.59 9.36
CA VAL A 200 27.81 9.30 8.40
C VAL A 200 29.27 8.89 8.55
N LEU A 201 30.05 9.69 9.27
CA LEU A 201 31.46 9.41 9.47
C LEU A 201 31.77 9.13 10.94
N LEU A 202 31.24 8.02 11.44
CA LEU A 202 31.47 7.64 12.83
C LEU A 202 32.64 6.68 12.95
N ARG A 203 33.34 6.72 14.09
CA ARG A 203 34.49 5.86 14.32
C ARG A 203 34.04 4.50 14.85
N GLY A 204 34.20 3.46 14.04
CA GLY A 204 33.82 2.13 14.43
C GLY A 204 34.11 1.09 13.37
N ALA A 205 35.37 0.67 13.29
CA ALA A 205 35.78 -0.33 12.30
C ALA A 205 35.90 -1.71 12.92
N GLY A 206 36.32 -2.67 12.13
CA GLY A 206 36.47 -4.03 12.61
C GLY A 206 36.71 -5.03 11.50
N ASP A 207 36.20 -4.72 10.31
CA ASP A 207 36.37 -5.59 9.15
C ASP A 207 37.44 -5.06 8.21
N VAL A 208 37.65 -3.74 8.24
CA VAL A 208 38.65 -3.10 7.40
C VAL A 208 39.83 -2.61 8.22
N MET A 1 -11.15 20.11 8.44
CA MET A 1 -11.03 20.46 7.00
C MET A 1 -11.27 21.94 6.76
N LEU A 2 -10.87 22.42 5.59
CA LEU A 2 -11.05 23.83 5.24
C LEU A 2 -12.52 24.14 4.97
N ILE A 3 -12.78 25.35 4.48
CA ILE A 3 -14.14 25.77 4.17
C ILE A 3 -14.52 25.42 2.73
N ARG A 4 -14.47 26.42 1.86
CA ARG A 4 -14.80 26.23 0.45
C ARG A 4 -13.67 25.50 -0.28
N LYS A 5 -14.02 24.43 -0.98
CA LYS A 5 -13.03 23.65 -1.72
C LYS A 5 -12.57 24.41 -2.96
N ILE A 6 -11.73 23.75 -3.77
CA ILE A 6 -11.22 24.35 -4.99
C ILE A 6 -12.10 24.02 -6.19
N THR A 7 -12.24 24.97 -7.11
CA THR A 7 -13.06 24.77 -8.29
C THR A 7 -12.42 23.77 -9.24
N ARG A 8 -13.13 22.69 -9.55
CA ARG A 8 -12.64 21.66 -10.44
C ARG A 8 -12.63 22.16 -11.89
N LYS A 9 -11.59 21.78 -12.63
CA LYS A 9 -11.47 22.19 -14.02
C LYS A 9 -11.95 21.09 -14.96
N ASN A 10 -11.13 20.05 -15.12
CA ASN A 10 -11.47 18.93 -15.98
C ASN A 10 -11.79 17.69 -15.17
N PRO A 11 -13.10 17.37 -15.00
CA PRO A 11 -13.53 16.21 -14.24
C PRO A 11 -13.45 14.91 -15.05
N SER A 12 -12.26 14.61 -15.56
CA SER A 12 -12.04 13.41 -16.35
C SER A 12 -10.56 13.00 -16.34
N PRO A 13 -10.08 12.49 -15.20
CA PRO A 13 -8.68 12.07 -15.05
C PRO A 13 -8.34 10.90 -15.97
N ASP A 14 -7.13 10.94 -16.54
CA ASP A 14 -6.67 9.89 -17.44
C ASP A 14 -6.29 8.62 -16.68
N VAL A 15 -5.39 8.77 -15.70
CA VAL A 15 -4.92 7.63 -14.91
C VAL A 15 -6.05 7.01 -14.10
N LEU A 16 -6.84 7.85 -13.43
CA LEU A 16 -7.94 7.38 -12.60
C LEU A 16 -8.93 6.57 -13.42
N GLU A 17 -9.38 7.12 -14.55
CA GLU A 17 -10.34 6.43 -15.40
C GLU A 17 -9.83 5.05 -15.80
N GLU A 18 -8.51 4.91 -15.84
CA GLU A 18 -7.89 3.63 -16.20
C GLU A 18 -7.97 2.64 -15.03
N ALA A 19 -7.70 3.13 -13.83
CA ALA A 19 -7.74 2.30 -12.64
C ALA A 19 -9.18 1.89 -12.30
N ILE A 20 -10.09 2.86 -12.35
CA ILE A 20 -11.49 2.59 -12.04
C ILE A 20 -12.13 1.69 -13.11
N SER A 21 -11.53 1.67 -14.29
CA SER A 21 -12.04 0.87 -15.40
C SER A 21 -11.93 -0.63 -15.07
N VAL A 22 -10.71 -1.09 -14.81
CA VAL A 22 -10.47 -2.49 -14.51
C VAL A 22 -11.19 -2.91 -13.24
N MET A 23 -11.37 -1.97 -12.32
CA MET A 23 -12.03 -2.24 -11.05
C MET A 23 -13.49 -2.63 -11.27
N GLU A 24 -14.08 -2.12 -12.34
CA GLU A 24 -15.47 -2.41 -12.67
C GLU A 24 -15.63 -3.85 -13.15
N GLY A 25 -14.62 -4.36 -13.84
CA GLY A 25 -14.67 -5.71 -14.35
C GLY A 25 -14.13 -6.73 -13.37
N GLY A 26 -13.97 -6.31 -12.11
CA GLY A 26 -13.46 -7.20 -11.09
C GLY A 26 -12.04 -7.66 -11.36
N GLY A 27 -11.13 -6.70 -11.46
CA GLY A 27 -9.74 -7.02 -11.72
C GLY A 27 -8.80 -6.44 -10.67
N ILE A 28 -7.58 -6.96 -10.61
CA ILE A 28 -6.59 -6.48 -9.66
C ILE A 28 -5.69 -5.44 -10.29
N VAL A 29 -5.36 -4.40 -9.53
CA VAL A 29 -4.50 -3.34 -10.02
C VAL A 29 -3.20 -3.28 -9.22
N ILE A 30 -2.07 -3.22 -9.91
CA ILE A 30 -0.77 -3.15 -9.24
C ILE A 30 -0.23 -1.73 -9.26
N TYR A 31 0.76 -1.46 -8.40
CA TYR A 31 1.35 -0.13 -8.32
C TYR A 31 2.63 -0.13 -7.49
N PRO A 32 3.79 -0.08 -8.16
CA PRO A 32 5.09 -0.05 -7.48
C PRO A 32 5.49 1.36 -7.07
N THR A 33 6.34 1.47 -6.05
CA THR A 33 6.80 2.77 -5.58
C THR A 33 8.33 2.78 -5.42
N ASP A 34 8.84 3.65 -4.56
CA ASP A 34 10.28 3.74 -4.32
C ASP A 34 10.86 2.39 -3.93
N THR A 35 9.99 1.49 -3.48
CA THR A 35 10.41 0.15 -3.07
C THR A 35 10.19 -0.85 -4.20
N ILE A 36 9.35 -1.86 -3.95
CA ILE A 36 9.08 -2.89 -4.95
C ILE A 36 7.64 -2.79 -5.47
N TYR A 37 7.24 -3.74 -6.30
CA TYR A 37 5.89 -3.75 -6.86
C TYR A 37 4.84 -3.90 -5.76
N GLY A 38 3.81 -3.07 -5.84
CA GLY A 38 2.75 -3.13 -4.85
C GLY A 38 1.44 -3.55 -5.44
N LEU A 39 0.41 -3.65 -4.60
CA LEU A 39 -0.91 -4.05 -5.06
C LEU A 39 -1.99 -3.12 -4.50
N GLY A 40 -2.94 -2.76 -5.36
CA GLY A 40 -4.04 -1.92 -4.95
C GLY A 40 -5.32 -2.28 -5.66
N VAL A 41 -6.35 -2.60 -4.89
CA VAL A 41 -7.63 -3.01 -5.47
C VAL A 41 -8.76 -2.84 -4.46
N ASN A 42 -9.98 -3.14 -4.89
CA ASN A 42 -11.16 -3.02 -4.02
C ASN A 42 -10.97 -3.86 -2.76
N ALA A 43 -10.72 -3.18 -1.64
CA ALA A 43 -10.49 -3.84 -0.36
C ALA A 43 -11.69 -4.68 0.08
N LEU A 44 -12.87 -4.08 0.06
CA LEU A 44 -14.08 -4.78 0.49
C LEU A 44 -14.63 -5.70 -0.59
N ASP A 45 -13.73 -6.17 -1.46
CA ASP A 45 -14.11 -7.08 -2.52
C ASP A 45 -13.52 -8.47 -2.27
N GLU A 46 -14.25 -9.50 -2.71
CA GLU A 46 -13.78 -10.87 -2.55
C GLU A 46 -12.65 -11.18 -3.51
N ASP A 47 -12.60 -10.44 -4.61
CA ASP A 47 -11.55 -10.62 -5.61
C ASP A 47 -10.17 -10.43 -5.01
N ALA A 48 -10.10 -9.58 -3.98
CA ALA A 48 -8.84 -9.32 -3.29
C ALA A 48 -8.34 -10.56 -2.57
N VAL A 49 -9.27 -11.40 -2.13
CA VAL A 49 -8.93 -12.63 -1.44
C VAL A 49 -8.31 -13.65 -2.40
N ARG A 50 -8.94 -13.82 -3.55
CA ARG A 50 -8.46 -14.76 -4.55
C ARG A 50 -7.10 -14.34 -5.09
N ARG A 51 -6.95 -13.04 -5.33
CA ARG A 51 -5.70 -12.50 -5.85
C ARG A 51 -4.57 -12.63 -4.85
N LEU A 52 -4.81 -12.12 -3.64
CA LEU A 52 -3.81 -12.18 -2.57
C LEU A 52 -3.35 -13.62 -2.34
N PHE A 53 -4.21 -14.58 -2.68
CA PHE A 53 -3.88 -15.99 -2.52
C PHE A 53 -2.88 -16.44 -3.58
N ARG A 54 -3.20 -16.18 -4.84
CA ARG A 54 -2.34 -16.56 -5.95
C ARG A 54 -0.94 -15.99 -5.77
N VAL A 55 -0.87 -14.78 -5.22
CA VAL A 55 0.41 -14.12 -4.99
C VAL A 55 1.19 -14.81 -3.87
N LYS A 56 0.59 -14.87 -2.69
CA LYS A 56 1.22 -15.48 -1.53
C LYS A 56 0.81 -16.95 -1.39
N GLY A 57 -0.44 -17.18 -0.99
CA GLY A 57 -0.92 -18.53 -0.81
C GLY A 57 -0.11 -19.32 0.18
N ARG A 58 0.68 -18.62 0.99
CA ARG A 58 1.52 -19.27 1.99
C ARG A 58 1.13 -18.82 3.40
N SER A 59 0.38 -17.73 3.49
CA SER A 59 -0.05 -17.20 4.76
C SER A 59 -1.51 -16.70 4.69
N PRO A 60 -2.47 -17.63 4.51
CA PRO A 60 -3.89 -17.28 4.43
C PRO A 60 -4.48 -16.94 5.78
N HIS A 61 -3.68 -17.11 6.83
CA HIS A 61 -4.12 -16.82 8.19
C HIS A 61 -3.46 -15.55 8.73
N LYS A 62 -2.56 -14.99 7.93
CA LYS A 62 -1.85 -13.77 8.32
C LYS A 62 -2.64 -12.53 7.94
N PRO A 63 -2.58 -11.47 8.77
CA PRO A 63 -3.28 -10.21 8.51
C PRO A 63 -2.85 -9.57 7.20
N VAL A 64 -3.72 -8.73 6.64
CA VAL A 64 -3.42 -8.05 5.39
C VAL A 64 -3.27 -6.54 5.60
N SER A 65 -2.40 -5.92 4.82
CA SER A 65 -2.14 -4.49 4.92
C SER A 65 -3.02 -3.71 3.94
N ILE A 66 -3.45 -2.52 4.36
CA ILE A 66 -4.29 -1.68 3.52
C ILE A 66 -3.56 -0.38 3.18
N CYS A 67 -4.04 0.31 2.15
CA CYS A 67 -3.45 1.56 1.73
C CYS A 67 -4.40 2.72 1.97
N VAL A 68 -3.88 3.78 2.59
CA VAL A 68 -4.70 4.96 2.90
C VAL A 68 -3.93 6.24 2.60
N SER A 69 -4.62 7.37 2.65
CA SER A 69 -3.99 8.66 2.41
C SER A 69 -3.38 9.21 3.69
N CYS A 70 -4.08 9.03 4.80
CA CYS A 70 -3.61 9.49 6.10
C CYS A 70 -4.39 8.81 7.22
N VAL A 71 -3.97 9.07 8.45
CA VAL A 71 -4.63 8.49 9.62
C VAL A 71 -6.09 8.90 9.68
N ASP A 72 -6.36 10.15 9.32
CA ASP A 72 -7.72 10.68 9.33
C ASP A 72 -8.60 10.00 8.28
N GLU A 73 -7.96 9.45 7.25
CA GLU A 73 -8.67 8.77 6.18
C GLU A 73 -9.06 7.35 6.58
N ILE A 74 -8.32 6.79 7.55
CA ILE A 74 -8.58 5.43 8.01
C ILE A 74 -9.05 5.41 9.49
N PRO A 75 -10.08 6.21 9.85
CA PRO A 75 -10.56 6.29 11.23
C PRO A 75 -11.12 4.96 11.74
N ARG A 76 -12.34 4.64 11.34
CA ARG A 76 -13.01 3.43 11.79
C ARG A 76 -12.41 2.16 11.17
N PHE A 77 -11.28 2.30 10.48
CA PHE A 77 -10.66 1.14 9.85
C PHE A 77 -9.38 0.74 10.59
N SER A 78 -8.90 1.63 11.46
CA SER A 78 -7.69 1.36 12.24
C SER A 78 -7.90 1.78 13.69
N ARG A 79 -6.88 1.56 14.54
CA ARG A 79 -6.99 1.92 15.95
C ARG A 79 -5.74 2.66 16.44
N PRO A 80 -5.46 3.84 15.86
CA PRO A 80 -4.28 4.62 16.20
C PRO A 80 -4.58 5.80 17.11
N SER A 81 -3.52 6.45 17.58
CA SER A 81 -3.64 7.61 18.45
C SER A 81 -2.87 8.80 17.89
N GLY A 82 -2.88 9.90 18.62
CA GLY A 82 -2.17 11.09 18.18
C GLY A 82 -0.67 10.98 18.33
N ASP A 83 -0.23 10.75 19.57
CA ASP A 83 1.20 10.65 19.86
C ASP A 83 1.86 9.58 19.00
N ALA A 84 1.17 8.45 18.83
CA ALA A 84 1.69 7.35 18.04
C ALA A 84 1.80 7.74 16.57
N MET A 85 0.71 8.26 16.02
CA MET A 85 0.69 8.66 14.62
C MET A 85 1.52 9.92 14.40
N GLU A 86 1.97 10.52 15.50
CA GLU A 86 2.80 11.72 15.43
C GLU A 86 4.19 11.37 14.93
N LEU A 87 4.83 10.42 15.61
CA LEU A 87 6.17 9.98 15.25
C LEU A 87 6.18 9.46 13.81
N MET A 88 5.11 8.78 13.42
CA MET A 88 5.01 8.22 12.07
C MET A 88 4.77 9.30 11.03
N GLU A 89 3.91 10.26 11.34
CA GLU A 89 3.58 11.33 10.41
C GLU A 89 4.80 12.19 10.10
N ARG A 90 5.84 12.02 10.91
CA ARG A 90 7.08 12.77 10.73
C ARG A 90 7.88 12.22 9.55
N ILE A 91 7.75 10.92 9.30
CA ILE A 91 8.46 10.28 8.21
C ILE A 91 7.49 9.74 7.15
N LEU A 92 6.51 10.56 6.78
CA LEU A 92 5.52 10.16 5.78
C LEU A 92 5.37 11.26 4.72
N PRO A 93 5.08 10.89 3.45
CA PRO A 93 4.95 9.48 3.03
C PRO A 93 6.30 8.80 2.84
N GLY A 94 6.28 7.59 2.30
CA GLY A 94 7.52 6.87 2.08
C GLY A 94 7.31 5.36 2.07
N PRO A 95 8.40 4.58 1.86
CA PRO A 95 8.31 3.11 1.84
C PRO A 95 8.28 2.51 3.23
N TYR A 96 7.60 3.20 4.15
CA TYR A 96 7.51 2.74 5.54
C TYR A 96 6.11 2.19 5.84
N THR A 97 6.04 0.89 6.10
CA THR A 97 4.77 0.25 6.41
C THR A 97 4.58 0.13 7.92
N VAL A 98 3.56 0.79 8.44
CA VAL A 98 3.27 0.76 9.88
C VAL A 98 2.03 -0.06 10.18
N VAL A 99 2.23 -1.23 10.77
CA VAL A 99 1.13 -2.12 11.13
C VAL A 99 0.54 -1.74 12.48
N LEU A 100 -0.77 -1.50 12.50
CA LEU A 100 -1.48 -1.12 13.70
C LEU A 100 -2.69 -2.03 13.91
N GLU A 101 -3.22 -2.05 15.12
CA GLU A 101 -4.41 -2.84 15.43
C GLU A 101 -5.58 -2.38 14.55
N ARG A 102 -6.70 -3.08 14.62
CA ARG A 102 -7.85 -2.71 13.79
C ARG A 102 -9.06 -2.33 14.65
N ASN A 103 -9.98 -1.60 14.03
CA ASN A 103 -11.18 -1.13 14.70
C ASN A 103 -12.18 -2.28 14.90
N GLU A 104 -13.43 -1.92 15.17
CA GLU A 104 -14.49 -2.90 15.41
C GLU A 104 -14.96 -3.54 14.10
N LEU A 105 -14.17 -3.40 13.04
CA LEU A 105 -14.52 -3.98 11.75
C LEU A 105 -14.41 -5.50 11.80
N ILE A 106 -15.18 -6.17 10.95
CA ILE A 106 -15.19 -7.64 10.90
C ILE A 106 -13.79 -8.21 10.61
N PRO A 107 -13.13 -8.77 11.64
CA PRO A 107 -11.78 -9.34 11.49
C PRO A 107 -11.76 -10.66 10.70
N ASP A 108 -12.83 -10.94 9.98
CA ASP A 108 -12.93 -12.19 9.22
C ASP A 108 -11.83 -12.30 8.16
N VAL A 109 -12.13 -11.88 6.94
CA VAL A 109 -11.16 -11.97 5.84
C VAL A 109 -10.26 -10.75 5.80
N ILE A 110 -10.37 -9.89 6.80
CA ILE A 110 -9.54 -8.69 6.86
C ILE A 110 -8.31 -8.90 7.72
N THR A 111 -8.52 -9.24 9.00
CA THR A 111 -7.42 -9.47 9.92
C THR A 111 -6.95 -10.92 9.86
N GLY A 112 -7.87 -11.83 9.56
CA GLY A 112 -7.52 -13.23 9.46
C GLY A 112 -7.17 -13.87 10.79
N GLY A 113 -5.88 -13.81 11.15
CA GLY A 113 -5.42 -14.40 12.39
C GLY A 113 -5.90 -13.66 13.62
N SER A 114 -5.18 -12.61 14.00
CA SER A 114 -5.53 -11.83 15.18
C SER A 114 -6.18 -10.51 14.78
N SER A 115 -6.31 -9.60 15.74
CA SER A 115 -6.93 -8.31 15.49
C SER A 115 -5.88 -7.26 15.12
N ARG A 116 -5.17 -7.51 14.02
CA ARG A 116 -4.13 -6.59 13.56
C ARG A 116 -4.21 -6.40 12.05
N VAL A 117 -3.95 -5.18 11.59
CA VAL A 117 -3.99 -4.87 10.17
C VAL A 117 -2.84 -3.94 9.77
N GLY A 118 -2.23 -4.22 8.63
CA GLY A 118 -1.14 -3.40 8.16
C GLY A 118 -1.64 -2.12 7.52
N ILE A 119 -0.83 -1.07 7.57
CA ILE A 119 -1.20 0.21 6.99
C ILE A 119 0.04 0.96 6.51
N ARG A 120 -0.04 1.53 5.31
CA ARG A 120 1.09 2.26 4.76
C ARG A 120 0.63 3.28 3.71
N VAL A 121 1.38 4.37 3.59
CA VAL A 121 1.09 5.41 2.61
C VAL A 121 2.16 5.43 1.52
N PRO A 122 1.97 4.64 0.45
CA PRO A 122 2.94 4.55 -0.65
C PRO A 122 3.14 5.88 -1.36
N ASP A 123 3.99 5.87 -2.38
CA ASP A 123 4.30 7.08 -3.15
C ASP A 123 3.28 7.30 -4.26
N ASP A 124 2.22 6.49 -4.26
CA ASP A 124 1.17 6.61 -5.27
C ASP A 124 0.22 7.74 -4.93
N GLU A 125 0.46 8.92 -5.49
CA GLU A 125 -0.39 10.08 -5.25
C GLU A 125 -1.83 9.79 -5.62
N ILE A 126 -2.01 8.97 -6.65
CA ILE A 126 -3.34 8.60 -7.12
C ILE A 126 -4.04 7.70 -6.11
N CYS A 127 -3.35 6.62 -5.72
CA CYS A 127 -3.91 5.69 -4.75
C CYS A 127 -4.17 6.38 -3.42
N ARG A 128 -3.61 7.58 -3.25
CA ARG A 128 -3.79 8.35 -2.02
C ARG A 128 -5.19 8.96 -1.97
N ARG A 129 -5.60 9.59 -3.06
CA ARG A 129 -6.91 10.23 -3.14
C ARG A 129 -8.03 9.21 -2.93
N ILE A 130 -8.00 8.14 -3.72
CA ILE A 130 -9.00 7.10 -3.63
C ILE A 130 -9.01 6.47 -2.24
N ALA A 131 -7.84 6.10 -1.74
CA ALA A 131 -7.71 5.50 -0.42
C ALA A 131 -8.17 6.44 0.68
N ALA A 132 -8.07 7.74 0.43
CA ALA A 132 -8.51 8.73 1.40
C ALA A 132 -9.95 8.46 1.78
N ARG A 133 -10.82 8.44 0.77
CA ARG A 133 -12.22 8.12 0.99
C ARG A 133 -12.38 6.61 1.18
N PHE A 134 -12.57 5.89 0.08
CA PHE A 134 -12.69 4.44 0.10
C PHE A 134 -11.31 3.78 0.27
N PRO A 135 -11.14 2.93 1.30
CA PRO A 135 -9.86 2.24 1.54
C PRO A 135 -9.52 1.28 0.40
N VAL A 136 -8.23 0.96 0.27
CA VAL A 136 -7.78 0.08 -0.80
C VAL A 136 -6.91 -1.05 -0.23
N THR A 137 -6.85 -2.16 -0.97
CA THR A 137 -6.03 -3.29 -0.57
C THR A 137 -4.58 -3.05 -0.95
N ALA A 138 -3.67 -3.29 -0.01
CA ALA A 138 -2.25 -3.07 -0.26
C ALA A 138 -1.42 -4.31 0.10
N THR A 139 -0.98 -5.04 -0.93
CA THR A 139 -0.18 -6.23 -0.73
C THR A 139 1.04 -6.23 -1.65
N SER A 140 2.02 -7.08 -1.35
CA SER A 140 3.24 -7.17 -2.15
C SER A 140 3.00 -8.06 -3.38
N ALA A 141 3.40 -7.56 -4.54
CA ALA A 141 3.23 -8.31 -5.79
C ALA A 141 4.28 -9.41 -5.90
N ASN A 142 3.82 -10.65 -5.98
CA ASN A 142 4.71 -11.79 -6.10
C ASN A 142 3.95 -13.04 -6.56
N ILE A 143 3.39 -12.97 -7.77
CA ILE A 143 2.64 -14.08 -8.34
C ILE A 143 3.58 -15.17 -8.84
N SER A 144 3.00 -16.26 -9.36
CA SER A 144 3.79 -17.37 -9.88
C SER A 144 4.65 -16.92 -11.05
N GLY A 145 5.84 -17.51 -11.17
CA GLY A 145 6.74 -17.16 -12.24
C GLY A 145 7.66 -16.01 -11.90
N LYS A 146 7.66 -14.98 -12.73
CA LYS A 146 8.50 -13.81 -12.51
C LYS A 146 7.66 -12.53 -12.44
N PRO A 147 7.19 -12.17 -11.23
CA PRO A 147 6.34 -10.99 -11.03
C PRO A 147 7.03 -9.68 -11.45
N PRO A 148 8.31 -9.43 -11.04
CA PRO A 148 9.01 -8.21 -11.41
C PRO A 148 9.20 -8.10 -12.92
N SER A 149 8.26 -7.46 -13.59
CA SER A 149 8.31 -7.29 -15.04
C SER A 149 9.30 -6.20 -15.44
N PRO A 150 9.94 -6.35 -16.61
CA PRO A 150 10.91 -5.38 -17.10
C PRO A 150 10.30 -4.36 -18.06
N ARG A 151 9.10 -4.67 -18.54
CA ARG A 151 8.39 -3.78 -19.46
C ARG A 151 6.92 -3.69 -19.07
N LEU A 152 6.45 -2.46 -18.89
CA LEU A 152 5.05 -2.22 -18.50
C LEU A 152 4.09 -2.82 -19.52
N GLU A 153 4.42 -2.67 -20.80
CA GLU A 153 3.58 -3.19 -21.87
C GLU A 153 3.62 -4.71 -21.91
N GLU A 154 4.66 -5.28 -21.31
CA GLU A 154 4.82 -6.74 -21.29
C GLU A 154 3.86 -7.38 -20.29
N ILE A 155 3.50 -6.64 -19.26
CA ILE A 155 2.59 -7.15 -18.23
C ILE A 155 1.15 -7.19 -18.73
N VAL A 156 0.72 -6.10 -19.36
CA VAL A 156 -0.65 -6.01 -19.88
C VAL A 156 -0.91 -7.10 -20.92
N ARG A 157 0.13 -7.48 -21.65
CA ARG A 157 0.01 -8.50 -22.69
C ARG A 157 -0.10 -9.88 -22.08
N ASP A 158 0.77 -10.19 -21.12
CA ASP A 158 0.77 -11.49 -20.46
C ASP A 158 -0.42 -11.63 -19.52
N LEU A 159 -0.94 -10.50 -19.05
CA LEU A 159 -2.08 -10.50 -18.13
C LEU A 159 -3.33 -9.94 -18.82
N ASP A 160 -3.83 -10.70 -19.80
CA ASP A 160 -5.01 -10.32 -20.58
C ASP A 160 -5.82 -9.21 -19.93
N ALA A 161 -6.37 -9.48 -18.75
CA ALA A 161 -7.18 -8.51 -18.04
C ALA A 161 -7.28 -8.86 -16.56
N VAL A 162 -6.31 -9.63 -16.08
CA VAL A 162 -6.30 -10.04 -14.67
C VAL A 162 -5.71 -8.93 -13.80
N ASP A 163 -4.41 -8.70 -13.92
CA ASP A 163 -3.73 -7.67 -13.13
C ASP A 163 -3.35 -6.49 -14.03
N LEU A 164 -4.19 -5.46 -14.03
CA LEU A 164 -3.95 -4.28 -14.86
C LEU A 164 -2.73 -3.50 -14.36
N VAL A 165 -1.88 -3.09 -15.29
CA VAL A 165 -0.68 -2.34 -14.98
C VAL A 165 -1.02 -0.96 -14.41
N LEU A 166 -0.02 -0.08 -14.37
CA LEU A 166 -0.20 1.26 -13.85
C LEU A 166 0.25 2.32 -14.86
N ASP A 167 -0.21 3.55 -14.67
CA ASP A 167 0.15 4.64 -15.58
C ASP A 167 1.38 5.39 -15.08
N ALA A 168 1.61 5.33 -13.77
CA ALA A 168 2.74 6.01 -13.16
C ALA A 168 4.00 5.17 -13.24
N GLY A 169 3.93 3.96 -12.69
CA GLY A 169 5.08 3.07 -12.72
C GLY A 169 5.83 3.01 -11.40
N ASP A 170 7.07 2.53 -11.45
CA ASP A 170 7.90 2.43 -10.25
C ASP A 170 8.36 3.81 -9.78
N CYS A 171 9.39 3.84 -8.94
CA CYS A 171 9.90 5.10 -8.42
C CYS A 171 11.39 5.01 -8.10
N LEU A 172 11.78 4.05 -7.27
CA LEU A 172 13.18 3.91 -6.87
C LEU A 172 13.64 2.46 -6.95
N ASP A 173 14.34 1.99 -5.90
CA ASP A 173 14.88 0.63 -5.89
C ASP A 173 13.85 -0.39 -5.40
N MET A 174 13.89 -1.58 -6.01
CA MET A 174 12.97 -2.65 -5.65
C MET A 174 13.17 -3.09 -4.20
N GLU A 175 14.38 -2.88 -3.68
CA GLU A 175 14.69 -3.26 -2.31
C GLU A 175 15.70 -2.28 -1.70
N PRO A 176 15.78 -2.21 -0.35
CA PRO A 176 14.97 -3.05 0.56
C PRO A 176 13.62 -2.42 0.87
N SER A 177 13.11 -2.69 2.08
CA SER A 177 11.82 -2.16 2.51
C SER A 177 11.76 -2.06 4.02
N THR A 178 10.89 -1.19 4.53
CA THR A 178 10.73 -1.00 5.96
C THR A 178 9.52 -1.77 6.49
N VAL A 179 9.72 -2.50 7.58
CA VAL A 179 8.65 -3.28 8.19
C VAL A 179 8.44 -2.88 9.65
N ILE A 180 7.57 -1.90 9.88
CA ILE A 180 7.30 -1.42 11.22
C ILE A 180 5.91 -1.85 11.69
N ASP A 181 5.82 -2.27 12.95
CA ASP A 181 4.54 -2.68 13.54
C ASP A 181 4.05 -1.61 14.51
N LEU A 182 3.71 -0.44 13.97
CA LEU A 182 3.24 0.67 14.78
C LEU A 182 1.86 0.41 15.36
N THR A 183 1.81 -0.17 16.55
CA THR A 183 0.54 -0.45 17.20
C THR A 183 0.06 0.80 17.94
N VAL A 184 0.61 1.04 19.13
CA VAL A 184 0.24 2.21 19.91
C VAL A 184 1.44 3.11 20.17
N ASN A 185 1.75 3.38 21.44
CA ASN A 185 2.87 4.26 21.79
C ASN A 185 4.20 3.68 21.32
N PRO A 186 4.52 2.41 21.66
CA PRO A 186 5.78 1.78 21.26
C PRO A 186 5.78 1.34 19.80
N PRO A 187 6.53 2.03 18.93
CA PRO A 187 6.62 1.69 17.51
C PRO A 187 7.64 0.59 17.24
N ARG A 188 7.23 -0.44 16.51
CA ARG A 188 8.13 -1.55 16.20
C ARG A 188 8.91 -1.29 14.93
N VAL A 189 9.69 -0.22 14.94
CA VAL A 189 10.51 0.15 13.79
C VAL A 189 11.53 -0.93 13.47
N LEU A 190 11.15 -1.84 12.58
CA LEU A 190 12.03 -2.94 12.20
C LEU A 190 12.28 -2.95 10.69
N ARG A 191 13.29 -2.19 10.26
CA ARG A 191 13.62 -2.11 8.84
C ARG A 191 14.51 -3.27 8.42
N ARG A 192 14.32 -3.73 7.18
CA ARG A 192 15.12 -4.83 6.64
C ARG A 192 16.54 -4.38 6.35
N GLY A 193 17.45 -4.65 7.28
CA GLY A 193 18.83 -4.26 7.11
C GLY A 193 19.68 -5.37 6.51
N LYS A 194 20.36 -5.06 5.41
CA LYS A 194 21.21 -6.03 4.74
C LYS A 194 22.68 -5.79 5.06
N GLY A 195 23.02 -4.54 5.33
CA GLY A 195 24.39 -4.19 5.65
C GLY A 195 24.71 -4.35 7.13
N PRO A 196 25.60 -5.29 7.48
CA PRO A 196 25.97 -5.53 8.88
C PRO A 196 26.76 -4.37 9.48
N LEU A 197 27.21 -3.46 8.62
CA LEU A 197 27.98 -2.30 9.07
C LEU A 197 27.86 -1.16 8.07
N ASP A 198 28.37 0.01 8.45
CA ASP A 198 28.34 1.18 7.58
C ASP A 198 29.40 1.08 6.48
N PRO A 199 29.04 1.44 5.24
CA PRO A 199 29.96 1.38 4.11
C PRO A 199 31.14 2.35 4.27
N VAL A 200 32.01 2.40 3.27
CA VAL A 200 33.17 3.28 3.31
C VAL A 200 32.75 4.74 3.22
N LEU A 201 33.16 5.52 4.22
CA LEU A 201 32.82 6.94 4.26
C LEU A 201 34.03 7.80 3.92
N LEU A 202 34.83 7.32 2.97
CA LEU A 202 36.04 8.04 2.55
C LEU A 202 35.66 9.30 1.75
N ARG A 203 36.65 10.12 1.46
CA ARG A 203 36.43 11.35 0.71
C ARG A 203 36.11 11.05 -0.75
N GLY A 204 34.88 11.35 -1.15
CA GLY A 204 34.47 11.11 -2.52
C GLY A 204 34.09 12.39 -3.24
N ALA A 205 34.96 13.40 -3.14
CA ALA A 205 34.71 14.69 -3.78
C ALA A 205 35.27 14.70 -5.21
N GLY A 206 35.19 13.55 -5.88
CA GLY A 206 35.69 13.46 -7.23
C GLY A 206 36.47 12.18 -7.47
N ASP A 207 36.10 11.45 -8.52
CA ASP A 207 36.78 10.19 -8.85
C ASP A 207 37.74 10.39 -10.01
N VAL A 208 37.80 11.62 -10.53
CA VAL A 208 38.68 11.94 -11.64
C VAL A 208 39.94 12.66 -11.17
N MET A 1 -25.73 26.58 -4.01
CA MET A 1 -26.67 26.41 -5.14
C MET A 1 -28.10 26.22 -4.66
N LEU A 2 -29.05 26.75 -5.42
CA LEU A 2 -30.46 26.64 -5.09
C LEU A 2 -31.16 25.68 -6.04
N ILE A 3 -31.44 26.15 -7.24
CA ILE A 3 -32.11 25.34 -8.25
C ILE A 3 -31.10 24.48 -9.02
N ARG A 4 -29.82 24.72 -8.76
CA ARG A 4 -28.76 23.97 -9.41
C ARG A 4 -28.49 22.66 -8.68
N LYS A 5 -28.31 21.58 -9.45
CA LYS A 5 -28.05 20.27 -8.88
C LYS A 5 -26.57 20.09 -8.57
N ILE A 6 -26.22 18.94 -8.00
CA ILE A 6 -24.83 18.65 -7.66
C ILE A 6 -24.15 17.85 -8.76
N THR A 7 -22.91 18.23 -9.08
CA THR A 7 -22.14 17.55 -10.12
C THR A 7 -21.56 16.23 -9.61
N ARG A 8 -21.85 15.15 -10.33
CA ARG A 8 -21.36 13.83 -9.94
C ARG A 8 -19.88 13.67 -10.31
N LYS A 9 -19.28 12.60 -9.82
CA LYS A 9 -17.87 12.33 -10.10
C LYS A 9 -17.68 11.88 -11.55
N ASN A 10 -17.25 12.81 -12.39
CA ASN A 10 -17.02 12.52 -13.80
C ASN A 10 -15.54 12.27 -14.08
N PRO A 11 -15.16 11.00 -14.33
CA PRO A 11 -13.77 10.63 -14.60
C PRO A 11 -13.20 11.36 -15.82
N SER A 12 -12.34 12.33 -15.56
CA SER A 12 -11.71 13.11 -16.62
C SER A 12 -10.28 12.63 -16.90
N PRO A 13 -9.43 12.52 -15.86
CA PRO A 13 -8.04 12.07 -16.04
C PRO A 13 -7.95 10.71 -16.73
N ASP A 14 -6.85 10.48 -17.44
CA ASP A 14 -6.65 9.23 -18.15
C ASP A 14 -6.28 8.11 -17.17
N VAL A 15 -5.66 8.49 -16.06
CA VAL A 15 -5.25 7.52 -15.05
C VAL A 15 -6.44 7.02 -14.24
N LEU A 16 -7.26 7.96 -13.75
CA LEU A 16 -8.42 7.61 -12.94
C LEU A 16 -9.46 6.86 -13.77
N GLU A 17 -9.53 7.18 -15.06
CA GLU A 17 -10.49 6.53 -15.94
C GLU A 17 -10.07 5.09 -16.22
N GLU A 18 -8.75 4.85 -16.23
CA GLU A 18 -8.22 3.52 -16.46
C GLU A 18 -8.39 2.66 -15.21
N ALA A 19 -8.21 3.27 -14.04
CA ALA A 19 -8.37 2.57 -12.77
C ALA A 19 -9.83 2.30 -12.48
N ILE A 20 -10.67 3.32 -12.68
CA ILE A 20 -12.11 3.17 -12.45
C ILE A 20 -12.68 2.04 -13.31
N SER A 21 -12.07 1.82 -14.48
CA SER A 21 -12.49 0.77 -15.38
C SER A 21 -12.25 -0.60 -14.77
N VAL A 22 -11.10 -0.75 -14.11
CA VAL A 22 -10.74 -2.01 -13.47
C VAL A 22 -11.72 -2.36 -12.36
N MET A 23 -12.28 -1.33 -11.72
CA MET A 23 -13.24 -1.52 -10.65
C MET A 23 -14.49 -2.25 -11.16
N GLU A 24 -14.96 -1.84 -12.33
CA GLU A 24 -16.14 -2.46 -12.94
C GLU A 24 -15.78 -3.83 -13.52
N GLY A 25 -14.50 -4.03 -13.82
CA GLY A 25 -14.06 -5.29 -14.37
C GLY A 25 -13.80 -6.35 -13.31
N GLY A 26 -13.64 -5.90 -12.07
CA GLY A 26 -13.39 -6.81 -10.97
C GLY A 26 -12.04 -7.50 -11.07
N GLY A 27 -11.05 -6.77 -11.55
CA GLY A 27 -9.72 -7.32 -11.69
C GLY A 27 -8.74 -6.72 -10.69
N ILE A 28 -7.55 -7.29 -10.59
CA ILE A 28 -6.53 -6.81 -9.67
C ILE A 28 -5.64 -5.75 -10.36
N VAL A 29 -5.37 -4.68 -9.64
CA VAL A 29 -4.53 -3.62 -10.18
C VAL A 29 -3.26 -3.47 -9.35
N ILE A 30 -2.11 -3.37 -10.03
CA ILE A 30 -0.84 -3.20 -9.33
C ILE A 30 -0.38 -1.75 -9.39
N TYR A 31 0.56 -1.40 -8.52
CA TYR A 31 1.05 -0.02 -8.46
C TYR A 31 2.35 0.08 -7.66
N PRO A 32 3.50 0.17 -8.36
CA PRO A 32 4.80 0.32 -7.70
C PRO A 32 5.08 1.79 -7.34
N THR A 33 5.74 2.00 -6.20
CA THR A 33 6.04 3.35 -5.75
C THR A 33 7.55 3.57 -5.59
N ASP A 34 7.92 4.48 -4.69
CA ASP A 34 9.32 4.78 -4.45
C ASP A 34 10.12 3.53 -4.11
N THR A 35 9.42 2.50 -3.63
CA THR A 35 10.05 1.24 -3.26
C THR A 35 9.90 0.20 -4.38
N ILE A 36 9.17 -0.88 -4.11
CA ILE A 36 8.98 -1.93 -5.10
C ILE A 36 7.53 -2.00 -5.57
N TYR A 37 7.22 -3.01 -6.36
CA TYR A 37 5.87 -3.18 -6.89
C TYR A 37 4.87 -3.41 -5.77
N GLY A 38 3.71 -2.77 -5.87
CA GLY A 38 2.68 -2.94 -4.86
C GLY A 38 1.37 -3.40 -5.46
N LEU A 39 0.35 -3.51 -4.63
CA LEU A 39 -0.96 -3.95 -5.09
C LEU A 39 -2.04 -2.95 -4.68
N GLY A 40 -2.99 -2.73 -5.56
CA GLY A 40 -4.09 -1.82 -5.28
C GLY A 40 -5.37 -2.27 -5.94
N VAL A 41 -6.40 -2.52 -5.14
CA VAL A 41 -7.67 -2.98 -5.67
C VAL A 41 -8.80 -2.86 -4.63
N ASN A 42 -10.01 -3.21 -5.03
CA ASN A 42 -11.16 -3.15 -4.14
C ASN A 42 -10.91 -3.99 -2.89
N ALA A 43 -10.67 -3.32 -1.77
CA ALA A 43 -10.38 -3.99 -0.50
C ALA A 43 -11.53 -4.86 -0.03
N LEU A 44 -12.72 -4.28 0.04
CA LEU A 44 -13.90 -5.00 0.50
C LEU A 44 -14.50 -5.87 -0.59
N ASP A 45 -13.64 -6.40 -1.46
CA ASP A 45 -14.09 -7.27 -2.54
C ASP A 45 -13.61 -8.70 -2.32
N GLU A 46 -14.27 -9.65 -2.97
CA GLU A 46 -13.91 -11.05 -2.84
C GLU A 46 -12.64 -11.37 -3.63
N ASP A 47 -12.49 -10.71 -4.78
CA ASP A 47 -11.33 -10.92 -5.63
C ASP A 47 -10.03 -10.60 -4.88
N ALA A 48 -10.13 -9.71 -3.89
CA ALA A 48 -8.97 -9.32 -3.10
C ALA A 48 -8.58 -10.42 -2.12
N VAL A 49 -9.57 -11.15 -1.62
CA VAL A 49 -9.33 -12.23 -0.67
C VAL A 49 -8.60 -13.39 -1.35
N ARG A 50 -9.14 -13.86 -2.46
CA ARG A 50 -8.55 -14.97 -3.20
C ARG A 50 -7.16 -14.61 -3.71
N ARG A 51 -6.99 -13.35 -4.11
CA ARG A 51 -5.70 -12.87 -4.62
C ARG A 51 -4.65 -12.89 -3.52
N LEU A 52 -5.03 -12.39 -2.34
CA LEU A 52 -4.13 -12.35 -1.20
C LEU A 52 -3.58 -13.74 -0.88
N PHE A 53 -4.39 -14.76 -1.13
CA PHE A 53 -3.99 -16.13 -0.85
C PHE A 53 -2.97 -16.62 -1.87
N ARG A 54 -3.03 -16.07 -3.08
CA ARG A 54 -2.11 -16.44 -4.14
C ARG A 54 -0.72 -15.84 -3.91
N VAL A 55 -0.69 -14.58 -3.50
CA VAL A 55 0.59 -13.89 -3.25
C VAL A 55 1.22 -14.37 -1.94
N LYS A 56 0.40 -14.50 -0.90
CA LYS A 56 0.89 -14.92 0.40
C LYS A 56 1.09 -16.43 0.44
N GLY A 57 0.46 -17.14 -0.50
CA GLY A 57 0.59 -18.59 -0.55
C GLY A 57 -0.03 -19.26 0.66
N ARG A 58 0.79 -19.56 1.66
CA ARG A 58 0.33 -20.20 2.88
C ARG A 58 0.56 -19.31 4.09
N SER A 59 -0.37 -18.37 4.32
CA SER A 59 -0.26 -17.45 5.44
C SER A 59 -1.63 -17.14 6.03
N PRO A 60 -2.28 -18.13 6.68
CA PRO A 60 -3.61 -17.95 7.28
C PRO A 60 -3.55 -17.24 8.62
N HIS A 61 -2.39 -16.68 8.94
CA HIS A 61 -2.21 -15.97 10.21
C HIS A 61 -1.82 -14.52 9.98
N LYS A 62 -1.42 -14.20 8.76
CA LYS A 62 -1.02 -12.84 8.42
C LYS A 62 -2.23 -12.02 7.96
N PRO A 63 -2.44 -10.84 8.58
CA PRO A 63 -3.57 -9.95 8.22
C PRO A 63 -3.43 -9.40 6.81
N VAL A 64 -4.23 -8.38 6.49
CA VAL A 64 -4.19 -7.76 5.16
C VAL A 64 -3.79 -6.29 5.25
N SER A 65 -2.90 -5.87 4.37
CA SER A 65 -2.44 -4.48 4.35
C SER A 65 -3.23 -3.68 3.32
N ILE A 66 -3.71 -2.51 3.75
CA ILE A 66 -4.48 -1.64 2.86
C ILE A 66 -3.75 -0.31 2.63
N CYS A 67 -4.26 0.49 1.69
CA CYS A 67 -3.66 1.78 1.40
C CYS A 67 -4.62 2.91 1.74
N VAL A 68 -4.10 3.96 2.36
CA VAL A 68 -4.91 5.10 2.76
C VAL A 68 -4.11 6.39 2.64
N SER A 69 -4.78 7.53 2.86
CA SER A 69 -4.13 8.83 2.79
C SER A 69 -3.38 9.10 4.10
N CYS A 70 -4.03 8.79 5.21
CA CYS A 70 -3.42 8.98 6.53
C CYS A 70 -4.17 8.19 7.58
N VAL A 71 -3.59 8.09 8.77
CA VAL A 71 -4.21 7.35 9.86
C VAL A 71 -5.61 7.88 10.17
N ASP A 72 -5.81 9.18 9.93
CA ASP A 72 -7.09 9.81 10.16
C ASP A 72 -8.16 9.29 9.21
N GLU A 73 -7.74 8.94 7.99
CA GLU A 73 -8.66 8.45 6.98
C GLU A 73 -8.96 6.96 7.19
N ILE A 74 -8.17 6.30 8.03
CA ILE A 74 -8.34 4.88 8.30
C ILE A 74 -8.78 4.58 9.76
N PRO A 75 -9.74 5.34 10.33
CA PRO A 75 -10.18 5.11 11.71
C PRO A 75 -11.08 3.89 11.85
N ARG A 76 -12.06 3.80 10.96
CA ARG A 76 -13.01 2.69 10.99
C ARG A 76 -12.38 1.37 10.54
N PHE A 77 -11.10 1.41 10.17
CA PHE A 77 -10.43 0.20 9.72
C PHE A 77 -9.43 -0.31 10.75
N SER A 78 -8.49 0.54 11.14
CA SER A 78 -7.47 0.16 12.11
C SER A 78 -7.61 0.96 13.40
N ARG A 79 -6.85 0.56 14.42
CA ARG A 79 -6.90 1.23 15.72
C ARG A 79 -5.51 1.77 16.11
N PRO A 80 -5.33 3.10 16.07
CA PRO A 80 -4.06 3.73 16.37
C PRO A 80 -4.03 4.36 17.77
N SER A 81 -2.99 5.15 18.03
CA SER A 81 -2.83 5.81 19.32
C SER A 81 -2.35 7.25 19.14
N GLY A 82 -2.14 7.94 20.26
CA GLY A 82 -1.68 9.31 20.21
C GLY A 82 -0.22 9.44 19.84
N ASP A 83 0.66 9.30 20.83
CA ASP A 83 2.09 9.41 20.62
C ASP A 83 2.56 8.44 19.55
N ALA A 84 1.84 7.34 19.39
CA ALA A 84 2.17 6.33 18.40
C ALA A 84 2.11 6.91 16.99
N MET A 85 1.03 7.63 16.70
CA MET A 85 0.84 8.22 15.38
C MET A 85 1.74 9.44 15.19
N GLU A 86 2.35 9.90 16.28
CA GLU A 86 3.25 11.04 16.22
C GLU A 86 4.55 10.67 15.51
N LEU A 87 5.12 9.55 15.93
CA LEU A 87 6.37 9.06 15.35
C LEU A 87 6.17 8.68 13.88
N MET A 88 4.99 8.12 13.58
CA MET A 88 4.68 7.71 12.22
C MET A 88 4.53 8.92 11.29
N GLU A 89 3.83 9.94 11.77
CA GLU A 89 3.62 11.15 10.98
C GLU A 89 4.93 11.89 10.77
N ARG A 90 5.95 11.52 11.53
CA ARG A 90 7.26 12.14 11.44
C ARG A 90 7.97 11.70 10.16
N ILE A 91 7.87 10.40 9.86
CA ILE A 91 8.51 9.85 8.67
C ILE A 91 7.46 9.43 7.63
N LEU A 92 6.47 10.30 7.43
CA LEU A 92 5.40 10.03 6.47
C LEU A 92 5.17 11.23 5.55
N PRO A 93 4.86 10.99 4.26
CA PRO A 93 4.73 9.65 3.69
C PRO A 93 6.09 9.01 3.40
N GLY A 94 6.07 7.94 2.61
CA GLY A 94 7.31 7.26 2.26
C GLY A 94 7.10 5.80 1.90
N PRO A 95 8.14 5.10 1.44
CA PRO A 95 8.05 3.69 1.07
C PRO A 95 8.11 2.76 2.28
N TYR A 96 7.46 3.19 3.36
CA TYR A 96 7.45 2.40 4.59
C TYR A 96 6.05 1.86 4.87
N THR A 97 5.98 0.64 5.41
CA THR A 97 4.71 0.01 5.72
C THR A 97 4.34 0.26 7.18
N VAL A 98 3.07 0.61 7.42
CA VAL A 98 2.60 0.89 8.77
C VAL A 98 1.46 -0.06 9.17
N VAL A 99 1.76 -0.96 10.10
CA VAL A 99 0.76 -1.89 10.59
C VAL A 99 0.20 -1.42 11.92
N LEU A 100 -1.12 -1.51 12.06
CA LEU A 100 -1.80 -1.06 13.27
C LEU A 100 -2.69 -2.17 13.84
N GLU A 101 -3.47 -1.82 14.86
CA GLU A 101 -4.39 -2.77 15.49
C GLU A 101 -5.61 -3.02 14.59
N ARG A 102 -6.65 -3.63 15.16
CA ARG A 102 -7.87 -3.93 14.40
C ARG A 102 -9.06 -3.20 15.00
N ASN A 103 -9.84 -2.56 14.13
CA ASN A 103 -11.03 -1.82 14.55
C ASN A 103 -12.16 -2.77 14.90
N GLU A 104 -13.34 -2.21 15.17
CA GLU A 104 -14.52 -3.00 15.51
C GLU A 104 -15.12 -3.66 14.27
N LEU A 105 -14.41 -3.59 13.15
CA LEU A 105 -14.88 -4.19 11.91
C LEU A 105 -14.87 -5.71 11.98
N ILE A 106 -15.18 -6.36 10.87
CA ILE A 106 -15.22 -7.82 10.81
C ILE A 106 -13.81 -8.40 10.69
N PRO A 107 -13.29 -9.01 11.77
CA PRO A 107 -11.96 -9.62 11.77
C PRO A 107 -11.88 -10.90 10.94
N ASP A 108 -12.79 -11.05 9.99
CA ASP A 108 -12.83 -12.25 9.15
C ASP A 108 -11.54 -12.40 8.35
N VAL A 109 -11.56 -11.95 7.10
CA VAL A 109 -10.39 -12.05 6.23
C VAL A 109 -9.52 -10.81 6.35
N ILE A 110 -9.88 -9.92 7.26
CA ILE A 110 -9.11 -8.68 7.46
C ILE A 110 -8.13 -8.84 8.61
N THR A 111 -8.51 -9.59 9.63
CA THR A 111 -7.65 -9.82 10.79
C THR A 111 -6.73 -11.01 10.53
N GLY A 112 -7.26 -12.03 9.87
CA GLY A 112 -6.48 -13.23 9.59
C GLY A 112 -6.13 -13.99 10.85
N GLY A 113 -4.89 -13.83 11.32
CA GLY A 113 -4.46 -14.51 12.52
C GLY A 113 -4.72 -13.71 13.78
N SER A 114 -4.12 -12.52 13.86
CA SER A 114 -4.28 -11.66 15.01
C SER A 114 -5.21 -10.49 14.70
N SER A 115 -5.42 -9.62 15.68
CA SER A 115 -6.30 -8.47 15.51
C SER A 115 -5.51 -7.24 15.05
N ARG A 116 -5.03 -7.28 13.81
CA ARG A 116 -4.25 -6.17 13.27
C ARG A 116 -4.67 -5.86 11.83
N VAL A 117 -4.28 -4.67 11.36
CA VAL A 117 -4.59 -4.24 10.01
C VAL A 117 -3.40 -3.53 9.38
N GLY A 118 -2.97 -4.01 8.23
CA GLY A 118 -1.83 -3.40 7.55
C GLY A 118 -2.23 -2.13 6.83
N ILE A 119 -1.28 -1.23 6.67
CA ILE A 119 -1.53 0.04 5.98
C ILE A 119 -0.31 0.47 5.19
N ARG A 120 -0.52 1.28 4.17
CA ARG A 120 0.57 1.77 3.33
C ARG A 120 0.29 3.16 2.78
N VAL A 121 1.21 4.09 3.04
CA VAL A 121 1.07 5.46 2.57
C VAL A 121 2.11 5.76 1.48
N PRO A 122 1.77 5.46 0.21
CA PRO A 122 2.68 5.68 -0.91
C PRO A 122 2.82 7.16 -1.28
N ASP A 123 3.63 7.43 -2.29
CA ASP A 123 3.85 8.80 -2.74
C ASP A 123 2.91 9.16 -3.88
N ASP A 124 1.99 8.25 -4.19
CA ASP A 124 1.03 8.46 -5.26
C ASP A 124 -0.07 9.43 -4.84
N GLU A 125 -0.02 10.65 -5.36
CA GLU A 125 -1.01 11.67 -5.04
C GLU A 125 -2.42 11.17 -5.38
N ILE A 126 -2.54 10.47 -6.51
CA ILE A 126 -3.82 9.94 -6.95
C ILE A 126 -4.36 8.92 -5.94
N CYS A 127 -3.54 7.91 -5.65
CA CYS A 127 -3.93 6.87 -4.70
C CYS A 127 -4.18 7.47 -3.32
N ARG A 128 -3.66 8.67 -3.08
CA ARG A 128 -3.82 9.33 -1.80
C ARG A 128 -5.25 9.83 -1.62
N ARG A 129 -5.86 10.29 -2.71
CA ARG A 129 -7.22 10.80 -2.67
C ARG A 129 -8.24 9.67 -2.56
N ILE A 130 -8.14 8.69 -3.46
CA ILE A 130 -9.05 7.56 -3.47
C ILE A 130 -9.00 6.79 -2.16
N ALA A 131 -7.79 6.38 -1.78
CA ALA A 131 -7.60 5.60 -0.55
C ALA A 131 -8.05 6.40 0.68
N ALA A 132 -8.01 7.72 0.57
CA ALA A 132 -8.43 8.57 1.67
C ALA A 132 -9.86 8.22 2.08
N ARG A 133 -10.77 8.28 1.13
CA ARG A 133 -12.15 7.92 1.36
C ARG A 133 -12.30 6.40 1.41
N PHE A 134 -12.47 5.79 0.24
CA PHE A 134 -12.60 4.34 0.13
C PHE A 134 -11.25 3.64 0.27
N PRO A 135 -11.06 2.84 1.34
CA PRO A 135 -9.81 2.10 1.57
C PRO A 135 -9.59 1.03 0.50
N VAL A 136 -8.36 0.91 0.02
CA VAL A 136 -8.03 -0.03 -1.03
C VAL A 136 -7.08 -1.11 -0.53
N THR A 137 -6.88 -2.14 -1.35
CA THR A 137 -5.97 -3.23 -1.02
C THR A 137 -4.53 -2.82 -1.33
N ALA A 138 -3.61 -3.19 -0.45
CA ALA A 138 -2.21 -2.85 -0.63
C ALA A 138 -1.30 -4.02 -0.27
N THR A 139 -0.76 -4.68 -1.29
CA THR A 139 0.13 -5.82 -1.08
C THR A 139 1.41 -5.69 -1.90
N SER A 140 2.55 -5.79 -1.22
CA SER A 140 3.84 -5.68 -1.89
C SER A 140 4.11 -6.90 -2.77
N ALA A 141 4.09 -6.70 -4.08
CA ALA A 141 4.34 -7.80 -5.02
C ALA A 141 5.83 -8.05 -5.19
N ASN A 142 6.35 -9.03 -4.45
CA ASN A 142 7.77 -9.37 -4.52
C ASN A 142 8.00 -10.83 -4.12
N ILE A 143 6.97 -11.65 -4.27
CA ILE A 143 7.06 -13.06 -3.92
C ILE A 143 7.74 -13.87 -5.03
N SER A 144 7.42 -15.16 -5.10
CA SER A 144 7.99 -16.03 -6.11
C SER A 144 7.65 -15.55 -7.51
N GLY A 145 8.28 -16.15 -8.52
CA GLY A 145 8.03 -15.75 -9.89
C GLY A 145 8.71 -14.45 -10.25
N LYS A 146 8.02 -13.60 -10.99
CA LYS A 146 8.57 -12.31 -11.40
C LYS A 146 7.62 -11.16 -11.06
N PRO A 147 7.34 -10.94 -9.76
CA PRO A 147 6.42 -9.88 -9.32
C PRO A 147 6.89 -8.48 -9.73
N PRO A 148 8.16 -8.10 -9.46
CA PRO A 148 8.67 -6.77 -9.84
C PRO A 148 9.05 -6.69 -11.31
N SER A 149 8.18 -6.07 -12.10
CA SER A 149 8.41 -5.94 -13.54
C SER A 149 9.33 -4.76 -13.84
N PRO A 150 10.18 -4.89 -14.88
CA PRO A 150 11.11 -3.85 -15.28
C PRO A 150 10.54 -2.96 -16.39
N ARG A 151 9.43 -3.42 -16.97
CA ARG A 151 8.78 -2.68 -18.05
C ARG A 151 7.27 -2.90 -18.01
N LEU A 152 6.52 -1.81 -18.04
CA LEU A 152 5.06 -1.87 -18.00
C LEU A 152 4.51 -2.65 -19.19
N GLU A 153 5.26 -2.65 -20.29
CA GLU A 153 4.87 -3.36 -21.49
C GLU A 153 4.96 -4.86 -21.32
N GLU A 154 5.99 -5.31 -20.60
CA GLU A 154 6.21 -6.73 -20.36
C GLU A 154 5.02 -7.36 -19.65
N ILE A 155 4.66 -6.80 -18.48
CA ILE A 155 3.56 -7.32 -17.70
C ILE A 155 2.23 -7.22 -18.43
N VAL A 156 2.00 -6.08 -19.08
CA VAL A 156 0.73 -5.84 -19.77
C VAL A 156 0.39 -6.96 -20.74
N ARG A 157 1.41 -7.61 -21.30
CA ARG A 157 1.19 -8.71 -22.22
C ARG A 157 0.78 -9.97 -21.47
N ASP A 158 1.39 -10.20 -20.31
CA ASP A 158 1.12 -11.38 -19.51
C ASP A 158 -0.22 -11.27 -18.77
N LEU A 159 -0.66 -10.05 -18.49
CA LEU A 159 -1.89 -9.84 -17.74
C LEU A 159 -3.09 -9.61 -18.67
N ASP A 160 -3.20 -10.47 -19.69
CA ASP A 160 -4.28 -10.38 -20.69
C ASP A 160 -5.43 -9.51 -20.23
N ALA A 161 -6.05 -9.86 -19.11
CA ALA A 161 -7.16 -9.09 -18.57
C ALA A 161 -7.32 -9.34 -17.07
N VAL A 162 -6.34 -10.02 -16.47
CA VAL A 162 -6.38 -10.32 -15.04
C VAL A 162 -5.92 -9.14 -14.20
N ASP A 163 -4.60 -8.91 -14.17
CA ASP A 163 -4.04 -7.81 -13.40
C ASP A 163 -3.82 -6.58 -14.28
N LEU A 164 -4.62 -5.55 -14.06
CA LEU A 164 -4.54 -4.34 -14.87
C LEU A 164 -3.30 -3.50 -14.50
N VAL A 165 -2.45 -3.28 -15.49
CA VAL A 165 -1.25 -2.47 -15.31
C VAL A 165 -1.62 -1.03 -14.93
N LEU A 166 -0.60 -0.19 -14.74
CA LEU A 166 -0.83 1.20 -14.38
C LEU A 166 -0.15 2.15 -15.36
N ASP A 167 -0.73 3.32 -15.54
CA ASP A 167 -0.19 4.32 -16.47
C ASP A 167 0.75 5.28 -15.77
N ALA A 168 0.64 5.36 -14.45
CA ALA A 168 1.49 6.24 -13.65
C ALA A 168 2.93 5.74 -13.63
N GLY A 169 3.09 4.46 -13.36
CA GLY A 169 4.42 3.87 -13.32
C GLY A 169 5.04 3.90 -11.94
N ASP A 170 6.33 3.60 -11.87
CA ASP A 170 7.04 3.58 -10.59
C ASP A 170 7.24 5.00 -10.05
N CYS A 171 8.14 5.15 -9.09
CA CYS A 171 8.41 6.45 -8.49
C CYS A 171 9.90 6.65 -8.23
N LEU A 172 10.50 5.74 -7.47
CA LEU A 172 11.92 5.85 -7.13
C LEU A 172 12.66 4.55 -7.42
N ASP A 173 13.43 4.06 -6.43
CA ASP A 173 14.21 2.84 -6.60
C ASP A 173 13.39 1.60 -6.27
N MET A 174 13.66 0.51 -6.98
CA MET A 174 12.96 -0.75 -6.75
C MET A 174 13.34 -1.36 -5.42
N GLU A 175 14.22 -0.68 -4.69
CA GLU A 175 14.68 -1.15 -3.39
C GLU A 175 15.17 0.01 -2.53
N PRO A 176 15.19 -0.15 -1.19
CA PRO A 176 14.76 -1.38 -0.50
C PRO A 176 13.27 -1.40 -0.20
N SER A 177 12.92 -1.90 0.97
CA SER A 177 11.52 -1.98 1.40
C SER A 177 11.41 -1.96 2.92
N THR A 178 10.64 -1.02 3.44
CA THR A 178 10.47 -0.88 4.89
C THR A 178 9.14 -1.48 5.36
N VAL A 179 9.20 -2.29 6.40
CA VAL A 179 8.01 -2.91 6.97
C VAL A 179 7.96 -2.69 8.48
N ILE A 180 7.04 -1.85 8.93
CA ILE A 180 6.90 -1.54 10.36
C ILE A 180 5.51 -1.90 10.87
N ASP A 181 5.46 -2.50 12.06
CA ASP A 181 4.19 -2.88 12.68
C ASP A 181 3.90 -1.98 13.87
N LEU A 182 3.65 -0.70 13.58
CA LEU A 182 3.36 0.28 14.62
C LEU A 182 1.99 0.03 15.25
N THR A 183 1.95 -0.80 16.29
CA THR A 183 0.70 -1.09 16.97
C THR A 183 0.31 0.07 17.89
N VAL A 184 0.94 0.13 19.05
CA VAL A 184 0.66 1.21 19.99
C VAL A 184 1.94 2.01 20.30
N ASN A 185 2.33 2.06 21.57
CA ASN A 185 3.52 2.80 21.97
C ASN A 185 4.78 2.20 21.35
N PRO A 186 5.00 0.88 21.48
CA PRO A 186 6.19 0.22 20.94
C PRO A 186 6.09 0.00 19.42
N PRO A 187 6.87 0.75 18.63
CA PRO A 187 6.88 0.63 17.18
C PRO A 187 7.75 -0.52 16.69
N ARG A 188 7.20 -1.38 15.85
CA ARG A 188 7.94 -2.52 15.33
C ARG A 188 8.69 -2.14 14.06
N VAL A 189 9.53 -1.12 14.17
CA VAL A 189 10.32 -0.64 13.04
C VAL A 189 11.24 -1.75 12.52
N LEU A 190 10.87 -2.31 11.38
CA LEU A 190 11.66 -3.38 10.76
C LEU A 190 11.98 -3.06 9.30
N ARG A 191 12.91 -2.14 9.10
CA ARG A 191 13.31 -1.75 7.76
C ARG A 191 14.45 -2.62 7.25
N ARG A 192 14.39 -3.00 5.98
CA ARG A 192 15.42 -3.82 5.36
C ARG A 192 16.72 -3.04 5.18
N GLY A 193 17.58 -3.07 6.20
CA GLY A 193 18.82 -2.35 6.14
C GLY A 193 19.93 -3.15 5.49
N LYS A 194 21.04 -2.50 5.18
CA LYS A 194 22.18 -3.15 4.55
C LYS A 194 23.34 -3.29 5.55
N GLY A 195 24.47 -3.78 5.06
CA GLY A 195 25.63 -3.96 5.91
C GLY A 195 26.27 -2.64 6.31
N PRO A 196 26.85 -1.89 5.35
CA PRO A 196 27.49 -0.60 5.63
C PRO A 196 26.51 0.42 6.20
N LEU A 197 27.04 1.44 6.86
CA LEU A 197 26.22 2.49 7.45
C LEU A 197 26.88 3.85 7.29
N ASP A 198 26.15 4.90 7.69
CA ASP A 198 26.67 6.26 7.59
C ASP A 198 27.86 6.47 8.53
N PRO A 199 28.80 7.35 8.16
CA PRO A 199 29.99 7.63 8.98
C PRO A 199 29.62 8.20 10.35
N VAL A 200 30.39 7.81 11.37
CA VAL A 200 30.15 8.27 12.73
C VAL A 200 30.53 9.75 12.88
N LEU A 201 30.34 10.27 14.09
CA LEU A 201 30.67 11.67 14.38
C LEU A 201 32.01 11.78 15.10
N LEU A 202 32.88 10.80 14.87
CA LEU A 202 34.20 10.79 15.50
C LEU A 202 35.06 11.93 14.96
N ARG A 203 36.22 12.12 15.57
CA ARG A 203 37.14 13.17 15.16
C ARG A 203 37.93 12.77 13.92
N GLY A 204 38.62 11.63 14.00
CA GLY A 204 39.39 11.15 12.87
C GLY A 204 40.66 11.95 12.67
N ALA A 205 40.86 12.44 11.45
CA ALA A 205 42.05 13.22 11.12
C ALA A 205 41.98 14.60 11.77
N GLY A 206 43.15 15.15 12.10
CA GLY A 206 43.22 16.45 12.73
C GLY A 206 44.09 17.42 11.97
N ASP A 207 44.33 17.13 10.69
CA ASP A 207 45.16 17.99 9.84
C ASP A 207 44.29 18.86 8.95
N VAL A 208 43.02 19.01 9.30
CA VAL A 208 42.10 19.82 8.52
C VAL A 208 42.40 21.30 8.67
N MET A 1 -21.20 32.31 1.32
CA MET A 1 -21.11 31.20 0.34
C MET A 1 -19.67 30.73 0.17
N LEU A 2 -19.49 29.44 -0.10
CA LEU A 2 -18.16 28.87 -0.27
C LEU A 2 -17.70 29.02 -1.72
N ILE A 3 -16.50 28.51 -2.00
CA ILE A 3 -15.93 28.58 -3.35
C ILE A 3 -16.55 27.52 -4.25
N ARG A 4 -16.98 27.93 -5.44
CA ARG A 4 -17.59 27.02 -6.40
C ARG A 4 -16.52 26.29 -7.22
N LYS A 5 -16.90 25.15 -7.78
CA LYS A 5 -15.99 24.35 -8.59
C LYS A 5 -15.78 24.99 -9.96
N ILE A 6 -15.20 24.23 -10.89
CA ILE A 6 -14.95 24.72 -12.24
C ILE A 6 -15.86 24.01 -13.24
N THR A 7 -15.61 22.73 -13.47
CA THR A 7 -16.39 21.94 -14.40
C THR A 7 -17.33 20.99 -13.68
N ARG A 8 -16.78 19.88 -13.21
CA ARG A 8 -17.58 18.87 -12.50
C ARG A 8 -17.35 18.97 -11.00
N LYS A 9 -18.10 18.16 -10.25
CA LYS A 9 -17.98 18.16 -8.79
C LYS A 9 -16.73 17.40 -8.34
N ASN A 10 -16.72 16.09 -8.57
CA ASN A 10 -15.60 15.26 -8.19
C ASN A 10 -14.63 15.07 -9.35
N PRO A 11 -13.31 15.28 -9.10
CA PRO A 11 -12.29 15.14 -10.14
C PRO A 11 -12.25 13.74 -10.73
N SER A 12 -11.87 12.76 -9.90
CA SER A 12 -11.80 11.36 -10.33
C SER A 12 -10.92 11.21 -11.57
N PRO A 13 -9.59 11.11 -11.38
CA PRO A 13 -8.64 10.96 -12.49
C PRO A 13 -8.96 9.74 -13.35
N ASP A 14 -8.63 9.84 -14.64
CA ASP A 14 -8.89 8.76 -15.58
C ASP A 14 -8.01 7.54 -15.26
N VAL A 15 -6.84 7.79 -14.68
CA VAL A 15 -5.91 6.72 -14.33
C VAL A 15 -6.51 5.80 -13.25
N LEU A 16 -6.87 6.39 -12.12
CA LEU A 16 -7.44 5.63 -11.02
C LEU A 16 -8.75 4.99 -11.44
N GLU A 17 -9.48 5.67 -12.32
CA GLU A 17 -10.76 5.16 -12.81
C GLU A 17 -10.56 3.87 -13.61
N GLU A 18 -9.35 3.70 -14.14
CA GLU A 18 -9.01 2.50 -14.88
C GLU A 18 -8.78 1.32 -13.94
N ALA A 19 -8.26 1.64 -12.76
CA ALA A 19 -7.95 0.64 -11.75
C ALA A 19 -9.22 0.08 -11.12
N ILE A 20 -10.16 0.96 -10.78
CA ILE A 20 -11.41 0.51 -10.14
C ILE A 20 -12.34 -0.13 -11.15
N SER A 21 -12.11 0.14 -12.43
CA SER A 21 -12.93 -0.41 -13.50
C SER A 21 -12.62 -1.88 -13.73
N VAL A 22 -11.33 -2.21 -13.85
CA VAL A 22 -10.91 -3.58 -14.10
C VAL A 22 -11.05 -4.45 -12.86
N MET A 23 -10.98 -3.84 -11.68
CA MET A 23 -11.09 -4.57 -10.43
C MET A 23 -12.53 -5.01 -10.17
N GLU A 24 -13.49 -4.21 -10.64
CA GLU A 24 -14.89 -4.51 -10.45
C GLU A 24 -15.30 -5.73 -11.26
N GLY A 25 -14.56 -6.00 -12.33
CA GLY A 25 -14.85 -7.15 -13.17
C GLY A 25 -14.07 -8.38 -12.76
N GLY A 26 -13.78 -8.50 -11.46
CA GLY A 26 -13.04 -9.63 -10.97
C GLY A 26 -11.61 -9.66 -11.46
N GLY A 27 -10.93 -8.52 -11.38
CA GLY A 27 -9.54 -8.43 -11.82
C GLY A 27 -8.64 -7.81 -10.79
N ILE A 28 -7.39 -8.25 -10.76
CA ILE A 28 -6.40 -7.73 -9.81
C ILE A 28 -5.56 -6.64 -10.47
N VAL A 29 -5.22 -5.61 -9.70
CA VAL A 29 -4.43 -4.51 -10.21
C VAL A 29 -3.10 -4.40 -9.46
N ILE A 30 -2.05 -4.00 -10.17
CA ILE A 30 -0.72 -3.85 -9.56
C ILE A 30 -0.33 -2.38 -9.52
N TYR A 31 0.71 -2.06 -8.77
CA TYR A 31 1.17 -0.67 -8.67
C TYR A 31 2.49 -0.52 -7.93
N PRO A 32 3.61 -0.49 -8.67
CA PRO A 32 4.93 -0.25 -8.10
C PRO A 32 5.19 1.24 -7.93
N THR A 33 5.86 1.63 -6.85
CA THR A 33 6.11 3.06 -6.61
C THR A 33 7.54 3.31 -6.11
N ASP A 34 7.69 3.45 -4.79
CA ASP A 34 8.99 3.74 -4.19
C ASP A 34 9.89 2.52 -4.18
N THR A 35 9.44 1.46 -3.51
CA THR A 35 10.24 0.24 -3.39
C THR A 35 10.14 -0.60 -4.67
N ILE A 36 9.37 -1.70 -4.62
CA ILE A 36 9.22 -2.56 -5.79
C ILE A 36 7.78 -2.55 -6.30
N TYR A 37 7.33 -3.69 -6.83
CA TYR A 37 5.97 -3.80 -7.36
C TYR A 37 4.97 -4.04 -6.24
N GLY A 38 3.86 -3.30 -6.30
CA GLY A 38 2.82 -3.46 -5.30
C GLY A 38 1.52 -3.96 -5.90
N LEU A 39 0.49 -4.10 -5.07
CA LEU A 39 -0.80 -4.57 -5.52
C LEU A 39 -1.93 -3.70 -4.96
N GLY A 40 -2.94 -3.46 -5.78
CA GLY A 40 -4.08 -2.68 -5.35
C GLY A 40 -5.37 -3.17 -5.96
N VAL A 41 -6.38 -3.33 -5.12
CA VAL A 41 -7.69 -3.82 -5.59
C VAL A 41 -8.80 -3.43 -4.61
N ASN A 42 -10.03 -3.66 -5.01
CA ASN A 42 -11.18 -3.37 -4.16
C ASN A 42 -11.04 -4.11 -2.82
N ALA A 43 -11.05 -3.34 -1.73
CA ALA A 43 -10.86 -3.90 -0.40
C ALA A 43 -11.90 -4.97 -0.06
N LEU A 44 -13.15 -4.56 0.06
CA LEU A 44 -14.22 -5.49 0.44
C LEU A 44 -14.71 -6.30 -0.74
N ASP A 45 -13.79 -6.70 -1.61
CA ASP A 45 -14.13 -7.54 -2.76
C ASP A 45 -13.57 -8.94 -2.60
N GLU A 46 -14.30 -9.93 -3.12
CA GLU A 46 -13.87 -11.32 -3.03
C GLU A 46 -12.72 -11.59 -3.99
N ASP A 47 -12.66 -10.79 -5.06
CA ASP A 47 -11.60 -10.94 -6.05
C ASP A 47 -10.23 -10.71 -5.42
N ALA A 48 -10.21 -9.87 -4.39
CA ALA A 48 -8.95 -9.56 -3.69
C ALA A 48 -8.54 -10.72 -2.78
N VAL A 49 -9.52 -11.37 -2.18
CA VAL A 49 -9.25 -12.51 -1.29
C VAL A 49 -8.56 -13.64 -2.04
N ARG A 50 -9.07 -13.98 -3.21
CA ARG A 50 -8.50 -15.06 -4.01
C ARG A 50 -7.08 -14.71 -4.47
N ARG A 51 -6.92 -13.51 -5.02
CA ARG A 51 -5.62 -13.07 -5.51
C ARG A 51 -4.62 -12.95 -4.36
N LEU A 52 -5.12 -12.84 -3.14
CA LEU A 52 -4.27 -12.72 -1.96
C LEU A 52 -3.59 -14.06 -1.66
N PHE A 53 -4.34 -15.14 -1.80
CA PHE A 53 -3.83 -16.48 -1.53
C PHE A 53 -2.84 -16.90 -2.62
N ARG A 54 -2.92 -16.25 -3.78
CA ARG A 54 -2.06 -16.58 -4.90
C ARG A 54 -0.62 -16.13 -4.63
N VAL A 55 -0.45 -14.83 -4.36
CA VAL A 55 0.87 -14.27 -4.11
C VAL A 55 1.39 -14.65 -2.73
N LYS A 56 0.53 -14.57 -1.72
CA LYS A 56 0.93 -14.87 -0.36
C LYS A 56 0.97 -16.38 -0.12
N GLY A 57 0.58 -17.15 -1.13
CA GLY A 57 0.59 -18.60 -1.00
C GLY A 57 -0.31 -19.08 0.12
N ARG A 58 0.30 -19.66 1.16
CA ARG A 58 -0.46 -20.17 2.30
C ARG A 58 -0.07 -19.44 3.58
N SER A 59 -0.77 -18.35 3.87
CA SER A 59 -0.51 -17.57 5.08
C SER A 59 -1.81 -17.00 5.66
N PRO A 60 -2.65 -17.86 6.24
CA PRO A 60 -3.94 -17.45 6.81
C PRO A 60 -3.79 -16.83 8.20
N HIS A 61 -2.55 -16.61 8.62
CA HIS A 61 -2.27 -16.04 9.93
C HIS A 61 -1.62 -14.66 9.80
N LYS A 62 -1.15 -14.34 8.60
CA LYS A 62 -0.51 -13.05 8.36
C LYS A 62 -1.53 -12.00 7.95
N PRO A 63 -1.61 -10.89 8.71
CA PRO A 63 -2.57 -9.80 8.42
C PRO A 63 -2.39 -9.22 7.03
N VAL A 64 -3.32 -8.36 6.62
CA VAL A 64 -3.25 -7.74 5.30
C VAL A 64 -3.00 -6.23 5.43
N SER A 65 -2.24 -5.69 4.47
CA SER A 65 -1.93 -4.27 4.47
C SER A 65 -2.92 -3.49 3.62
N ILE A 66 -3.21 -2.25 4.04
CA ILE A 66 -4.16 -1.41 3.32
C ILE A 66 -3.47 -0.16 2.77
N CYS A 67 -4.04 0.39 1.70
CA CYS A 67 -3.49 1.58 1.08
C CYS A 67 -4.35 2.80 1.42
N VAL A 68 -3.72 3.82 2.02
CA VAL A 68 -4.42 5.03 2.41
C VAL A 68 -3.52 6.24 2.31
N SER A 69 -4.06 7.43 2.59
CA SER A 69 -3.27 8.66 2.54
C SER A 69 -2.57 8.89 3.87
N CYS A 70 -3.26 8.53 4.94
CA CYS A 70 -2.71 8.67 6.30
C CYS A 70 -3.50 7.82 7.28
N VAL A 71 -2.90 7.55 8.44
CA VAL A 71 -3.55 6.74 9.45
C VAL A 71 -4.91 7.31 9.84
N ASP A 72 -5.02 8.64 9.79
CA ASP A 72 -6.26 9.32 10.11
C ASP A 72 -7.35 9.02 9.08
N GLU A 73 -6.92 8.75 7.85
CA GLU A 73 -7.86 8.45 6.77
C GLU A 73 -8.32 7.01 6.82
N ILE A 74 -7.61 6.18 7.58
CA ILE A 74 -7.94 4.76 7.69
C ILE A 74 -8.40 4.37 9.12
N PRO A 75 -9.32 5.13 9.74
CA PRO A 75 -9.80 4.81 11.10
C PRO A 75 -10.82 3.69 11.10
N ARG A 76 -11.62 3.63 10.03
CA ARG A 76 -12.66 2.62 9.92
C ARG A 76 -12.07 1.24 9.63
N PHE A 77 -10.79 1.19 9.31
CA PHE A 77 -10.14 -0.09 9.00
C PHE A 77 -9.19 -0.51 10.13
N SER A 78 -8.33 0.40 10.55
CA SER A 78 -7.37 0.12 11.61
C SER A 78 -7.65 0.94 12.85
N ARG A 79 -6.84 0.72 13.89
CA ARG A 79 -7.00 1.45 15.14
C ARG A 79 -5.76 2.30 15.45
N PRO A 80 -5.92 3.63 15.50
CA PRO A 80 -4.82 4.56 15.74
C PRO A 80 -4.80 5.08 17.18
N SER A 81 -3.80 5.90 17.49
CA SER A 81 -3.67 6.48 18.82
C SER A 81 -3.21 7.93 18.75
N GLY A 82 -3.10 8.57 19.91
CA GLY A 82 -2.69 9.96 19.96
C GLY A 82 -1.23 10.17 19.60
N ASP A 83 -0.39 10.31 20.62
CA ASP A 83 1.04 10.53 20.41
C ASP A 83 1.65 9.42 19.55
N ALA A 84 1.01 8.25 19.56
CA ALA A 84 1.48 7.12 18.77
C ALA A 84 1.49 7.47 17.28
N MET A 85 0.39 8.04 16.82
CA MET A 85 0.26 8.42 15.41
C MET A 85 1.21 9.56 15.06
N GLU A 86 1.53 10.38 16.06
CA GLU A 86 2.43 11.50 15.86
C GLU A 86 3.79 11.01 15.36
N LEU A 87 4.42 10.14 16.13
CA LEU A 87 5.72 9.58 15.78
C LEU A 87 5.66 8.88 14.42
N MET A 88 4.47 8.41 14.06
CA MET A 88 4.28 7.70 12.80
C MET A 88 4.35 8.66 11.61
N GLU A 89 3.64 9.79 11.72
CA GLU A 89 3.61 10.77 10.65
C GLU A 89 4.91 11.56 10.57
N ARG A 90 5.81 11.29 11.52
CA ARG A 90 7.10 11.98 11.56
C ARG A 90 7.91 11.70 10.31
N ILE A 91 7.84 10.46 9.82
CA ILE A 91 8.58 10.06 8.63
C ILE A 91 7.63 9.71 7.47
N LEU A 92 6.79 10.67 7.10
CA LEU A 92 5.83 10.45 6.01
C LEU A 92 6.00 11.51 4.92
N PRO A 93 5.86 11.12 3.64
CA PRO A 93 5.59 9.74 3.23
C PRO A 93 6.85 8.87 3.26
N GLY A 94 6.79 7.74 2.56
CA GLY A 94 7.93 6.84 2.51
C GLY A 94 7.54 5.40 2.23
N PRO A 95 8.51 4.55 1.83
CA PRO A 95 8.25 3.14 1.54
C PRO A 95 8.21 2.29 2.81
N TYR A 96 7.64 2.85 3.87
CA TYR A 96 7.54 2.15 5.14
C TYR A 96 6.16 1.54 5.33
N THR A 97 6.08 0.54 6.20
CA THR A 97 4.80 -0.12 6.49
C THR A 97 4.34 0.20 7.91
N VAL A 98 3.05 0.48 8.06
CA VAL A 98 2.49 0.81 9.37
C VAL A 98 1.45 -0.21 9.81
N VAL A 99 1.80 -1.01 10.81
CA VAL A 99 0.88 -2.00 11.36
C VAL A 99 0.33 -1.53 12.69
N LEU A 100 -0.99 -1.52 12.80
CA LEU A 100 -1.68 -1.10 14.01
C LEU A 100 -2.65 -2.17 14.50
N GLU A 101 -3.52 -1.81 15.42
CA GLU A 101 -4.52 -2.73 15.95
C GLU A 101 -5.64 -2.94 14.92
N ARG A 102 -6.73 -3.56 15.36
CA ARG A 102 -7.86 -3.83 14.48
C ARG A 102 -9.12 -3.12 14.97
N ASN A 103 -9.86 -2.54 14.04
CA ASN A 103 -11.10 -1.83 14.36
C ASN A 103 -12.22 -2.82 14.69
N GLU A 104 -13.43 -2.29 14.85
CA GLU A 104 -14.59 -3.11 15.16
C GLU A 104 -15.09 -3.87 13.93
N LEU A 105 -14.34 -3.74 12.83
CA LEU A 105 -14.71 -4.40 11.58
C LEU A 105 -14.53 -5.91 11.70
N ILE A 106 -15.15 -6.65 10.77
CA ILE A 106 -15.06 -8.11 10.78
C ILE A 106 -13.63 -8.59 10.51
N PRO A 107 -12.96 -9.13 11.54
CA PRO A 107 -11.58 -9.62 11.42
C PRO A 107 -11.47 -10.91 10.61
N ASP A 108 -12.38 -11.10 9.66
CA ASP A 108 -12.40 -12.30 8.84
C ASP A 108 -11.10 -12.48 8.05
N VAL A 109 -11.12 -12.06 6.78
CA VAL A 109 -9.95 -12.19 5.92
C VAL A 109 -9.04 -10.97 6.00
N ILE A 110 -9.37 -10.04 6.90
CA ILE A 110 -8.58 -8.83 7.06
C ILE A 110 -7.60 -8.97 8.23
N THR A 111 -8.02 -9.64 9.29
CA THR A 111 -7.18 -9.83 10.46
C THR A 111 -6.30 -11.07 10.31
N GLY A 112 -6.86 -12.13 9.74
CA GLY A 112 -6.11 -13.36 9.56
C GLY A 112 -5.79 -14.03 10.87
N GLY A 113 -4.58 -13.78 11.39
CA GLY A 113 -4.16 -14.39 12.64
C GLY A 113 -4.51 -13.54 13.85
N SER A 114 -3.90 -12.36 13.94
CA SER A 114 -4.13 -11.45 15.06
C SER A 114 -5.04 -10.29 14.66
N SER A 115 -5.38 -9.45 15.64
CA SER A 115 -6.24 -8.31 15.38
C SER A 115 -5.42 -7.06 15.05
N ARG A 116 -4.83 -7.06 13.86
CA ARG A 116 -4.01 -5.94 13.41
C ARG A 116 -4.32 -5.58 11.97
N VAL A 117 -3.95 -4.35 11.58
CA VAL A 117 -4.19 -3.89 10.21
C VAL A 117 -2.98 -3.09 9.70
N GLY A 118 -2.47 -3.50 8.55
CA GLY A 118 -1.32 -2.82 7.97
C GLY A 118 -1.73 -1.63 7.14
N ILE A 119 -0.78 -0.73 6.89
CA ILE A 119 -1.01 0.47 6.10
C ILE A 119 0.22 0.82 5.27
N ARG A 120 0.00 1.48 4.13
CA ARG A 120 1.10 1.86 3.26
C ARG A 120 0.82 3.20 2.58
N VAL A 121 1.69 4.17 2.82
CA VAL A 121 1.56 5.49 2.21
C VAL A 121 2.67 5.73 1.19
N PRO A 122 2.45 5.31 -0.07
CA PRO A 122 3.46 5.47 -1.14
C PRO A 122 3.65 6.92 -1.54
N ASP A 123 4.51 7.13 -2.54
CA ASP A 123 4.80 8.49 -3.02
C ASP A 123 3.76 8.94 -4.03
N ASP A 124 2.79 8.07 -4.31
CA ASP A 124 1.73 8.38 -5.26
C ASP A 124 0.74 9.38 -4.67
N GLU A 125 0.95 10.66 -4.99
CA GLU A 125 0.10 11.73 -4.50
C GLU A 125 -1.35 11.50 -4.88
N ILE A 126 -1.59 11.10 -6.12
CA ILE A 126 -2.95 10.87 -6.60
C ILE A 126 -3.58 9.67 -5.90
N CYS A 127 -2.85 8.57 -5.85
CA CYS A 127 -3.34 7.36 -5.19
C CYS A 127 -3.69 7.65 -3.73
N ARG A 128 -2.99 8.61 -3.15
CA ARG A 128 -3.24 9.00 -1.77
C ARG A 128 -4.62 9.65 -1.63
N ARG A 129 -5.03 10.36 -2.66
CA ARG A 129 -6.32 11.03 -2.67
C ARG A 129 -7.46 10.02 -2.62
N ILE A 130 -7.49 9.13 -3.61
CA ILE A 130 -8.53 8.12 -3.71
C ILE A 130 -8.47 7.15 -2.52
N ALA A 131 -7.25 6.86 -2.06
CA ALA A 131 -7.06 5.94 -0.94
C ALA A 131 -7.49 6.59 0.37
N ALA A 132 -7.36 7.91 0.45
CA ALA A 132 -7.76 8.65 1.64
C ALA A 132 -9.22 8.35 1.97
N ARG A 133 -10.10 8.58 1.01
CA ARG A 133 -11.51 8.30 1.17
C ARG A 133 -11.77 6.79 1.08
N PHE A 134 -11.91 6.30 -0.15
CA PHE A 134 -12.13 4.89 -0.39
C PHE A 134 -10.84 4.08 -0.20
N PRO A 135 -10.76 3.26 0.87
CA PRO A 135 -9.58 2.45 1.14
C PRO A 135 -9.37 1.37 0.08
N VAL A 136 -8.12 1.04 -0.20
CA VAL A 136 -7.79 0.03 -1.19
C VAL A 136 -6.90 -1.06 -0.61
N THR A 137 -6.87 -2.21 -1.26
CA THR A 137 -6.03 -3.32 -0.82
C THR A 137 -4.60 -3.11 -1.27
N ALA A 138 -3.63 -3.46 -0.43
CA ALA A 138 -2.23 -3.28 -0.75
C ALA A 138 -1.39 -4.48 -0.32
N THR A 139 -0.91 -5.23 -1.31
CA THR A 139 -0.06 -6.39 -1.04
C THR A 139 1.18 -6.37 -1.94
N SER A 140 2.23 -7.06 -1.51
CA SER A 140 3.47 -7.12 -2.28
C SER A 140 3.36 -8.09 -3.44
N ALA A 141 3.66 -7.61 -4.65
CA ALA A 141 3.60 -8.46 -5.84
C ALA A 141 4.77 -9.44 -5.89
N ASN A 142 4.46 -10.72 -5.85
CA ASN A 142 5.49 -11.76 -5.89
C ASN A 142 4.89 -13.10 -6.29
N ILE A 143 4.10 -13.09 -7.35
CA ILE A 143 3.47 -14.31 -7.84
C ILE A 143 4.47 -15.20 -8.58
N SER A 144 4.04 -16.39 -8.96
CA SER A 144 4.90 -17.33 -9.66
C SER A 144 5.42 -16.72 -10.96
N GLY A 145 6.63 -17.12 -11.37
CA GLY A 145 7.22 -16.59 -12.59
C GLY A 145 8.04 -15.34 -12.34
N LYS A 146 7.74 -14.28 -13.10
CA LYS A 146 8.45 -13.02 -12.96
C LYS A 146 7.49 -11.88 -12.67
N PRO A 147 7.24 -11.58 -11.38
CA PRO A 147 6.30 -10.52 -10.99
C PRO A 147 6.72 -9.13 -11.49
N PRO A 148 7.98 -8.70 -11.28
CA PRO A 148 8.44 -7.38 -11.73
C PRO A 148 8.69 -7.34 -13.24
N SER A 149 7.84 -6.61 -13.96
CA SER A 149 7.99 -6.49 -15.40
C SER A 149 8.75 -5.22 -15.77
N PRO A 150 9.45 -5.23 -16.92
CA PRO A 150 10.24 -4.09 -17.36
C PRO A 150 9.50 -3.19 -18.35
N ARG A 151 8.37 -3.67 -18.85
CA ARG A 151 7.57 -2.92 -19.80
C ARG A 151 6.10 -2.89 -19.40
N LEU A 152 5.48 -1.72 -19.52
CA LEU A 152 4.07 -1.55 -19.19
C LEU A 152 3.19 -2.30 -20.17
N GLU A 153 3.63 -2.36 -21.42
CA GLU A 153 2.89 -3.06 -22.47
C GLU A 153 3.03 -4.57 -22.32
N GLU A 154 4.04 -5.00 -21.59
CA GLU A 154 4.29 -6.42 -21.38
C GLU A 154 3.31 -6.99 -20.37
N ILE A 155 2.96 -6.20 -19.36
CA ILE A 155 2.03 -6.64 -18.32
C ILE A 155 0.63 -6.82 -18.89
N VAL A 156 0.10 -5.76 -19.50
CA VAL A 156 -1.24 -5.80 -20.08
C VAL A 156 -1.39 -6.96 -21.06
N ARG A 157 -0.30 -7.26 -21.77
CA ARG A 157 -0.31 -8.33 -22.75
C ARG A 157 -0.36 -9.70 -22.09
N ASP A 158 0.65 -10.00 -21.27
CA ASP A 158 0.73 -11.29 -20.58
C ASP A 158 -0.53 -11.56 -19.75
N LEU A 159 -0.98 -10.53 -19.03
CA LEU A 159 -2.15 -10.66 -18.18
C LEU A 159 -3.39 -10.06 -18.85
N ASP A 160 -3.81 -10.71 -19.95
CA ASP A 160 -4.97 -10.27 -20.74
C ASP A 160 -5.87 -9.29 -19.98
N ALA A 161 -6.43 -9.74 -18.87
CA ALA A 161 -7.31 -8.90 -18.07
C ALA A 161 -7.28 -9.31 -16.60
N VAL A 162 -6.33 -10.16 -16.24
CA VAL A 162 -6.22 -10.63 -14.87
C VAL A 162 -5.48 -9.60 -14.01
N ASP A 163 -4.22 -9.35 -14.34
CA ASP A 163 -3.42 -8.37 -13.61
C ASP A 163 -3.16 -7.13 -14.47
N LEU A 164 -4.05 -6.15 -14.36
CA LEU A 164 -3.95 -4.92 -15.15
C LEU A 164 -2.77 -4.08 -14.70
N VAL A 165 -2.07 -3.50 -15.67
CA VAL A 165 -0.91 -2.65 -15.41
C VAL A 165 -1.33 -1.29 -14.86
N LEU A 166 -0.36 -0.42 -14.66
CA LEU A 166 -0.62 0.93 -14.14
C LEU A 166 -0.02 1.99 -15.07
N ASP A 167 -0.81 3.02 -15.37
CA ASP A 167 -0.36 4.07 -16.29
C ASP A 167 0.29 5.26 -15.56
N ALA A 168 0.30 5.21 -14.23
CA ALA A 168 0.90 6.29 -13.45
C ALA A 168 2.39 6.40 -13.73
N GLY A 169 3.05 5.25 -13.78
CA GLY A 169 4.48 5.21 -14.06
C GLY A 169 5.33 5.38 -12.81
N ASP A 170 4.80 4.94 -11.68
CA ASP A 170 5.53 5.03 -10.41
C ASP A 170 6.65 4.00 -10.37
N CYS A 171 7.88 4.49 -10.23
CA CYS A 171 9.05 3.61 -10.16
C CYS A 171 10.21 4.33 -9.47
N LEU A 172 10.75 3.70 -8.43
CA LEU A 172 11.87 4.29 -7.68
C LEU A 172 12.93 3.24 -7.37
N ASP A 173 13.48 3.28 -6.15
CA ASP A 173 14.52 2.36 -5.75
C ASP A 173 13.94 1.05 -5.20
N MET A 174 14.54 -0.06 -5.60
CA MET A 174 14.10 -1.38 -5.14
C MET A 174 14.40 -1.56 -3.66
N GLU A 175 15.11 -0.58 -3.09
CA GLU A 175 15.47 -0.64 -1.68
C GLU A 175 15.58 0.78 -1.10
N PRO A 176 15.43 0.93 0.23
CA PRO A 176 15.20 -0.18 1.16
C PRO A 176 13.71 -0.46 1.37
N SER A 177 13.39 -1.01 2.54
CA SER A 177 12.01 -1.33 2.88
C SER A 177 11.82 -1.36 4.40
N THR A 178 10.92 -0.53 4.89
CA THR A 178 10.66 -0.45 6.33
C THR A 178 9.39 -1.21 6.72
N VAL A 179 9.47 -1.95 7.81
CA VAL A 179 8.33 -2.71 8.31
C VAL A 179 8.09 -2.42 9.79
N ILE A 180 7.25 -1.42 10.07
CA ILE A 180 6.97 -1.02 11.44
C ILE A 180 5.58 -1.46 11.88
N ASP A 181 5.52 -2.13 13.04
CA ASP A 181 4.25 -2.57 13.60
C ASP A 181 3.84 -1.65 14.74
N LEU A 182 3.59 -0.38 14.41
CA LEU A 182 3.19 0.62 15.39
C LEU A 182 1.79 0.34 15.93
N THR A 183 1.71 -0.37 17.05
CA THR A 183 0.42 -0.66 17.65
C THR A 183 -0.09 0.55 18.45
N VAL A 184 0.46 0.75 19.63
CA VAL A 184 0.08 1.87 20.48
C VAL A 184 1.29 2.77 20.76
N ASN A 185 1.60 3.00 22.05
CA ASN A 185 2.74 3.83 22.41
C ASN A 185 4.05 3.23 21.93
N PRO A 186 4.33 1.94 22.24
CA PRO A 186 5.56 1.28 21.83
C PRO A 186 5.55 0.90 20.34
N PRO A 187 6.35 1.59 19.51
CA PRO A 187 6.41 1.33 18.08
C PRO A 187 7.37 0.19 17.74
N ARG A 188 6.90 -0.75 16.92
CA ARG A 188 7.72 -1.89 16.52
C ARG A 188 8.52 -1.56 15.27
N VAL A 189 9.22 -0.45 15.30
CA VAL A 189 10.04 -0.02 14.16
C VAL A 189 11.09 -1.08 13.82
N LEU A 190 10.79 -1.89 12.81
CA LEU A 190 11.69 -2.96 12.40
C LEU A 190 11.96 -2.90 10.89
N ARG A 191 13.02 -2.19 10.52
CA ARG A 191 13.39 -2.05 9.12
C ARG A 191 14.34 -3.17 8.71
N ARG A 192 14.72 -3.17 7.43
CA ARG A 192 15.61 -4.19 6.89
C ARG A 192 17.00 -4.10 7.53
N GLY A 193 17.25 -4.93 8.53
CA GLY A 193 18.53 -4.91 9.20
C GLY A 193 19.55 -5.82 8.54
N LYS A 194 19.29 -6.17 7.29
CA LYS A 194 20.19 -7.05 6.53
C LYS A 194 21.13 -6.23 5.66
N GLY A 195 20.57 -5.45 4.74
CA GLY A 195 21.38 -4.63 3.86
C GLY A 195 22.04 -3.48 4.58
N PRO A 196 23.39 -3.48 4.68
CA PRO A 196 24.14 -2.41 5.36
C PRO A 196 24.21 -1.14 4.53
N LEU A 197 24.52 -0.03 5.19
CA LEU A 197 24.63 1.27 4.51
C LEU A 197 25.85 2.03 5.01
N ASP A 198 26.68 1.37 5.80
CA ASP A 198 27.88 1.98 6.35
C ASP A 198 28.89 2.31 5.25
N PRO A 199 29.22 1.36 4.35
CA PRO A 199 30.17 1.59 3.26
C PRO A 199 29.81 2.79 2.41
N VAL A 200 30.81 3.40 1.78
CA VAL A 200 30.59 4.56 0.94
C VAL A 200 29.80 4.20 -0.32
N LEU A 201 28.95 5.12 -0.77
CA LEU A 201 28.13 4.89 -1.95
C LEU A 201 28.80 5.45 -3.20
N LEU A 202 30.14 5.54 -3.16
CA LEU A 202 30.90 6.07 -4.29
C LEU A 202 31.19 4.97 -5.31
N ARG A 203 31.56 3.80 -4.82
CA ARG A 203 31.88 2.67 -5.70
C ARG A 203 30.61 2.07 -6.29
N GLY A 204 30.76 0.95 -7.00
CA GLY A 204 29.62 0.30 -7.60
C GLY A 204 29.80 -1.20 -7.71
N ALA A 205 28.98 -1.95 -6.96
CA ALA A 205 29.05 -3.41 -6.98
C ALA A 205 28.12 -3.99 -8.04
N GLY A 206 27.65 -3.14 -8.94
CA GLY A 206 26.77 -3.59 -10.00
C GLY A 206 26.91 -2.76 -11.26
N ASP A 207 28.11 -2.75 -11.82
CA ASP A 207 28.38 -1.98 -13.03
C ASP A 207 28.16 -2.84 -14.28
N VAL A 208 27.98 -4.14 -14.07
CA VAL A 208 27.77 -5.08 -15.17
C VAL A 208 26.38 -4.91 -15.77
N MET A 1 -13.23 19.43 8.88
CA MET A 1 -13.52 19.89 7.49
C MET A 1 -14.87 19.34 7.02
N LEU A 2 -15.48 20.05 6.07
CA LEU A 2 -16.77 19.64 5.52
C LEU A 2 -16.62 18.44 4.59
N ILE A 3 -17.69 18.12 3.86
CA ILE A 3 -17.67 16.99 2.95
C ILE A 3 -17.61 17.46 1.49
N ARG A 4 -16.74 16.83 0.71
CA ARG A 4 -16.58 17.18 -0.70
C ARG A 4 -17.13 16.08 -1.60
N LYS A 5 -18.41 16.17 -1.93
CA LYS A 5 -19.05 15.17 -2.78
C LYS A 5 -18.68 15.38 -4.25
N ILE A 6 -19.10 14.45 -5.10
CA ILE A 6 -18.80 14.52 -6.53
C ILE A 6 -20.07 14.82 -7.32
N THR A 7 -19.93 15.61 -8.38
CA THR A 7 -21.05 15.97 -9.23
C THR A 7 -21.45 14.80 -10.13
N ARG A 8 -20.50 14.37 -10.97
CA ARG A 8 -20.76 13.27 -11.89
C ARG A 8 -20.24 11.95 -11.33
N LYS A 9 -20.28 10.91 -12.15
CA LYS A 9 -19.81 9.58 -11.73
C LYS A 9 -18.30 9.49 -11.91
N ASN A 10 -17.81 9.84 -13.09
CA ASN A 10 -16.39 9.80 -13.38
C ASN A 10 -15.69 11.07 -12.89
N PRO A 11 -14.54 10.93 -12.21
CA PRO A 11 -13.79 12.08 -11.70
C PRO A 11 -13.43 13.08 -12.80
N SER A 12 -12.39 12.77 -13.56
CA SER A 12 -11.96 13.63 -14.66
C SER A 12 -10.85 12.97 -15.49
N PRO A 13 -9.76 12.50 -14.85
CA PRO A 13 -8.65 11.88 -15.57
C PRO A 13 -8.96 10.45 -16.01
N ASP A 14 -8.33 10.03 -17.11
CA ASP A 14 -8.53 8.70 -17.65
C ASP A 14 -7.88 7.65 -16.75
N VAL A 15 -6.78 8.02 -16.10
CA VAL A 15 -6.08 7.11 -15.21
C VAL A 15 -6.98 6.68 -14.06
N LEU A 16 -7.83 7.61 -13.60
CA LEU A 16 -8.75 7.33 -12.51
C LEU A 16 -9.90 6.44 -13.00
N GLU A 17 -10.37 6.71 -14.21
CA GLU A 17 -11.46 5.94 -14.80
C GLU A 17 -10.99 4.53 -15.18
N GLU A 18 -9.68 4.39 -15.35
CA GLU A 18 -9.10 3.09 -15.71
C GLU A 18 -9.06 2.16 -14.50
N ALA A 19 -8.80 2.74 -13.34
CA ALA A 19 -8.72 1.97 -12.10
C ALA A 19 -10.08 1.42 -11.70
N ILE A 20 -11.11 2.25 -11.82
CA ILE A 20 -12.47 1.82 -11.46
C ILE A 20 -13.06 0.91 -12.53
N SER A 21 -12.50 0.99 -13.73
CA SER A 21 -12.97 0.18 -14.85
C SER A 21 -12.66 -1.30 -14.60
N VAL A 22 -11.42 -1.60 -14.25
CA VAL A 22 -11.00 -2.98 -13.99
C VAL A 22 -11.72 -3.55 -12.77
N MET A 23 -12.00 -2.69 -11.79
CA MET A 23 -12.69 -3.11 -10.58
C MET A 23 -14.08 -3.65 -10.91
N GLU A 24 -14.67 -3.15 -11.99
CA GLU A 24 -15.99 -3.59 -12.41
C GLU A 24 -15.93 -4.97 -13.04
N GLY A 25 -14.79 -5.29 -13.66
CA GLY A 25 -14.62 -6.58 -14.30
C GLY A 25 -14.20 -7.66 -13.32
N GLY A 26 -14.15 -7.30 -12.04
CA GLY A 26 -13.76 -8.26 -11.02
C GLY A 26 -12.32 -8.72 -11.16
N GLY A 27 -11.45 -7.79 -11.57
CA GLY A 27 -10.04 -8.12 -11.74
C GLY A 27 -9.17 -7.47 -10.69
N ILE A 28 -7.91 -7.87 -10.62
CA ILE A 28 -6.98 -7.30 -9.65
C ILE A 28 -6.16 -6.18 -10.29
N VAL A 29 -5.81 -5.18 -9.50
CA VAL A 29 -5.02 -4.06 -10.00
C VAL A 29 -3.71 -3.96 -9.24
N ILE A 30 -2.60 -3.83 -9.96
CA ILE A 30 -1.29 -3.69 -9.32
C ILE A 30 -0.83 -2.24 -9.35
N TYR A 31 0.14 -1.90 -8.52
CA TYR A 31 0.62 -0.53 -8.44
C TYR A 31 1.93 -0.42 -7.66
N PRO A 32 3.07 -0.34 -8.36
CA PRO A 32 4.36 -0.15 -7.73
C PRO A 32 4.63 1.33 -7.46
N THR A 33 5.64 1.63 -6.65
CA THR A 33 5.99 3.01 -6.35
C THR A 33 7.50 3.20 -6.34
N ASP A 34 7.96 4.25 -5.65
CA ASP A 34 9.39 4.54 -5.55
C ASP A 34 10.11 3.41 -4.82
N THR A 35 9.35 2.53 -4.18
CA THR A 35 9.92 1.41 -3.44
C THR A 35 9.83 0.12 -4.25
N ILE A 36 8.79 -0.66 -4.03
CA ILE A 36 8.60 -1.92 -4.75
C ILE A 36 7.18 -2.07 -5.28
N TYR A 37 6.94 -3.11 -6.07
CA TYR A 37 5.62 -3.36 -6.64
C TYR A 37 4.60 -3.64 -5.54
N GLY A 38 3.36 -3.17 -5.74
CA GLY A 38 2.33 -3.39 -4.76
C GLY A 38 1.02 -3.84 -5.38
N LEU A 39 -0.01 -3.96 -4.56
CA LEU A 39 -1.32 -4.38 -5.03
C LEU A 39 -2.39 -3.38 -4.62
N GLY A 40 -3.39 -3.22 -5.47
CA GLY A 40 -4.49 -2.32 -5.17
C GLY A 40 -5.81 -2.81 -5.73
N VAL A 41 -6.78 -3.00 -4.85
CA VAL A 41 -8.10 -3.46 -5.27
C VAL A 41 -9.16 -3.08 -4.24
N ASN A 42 -10.42 -3.30 -4.59
CA ASN A 42 -11.51 -3.01 -3.68
C ASN A 42 -11.32 -3.78 -2.37
N ALA A 43 -11.30 -3.05 -1.27
CA ALA A 43 -11.06 -3.64 0.05
C ALA A 43 -12.08 -4.73 0.39
N LEU A 44 -13.33 -4.33 0.53
CA LEU A 44 -14.39 -5.27 0.92
C LEU A 44 -14.93 -6.04 -0.29
N ASP A 45 -14.03 -6.43 -1.19
CA ASP A 45 -14.42 -7.20 -2.37
C ASP A 45 -13.92 -8.64 -2.28
N GLU A 46 -14.68 -9.55 -2.88
CA GLU A 46 -14.31 -10.97 -2.88
C GLU A 46 -13.16 -11.23 -3.86
N ASP A 47 -13.09 -10.42 -4.91
CA ASP A 47 -12.04 -10.56 -5.90
C ASP A 47 -10.68 -10.27 -5.28
N ALA A 48 -10.69 -9.45 -4.24
CA ALA A 48 -9.47 -9.08 -3.54
C ALA A 48 -8.98 -10.23 -2.64
N VAL A 49 -9.90 -10.77 -1.86
CA VAL A 49 -9.57 -11.87 -0.95
C VAL A 49 -9.16 -13.12 -1.72
N ARG A 50 -9.71 -13.27 -2.91
CA ARG A 50 -9.40 -14.43 -3.75
C ARG A 50 -7.98 -14.33 -4.31
N ARG A 51 -7.63 -13.16 -4.84
CA ARG A 51 -6.31 -12.93 -5.40
C ARG A 51 -5.25 -12.89 -4.30
N LEU A 52 -5.68 -12.49 -3.10
CA LEU A 52 -4.78 -12.41 -1.96
C LEU A 52 -4.29 -13.79 -1.54
N PHE A 53 -5.16 -14.78 -1.67
CA PHE A 53 -4.81 -16.15 -1.30
C PHE A 53 -3.79 -16.74 -2.25
N ARG A 54 -3.95 -16.44 -3.55
CA ARG A 54 -3.03 -16.95 -4.56
C ARG A 54 -1.63 -16.36 -4.37
N VAL A 55 -1.56 -15.05 -4.19
CA VAL A 55 -0.29 -14.37 -4.00
C VAL A 55 0.38 -14.80 -2.70
N LYS A 56 -0.43 -14.95 -1.65
CA LYS A 56 0.09 -15.37 -0.35
C LYS A 56 0.24 -16.89 -0.27
N GLY A 57 -0.14 -17.57 -1.35
CA GLY A 57 -0.04 -19.01 -1.39
C GLY A 57 -0.91 -19.69 -0.35
N ARG A 58 -0.30 -20.14 0.73
CA ARG A 58 -1.03 -20.80 1.81
C ARG A 58 -0.91 -20.02 3.11
N SER A 59 -1.57 -18.87 3.17
CA SER A 59 -1.54 -18.03 4.37
C SER A 59 -2.94 -17.53 4.72
N PRO A 60 -3.83 -18.43 5.17
CA PRO A 60 -5.21 -18.08 5.54
C PRO A 60 -5.30 -17.41 6.90
N HIS A 61 -4.15 -17.29 7.57
CA HIS A 61 -4.10 -16.67 8.90
C HIS A 61 -3.18 -15.47 8.92
N LYS A 62 -2.56 -15.18 7.77
CA LYS A 62 -1.66 -14.05 7.66
C LYS A 62 -2.41 -12.75 7.41
N PRO A 63 -2.20 -11.73 8.27
CA PRO A 63 -2.88 -10.43 8.14
C PRO A 63 -2.65 -9.79 6.77
N VAL A 64 -3.52 -8.85 6.41
CA VAL A 64 -3.41 -8.15 5.14
C VAL A 64 -3.16 -6.66 5.35
N SER A 65 -2.43 -6.04 4.41
CA SER A 65 -2.12 -4.62 4.50
C SER A 65 -3.11 -3.78 3.71
N ILE A 66 -3.33 -2.56 4.16
CA ILE A 66 -4.26 -1.65 3.50
C ILE A 66 -3.52 -0.42 2.97
N CYS A 67 -4.12 0.23 1.98
CA CYS A 67 -3.54 1.42 1.38
C CYS A 67 -4.41 2.64 1.63
N VAL A 68 -3.87 3.64 2.30
CA VAL A 68 -4.62 4.85 2.61
C VAL A 68 -3.78 6.09 2.36
N SER A 69 -4.42 7.27 2.43
CA SER A 69 -3.71 8.53 2.22
C SER A 69 -3.06 8.98 3.52
N CYS A 70 -3.77 8.79 4.63
CA CYS A 70 -3.27 9.17 5.93
C CYS A 70 -4.08 8.48 7.04
N VAL A 71 -3.59 8.57 8.27
CA VAL A 71 -4.28 7.95 9.40
C VAL A 71 -5.70 8.50 9.54
N ASP A 72 -5.87 9.77 9.19
CA ASP A 72 -7.17 10.42 9.28
C ASP A 72 -8.15 9.82 8.29
N GLU A 73 -7.62 9.28 7.19
CA GLU A 73 -8.46 8.67 6.16
C GLU A 73 -8.87 7.25 6.55
N ILE A 74 -8.12 6.65 7.47
CA ILE A 74 -8.39 5.28 7.91
C ILE A 74 -8.84 5.19 9.39
N PRO A 75 -9.79 6.02 9.85
CA PRO A 75 -10.24 6.00 11.26
C PRO A 75 -10.97 4.71 11.63
N ARG A 76 -12.12 4.50 11.02
CA ARG A 76 -12.97 3.35 11.33
C ARG A 76 -12.38 2.04 10.80
N PHE A 77 -11.18 2.10 10.21
CA PHE A 77 -10.57 0.88 9.68
C PHE A 77 -9.40 0.42 10.54
N SER A 78 -8.80 1.35 11.29
CA SER A 78 -7.66 1.02 12.14
C SER A 78 -7.86 1.53 13.56
N ARG A 79 -7.12 0.95 14.49
CA ARG A 79 -7.22 1.35 15.90
C ARG A 79 -5.88 1.92 16.39
N PRO A 80 -5.66 3.23 16.19
CA PRO A 80 -4.41 3.89 16.55
C PRO A 80 -4.53 4.69 17.85
N SER A 81 -3.57 5.58 18.08
CA SER A 81 -3.55 6.41 19.27
C SER A 81 -3.10 7.83 18.96
N GLY A 82 -3.01 8.66 20.00
CA GLY A 82 -2.59 10.04 19.81
C GLY A 82 -1.09 10.18 19.56
N ASP A 83 -0.31 10.07 20.63
CA ASP A 83 1.15 10.17 20.53
C ASP A 83 1.70 9.16 19.53
N ALA A 84 1.04 8.01 19.43
CA ALA A 84 1.47 6.97 18.52
C ALA A 84 1.47 7.46 17.08
N MET A 85 0.40 8.14 16.68
CA MET A 85 0.26 8.65 15.32
C MET A 85 1.21 9.82 15.09
N GLU A 86 1.71 10.42 16.17
CA GLU A 86 2.63 11.54 16.07
C GLU A 86 3.92 11.09 15.40
N LEU A 87 4.49 9.99 15.90
CA LEU A 87 5.72 9.44 15.35
C LEU A 87 5.50 9.05 13.90
N MET A 88 4.31 8.52 13.60
CA MET A 88 3.98 8.10 12.25
C MET A 88 3.89 9.31 11.31
N GLU A 89 3.44 10.45 11.85
CA GLU A 89 3.30 11.66 11.05
C GLU A 89 4.66 12.27 10.74
N ARG A 90 5.69 11.82 11.45
CA ARG A 90 7.04 12.32 11.25
C ARG A 90 7.57 11.90 9.88
N ILE A 91 7.67 10.60 9.67
CA ILE A 91 8.17 10.07 8.40
C ILE A 91 7.02 9.64 7.50
N LEU A 92 6.12 10.58 7.20
CA LEU A 92 4.97 10.32 6.35
C LEU A 92 4.84 11.37 5.25
N PRO A 93 4.70 10.95 3.98
CA PRO A 93 4.68 9.54 3.58
C PRO A 93 6.08 8.93 3.55
N GLY A 94 6.21 7.82 2.83
CA GLY A 94 7.50 7.16 2.72
C GLY A 94 7.37 5.68 2.36
N PRO A 95 8.46 5.05 1.89
CA PRO A 95 8.46 3.64 1.50
C PRO A 95 8.51 2.70 2.71
N TYR A 96 7.80 3.07 3.77
CA TYR A 96 7.79 2.26 4.99
C TYR A 96 6.42 1.63 5.22
N THR A 97 6.42 0.33 5.50
CA THR A 97 5.19 -0.40 5.77
C THR A 97 4.95 -0.48 7.28
N VAL A 98 3.87 0.16 7.73
CA VAL A 98 3.56 0.18 9.15
C VAL A 98 2.34 -0.66 9.48
N VAL A 99 2.54 -1.68 10.32
CA VAL A 99 1.45 -2.56 10.75
C VAL A 99 0.84 -2.03 12.04
N LEU A 100 -0.49 -1.94 12.06
CA LEU A 100 -1.22 -1.43 13.23
C LEU A 100 -2.30 -2.41 13.67
N GLU A 101 -3.01 -2.06 14.74
CA GLU A 101 -4.10 -2.89 15.25
C GLU A 101 -5.33 -2.79 14.35
N ARG A 102 -6.37 -3.56 14.66
CA ARG A 102 -7.59 -3.55 13.87
C ARG A 102 -8.79 -3.12 14.70
N ASN A 103 -9.62 -2.27 14.13
CA ASN A 103 -10.82 -1.78 14.82
C ASN A 103 -11.90 -2.84 14.87
N GLU A 104 -13.16 -2.41 14.93
CA GLU A 104 -14.29 -3.34 15.00
C GLU A 104 -14.58 -3.96 13.64
N LEU A 105 -13.61 -3.86 12.73
CA LEU A 105 -13.77 -4.42 11.39
C LEU A 105 -13.76 -5.94 11.43
N ILE A 106 -14.39 -6.58 10.45
CA ILE A 106 -14.47 -8.03 10.39
C ILE A 106 -13.07 -8.65 10.32
N PRO A 107 -12.64 -9.32 11.40
CA PRO A 107 -11.31 -9.95 11.46
C PRO A 107 -11.22 -11.19 10.58
N ASP A 108 -12.30 -11.49 9.87
CA ASP A 108 -12.34 -12.67 9.00
C ASP A 108 -11.30 -12.60 7.89
N VAL A 109 -11.71 -12.09 6.73
CA VAL A 109 -10.82 -12.01 5.56
C VAL A 109 -9.91 -10.78 5.63
N ILE A 110 -9.95 -10.08 6.76
CA ILE A 110 -9.12 -8.89 6.94
C ILE A 110 -7.91 -9.17 7.81
N THR A 111 -8.16 -9.49 9.08
CA THR A 111 -7.08 -9.77 10.01
C THR A 111 -6.66 -11.23 9.98
N GLY A 112 -7.58 -12.10 9.59
CA GLY A 112 -7.29 -13.51 9.51
C GLY A 112 -7.29 -14.19 10.87
N GLY A 113 -6.15 -14.71 11.28
CA GLY A 113 -6.04 -15.39 12.56
C GLY A 113 -5.67 -14.47 13.70
N SER A 114 -5.10 -13.31 13.37
CA SER A 114 -4.69 -12.34 14.39
C SER A 114 -5.65 -11.16 14.43
N SER A 115 -5.40 -10.21 15.33
CA SER A 115 -6.24 -9.03 15.46
C SER A 115 -5.50 -7.77 15.04
N ARG A 116 -4.75 -7.86 13.94
CA ARG A 116 -3.99 -6.73 13.44
C ARG A 116 -4.11 -6.58 11.93
N VAL A 117 -3.89 -5.37 11.44
CA VAL A 117 -3.96 -5.10 10.01
C VAL A 117 -2.83 -4.15 9.60
N GLY A 118 -2.31 -4.36 8.39
CA GLY A 118 -1.22 -3.53 7.90
C GLY A 118 -1.70 -2.22 7.28
N ILE A 119 -0.79 -1.26 7.20
CA ILE A 119 -1.10 0.04 6.62
C ILE A 119 0.15 0.64 5.97
N ARG A 120 -0.03 1.29 4.82
CA ARG A 120 1.10 1.88 4.10
C ARG A 120 0.68 3.13 3.34
N VAL A 121 1.49 4.19 3.46
CA VAL A 121 1.23 5.44 2.77
C VAL A 121 2.28 5.69 1.68
N PRO A 122 2.10 5.07 0.49
CA PRO A 122 3.05 5.21 -0.62
C PRO A 122 3.12 6.65 -1.15
N ASP A 123 3.94 6.85 -2.18
CA ASP A 123 4.12 8.17 -2.77
C ASP A 123 3.19 8.39 -3.96
N ASP A 124 2.39 7.38 -4.30
CA ASP A 124 1.47 7.48 -5.42
C ASP A 124 0.41 8.54 -5.18
N GLU A 125 0.55 9.68 -5.86
CA GLU A 125 -0.39 10.79 -5.71
C GLU A 125 -1.81 10.34 -6.04
N ILE A 126 -1.96 9.57 -7.11
CA ILE A 126 -3.26 9.08 -7.53
C ILE A 126 -3.90 8.20 -6.45
N CYS A 127 -3.22 7.13 -6.08
CA CYS A 127 -3.72 6.21 -5.07
C CYS A 127 -3.95 6.94 -3.75
N ARG A 128 -3.32 8.10 -3.58
CA ARG A 128 -3.46 8.89 -2.37
C ARG A 128 -4.86 9.50 -2.27
N ARG A 129 -5.41 9.89 -3.42
CA ARG A 129 -6.74 10.49 -3.46
C ARG A 129 -7.82 9.44 -3.24
N ILE A 130 -7.77 8.36 -4.02
CA ILE A 130 -8.75 7.29 -3.92
C ILE A 130 -8.74 6.67 -2.53
N ALA A 131 -7.55 6.27 -2.08
CA ALA A 131 -7.40 5.65 -0.76
C ALA A 131 -7.85 6.58 0.35
N ALA A 132 -7.70 7.89 0.12
CA ALA A 132 -8.13 8.89 1.10
C ALA A 132 -9.59 8.67 1.47
N ARG A 133 -10.45 8.66 0.44
CA ARG A 133 -11.87 8.41 0.64
C ARG A 133 -12.11 6.92 0.90
N PHE A 134 -12.33 6.18 -0.18
CA PHE A 134 -12.54 4.74 -0.10
C PHE A 134 -11.21 4.00 0.11
N PRO A 135 -11.13 3.14 1.14
CA PRO A 135 -9.90 2.38 1.41
C PRO A 135 -9.61 1.38 0.30
N VAL A 136 -8.34 1.01 0.15
CA VAL A 136 -7.94 0.08 -0.90
C VAL A 136 -7.06 -1.03 -0.35
N THR A 137 -7.03 -2.16 -1.04
CA THR A 137 -6.19 -3.28 -0.65
C THR A 137 -4.77 -3.05 -1.10
N ALA A 138 -3.80 -3.35 -0.23
CA ALA A 138 -2.39 -3.13 -0.56
C ALA A 138 -1.53 -4.34 -0.20
N THR A 139 -1.08 -5.05 -1.23
CA THR A 139 -0.22 -6.21 -1.04
C THR A 139 1.04 -6.09 -1.88
N SER A 140 2.20 -6.05 -1.22
CA SER A 140 3.47 -5.93 -1.91
C SER A 140 3.72 -7.13 -2.83
N ALA A 141 3.70 -6.89 -4.13
CA ALA A 141 3.93 -7.96 -5.11
C ALA A 141 5.41 -8.13 -5.41
N ASN A 142 6.11 -8.85 -4.54
CA ASN A 142 7.54 -9.10 -4.72
C ASN A 142 7.98 -10.36 -3.99
N ILE A 143 7.04 -11.27 -3.78
CA ILE A 143 7.34 -12.52 -3.08
C ILE A 143 7.98 -13.53 -4.04
N SER A 144 7.68 -14.82 -3.83
CA SER A 144 8.24 -15.88 -4.68
C SER A 144 7.89 -15.65 -6.15
N GLY A 145 8.63 -16.32 -7.03
CA GLY A 145 8.40 -16.17 -8.45
C GLY A 145 8.96 -14.87 -8.99
N LYS A 146 8.27 -14.28 -9.97
CA LYS A 146 8.69 -13.03 -10.56
C LYS A 146 7.57 -11.99 -10.55
N PRO A 147 7.10 -11.58 -9.35
CA PRO A 147 6.01 -10.61 -9.21
C PRO A 147 6.32 -9.25 -9.85
N PRO A 148 7.50 -8.64 -9.56
CA PRO A 148 7.86 -7.34 -10.13
C PRO A 148 8.32 -7.45 -11.58
N SER A 149 7.77 -6.58 -12.42
CA SER A 149 8.13 -6.57 -13.85
C SER A 149 9.19 -5.51 -14.13
N PRO A 150 9.95 -5.67 -15.22
CA PRO A 150 11.01 -4.74 -15.59
C PRO A 150 10.54 -3.70 -16.60
N ARG A 151 9.41 -3.96 -17.24
CA ARG A 151 8.84 -3.04 -18.21
C ARG A 151 7.31 -3.02 -18.09
N LEU A 152 6.76 -1.82 -17.98
CA LEU A 152 5.31 -1.65 -17.85
C LEU A 152 4.57 -2.28 -19.02
N GLU A 153 5.21 -2.28 -20.19
CA GLU A 153 4.60 -2.83 -21.40
C GLU A 153 4.61 -4.37 -21.37
N GLU A 154 5.65 -4.94 -20.78
CA GLU A 154 5.79 -6.39 -20.70
C GLU A 154 4.62 -7.02 -19.94
N ILE A 155 4.24 -6.39 -18.82
CA ILE A 155 3.16 -6.92 -18.00
C ILE A 155 1.81 -6.69 -18.64
N VAL A 156 1.62 -5.53 -19.26
CA VAL A 156 0.34 -5.18 -19.87
C VAL A 156 -0.13 -6.27 -20.83
N ARG A 157 0.82 -6.93 -21.48
CA ARG A 157 0.50 -8.01 -22.42
C ARG A 157 0.12 -9.28 -21.66
N ASP A 158 0.87 -9.57 -20.60
CA ASP A 158 0.64 -10.79 -19.81
C ASP A 158 -0.59 -10.69 -18.91
N LEU A 159 -1.01 -9.46 -18.59
CA LEU A 159 -2.16 -9.28 -17.69
C LEU A 159 -3.46 -9.11 -18.49
N ASP A 160 -3.58 -9.86 -19.57
CA ASP A 160 -4.75 -9.84 -20.45
C ASP A 160 -5.97 -9.23 -19.76
N ALA A 161 -6.35 -9.78 -18.60
CA ALA A 161 -7.49 -9.28 -17.85
C ALA A 161 -7.36 -9.60 -16.37
N VAL A 162 -6.19 -10.13 -15.97
CA VAL A 162 -5.96 -10.49 -14.58
C VAL A 162 -5.56 -9.26 -13.73
N ASP A 163 -4.30 -8.88 -13.79
CA ASP A 163 -3.80 -7.74 -13.03
C ASP A 163 -3.59 -6.52 -13.92
N LEU A 164 -4.63 -5.71 -14.05
CA LEU A 164 -4.57 -4.51 -14.90
C LEU A 164 -3.44 -3.58 -14.46
N VAL A 165 -2.53 -3.31 -15.39
CA VAL A 165 -1.40 -2.42 -15.14
C VAL A 165 -1.86 -1.01 -14.75
N LEU A 166 -0.92 -0.08 -14.68
CA LEU A 166 -1.22 1.30 -14.31
C LEU A 166 -0.70 2.27 -15.36
N ASP A 167 -1.30 3.46 -15.40
CA ASP A 167 -0.90 4.49 -16.36
C ASP A 167 0.16 5.41 -15.78
N ALA A 168 0.16 5.53 -14.45
CA ALA A 168 1.11 6.39 -13.76
C ALA A 168 2.52 5.85 -13.89
N GLY A 169 2.72 4.62 -13.41
CA GLY A 169 4.02 3.98 -13.52
C GLY A 169 4.97 4.42 -12.42
N ASP A 170 4.52 4.38 -11.17
CA ASP A 170 5.37 4.75 -10.04
C ASP A 170 6.44 3.68 -9.81
N CYS A 171 7.67 4.00 -10.18
CA CYS A 171 8.77 3.06 -10.02
C CYS A 171 10.11 3.78 -9.98
N LEU A 172 10.85 3.59 -8.90
CA LEU A 172 12.17 4.21 -8.73
C LEU A 172 13.17 3.21 -8.15
N ASP A 173 13.49 3.35 -6.87
CA ASP A 173 14.43 2.47 -6.21
C ASP A 173 13.75 1.20 -5.70
N MET A 174 14.06 0.07 -6.32
CA MET A 174 13.46 -1.21 -5.92
C MET A 174 13.89 -1.60 -4.51
N GLU A 175 14.94 -0.97 -4.02
CA GLU A 175 15.45 -1.27 -2.68
C GLU A 175 16.09 -0.02 -2.05
N PRO A 176 16.13 0.06 -0.71
CA PRO A 176 15.63 -0.98 0.18
C PRO A 176 14.17 -0.76 0.59
N SER A 177 13.81 -1.21 1.78
CA SER A 177 12.45 -1.05 2.29
C SER A 177 12.43 -1.14 3.82
N THR A 178 11.53 -0.39 4.44
CA THR A 178 11.42 -0.38 5.89
C THR A 178 10.24 -1.23 6.36
N VAL A 179 10.40 -1.88 7.51
CA VAL A 179 9.36 -2.73 8.07
C VAL A 179 9.07 -2.34 9.51
N ILE A 180 8.04 -1.53 9.70
CA ILE A 180 7.66 -1.07 11.04
C ILE A 180 6.33 -1.68 11.48
N ASP A 181 6.28 -2.15 12.72
CA ASP A 181 5.07 -2.72 13.29
C ASP A 181 4.45 -1.75 14.29
N LEU A 182 4.01 -0.60 13.77
CA LEU A 182 3.38 0.43 14.60
C LEU A 182 2.02 -0.01 15.12
N THR A 183 2.00 -0.78 16.20
CA THR A 183 0.73 -1.24 16.76
C THR A 183 0.04 -0.10 17.49
N VAL A 184 0.54 0.22 18.68
CA VAL A 184 -0.02 1.32 19.47
C VAL A 184 1.04 2.39 19.73
N ASN A 185 1.32 2.67 21.00
CA ASN A 185 2.31 3.68 21.36
C ASN A 185 3.72 3.24 20.97
N PRO A 186 4.16 2.03 21.39
CA PRO A 186 5.50 1.53 21.07
C PRO A 186 5.66 1.18 19.59
N PRO A 187 6.43 1.98 18.83
CA PRO A 187 6.67 1.74 17.41
C PRO A 187 7.78 0.72 17.17
N ARG A 188 7.45 -0.33 16.44
CA ARG A 188 8.43 -1.38 16.14
C ARG A 188 9.21 -1.05 14.88
N VAL A 189 9.81 0.13 14.87
CA VAL A 189 10.60 0.59 13.74
C VAL A 189 11.74 -0.38 13.43
N LEU A 190 11.57 -1.17 12.37
CA LEU A 190 12.57 -2.15 11.99
C LEU A 190 12.93 -2.02 10.51
N ARG A 191 13.94 -1.19 10.23
CA ARG A 191 14.38 -0.97 8.85
C ARG A 191 15.42 -2.01 8.44
N ARG A 192 15.33 -2.46 7.19
CA ARG A 192 16.26 -3.46 6.67
C ARG A 192 17.59 -2.82 6.29
N GLY A 193 17.56 -1.51 6.05
CA GLY A 193 18.77 -0.79 5.69
C GLY A 193 19.50 -0.23 6.88
N LYS A 194 20.25 0.85 6.65
CA LYS A 194 21.01 1.50 7.72
C LYS A 194 20.40 2.84 8.08
N GLY A 195 20.15 3.05 9.36
CA GLY A 195 19.56 4.30 9.82
C GLY A 195 20.56 5.46 9.80
N PRO A 196 20.09 6.71 9.89
CA PRO A 196 20.96 7.89 9.89
C PRO A 196 21.73 8.04 11.20
N LEU A 197 21.41 7.20 12.17
CA LEU A 197 22.06 7.24 13.47
C LEU A 197 22.13 5.85 14.09
N ASP A 198 22.17 4.83 13.24
CA ASP A 198 22.24 3.45 13.72
C ASP A 198 23.65 3.08 14.19
N PRO A 199 24.69 3.34 13.37
CA PRO A 199 26.08 3.02 13.73
C PRO A 199 26.60 3.88 14.86
N VAL A 200 26.36 5.19 14.76
CA VAL A 200 26.81 6.13 15.78
C VAL A 200 26.03 5.95 17.09
N LEU A 201 26.72 6.08 18.21
CA LEU A 201 26.10 5.93 19.52
C LEU A 201 26.12 7.25 20.29
N LEU A 202 25.97 8.35 19.57
CA LEU A 202 25.97 9.68 20.18
C LEU A 202 24.64 9.98 20.86
N ARG A 203 23.61 10.19 20.05
CA ARG A 203 22.28 10.49 20.58
C ARG A 203 21.54 9.23 20.98
N GLY A 204 20.32 9.39 21.49
CA GLY A 204 19.54 8.25 21.91
C GLY A 204 18.07 8.60 22.10
N ALA A 205 17.20 7.61 21.89
CA ALA A 205 15.77 7.82 22.04
C ALA A 205 15.35 7.74 23.50
N GLY A 206 14.93 8.87 24.06
CA GLY A 206 14.51 8.90 25.45
C GLY A 206 14.67 10.27 26.08
N ASP A 207 13.66 11.12 25.89
CA ASP A 207 13.69 12.47 26.45
C ASP A 207 12.90 12.54 27.75
N VAL A 208 12.81 11.41 28.43
CA VAL A 208 12.08 11.34 29.70
C VAL A 208 12.88 11.98 30.83
N MET A 1 -21.40 35.61 1.15
CA MET A 1 -20.42 34.79 0.39
C MET A 1 -19.47 35.68 -0.42
N LEU A 2 -18.66 35.05 -1.26
CA LEU A 2 -17.70 35.78 -2.09
C LEU A 2 -18.18 35.84 -3.54
N ILE A 3 -17.35 36.40 -4.41
CA ILE A 3 -17.70 36.52 -5.82
C ILE A 3 -17.47 35.21 -6.56
N ARG A 4 -16.89 34.24 -5.87
CA ARG A 4 -16.62 32.94 -6.45
C ARG A 4 -17.90 32.11 -6.56
N LYS A 5 -17.87 31.08 -7.39
CA LYS A 5 -19.03 30.22 -7.58
C LYS A 5 -19.23 29.28 -6.40
N ILE A 6 -20.47 28.86 -6.18
CA ILE A 6 -20.78 27.96 -5.08
C ILE A 6 -20.54 26.51 -5.46
N THR A 7 -20.70 26.20 -6.74
CA THR A 7 -20.51 24.85 -7.23
C THR A 7 -19.03 24.48 -7.25
N ARG A 8 -18.75 23.22 -7.56
CA ARG A 8 -17.37 22.73 -7.61
C ARG A 8 -16.96 22.43 -9.04
N LYS A 9 -15.66 22.56 -9.32
CA LYS A 9 -15.13 22.28 -10.65
C LYS A 9 -15.01 20.79 -10.88
N ASN A 10 -15.16 20.37 -12.13
CA ASN A 10 -15.07 18.95 -12.48
C ASN A 10 -13.80 18.65 -13.28
N PRO A 11 -12.72 18.23 -12.61
CA PRO A 11 -11.45 17.90 -13.27
C PRO A 11 -11.55 16.64 -14.10
N SER A 12 -12.16 15.60 -13.52
CA SER A 12 -12.34 14.32 -14.22
C SER A 12 -11.01 13.80 -14.75
N PRO A 13 -10.11 13.35 -13.84
CA PRO A 13 -8.80 12.82 -14.23
C PRO A 13 -8.92 11.52 -15.02
N ASP A 14 -8.05 11.36 -16.01
CA ASP A 14 -8.06 10.16 -16.85
C ASP A 14 -7.49 8.97 -16.10
N VAL A 15 -6.45 9.20 -15.30
CA VAL A 15 -5.82 8.14 -14.53
C VAL A 15 -6.74 7.67 -13.41
N LEU A 16 -7.62 8.54 -12.95
CA LEU A 16 -8.55 8.22 -11.88
C LEU A 16 -9.61 7.24 -12.36
N GLU A 17 -10.27 7.57 -13.47
CA GLU A 17 -11.32 6.73 -14.03
C GLU A 17 -10.75 5.40 -14.51
N GLU A 18 -9.44 5.37 -14.73
CA GLU A 18 -8.76 4.15 -15.18
C GLU A 18 -8.78 3.08 -14.10
N ALA A 19 -8.42 3.48 -12.88
CA ALA A 19 -8.39 2.55 -11.75
C ALA A 19 -9.79 2.05 -11.42
N ILE A 20 -10.78 2.92 -11.55
CA ILE A 20 -12.16 2.57 -11.25
C ILE A 20 -12.70 1.56 -12.26
N SER A 21 -12.24 1.67 -13.50
CA SER A 21 -12.68 0.77 -14.55
C SER A 21 -12.21 -0.66 -14.29
N VAL A 22 -11.05 -0.78 -13.63
CA VAL A 22 -10.49 -2.09 -13.32
C VAL A 22 -11.27 -2.78 -12.22
N MET A 23 -11.81 -1.99 -11.29
CA MET A 23 -12.58 -2.52 -10.18
C MET A 23 -13.85 -3.20 -10.67
N GLU A 24 -14.60 -2.49 -11.51
CA GLU A 24 -15.84 -3.02 -12.06
C GLU A 24 -15.59 -4.23 -12.95
N GLY A 25 -14.34 -4.39 -13.39
CA GLY A 25 -13.99 -5.51 -14.25
C GLY A 25 -13.61 -6.74 -13.46
N GLY A 26 -13.65 -6.64 -12.14
CA GLY A 26 -13.29 -7.78 -11.30
C GLY A 26 -11.85 -8.20 -11.48
N GLY A 27 -10.98 -7.23 -11.72
CA GLY A 27 -9.57 -7.52 -11.91
C GLY A 27 -8.70 -6.90 -10.84
N ILE A 28 -7.46 -7.37 -10.75
CA ILE A 28 -6.51 -6.85 -9.76
C ILE A 28 -5.63 -5.77 -10.38
N VAL A 29 -5.25 -4.79 -9.57
CA VAL A 29 -4.41 -3.70 -10.04
C VAL A 29 -3.08 -3.68 -9.30
N ILE A 30 -1.98 -3.62 -10.04
CA ILE A 30 -0.65 -3.60 -9.44
C ILE A 30 -0.07 -2.19 -9.44
N TYR A 31 0.96 -1.95 -8.63
CA TYR A 31 1.55 -0.63 -8.53
C TYR A 31 2.94 -0.65 -7.88
N PRO A 32 4.01 -0.84 -8.67
CA PRO A 32 5.38 -0.81 -8.17
C PRO A 32 5.84 0.63 -7.97
N THR A 33 6.19 0.99 -6.73
CA THR A 33 6.57 2.37 -6.42
C THR A 33 8.04 2.46 -5.96
N ASP A 34 8.27 3.29 -4.93
CA ASP A 34 9.62 3.49 -4.42
C ASP A 34 10.25 2.15 -4.06
N THR A 35 9.51 1.32 -3.35
CA THR A 35 10.01 0.01 -2.94
C THR A 35 9.91 -0.99 -4.11
N ILE A 36 9.14 -2.06 -3.94
CA ILE A 36 9.01 -3.07 -4.99
C ILE A 36 7.59 -3.07 -5.55
N TYR A 37 7.27 -4.09 -6.34
CA TYR A 37 5.94 -4.21 -6.93
C TYR A 37 4.89 -4.37 -5.84
N GLY A 38 3.87 -3.54 -5.89
CA GLY A 38 2.82 -3.59 -4.90
C GLY A 38 1.48 -3.99 -5.48
N LEU A 39 0.51 -4.25 -4.61
CA LEU A 39 -0.82 -4.64 -5.05
C LEU A 39 -1.86 -3.65 -4.55
N GLY A 40 -2.82 -3.34 -5.40
CA GLY A 40 -3.87 -2.41 -5.05
C GLY A 40 -5.19 -2.78 -5.71
N VAL A 41 -6.19 -3.09 -4.89
CA VAL A 41 -7.49 -3.49 -5.41
C VAL A 41 -8.59 -3.30 -4.37
N ASN A 42 -9.84 -3.52 -4.77
CA ASN A 42 -10.96 -3.36 -3.86
C ASN A 42 -10.79 -4.24 -2.62
N ALA A 43 -10.63 -3.61 -1.47
CA ALA A 43 -10.41 -4.32 -0.22
C ALA A 43 -11.62 -5.15 0.20
N LEU A 44 -12.80 -4.53 0.20
CA LEU A 44 -14.02 -5.22 0.60
C LEU A 44 -14.58 -6.07 -0.52
N ASP A 45 -13.71 -6.54 -1.40
CA ASP A 45 -14.10 -7.40 -2.51
C ASP A 45 -13.57 -8.82 -2.32
N GLU A 46 -14.28 -9.79 -2.88
CA GLU A 46 -13.88 -11.19 -2.77
C GLU A 46 -12.69 -11.48 -3.69
N ASP A 47 -12.61 -10.73 -4.79
CA ASP A 47 -11.54 -10.92 -5.76
C ASP A 47 -10.17 -10.67 -5.12
N ALA A 48 -10.15 -9.82 -4.10
CA ALA A 48 -8.91 -9.52 -3.41
C ALA A 48 -8.40 -10.72 -2.62
N VAL A 49 -9.33 -11.53 -2.13
CA VAL A 49 -8.97 -12.72 -1.36
C VAL A 49 -8.34 -13.78 -2.25
N ARG A 50 -8.99 -14.06 -3.38
CA ARG A 50 -8.50 -15.07 -4.32
C ARG A 50 -7.18 -14.63 -4.96
N ARG A 51 -7.03 -13.33 -5.19
CA ARG A 51 -5.83 -12.79 -5.80
C ARG A 51 -4.64 -12.88 -4.85
N LEU A 52 -4.79 -12.31 -3.66
CA LEU A 52 -3.72 -12.31 -2.66
C LEU A 52 -3.33 -13.73 -2.27
N PHE A 53 -4.21 -14.68 -2.58
CA PHE A 53 -3.97 -16.08 -2.25
C PHE A 53 -2.92 -16.69 -3.20
N ARG A 54 -3.15 -16.53 -4.50
CA ARG A 54 -2.23 -17.07 -5.50
C ARG A 54 -0.82 -16.50 -5.34
N VAL A 55 -0.75 -15.21 -5.01
CA VAL A 55 0.53 -14.55 -4.82
C VAL A 55 1.24 -15.03 -3.56
N LYS A 56 0.57 -14.87 -2.42
CA LYS A 56 1.13 -15.28 -1.14
C LYS A 56 0.89 -16.77 -0.89
N GLY A 57 -0.33 -17.12 -0.52
CA GLY A 57 -0.66 -18.51 -0.25
C GLY A 57 0.23 -19.13 0.82
N ARG A 58 0.74 -18.29 1.71
CA ARG A 58 1.62 -18.75 2.77
C ARG A 58 0.91 -18.70 4.12
N SER A 59 0.26 -17.58 4.41
CA SER A 59 -0.44 -17.41 5.68
C SER A 59 -1.82 -16.79 5.45
N PRO A 60 -2.82 -17.61 5.08
CA PRO A 60 -4.19 -17.14 4.83
C PRO A 60 -4.89 -16.65 6.10
N HIS A 61 -4.22 -16.78 7.23
CA HIS A 61 -4.78 -16.36 8.51
C HIS A 61 -4.09 -15.11 9.04
N LYS A 62 -2.88 -14.85 8.54
CA LYS A 62 -2.13 -13.68 8.97
C LYS A 62 -2.79 -12.38 8.49
N PRO A 63 -2.68 -11.30 9.27
CA PRO A 63 -3.27 -10.01 8.91
C PRO A 63 -2.86 -9.54 7.52
N VAL A 64 -3.66 -8.66 6.95
CA VAL A 64 -3.37 -8.13 5.62
C VAL A 64 -3.02 -6.64 5.69
N SER A 65 -2.25 -6.18 4.71
CA SER A 65 -1.83 -4.77 4.67
C SER A 65 -2.78 -3.95 3.80
N ILE A 66 -3.15 -2.78 4.30
CA ILE A 66 -4.07 -1.90 3.60
C ILE A 66 -3.38 -0.61 3.15
N CYS A 67 -3.82 -0.05 2.04
CA CYS A 67 -3.25 1.18 1.51
C CYS A 67 -4.23 2.34 1.69
N VAL A 68 -3.74 3.43 2.30
CA VAL A 68 -4.57 4.60 2.54
C VAL A 68 -3.76 5.88 2.33
N SER A 69 -4.39 7.03 2.52
CA SER A 69 -3.71 8.31 2.36
C SER A 69 -3.02 8.71 3.65
N CYS A 70 -3.70 8.49 4.77
CA CYS A 70 -3.15 8.83 6.09
C CYS A 70 -3.94 8.14 7.19
N VAL A 71 -3.40 8.19 8.40
CA VAL A 71 -4.05 7.58 9.55
C VAL A 71 -5.45 8.13 9.75
N ASP A 72 -5.61 9.41 9.44
CA ASP A 72 -6.89 10.09 9.56
C ASP A 72 -7.90 9.54 8.55
N GLU A 73 -7.39 9.03 7.43
CA GLU A 73 -8.25 8.49 6.39
C GLU A 73 -8.76 7.09 6.76
N ILE A 74 -8.08 6.44 7.69
CA ILE A 74 -8.48 5.11 8.15
C ILE A 74 -8.95 5.12 9.61
N PRO A 75 -10.03 5.86 9.93
CA PRO A 75 -10.55 5.94 11.30
C PRO A 75 -11.10 4.61 11.79
N ARG A 76 -12.24 4.21 11.22
CA ARG A 76 -12.89 2.97 11.60
C ARG A 76 -12.15 1.75 11.08
N PHE A 77 -10.90 1.93 10.66
CA PHE A 77 -10.11 0.81 10.14
C PHE A 77 -9.08 0.35 11.16
N SER A 78 -8.31 1.30 11.69
CA SER A 78 -7.29 0.98 12.68
C SER A 78 -7.46 1.81 13.95
N ARG A 79 -6.78 1.41 15.02
CA ARG A 79 -6.87 2.11 16.29
C ARG A 79 -5.53 2.78 16.63
N PRO A 80 -5.39 4.08 16.32
CA PRO A 80 -4.17 4.83 16.58
C PRO A 80 -4.26 5.71 17.81
N SER A 81 -3.19 6.45 18.10
CA SER A 81 -3.15 7.33 19.25
C SER A 81 -2.58 8.70 18.86
N GLY A 82 -2.69 9.65 19.78
CA GLY A 82 -2.21 11.00 19.51
C GLY A 82 -0.70 11.04 19.30
N ASP A 83 0.05 10.97 20.40
CA ASP A 83 1.50 11.02 20.33
C ASP A 83 2.05 9.91 19.45
N ALA A 84 1.31 8.79 19.39
CA ALA A 84 1.73 7.65 18.58
C ALA A 84 1.81 8.02 17.11
N MET A 85 0.78 8.72 16.62
CA MET A 85 0.73 9.12 15.22
C MET A 85 1.68 10.27 14.93
N GLU A 86 2.22 10.87 15.99
CA GLU A 86 3.15 11.98 15.85
C GLU A 86 4.51 11.48 15.34
N LEU A 87 5.02 10.44 16.00
CA LEU A 87 6.31 9.86 15.63
C LEU A 87 6.24 9.26 14.22
N MET A 88 5.09 8.69 13.88
CA MET A 88 4.91 8.06 12.57
C MET A 88 4.83 9.11 11.46
N GLU A 89 3.97 10.10 11.65
CA GLU A 89 3.79 11.15 10.64
C GLU A 89 5.08 11.91 10.38
N ARG A 90 6.05 11.74 11.27
CA ARG A 90 7.34 12.40 11.14
C ARG A 90 8.09 11.90 9.90
N ILE A 91 7.91 10.64 9.58
CA ILE A 91 8.57 10.04 8.42
C ILE A 91 7.54 9.61 7.37
N LEU A 92 6.66 10.53 6.99
CA LEU A 92 5.62 10.26 6.00
C LEU A 92 5.59 11.35 4.93
N PRO A 93 5.39 10.98 3.65
CA PRO A 93 5.22 9.57 3.23
C PRO A 93 6.56 8.83 3.14
N GLY A 94 6.55 7.69 2.46
CA GLY A 94 7.77 6.92 2.31
C GLY A 94 7.50 5.44 2.07
N PRO A 95 8.51 4.67 1.64
CA PRO A 95 8.39 3.24 1.39
C PRO A 95 8.42 2.42 2.68
N TYR A 96 7.84 3.00 3.75
CA TYR A 96 7.82 2.33 5.04
C TYR A 96 6.47 1.65 5.27
N THR A 97 6.43 0.77 6.26
CA THR A 97 5.20 0.05 6.61
C THR A 97 4.73 0.44 8.00
N VAL A 98 3.45 0.74 8.12
CA VAL A 98 2.87 1.12 9.41
C VAL A 98 1.70 0.21 9.77
N VAL A 99 1.94 -0.70 10.70
CA VAL A 99 0.91 -1.63 11.16
C VAL A 99 0.32 -1.18 12.49
N LEU A 100 -1.00 -1.13 12.55
CA LEU A 100 -1.72 -0.72 13.75
C LEU A 100 -2.75 -1.77 14.14
N GLU A 101 -3.53 -1.47 15.18
CA GLU A 101 -4.59 -2.37 15.62
C GLU A 101 -5.77 -2.32 14.64
N ARG A 102 -6.82 -3.08 14.94
CA ARG A 102 -7.99 -3.12 14.08
C ARG A 102 -9.23 -2.67 14.84
N ASN A 103 -10.09 -1.92 14.15
CA ASN A 103 -11.33 -1.41 14.75
C ASN A 103 -12.36 -2.53 14.90
N GLU A 104 -13.57 -2.16 15.33
CA GLU A 104 -14.65 -3.12 15.51
C GLU A 104 -15.26 -3.54 14.17
N LEU A 105 -14.41 -3.80 13.17
CA LEU A 105 -14.87 -4.20 11.86
C LEU A 105 -15.38 -5.65 11.87
N ILE A 106 -16.40 -5.92 11.07
CA ILE A 106 -16.99 -7.25 10.99
C ILE A 106 -16.15 -8.19 10.12
N PRO A 107 -15.79 -7.77 8.87
CA PRO A 107 -15.01 -8.60 7.96
C PRO A 107 -13.74 -9.17 8.61
N ASP A 108 -13.81 -10.42 9.03
CA ASP A 108 -12.67 -11.07 9.68
C ASP A 108 -11.70 -11.60 8.64
N VAL A 109 -12.00 -11.36 7.37
CA VAL A 109 -11.15 -11.81 6.27
C VAL A 109 -9.97 -10.87 6.07
N ILE A 110 -10.14 -9.62 6.50
CA ILE A 110 -9.10 -8.61 6.36
C ILE A 110 -8.28 -8.49 7.65
N THR A 111 -8.97 -8.55 8.78
CA THR A 111 -8.30 -8.44 10.08
C THR A 111 -7.59 -9.75 10.44
N GLY A 112 -7.95 -10.81 9.73
CA GLY A 112 -7.34 -12.11 9.99
C GLY A 112 -7.77 -12.71 11.32
N GLY A 113 -7.13 -13.81 11.70
CA GLY A 113 -7.46 -14.45 12.97
C GLY A 113 -7.02 -13.66 14.17
N SER A 114 -6.29 -12.57 13.92
CA SER A 114 -5.80 -11.72 15.00
C SER A 114 -6.59 -10.41 15.04
N SER A 115 -6.18 -9.52 15.95
CA SER A 115 -6.84 -8.22 16.09
C SER A 115 -5.93 -7.08 15.63
N ARG A 116 -5.21 -7.31 14.55
CA ARG A 116 -4.30 -6.30 14.01
C ARG A 116 -4.37 -6.25 12.49
N VAL A 117 -4.11 -5.07 11.94
CA VAL A 117 -4.13 -4.87 10.50
C VAL A 117 -2.98 -3.96 10.07
N GLY A 118 -2.42 -4.24 8.89
CA GLY A 118 -1.31 -3.44 8.40
C GLY A 118 -1.76 -2.29 7.54
N ILE A 119 -0.91 -1.28 7.41
CA ILE A 119 -1.20 -0.10 6.61
C ILE A 119 0.08 0.42 5.96
N ARG A 120 -0.05 1.05 4.79
CA ARG A 120 1.12 1.57 4.09
C ARG A 120 0.78 2.84 3.30
N VAL A 121 1.64 3.84 3.43
CA VAL A 121 1.47 5.10 2.71
C VAL A 121 2.55 5.26 1.63
N PRO A 122 2.29 4.72 0.42
CA PRO A 122 3.26 4.79 -0.69
C PRO A 122 3.36 6.19 -1.28
N ASP A 123 4.15 6.31 -2.34
CA ASP A 123 4.36 7.59 -3.01
C ASP A 123 3.36 7.78 -4.15
N ASP A 124 2.35 6.90 -4.20
CA ASP A 124 1.33 6.96 -5.23
C ASP A 124 0.33 8.08 -4.95
N GLU A 125 0.53 9.21 -5.59
CA GLU A 125 -0.35 10.36 -5.42
C GLU A 125 -1.79 10.00 -5.77
N ILE A 126 -1.97 9.35 -6.92
CA ILE A 126 -3.31 8.96 -7.37
C ILE A 126 -3.95 8.00 -6.37
N CYS A 127 -3.22 6.95 -6.01
CA CYS A 127 -3.72 5.97 -5.06
C CYS A 127 -4.00 6.62 -3.71
N ARG A 128 -3.34 7.74 -3.45
CA ARG A 128 -3.52 8.47 -2.21
C ARG A 128 -4.94 9.06 -2.14
N ARG A 129 -5.47 9.42 -3.30
CA ARG A 129 -6.81 9.99 -3.38
C ARG A 129 -7.88 8.92 -3.17
N ILE A 130 -7.83 7.88 -4.01
CA ILE A 130 -8.79 6.79 -3.93
C ILE A 130 -8.76 6.12 -2.56
N ALA A 131 -7.56 5.73 -2.12
CA ALA A 131 -7.39 5.07 -0.83
C ALA A 131 -7.82 5.97 0.32
N ALA A 132 -7.73 7.28 0.12
CA ALA A 132 -8.13 8.24 1.14
C ALA A 132 -9.56 7.96 1.58
N ARG A 133 -10.46 7.97 0.61
CA ARG A 133 -11.86 7.66 0.88
C ARG A 133 -12.04 6.15 1.07
N PHE A 134 -12.23 5.45 -0.04
CA PHE A 134 -12.37 4.00 -0.01
C PHE A 134 -11.01 3.33 0.19
N PRO A 135 -10.88 2.46 1.20
CA PRO A 135 -9.62 1.75 1.47
C PRO A 135 -9.28 0.77 0.35
N VAL A 136 -7.98 0.59 0.10
CA VAL A 136 -7.52 -0.32 -0.95
C VAL A 136 -6.63 -1.42 -0.37
N THR A 137 -6.57 -2.55 -1.07
CA THR A 137 -5.73 -3.67 -0.64
C THR A 137 -4.29 -3.42 -1.05
N ALA A 138 -3.37 -3.65 -0.12
CA ALA A 138 -1.95 -3.45 -0.37
C ALA A 138 -1.13 -4.67 0.00
N THR A 139 -0.70 -5.42 -1.01
CA THR A 139 0.10 -6.62 -0.79
C THR A 139 1.31 -6.67 -1.72
N SER A 140 2.29 -7.48 -1.36
CA SER A 140 3.50 -7.61 -2.18
C SER A 140 3.23 -8.48 -3.40
N ALA A 141 3.50 -7.93 -4.58
CA ALA A 141 3.27 -8.66 -5.83
C ALA A 141 4.24 -9.82 -5.97
N ASN A 142 3.74 -10.97 -6.40
CA ASN A 142 4.55 -12.16 -6.58
C ASN A 142 3.83 -13.19 -7.44
N ILE A 143 3.35 -12.76 -8.60
CA ILE A 143 2.63 -13.64 -9.51
C ILE A 143 3.53 -14.78 -9.98
N SER A 144 2.91 -15.90 -10.36
CA SER A 144 3.66 -17.07 -10.82
C SER A 144 4.59 -16.70 -11.96
N GLY A 145 5.77 -17.31 -11.97
CA GLY A 145 6.75 -17.03 -13.01
C GLY A 145 7.68 -15.90 -12.64
N LYS A 146 7.52 -14.76 -13.32
CA LYS A 146 8.36 -13.59 -13.06
C LYS A 146 7.49 -12.37 -12.75
N PRO A 147 7.26 -12.09 -11.44
CA PRO A 147 6.43 -10.96 -11.01
C PRO A 147 6.97 -9.60 -11.49
N PRO A 148 8.28 -9.30 -11.29
CA PRO A 148 8.86 -8.02 -11.71
C PRO A 148 8.82 -7.84 -13.23
N SER A 149 8.02 -6.88 -13.68
CA SER A 149 7.90 -6.60 -15.11
C SER A 149 8.81 -5.44 -15.51
N PRO A 150 9.49 -5.54 -16.67
CA PRO A 150 10.41 -4.53 -17.15
C PRO A 150 9.77 -3.57 -18.14
N ARG A 151 8.58 -3.91 -18.63
CA ARG A 151 7.88 -3.08 -19.61
C ARG A 151 6.41 -2.90 -19.22
N LEU A 152 5.94 -1.66 -19.32
CA LEU A 152 4.56 -1.33 -19.01
C LEU A 152 3.61 -1.96 -20.01
N GLU A 153 3.97 -1.90 -21.28
CA GLU A 153 3.15 -2.46 -22.35
C GLU A 153 3.18 -3.98 -22.31
N GLU A 154 4.18 -4.54 -21.63
CA GLU A 154 4.33 -5.99 -21.54
C GLU A 154 3.29 -6.59 -20.60
N ILE A 155 2.97 -5.86 -19.53
CA ILE A 155 2.00 -6.33 -18.55
C ILE A 155 0.58 -6.31 -19.11
N VAL A 156 0.22 -5.20 -19.75
CA VAL A 156 -1.12 -5.06 -20.32
C VAL A 156 -1.37 -6.05 -21.44
N ARG A 157 -0.33 -6.33 -22.21
CA ARG A 157 -0.44 -7.25 -23.35
C ARG A 157 -0.47 -8.71 -22.89
N ASP A 158 0.46 -9.09 -22.01
CA ASP A 158 0.54 -10.48 -21.55
C ASP A 158 -0.59 -10.81 -20.58
N LEU A 159 -0.89 -9.89 -19.69
CA LEU A 159 -1.94 -10.10 -18.69
C LEU A 159 -3.28 -9.55 -19.17
N ASP A 160 -3.87 -10.26 -20.15
CA ASP A 160 -5.15 -9.87 -20.75
C ASP A 160 -5.92 -8.84 -19.93
N ALA A 161 -6.36 -9.23 -18.75
CA ALA A 161 -7.12 -8.33 -17.88
C ALA A 161 -7.06 -8.79 -16.43
N VAL A 162 -6.00 -9.51 -16.07
CA VAL A 162 -5.85 -9.98 -14.69
C VAL A 162 -5.28 -8.87 -13.80
N ASP A 163 -4.03 -8.50 -14.04
CA ASP A 163 -3.40 -7.42 -13.29
C ASP A 163 -3.17 -6.20 -14.17
N LEU A 164 -4.12 -5.27 -14.12
CA LEU A 164 -4.06 -4.06 -14.94
C LEU A 164 -2.81 -3.24 -14.62
N VAL A 165 -2.06 -2.90 -15.67
CA VAL A 165 -0.85 -2.09 -15.52
C VAL A 165 -1.17 -0.73 -14.92
N LEU A 166 -0.13 0.06 -14.67
CA LEU A 166 -0.31 1.40 -14.12
C LEU A 166 0.40 2.46 -14.96
N ASP A 167 -0.36 3.47 -15.38
CA ASP A 167 0.17 4.53 -16.22
C ASP A 167 0.67 5.72 -15.39
N ALA A 168 0.46 5.65 -14.08
CA ALA A 168 0.87 6.73 -13.19
C ALA A 168 2.39 6.90 -13.21
N GLY A 169 3.09 5.78 -13.19
CA GLY A 169 4.55 5.82 -13.22
C GLY A 169 5.17 6.01 -11.85
N ASP A 170 4.99 5.02 -10.98
CA ASP A 170 5.56 5.06 -9.63
C ASP A 170 7.08 4.85 -9.68
N CYS A 171 7.56 3.76 -9.09
CA CYS A 171 8.99 3.46 -9.10
C CYS A 171 9.25 1.96 -9.06
N LEU A 172 10.51 1.58 -8.90
CA LEU A 172 10.88 0.17 -8.85
C LEU A 172 12.04 -0.12 -7.88
N ASP A 173 12.44 0.86 -7.08
CA ASP A 173 13.59 0.68 -6.19
C ASP A 173 13.33 -0.39 -5.14
N MET A 174 13.75 -1.62 -5.44
CA MET A 174 13.55 -2.76 -4.55
C MET A 174 14.06 -2.47 -3.14
N GLU A 175 14.86 -1.42 -2.99
CA GLU A 175 15.42 -1.07 -1.68
C GLU A 175 15.41 0.44 -1.49
N PRO A 176 15.29 0.92 -0.23
CA PRO A 176 15.20 0.05 0.95
C PRO A 176 13.77 -0.45 1.19
N SER A 177 13.50 -0.90 2.42
CA SER A 177 12.19 -1.41 2.79
C SER A 177 12.02 -1.40 4.30
N THR A 178 11.12 -0.56 4.78
CA THR A 178 10.87 -0.44 6.22
C THR A 178 9.59 -1.16 6.61
N VAL A 179 9.65 -1.90 7.72
CA VAL A 179 8.49 -2.64 8.22
C VAL A 179 8.26 -2.34 9.70
N ILE A 180 7.32 -1.43 9.98
CA ILE A 180 7.02 -1.02 11.35
C ILE A 180 5.59 -1.39 11.73
N ASP A 181 5.44 -2.00 12.90
CA ASP A 181 4.12 -2.37 13.41
C ASP A 181 3.72 -1.46 14.58
N LEU A 182 3.55 -0.18 14.29
CA LEU A 182 3.19 0.80 15.30
C LEU A 182 1.76 0.61 15.77
N THR A 183 1.59 -0.02 16.93
CA THR A 183 0.26 -0.23 17.48
C THR A 183 -0.21 1.03 18.23
N VAL A 184 0.16 1.16 19.49
CA VAL A 184 -0.21 2.34 20.27
C VAL A 184 1.03 3.07 20.79
N ASN A 185 1.44 2.76 22.02
CA ASN A 185 2.61 3.41 22.62
C ASN A 185 3.91 2.74 22.17
N PRO A 186 4.05 1.40 22.32
CA PRO A 186 5.25 0.68 21.90
C PRO A 186 5.31 0.46 20.40
N PRO A 187 6.19 1.20 19.70
CA PRO A 187 6.34 1.07 18.25
C PRO A 187 7.23 -0.10 17.85
N ARG A 188 6.74 -0.92 16.92
CA ARG A 188 7.50 -2.06 16.44
C ARG A 188 8.36 -1.69 15.25
N VAL A 189 9.03 -0.53 15.36
CA VAL A 189 9.88 -0.04 14.29
C VAL A 189 10.96 -1.07 13.95
N LEU A 190 10.74 -1.78 12.85
CA LEU A 190 11.67 -2.82 12.41
C LEU A 190 12.09 -2.60 10.96
N ARG A 191 13.13 -1.78 10.77
CA ARG A 191 13.63 -1.48 9.44
C ARG A 191 14.60 -2.56 8.97
N ARG A 192 14.57 -2.85 7.67
CA ARG A 192 15.43 -3.86 7.09
C ARG A 192 16.86 -3.34 6.96
N GLY A 193 17.65 -3.99 6.11
CA GLY A 193 19.03 -3.58 5.91
C GLY A 193 19.15 -2.39 4.98
N LYS A 194 20.00 -1.43 5.37
CA LYS A 194 20.20 -0.23 4.58
C LYS A 194 21.57 -0.24 3.92
N GLY A 195 22.61 -0.46 4.73
CA GLY A 195 23.97 -0.49 4.21
C GLY A 195 24.24 -1.75 3.40
N PRO A 196 24.62 -1.61 2.11
CA PRO A 196 24.91 -2.75 1.25
C PRO A 196 26.11 -3.55 1.71
N LEU A 197 27.31 -3.05 1.42
CA LEU A 197 28.55 -3.73 1.82
C LEU A 197 29.67 -2.73 2.04
N ASP A 198 29.87 -1.85 1.06
CA ASP A 198 30.92 -0.84 1.14
C ASP A 198 30.67 0.11 2.31
N PRO A 199 31.65 0.25 3.22
CA PRO A 199 31.53 1.13 4.38
C PRO A 199 31.52 2.61 4.00
N VAL A 200 32.30 2.94 2.98
CA VAL A 200 32.38 4.33 2.50
C VAL A 200 31.05 4.79 1.92
N LEU A 201 30.47 5.81 2.53
CA LEU A 201 29.20 6.35 2.07
C LEU A 201 29.39 7.72 1.42
N LEU A 202 30.57 7.93 0.85
CA LEU A 202 30.89 9.19 0.19
C LEU A 202 30.19 9.28 -1.16
N ARG A 203 30.58 8.39 -2.08
CA ARG A 203 30.00 8.37 -3.41
C ARG A 203 28.64 7.69 -3.40
N GLY A 204 27.73 8.17 -4.26
CA GLY A 204 26.40 7.60 -4.34
C GLY A 204 26.03 7.18 -5.75
N ALA A 205 26.07 5.88 -6.02
CA ALA A 205 25.73 5.35 -7.33
C ALA A 205 24.38 4.65 -7.32
N GLY A 206 23.58 4.91 -8.35
CA GLY A 206 22.26 4.30 -8.45
C GLY A 206 22.00 3.71 -9.82
N ASP A 207 22.31 4.48 -10.85
CA ASP A 207 22.10 4.02 -12.22
C ASP A 207 23.33 3.29 -12.75
N VAL A 208 24.49 3.93 -12.65
CA VAL A 208 25.74 3.33 -13.11
C VAL A 208 26.32 2.41 -12.05
N MET A 1 -16.46 20.38 6.99
CA MET A 1 -15.87 21.65 6.49
C MET A 1 -16.64 22.86 7.03
N LEU A 2 -15.93 23.96 7.24
CA LEU A 2 -16.55 25.18 7.76
C LEU A 2 -17.39 25.87 6.68
N ILE A 3 -16.73 26.63 5.82
CA ILE A 3 -17.43 27.35 4.76
C ILE A 3 -17.37 26.57 3.44
N ARG A 4 -18.43 26.66 2.66
CA ARG A 4 -18.51 25.98 1.38
C ARG A 4 -18.13 26.90 0.23
N LYS A 5 -17.18 26.46 -0.60
CA LYS A 5 -16.73 27.25 -1.74
C LYS A 5 -17.61 26.99 -2.95
N ILE A 6 -17.16 27.49 -4.11
CA ILE A 6 -17.91 27.31 -5.35
C ILE A 6 -17.51 26.01 -6.05
N THR A 7 -18.50 25.32 -6.61
CA THR A 7 -18.26 24.07 -7.31
C THR A 7 -17.51 24.30 -8.61
N ARG A 8 -16.29 23.77 -8.69
CA ARG A 8 -15.47 23.94 -9.88
C ARG A 8 -15.40 22.64 -10.67
N LYS A 9 -15.74 22.71 -11.96
CA LYS A 9 -15.72 21.54 -12.83
C LYS A 9 -14.28 21.12 -13.15
N ASN A 10 -13.86 19.99 -12.59
CA ASN A 10 -12.52 19.47 -12.81
C ASN A 10 -12.55 18.24 -13.71
N PRO A 11 -11.93 18.31 -14.90
CA PRO A 11 -11.90 17.19 -15.85
C PRO A 11 -11.33 15.92 -15.22
N SER A 12 -11.74 14.77 -15.73
CA SER A 12 -11.27 13.49 -15.22
C SER A 12 -9.97 13.08 -15.90
N PRO A 13 -8.85 13.09 -15.15
CA PRO A 13 -7.54 12.71 -15.69
C PRO A 13 -7.56 11.33 -16.34
N ASP A 14 -6.65 11.12 -17.30
CA ASP A 14 -6.57 9.85 -18.00
C ASP A 14 -6.32 8.70 -17.02
N VAL A 15 -5.36 8.89 -16.14
CA VAL A 15 -5.02 7.87 -15.14
C VAL A 15 -6.21 7.58 -14.23
N LEU A 16 -7.00 8.62 -13.95
CA LEU A 16 -8.16 8.48 -13.08
C LEU A 16 -9.17 7.49 -13.66
N GLU A 17 -9.72 7.82 -14.82
CA GLU A 17 -10.70 6.97 -15.47
C GLU A 17 -10.13 5.59 -15.79
N GLU A 18 -8.80 5.50 -15.84
CA GLU A 18 -8.12 4.25 -16.13
C GLU A 18 -8.21 3.29 -14.95
N ALA A 19 -7.94 3.80 -13.75
CA ALA A 19 -7.98 2.99 -12.54
C ALA A 19 -9.40 2.51 -12.26
N ILE A 20 -10.37 3.38 -12.46
CA ILE A 20 -11.77 3.05 -12.22
C ILE A 20 -12.30 2.09 -13.28
N SER A 21 -11.73 2.17 -14.48
CA SER A 21 -12.14 1.30 -15.58
C SER A 21 -11.95 -0.17 -15.23
N VAL A 22 -10.74 -0.54 -14.83
CA VAL A 22 -10.42 -1.91 -14.47
C VAL A 22 -11.20 -2.35 -13.23
N MET A 23 -11.56 -1.38 -12.39
CA MET A 23 -12.31 -1.67 -11.17
C MET A 23 -13.62 -2.38 -11.50
N GLU A 24 -14.32 -1.90 -12.52
CA GLU A 24 -15.58 -2.50 -12.93
C GLU A 24 -15.35 -3.83 -13.64
N GLY A 25 -14.12 -4.04 -14.12
CA GLY A 25 -13.81 -5.27 -14.82
C GLY A 25 -13.62 -6.44 -13.87
N GLY A 26 -13.77 -6.19 -12.58
CA GLY A 26 -13.62 -7.25 -11.58
C GLY A 26 -12.22 -7.79 -11.54
N GLY A 27 -11.24 -6.96 -11.91
CA GLY A 27 -9.85 -7.39 -11.91
C GLY A 27 -9.03 -6.65 -10.87
N ILE A 28 -7.80 -7.11 -10.66
CA ILE A 28 -6.90 -6.49 -9.71
C ILE A 28 -5.96 -5.51 -10.41
N VAL A 29 -5.49 -4.51 -9.68
CA VAL A 29 -4.61 -3.50 -10.26
C VAL A 29 -3.23 -3.52 -9.62
N ILE A 30 -2.22 -3.13 -10.38
CA ILE A 30 -0.84 -3.08 -9.89
C ILE A 30 -0.40 -1.63 -9.70
N TYR A 31 0.57 -1.40 -8.81
CA TYR A 31 1.07 -0.05 -8.58
C TYR A 31 2.32 -0.05 -7.70
N PRO A 32 3.49 0.23 -8.31
CA PRO A 32 4.76 0.30 -7.61
C PRO A 32 5.01 1.66 -6.97
N THR A 33 5.94 1.71 -6.03
CA THR A 33 6.27 2.96 -5.35
C THR A 33 7.79 3.09 -5.20
N ASP A 34 8.22 3.78 -4.15
CA ASP A 34 9.64 3.99 -3.90
C ASP A 34 10.36 2.66 -3.71
N THR A 35 9.59 1.61 -3.39
CA THR A 35 10.15 0.28 -3.19
C THR A 35 9.94 -0.60 -4.41
N ILE A 36 9.11 -1.63 -4.28
CA ILE A 36 8.84 -2.54 -5.39
C ILE A 36 7.41 -2.39 -5.89
N TYR A 37 7.03 -3.17 -6.90
CA TYR A 37 5.69 -3.10 -7.45
C TYR A 37 4.72 -3.95 -6.64
N GLY A 38 3.61 -3.34 -6.24
CA GLY A 38 2.63 -4.03 -5.44
C GLY A 38 1.28 -4.13 -6.12
N LEU A 39 0.28 -4.53 -5.36
CA LEU A 39 -1.07 -4.67 -5.90
C LEU A 39 -2.03 -3.78 -5.12
N GLY A 40 -2.94 -3.13 -5.84
CA GLY A 40 -3.91 -2.28 -5.21
C GLY A 40 -5.24 -2.33 -5.92
N VAL A 41 -6.31 -2.41 -5.13
CA VAL A 41 -7.66 -2.51 -5.68
C VAL A 41 -8.71 -2.41 -4.57
N ASN A 42 -9.96 -2.68 -4.90
CA ASN A 42 -11.03 -2.63 -3.91
C ASN A 42 -10.72 -3.56 -2.74
N ALA A 43 -10.29 -2.95 -1.63
CA ALA A 43 -9.91 -3.71 -0.45
C ALA A 43 -11.08 -4.52 0.13
N LEU A 44 -12.27 -3.94 0.10
CA LEU A 44 -13.45 -4.61 0.64
C LEU A 44 -14.05 -5.58 -0.36
N ASP A 45 -13.21 -6.07 -1.28
CA ASP A 45 -13.63 -7.02 -2.28
C ASP A 45 -13.01 -8.39 -2.03
N GLU A 46 -13.67 -9.44 -2.52
CA GLU A 46 -13.16 -10.79 -2.36
C GLU A 46 -12.00 -11.06 -3.30
N ASP A 47 -11.92 -10.27 -4.37
CA ASP A 47 -10.85 -10.41 -5.34
C ASP A 47 -9.53 -9.89 -4.77
N ALA A 48 -9.62 -9.02 -3.77
CA ALA A 48 -8.45 -8.45 -3.14
C ALA A 48 -7.78 -9.46 -2.22
N VAL A 49 -8.60 -10.15 -1.41
CA VAL A 49 -8.09 -11.14 -0.48
C VAL A 49 -7.64 -12.40 -1.23
N ARG A 50 -8.29 -12.68 -2.35
CA ARG A 50 -7.94 -13.84 -3.17
C ARG A 50 -6.64 -13.60 -3.92
N ARG A 51 -6.48 -12.40 -4.47
CA ARG A 51 -5.27 -12.05 -5.20
C ARG A 51 -4.04 -12.07 -4.30
N LEU A 52 -4.19 -11.50 -3.11
CA LEU A 52 -3.10 -11.46 -2.14
C LEU A 52 -2.70 -12.88 -1.75
N PHE A 53 -3.70 -13.75 -1.58
CA PHE A 53 -3.45 -15.13 -1.21
C PHE A 53 -2.68 -15.86 -2.32
N ARG A 54 -2.86 -15.41 -3.56
CA ARG A 54 -2.20 -16.02 -4.70
C ARG A 54 -0.69 -15.84 -4.62
N VAL A 55 -0.25 -14.63 -4.29
CA VAL A 55 1.16 -14.33 -4.18
C VAL A 55 1.77 -14.96 -2.93
N LYS A 56 1.13 -14.73 -1.79
CA LYS A 56 1.61 -15.27 -0.52
C LYS A 56 1.16 -16.72 -0.35
N GLY A 57 -0.10 -16.91 0.01
CA GLY A 57 -0.63 -18.25 0.20
C GLY A 57 0.06 -19.01 1.31
N ARG A 58 0.93 -18.32 2.05
CA ARG A 58 1.67 -18.96 3.14
C ARG A 58 1.33 -18.29 4.48
N SER A 59 0.29 -17.46 4.48
CA SER A 59 -0.13 -16.77 5.70
C SER A 59 -1.65 -16.57 5.73
N PRO A 60 -2.42 -17.66 5.80
CA PRO A 60 -3.88 -17.60 5.82
C PRO A 60 -4.42 -17.10 7.16
N HIS A 61 -3.50 -16.85 8.10
CA HIS A 61 -3.89 -16.37 9.42
C HIS A 61 -3.41 -14.93 9.65
N LYS A 62 -2.37 -14.54 8.92
CA LYS A 62 -1.82 -13.19 9.05
C LYS A 62 -2.80 -12.15 8.51
N PRO A 63 -2.79 -10.93 9.09
CA PRO A 63 -3.69 -9.85 8.66
C PRO A 63 -3.38 -9.37 7.25
N VAL A 64 -4.17 -8.43 6.76
CA VAL A 64 -3.99 -7.87 5.42
C VAL A 64 -3.57 -6.41 5.50
N SER A 65 -2.79 -5.96 4.52
CA SER A 65 -2.30 -4.58 4.49
C SER A 65 -3.24 -3.70 3.67
N ILE A 66 -3.57 -2.53 4.21
CA ILE A 66 -4.46 -1.60 3.53
C ILE A 66 -3.73 -0.30 3.19
N CYS A 67 -4.28 0.45 2.23
CA CYS A 67 -3.70 1.71 1.81
C CYS A 67 -4.70 2.85 1.97
N VAL A 68 -4.22 3.98 2.48
CA VAL A 68 -5.08 5.14 2.67
C VAL A 68 -4.36 6.43 2.29
N SER A 69 -5.01 7.57 2.49
CA SER A 69 -4.41 8.86 2.18
C SER A 69 -3.32 9.21 3.19
N CYS A 70 -3.65 9.10 4.47
CA CYS A 70 -2.70 9.41 5.53
C CYS A 70 -3.15 8.88 6.89
N VAL A 71 -2.25 8.96 7.87
CA VAL A 71 -2.55 8.49 9.22
C VAL A 71 -3.83 9.12 9.75
N ASP A 72 -4.21 10.27 9.16
CA ASP A 72 -5.43 10.95 9.55
C ASP A 72 -6.66 10.14 9.15
N GLU A 73 -6.72 9.77 7.88
CA GLU A 73 -7.85 9.00 7.36
C GLU A 73 -7.70 7.50 7.66
N ILE A 74 -6.77 7.16 8.56
CA ILE A 74 -6.51 5.76 8.89
C ILE A 74 -7.38 5.25 10.05
N PRO A 75 -7.56 6.03 11.14
CA PRO A 75 -8.35 5.59 12.30
C PRO A 75 -9.74 5.07 11.90
N ARG A 76 -10.18 5.41 10.69
CA ARG A 76 -11.49 5.00 10.22
C ARG A 76 -11.51 3.50 9.89
N PHE A 77 -10.42 3.01 9.31
CA PHE A 77 -10.33 1.60 8.92
C PHE A 77 -9.59 0.78 9.97
N SER A 78 -8.59 1.38 10.61
CA SER A 78 -7.81 0.69 11.63
C SER A 78 -7.97 1.37 12.98
N ARG A 79 -7.21 0.91 13.97
CA ARG A 79 -7.27 1.48 15.32
C ARG A 79 -5.89 1.92 15.81
N PRO A 80 -5.59 3.23 15.74
CA PRO A 80 -4.31 3.76 16.15
C PRO A 80 -4.36 4.45 17.52
N SER A 81 -3.29 5.13 17.87
CA SER A 81 -3.22 5.83 19.15
C SER A 81 -2.82 7.30 18.95
N GLY A 82 -2.79 8.05 20.04
CA GLY A 82 -2.44 9.45 19.97
C GLY A 82 -0.96 9.68 19.70
N ASP A 83 -0.18 9.75 20.78
CA ASP A 83 1.26 9.98 20.67
C ASP A 83 1.93 8.95 19.76
N ALA A 84 1.33 7.76 19.69
CA ALA A 84 1.87 6.69 18.86
C ALA A 84 1.89 7.11 17.39
N MET A 85 0.80 7.71 16.94
CA MET A 85 0.69 8.14 15.55
C MET A 85 1.54 9.38 15.28
N GLU A 86 1.96 10.05 16.36
CA GLU A 86 2.79 11.23 16.23
C GLU A 86 4.17 10.87 15.68
N LEU A 87 4.81 9.90 16.31
CA LEU A 87 6.12 9.43 15.89
C LEU A 87 6.06 8.87 14.48
N MET A 88 4.93 8.26 14.13
CA MET A 88 4.76 7.68 12.80
C MET A 88 4.66 8.75 11.73
N GLU A 89 3.82 9.76 11.98
CA GLU A 89 3.61 10.84 11.01
C GLU A 89 4.88 11.66 10.83
N ARG A 90 5.86 11.44 11.70
CA ARG A 90 7.12 12.16 11.63
C ARG A 90 7.96 11.66 10.45
N ILE A 91 7.81 10.38 10.12
CA ILE A 91 8.56 9.78 9.03
C ILE A 91 7.64 9.34 7.88
N LEU A 92 6.55 10.10 7.69
CA LEU A 92 5.59 9.80 6.62
C LEU A 92 5.28 11.05 5.81
N PRO A 93 4.90 10.88 4.52
CA PRO A 93 4.77 9.57 3.88
C PRO A 93 6.12 8.99 3.47
N GLY A 94 6.08 7.87 2.74
CA GLY A 94 7.31 7.24 2.30
C GLY A 94 7.15 5.75 2.05
N PRO A 95 8.23 5.05 1.68
CA PRO A 95 8.20 3.61 1.42
C PRO A 95 8.27 2.79 2.70
N TYR A 96 7.52 3.21 3.71
CA TYR A 96 7.49 2.51 4.99
C TYR A 96 6.14 1.84 5.22
N THR A 97 6.18 0.61 5.71
CA THR A 97 4.96 -0.14 5.99
C THR A 97 4.58 0.02 7.46
N VAL A 98 3.39 0.55 7.72
CA VAL A 98 2.92 0.76 9.08
C VAL A 98 1.82 -0.21 9.46
N VAL A 99 2.08 -1.06 10.44
CA VAL A 99 1.10 -2.02 10.92
C VAL A 99 0.51 -1.57 12.24
N LEU A 100 -0.83 -1.51 12.31
CA LEU A 100 -1.53 -1.07 13.50
C LEU A 100 -2.57 -2.11 13.93
N GLU A 101 -3.43 -1.73 14.88
CA GLU A 101 -4.49 -2.61 15.35
C GLU A 101 -5.61 -2.70 14.32
N ARG A 102 -6.71 -3.36 14.71
CA ARG A 102 -7.85 -3.52 13.81
C ARG A 102 -9.10 -2.86 14.38
N ASN A 103 -9.90 -2.25 13.51
CA ASN A 103 -11.12 -1.58 13.91
C ASN A 103 -12.22 -2.59 14.27
N GLU A 104 -13.42 -2.07 14.50
CA GLU A 104 -14.55 -2.91 14.85
C GLU A 104 -15.10 -3.65 13.63
N LEU A 105 -14.35 -3.64 12.54
CA LEU A 105 -14.77 -4.32 11.31
C LEU A 105 -14.73 -5.83 11.49
N ILE A 106 -14.96 -6.56 10.40
CA ILE A 106 -14.96 -8.02 10.43
C ILE A 106 -13.53 -8.58 10.40
N PRO A 107 -13.04 -9.07 11.56
CA PRO A 107 -11.68 -9.63 11.66
C PRO A 107 -11.56 -10.98 10.96
N ASP A 108 -12.65 -11.42 10.32
CA ASP A 108 -12.67 -12.72 9.66
C ASP A 108 -11.64 -12.80 8.52
N VAL A 109 -12.05 -12.40 7.32
CA VAL A 109 -11.18 -12.48 6.15
C VAL A 109 -10.26 -11.27 6.04
N ILE A 110 -10.38 -10.34 6.97
CA ILE A 110 -9.55 -9.15 6.96
C ILE A 110 -8.33 -9.28 7.87
N THR A 111 -8.56 -9.44 9.17
CA THR A 111 -7.48 -9.58 10.13
C THR A 111 -7.07 -11.04 10.27
N GLY A 112 -7.98 -11.95 9.95
CA GLY A 112 -7.69 -13.37 10.05
C GLY A 112 -7.58 -13.84 11.48
N GLY A 113 -6.51 -14.56 11.79
CA GLY A 113 -6.30 -15.06 13.14
C GLY A 113 -5.65 -14.06 14.05
N SER A 114 -5.56 -12.80 13.59
CA SER A 114 -4.94 -11.75 14.37
C SER A 114 -5.94 -10.63 14.67
N SER A 115 -5.56 -9.72 15.56
CA SER A 115 -6.41 -8.60 15.93
C SER A 115 -5.80 -7.28 15.45
N ARG A 116 -5.09 -7.33 14.34
CA ARG A 116 -4.43 -6.15 13.79
C ARG A 116 -4.62 -6.08 12.28
N VAL A 117 -4.31 -4.91 11.72
CA VAL A 117 -4.45 -4.70 10.27
C VAL A 117 -3.27 -3.88 9.74
N GLY A 118 -2.81 -4.23 8.54
CA GLY A 118 -1.70 -3.54 7.94
C GLY A 118 -2.12 -2.21 7.32
N ILE A 119 -1.16 -1.30 7.21
CA ILE A 119 -1.42 0.02 6.63
C ILE A 119 -0.21 0.52 5.86
N ARG A 120 -0.46 1.20 4.74
CA ARG A 120 0.62 1.71 3.91
C ARG A 120 0.26 3.05 3.28
N VAL A 121 1.13 4.03 3.45
CA VAL A 121 0.92 5.36 2.87
C VAL A 121 1.95 5.63 1.77
N PRO A 122 1.72 5.09 0.55
CA PRO A 122 2.65 5.26 -0.57
C PRO A 122 2.73 6.70 -1.05
N ASP A 123 3.58 6.91 -2.05
CA ASP A 123 3.77 8.24 -2.63
C ASP A 123 2.85 8.46 -3.84
N ASP A 124 2.08 7.44 -4.18
CA ASP A 124 1.17 7.51 -5.32
C ASP A 124 0.13 8.61 -5.13
N GLU A 125 0.27 9.68 -5.90
CA GLU A 125 -0.65 10.81 -5.82
C GLU A 125 -2.09 10.37 -6.08
N ILE A 126 -2.32 9.76 -7.23
CA ILE A 126 -3.66 9.30 -7.61
C ILE A 126 -4.22 8.31 -6.58
N CYS A 127 -3.42 7.29 -6.25
CA CYS A 127 -3.84 6.28 -5.29
C CYS A 127 -4.07 6.90 -3.91
N ARG A 128 -3.54 8.11 -3.70
CA ARG A 128 -3.68 8.79 -2.42
C ARG A 128 -5.08 9.37 -2.27
N ARG A 129 -5.64 9.88 -3.36
CA ARG A 129 -6.98 10.47 -3.33
C ARG A 129 -8.04 9.39 -3.24
N ILE A 130 -7.89 8.33 -4.04
CA ILE A 130 -8.84 7.22 -4.04
C ILE A 130 -8.86 6.52 -2.67
N ALA A 131 -7.67 6.26 -2.14
CA ALA A 131 -7.54 5.59 -0.85
C ALA A 131 -8.12 6.46 0.27
N ALA A 132 -8.08 7.77 0.07
CA ALA A 132 -8.62 8.71 1.05
C ALA A 132 -10.06 8.37 1.35
N ARG A 133 -10.88 8.31 0.30
CA ARG A 133 -12.28 7.93 0.44
C ARG A 133 -12.41 6.43 0.68
N PHE A 134 -12.51 5.67 -0.42
CA PHE A 134 -12.60 4.22 -0.34
C PHE A 134 -11.23 3.60 -0.04
N PRO A 135 -11.19 2.58 0.83
CA PRO A 135 -9.93 1.90 1.17
C PRO A 135 -9.41 1.06 0.00
N VAL A 136 -8.09 0.97 -0.12
CA VAL A 136 -7.47 0.22 -1.20
C VAL A 136 -6.49 -0.83 -0.67
N THR A 137 -6.59 -2.04 -1.21
CA THR A 137 -5.70 -3.12 -0.81
C THR A 137 -4.29 -2.81 -1.28
N ALA A 138 -3.29 -3.14 -0.46
CA ALA A 138 -1.90 -2.87 -0.80
C ALA A 138 -0.98 -4.02 -0.38
N THR A 139 -0.55 -4.80 -1.38
CA THR A 139 0.35 -5.93 -1.12
C THR A 139 1.35 -6.09 -2.26
N SER A 140 2.64 -6.09 -1.92
CA SER A 140 3.68 -6.23 -2.93
C SER A 140 3.56 -7.56 -3.67
N ALA A 141 3.70 -7.51 -4.99
CA ALA A 141 3.58 -8.72 -5.82
C ALA A 141 4.85 -9.55 -5.76
N ASN A 142 4.69 -10.86 -5.64
CA ASN A 142 5.83 -11.77 -5.57
C ASN A 142 5.42 -13.19 -5.94
N ILE A 143 4.71 -13.32 -7.06
CA ILE A 143 4.25 -14.63 -7.52
C ILE A 143 5.41 -15.51 -7.97
N SER A 144 5.15 -16.80 -8.15
CA SER A 144 6.19 -17.73 -8.58
C SER A 144 6.85 -17.27 -9.86
N GLY A 145 8.09 -17.71 -10.08
CA GLY A 145 8.82 -17.32 -11.27
C GLY A 145 9.64 -16.06 -11.06
N LYS A 146 9.42 -15.06 -11.90
CA LYS A 146 10.15 -13.80 -11.79
C LYS A 146 9.18 -12.62 -11.66
N PRO A 147 8.83 -12.25 -10.41
CA PRO A 147 7.89 -11.16 -10.16
C PRO A 147 8.35 -9.80 -10.70
N PRO A 148 9.64 -9.41 -10.53
CA PRO A 148 10.13 -8.12 -10.99
C PRO A 148 9.99 -7.95 -12.50
N SER A 149 8.89 -7.32 -12.91
CA SER A 149 8.62 -7.08 -14.33
C SER A 149 9.38 -5.85 -14.83
N PRO A 150 10.14 -5.98 -15.93
CA PRO A 150 10.93 -4.90 -16.48
C PRO A 150 10.21 -4.14 -17.59
N ARG A 151 9.08 -4.67 -18.02
CA ARG A 151 8.30 -4.05 -19.10
C ARG A 151 6.84 -3.86 -18.71
N LEU A 152 6.39 -2.61 -18.70
CA LEU A 152 5.01 -2.29 -18.38
C LEU A 152 4.06 -2.98 -19.35
N GLU A 153 4.47 -3.06 -20.60
CA GLU A 153 3.67 -3.72 -21.63
C GLU A 153 3.65 -5.23 -21.42
N GLU A 154 4.67 -5.74 -20.74
CA GLU A 154 4.77 -7.17 -20.46
C GLU A 154 3.66 -7.63 -19.55
N ILE A 155 3.29 -6.79 -18.59
CA ILE A 155 2.21 -7.12 -17.65
C ILE A 155 0.86 -7.17 -18.35
N VAL A 156 0.51 -6.08 -19.02
CA VAL A 156 -0.77 -6.00 -19.71
C VAL A 156 -0.89 -7.06 -20.79
N ARG A 157 0.24 -7.41 -21.40
CA ARG A 157 0.25 -8.41 -22.46
C ARG A 157 0.11 -9.83 -21.91
N ASP A 158 0.99 -10.20 -20.98
CA ASP A 158 0.99 -11.53 -20.41
C ASP A 158 -0.24 -11.76 -19.53
N LEU A 159 -0.81 -10.68 -19.01
CA LEU A 159 -1.98 -10.77 -18.14
C LEU A 159 -3.21 -10.19 -18.84
N ASP A 160 -3.70 -10.93 -19.85
CA ASP A 160 -4.85 -10.52 -20.66
C ASP A 160 -5.67 -9.41 -20.01
N ALA A 161 -6.32 -9.72 -18.90
CA ALA A 161 -7.13 -8.74 -18.20
C ALA A 161 -7.31 -9.09 -16.73
N VAL A 162 -6.34 -9.84 -16.19
CA VAL A 162 -6.39 -10.23 -14.78
C VAL A 162 -5.89 -9.09 -13.90
N ASP A 163 -4.60 -8.80 -13.96
CA ASP A 163 -4.01 -7.72 -13.19
C ASP A 163 -3.56 -6.59 -14.11
N LEU A 164 -4.35 -5.53 -14.15
CA LEU A 164 -4.06 -4.38 -15.01
C LEU A 164 -2.87 -3.59 -14.48
N VAL A 165 -1.92 -3.29 -15.37
CA VAL A 165 -0.73 -2.52 -15.02
C VAL A 165 -1.12 -1.11 -14.56
N LEU A 166 -0.13 -0.21 -14.52
CA LEU A 166 -0.37 1.16 -14.07
C LEU A 166 0.10 2.17 -15.11
N ASP A 167 -0.41 3.40 -15.02
CA ASP A 167 -0.04 4.45 -15.96
C ASP A 167 1.14 5.28 -15.44
N ALA A 168 1.29 5.31 -14.12
CA ALA A 168 2.36 6.09 -13.50
C ALA A 168 3.66 5.29 -13.44
N GLY A 169 3.60 4.11 -12.83
CA GLY A 169 4.79 3.27 -12.72
C GLY A 169 5.41 3.33 -11.34
N ASP A 170 6.67 2.89 -11.24
CA ASP A 170 7.39 2.88 -9.98
C ASP A 170 7.75 4.29 -9.54
N CYS A 171 8.67 4.39 -8.58
CA CYS A 171 9.09 5.70 -8.06
C CYS A 171 10.58 5.71 -7.75
N LEU A 172 11.03 4.80 -6.90
CA LEU A 172 12.44 4.75 -6.50
C LEU A 172 13.06 3.37 -6.78
N ASP A 173 13.81 2.86 -5.81
CA ASP A 173 14.50 1.57 -5.96
C ASP A 173 13.59 0.41 -5.59
N MET A 174 13.78 -0.72 -6.28
CA MET A 174 13.00 -1.92 -6.01
C MET A 174 13.27 -2.43 -4.61
N GLU A 175 14.45 -2.14 -4.09
CA GLU A 175 14.84 -2.58 -2.75
C GLU A 175 15.75 -1.55 -2.09
N PRO A 176 15.78 -1.50 -0.74
CA PRO A 176 14.99 -2.38 0.13
C PRO A 176 13.62 -1.81 0.48
N SER A 177 13.13 -2.16 1.66
CA SER A 177 11.84 -1.67 2.14
C SER A 177 11.77 -1.67 3.66
N THR A 178 10.87 -0.86 4.21
CA THR A 178 10.71 -0.78 5.65
C THR A 178 9.49 -1.56 6.13
N VAL A 179 9.64 -2.26 7.25
CA VAL A 179 8.55 -3.05 7.82
C VAL A 179 8.34 -2.73 9.29
N ILE A 180 7.51 -1.74 9.56
CA ILE A 180 7.22 -1.32 10.93
C ILE A 180 5.81 -1.71 11.36
N ASP A 181 5.70 -2.36 12.52
CA ASP A 181 4.40 -2.75 13.05
C ASP A 181 4.03 -1.89 14.25
N LEU A 182 3.80 -0.62 14.00
CA LEU A 182 3.44 0.32 15.06
C LEU A 182 2.04 0.04 15.59
N THR A 183 1.95 -0.74 16.66
CA THR A 183 0.67 -1.05 17.26
C THR A 183 0.20 0.10 18.14
N VAL A 184 0.70 0.16 19.37
CA VAL A 184 0.34 1.24 20.28
C VAL A 184 1.59 2.02 20.72
N ASN A 185 1.91 1.98 22.01
CA ASN A 185 3.07 2.69 22.54
C ASN A 185 4.38 2.11 22.00
N PRO A 186 4.60 0.79 22.11
CA PRO A 186 5.82 0.14 21.63
C PRO A 186 5.80 -0.05 20.11
N PRO A 187 6.62 0.73 19.38
CA PRO A 187 6.69 0.63 17.92
C PRO A 187 7.59 -0.50 17.46
N ARG A 188 7.10 -1.29 16.50
CA ARG A 188 7.88 -2.41 15.98
C ARG A 188 8.69 -1.99 14.76
N VAL A 189 9.44 -0.90 14.93
CA VAL A 189 10.28 -0.38 13.85
C VAL A 189 11.29 -1.43 13.38
N LEU A 190 10.98 -2.09 12.27
CA LEU A 190 11.85 -3.11 11.72
C LEU A 190 12.18 -2.83 10.26
N ARG A 191 13.21 -2.03 10.03
CA ARG A 191 13.64 -1.68 8.69
C ARG A 191 14.61 -2.73 8.13
N ARG A 192 14.77 -2.74 6.81
CA ARG A 192 15.67 -3.69 6.17
C ARG A 192 17.11 -3.44 6.57
N GLY A 193 18.00 -4.37 6.23
CA GLY A 193 19.40 -4.23 6.56
C GLY A 193 20.17 -3.40 5.56
N LYS A 194 20.06 -2.08 5.67
CA LYS A 194 20.76 -1.17 4.77
C LYS A 194 21.88 -0.43 5.48
N GLY A 195 21.55 0.70 6.09
CA GLY A 195 22.54 1.46 6.82
C GLY A 195 22.64 1.05 8.28
N PRO A 196 23.86 0.88 8.81
CA PRO A 196 24.06 0.48 10.21
C PRO A 196 23.53 1.52 11.20
N LEU A 197 24.33 2.54 11.46
CA LEU A 197 23.93 3.61 12.38
C LEU A 197 24.72 4.88 12.10
N ASP A 198 25.91 4.99 12.69
CA ASP A 198 26.75 6.16 12.49
C ASP A 198 27.51 6.06 11.17
N PRO A 199 27.72 7.22 10.50
CA PRO A 199 28.43 7.26 9.22
C PRO A 199 29.84 6.69 9.32
N VAL A 200 30.18 5.79 8.40
CA VAL A 200 31.50 5.16 8.38
C VAL A 200 32.58 6.17 8.03
N LEU A 201 33.70 6.10 8.74
CA LEU A 201 34.82 7.00 8.50
C LEU A 201 35.96 6.30 7.77
N LEU A 202 35.62 5.50 6.77
CA LEU A 202 36.61 4.76 6.00
C LEU A 202 37.33 5.69 5.02
N ARG A 203 38.15 5.10 4.16
CA ARG A 203 38.90 5.88 3.16
C ARG A 203 38.09 6.04 1.87
N GLY A 204 36.84 5.62 1.92
CA GLY A 204 35.98 5.74 0.74
C GLY A 204 35.94 4.45 -0.07
N ALA A 205 35.71 3.32 0.60
CA ALA A 205 35.65 2.03 -0.07
C ALA A 205 34.21 1.55 -0.20
N GLY A 206 33.50 1.54 0.91
CA GLY A 206 32.10 1.10 0.90
C GLY A 206 31.20 2.03 1.68
N ASP A 207 30.71 3.08 1.03
CA ASP A 207 29.83 4.04 1.67
C ASP A 207 28.41 3.92 1.12
N VAL A 208 28.23 4.33 -0.12
CA VAL A 208 26.92 4.27 -0.77
C VAL A 208 26.54 2.83 -1.11
N MET A 1 -20.12 22.70 12.66
CA MET A 1 -19.94 23.39 11.36
C MET A 1 -20.78 22.73 10.27
N LEU A 2 -20.97 23.44 9.16
CA LEU A 2 -21.76 22.93 8.05
C LEU A 2 -21.01 21.83 7.31
N ILE A 3 -21.67 21.24 6.31
CA ILE A 3 -21.05 20.17 5.53
C ILE A 3 -19.97 20.72 4.61
N ARG A 4 -18.75 20.20 4.76
CA ARG A 4 -17.62 20.64 3.97
C ARG A 4 -17.22 19.58 2.95
N LYS A 5 -18.22 18.88 2.43
CA LYS A 5 -17.97 17.82 1.45
C LYS A 5 -18.22 18.33 0.03
N ILE A 6 -17.65 17.63 -0.95
CA ILE A 6 -17.80 18.00 -2.35
C ILE A 6 -19.11 17.48 -2.91
N THR A 7 -19.83 18.33 -3.64
CA THR A 7 -21.10 17.95 -4.23
C THR A 7 -20.90 16.97 -5.38
N ARG A 8 -20.59 17.49 -6.56
CA ARG A 8 -20.37 16.67 -7.74
C ARG A 8 -18.91 16.66 -8.14
N LYS A 9 -18.48 15.56 -8.76
CA LYS A 9 -17.08 15.43 -9.19
C LYS A 9 -16.81 16.32 -10.40
N ASN A 10 -16.14 17.44 -10.16
CA ASN A 10 -15.82 18.37 -11.24
C ASN A 10 -14.56 17.94 -12.00
N PRO A 11 -13.45 17.66 -11.29
CA PRO A 11 -12.19 17.24 -11.94
C PRO A 11 -12.35 15.92 -12.69
N SER A 12 -12.49 14.83 -11.95
CA SER A 12 -12.65 13.50 -12.54
C SER A 12 -11.49 13.17 -13.48
N PRO A 13 -10.33 12.77 -12.92
CA PRO A 13 -9.15 12.42 -13.72
C PRO A 13 -9.43 11.32 -14.72
N ASP A 14 -8.59 11.25 -15.76
CA ASP A 14 -8.75 10.24 -16.80
C ASP A 14 -8.34 8.86 -16.28
N VAL A 15 -7.28 8.82 -15.50
CA VAL A 15 -6.79 7.56 -14.93
C VAL A 15 -7.68 7.09 -13.79
N LEU A 16 -8.41 8.03 -13.18
CA LEU A 16 -9.28 7.73 -12.06
C LEU A 16 -10.51 6.95 -12.52
N GLU A 17 -11.10 7.38 -13.64
CA GLU A 17 -12.28 6.73 -14.18
C GLU A 17 -11.94 5.42 -14.86
N GLU A 18 -10.71 5.31 -15.39
CA GLU A 18 -10.27 4.10 -16.08
C GLU A 18 -10.04 2.96 -15.08
N ALA A 19 -9.48 3.30 -13.92
CA ALA A 19 -9.19 2.29 -12.91
C ALA A 19 -10.47 1.85 -12.20
N ILE A 20 -11.40 2.77 -12.01
CA ILE A 20 -12.66 2.47 -11.36
C ILE A 20 -13.48 1.47 -12.17
N SER A 21 -13.31 1.51 -13.49
CA SER A 21 -14.03 0.61 -14.38
C SER A 21 -13.55 -0.83 -14.20
N VAL A 22 -12.24 -1.01 -14.21
CA VAL A 22 -11.65 -2.34 -14.05
C VAL A 22 -11.79 -2.82 -12.61
N MET A 23 -11.97 -1.89 -11.68
CA MET A 23 -12.13 -2.24 -10.27
C MET A 23 -13.35 -3.12 -10.06
N GLU A 24 -14.48 -2.71 -10.64
CA GLU A 24 -15.73 -3.47 -10.52
C GLU A 24 -15.63 -4.80 -11.24
N GLY A 25 -14.60 -4.94 -12.08
CA GLY A 25 -14.41 -6.18 -12.82
C GLY A 25 -13.85 -7.29 -11.96
N GLY A 26 -13.56 -6.97 -10.70
CA GLY A 26 -13.02 -7.97 -9.79
C GLY A 26 -11.65 -8.47 -10.21
N GLY A 27 -10.72 -7.54 -10.42
CA GLY A 27 -9.38 -7.90 -10.83
C GLY A 27 -8.31 -7.24 -9.98
N ILE A 28 -7.10 -7.79 -10.01
CA ILE A 28 -5.99 -7.22 -9.24
C ILE A 28 -5.24 -6.21 -10.09
N VAL A 29 -4.89 -5.07 -9.47
CA VAL A 29 -4.17 -4.02 -10.16
C VAL A 29 -2.80 -3.79 -9.52
N ILE A 30 -1.80 -3.55 -10.36
CA ILE A 30 -0.44 -3.29 -9.88
C ILE A 30 -0.14 -1.79 -9.93
N TYR A 31 0.71 -1.32 -9.02
CA TYR A 31 1.04 0.10 -8.98
C TYR A 31 2.27 0.38 -8.13
N PRO A 32 3.41 0.71 -8.76
CA PRO A 32 4.64 1.04 -8.05
C PRO A 32 4.68 2.50 -7.63
N THR A 33 5.51 2.82 -6.64
CA THR A 33 5.64 4.18 -6.15
C THR A 33 7.10 4.57 -5.96
N ASP A 34 7.35 5.46 -5.00
CA ASP A 34 8.71 5.92 -4.73
C ASP A 34 9.65 4.75 -4.44
N THR A 35 9.07 3.61 -4.08
CA THR A 35 9.84 2.41 -3.79
C THR A 35 9.83 1.44 -4.99
N ILE A 36 9.29 0.24 -4.81
CA ILE A 36 9.24 -0.73 -5.90
C ILE A 36 7.81 -0.99 -6.35
N TYR A 37 7.58 -2.15 -6.97
CA TYR A 37 6.26 -2.50 -7.46
C TYR A 37 5.30 -2.76 -6.31
N GLY A 38 4.11 -2.16 -6.39
CA GLY A 38 3.13 -2.34 -5.34
C GLY A 38 1.84 -2.95 -5.87
N LEU A 39 0.84 -3.08 -5.00
CA LEU A 39 -0.43 -3.66 -5.39
C LEU A 39 -1.59 -2.80 -4.90
N GLY A 40 -2.63 -2.71 -5.73
CA GLY A 40 -3.81 -1.95 -5.38
C GLY A 40 -5.06 -2.58 -5.93
N VAL A 41 -5.94 -3.02 -5.03
CA VAL A 41 -7.18 -3.69 -5.43
C VAL A 41 -8.25 -3.53 -4.36
N ASN A 42 -9.51 -3.52 -4.80
CA ASN A 42 -10.63 -3.39 -3.86
C ASN A 42 -10.57 -4.48 -2.80
N ALA A 43 -10.17 -4.08 -1.59
CA ALA A 43 -10.01 -5.01 -0.48
C ALA A 43 -11.36 -5.59 -0.04
N LEU A 44 -12.42 -4.79 -0.13
CA LEU A 44 -13.75 -5.23 0.26
C LEU A 44 -14.36 -6.15 -0.79
N ASP A 45 -13.53 -6.61 -1.71
CA ASP A 45 -13.98 -7.52 -2.76
C ASP A 45 -13.41 -8.91 -2.56
N GLU A 46 -14.10 -9.91 -3.13
CA GLU A 46 -13.65 -11.30 -3.02
C GLU A 46 -12.38 -11.53 -3.83
N ASP A 47 -12.18 -10.70 -4.85
CA ASP A 47 -11.01 -10.81 -5.70
C ASP A 47 -9.74 -10.48 -4.93
N ALA A 48 -9.90 -9.76 -3.83
CA ALA A 48 -8.77 -9.36 -3.00
C ALA A 48 -8.25 -10.53 -2.18
N VAL A 49 -9.16 -11.36 -1.69
CA VAL A 49 -8.76 -12.52 -0.89
C VAL A 49 -8.17 -13.61 -1.78
N ARG A 50 -8.71 -13.74 -2.98
CA ARG A 50 -8.22 -14.74 -3.94
C ARG A 50 -6.83 -14.33 -4.45
N ARG A 51 -6.69 -13.06 -4.79
CA ARG A 51 -5.41 -12.54 -5.27
C ARG A 51 -4.36 -12.59 -4.17
N LEU A 52 -4.79 -12.31 -2.95
CA LEU A 52 -3.89 -12.32 -1.79
C LEU A 52 -3.26 -13.70 -1.61
N PHE A 53 -4.01 -14.74 -2.00
CA PHE A 53 -3.52 -16.11 -1.88
C PHE A 53 -2.43 -16.39 -2.91
N ARG A 54 -2.54 -15.74 -4.07
CA ARG A 54 -1.58 -15.91 -5.15
C ARG A 54 -0.23 -15.31 -4.77
N VAL A 55 -0.24 -14.09 -4.29
CA VAL A 55 0.99 -13.40 -3.92
C VAL A 55 1.55 -13.93 -2.59
N LYS A 56 0.70 -13.99 -1.57
CA LYS A 56 1.12 -14.47 -0.25
C LYS A 56 1.18 -15.99 -0.21
N GLY A 57 0.02 -16.63 -0.29
CA GLY A 57 -0.04 -18.07 -0.24
C GLY A 57 0.49 -18.63 1.07
N ARG A 58 0.29 -17.89 2.15
CA ARG A 58 0.75 -18.31 3.46
C ARG A 58 -0.38 -18.90 4.28
N SER A 59 -1.18 -18.04 4.88
CA SER A 59 -2.31 -18.48 5.71
C SER A 59 -3.45 -17.46 5.65
N PRO A 60 -4.71 -17.93 5.71
CA PRO A 60 -5.88 -17.05 5.67
C PRO A 60 -6.13 -16.35 7.01
N HIS A 61 -5.25 -16.59 7.97
CA HIS A 61 -5.38 -15.98 9.28
C HIS A 61 -4.38 -14.84 9.46
N LYS A 62 -3.55 -14.61 8.44
CA LYS A 62 -2.56 -13.55 8.49
C LYS A 62 -3.17 -12.20 8.13
N PRO A 63 -2.70 -11.11 8.76
CA PRO A 63 -3.22 -9.76 8.49
C PRO A 63 -2.80 -9.25 7.12
N VAL A 64 -3.54 -8.28 6.60
CA VAL A 64 -3.23 -7.70 5.30
C VAL A 64 -2.89 -6.21 5.42
N SER A 65 -2.27 -5.68 4.38
CA SER A 65 -1.89 -4.26 4.37
C SER A 65 -2.80 -3.47 3.43
N ILE A 66 -3.24 -2.30 3.88
CA ILE A 66 -4.12 -1.45 3.08
C ILE A 66 -3.45 -0.13 2.73
N CYS A 67 -4.06 0.60 1.81
CA CYS A 67 -3.53 1.89 1.38
C CYS A 67 -4.55 3.00 1.59
N VAL A 68 -4.09 4.11 2.17
CA VAL A 68 -4.96 5.25 2.41
C VAL A 68 -4.20 6.57 2.21
N SER A 69 -4.88 7.69 2.40
CA SER A 69 -4.25 8.99 2.22
C SER A 69 -3.62 9.46 3.53
N CYS A 70 -4.34 9.29 4.63
CA CYS A 70 -3.85 9.70 5.94
C CYS A 70 -4.66 9.04 7.06
N VAL A 71 -4.18 9.18 8.29
CA VAL A 71 -4.87 8.62 9.45
C VAL A 71 -6.29 9.14 9.54
N ASP A 72 -6.48 10.39 9.13
CA ASP A 72 -7.79 11.01 9.15
C ASP A 72 -8.72 10.36 8.13
N GLU A 73 -8.14 9.85 7.04
CA GLU A 73 -8.92 9.20 5.99
C GLU A 73 -9.41 7.83 6.45
N ILE A 74 -8.76 7.27 7.47
CA ILE A 74 -9.14 5.97 8.00
C ILE A 74 -9.70 6.07 9.43
N PRO A 75 -10.81 6.81 9.64
CA PRO A 75 -11.41 6.95 10.98
C PRO A 75 -11.75 5.60 11.60
N ARG A 76 -12.98 5.13 11.38
CA ARG A 76 -13.41 3.84 11.90
C ARG A 76 -12.79 2.70 11.11
N PHE A 77 -11.67 2.97 10.44
CA PHE A 77 -11.00 1.95 9.65
C PHE A 77 -9.93 1.22 10.47
N SER A 78 -9.05 2.00 11.09
CA SER A 78 -7.97 1.44 11.90
C SER A 78 -7.97 2.07 13.30
N ARG A 79 -7.16 1.50 14.19
CA ARG A 79 -7.05 2.01 15.55
C ARG A 79 -5.60 2.29 15.91
N PRO A 80 -5.23 3.58 16.03
CA PRO A 80 -3.86 3.99 16.33
C PRO A 80 -3.70 4.39 17.79
N SER A 81 -2.54 4.98 18.11
CA SER A 81 -2.25 5.42 19.46
C SER A 81 -1.82 6.88 19.49
N GLY A 82 -1.71 7.44 20.69
CA GLY A 82 -1.33 8.83 20.83
C GLY A 82 0.11 9.09 20.39
N ASP A 83 0.97 9.41 21.35
CA ASP A 83 2.37 9.68 21.06
C ASP A 83 3.01 8.52 20.31
N ALA A 84 2.46 7.33 20.50
CA ALA A 84 2.97 6.13 19.83
C ALA A 84 2.91 6.29 18.32
N MET A 85 1.73 6.62 17.80
CA MET A 85 1.56 6.79 16.37
C MET A 85 2.19 8.11 15.93
N GLU A 86 2.32 9.04 16.86
CA GLU A 86 2.95 10.33 16.58
C GLU A 86 4.35 10.10 16.01
N LEU A 87 5.06 9.13 16.58
CA LEU A 87 6.40 8.79 16.11
C LEU A 87 6.33 8.18 14.72
N MET A 88 5.34 7.33 14.50
CA MET A 88 5.16 6.67 13.22
C MET A 88 4.91 7.68 12.10
N GLU A 89 3.98 8.59 12.32
CA GLU A 89 3.62 9.60 11.32
C GLU A 89 4.70 10.67 11.21
N ARG A 90 5.69 10.61 12.09
CA ARG A 90 6.77 11.59 12.08
C ARG A 90 7.63 11.42 10.83
N ILE A 91 7.61 10.21 10.27
CA ILE A 91 8.39 9.91 9.07
C ILE A 91 7.46 9.67 7.87
N LEU A 92 6.54 10.60 7.65
CA LEU A 92 5.61 10.50 6.53
C LEU A 92 5.61 11.80 5.71
N PRO A 93 5.34 11.72 4.39
CA PRO A 93 5.04 10.44 3.71
C PRO A 93 6.30 9.63 3.42
N GLY A 94 6.12 8.48 2.82
CA GLY A 94 7.25 7.61 2.49
C GLY A 94 6.85 6.16 2.34
N PRO A 95 7.78 5.29 1.93
CA PRO A 95 7.51 3.86 1.74
C PRO A 95 7.53 3.10 3.06
N TYR A 96 6.97 3.71 4.10
CA TYR A 96 6.92 3.08 5.41
C TYR A 96 5.56 2.44 5.67
N THR A 97 5.57 1.25 6.27
CA THR A 97 4.34 0.55 6.57
C THR A 97 3.94 0.76 8.03
N VAL A 98 2.64 0.90 8.27
CA VAL A 98 2.14 1.13 9.61
C VAL A 98 1.07 0.11 9.98
N VAL A 99 1.47 -0.91 10.73
CA VAL A 99 0.54 -1.96 11.16
C VAL A 99 0.02 -1.67 12.57
N LEU A 100 -1.29 -1.46 12.69
CA LEU A 100 -1.92 -1.18 13.96
C LEU A 100 -3.07 -2.16 14.22
N GLU A 101 -3.90 -1.85 15.21
CA GLU A 101 -5.05 -2.69 15.53
C GLU A 101 -6.15 -2.51 14.48
N ARG A 102 -7.24 -3.25 14.64
CA ARG A 102 -8.36 -3.16 13.72
C ARG A 102 -9.63 -2.74 14.45
N ASN A 103 -10.45 -1.93 13.78
CA ASN A 103 -11.69 -1.43 14.37
C ASN A 103 -12.74 -2.54 14.49
N GLU A 104 -13.96 -2.15 14.83
CA GLU A 104 -15.05 -3.11 14.97
C GLU A 104 -15.58 -3.56 13.62
N LEU A 105 -14.70 -3.69 12.63
CA LEU A 105 -15.08 -4.12 11.30
C LEU A 105 -15.49 -5.59 11.29
N ILE A 106 -16.46 -5.92 10.44
CA ILE A 106 -16.95 -7.29 10.36
C ILE A 106 -16.02 -8.18 9.51
N PRO A 107 -15.64 -7.73 8.29
CA PRO A 107 -14.78 -8.51 7.41
C PRO A 107 -13.52 -9.05 8.10
N ASP A 108 -13.62 -10.28 8.60
CA ASP A 108 -12.49 -10.92 9.28
C ASP A 108 -11.53 -11.53 8.27
N VAL A 109 -11.89 -11.45 7.00
CA VAL A 109 -11.06 -12.00 5.92
C VAL A 109 -9.83 -11.14 5.67
N ILE A 110 -9.93 -9.86 6.03
CA ILE A 110 -8.81 -8.94 5.84
C ILE A 110 -8.02 -8.75 7.11
N THR A 111 -8.72 -8.64 8.24
CA THR A 111 -8.08 -8.47 9.53
C THR A 111 -7.49 -9.78 10.02
N GLY A 112 -7.90 -10.88 9.39
CA GLY A 112 -7.41 -12.19 9.78
C GLY A 112 -8.07 -12.72 11.04
N GLY A 113 -7.35 -13.55 11.78
CA GLY A 113 -7.88 -14.12 13.00
C GLY A 113 -7.82 -13.15 14.16
N SER A 114 -6.87 -12.23 14.11
CA SER A 114 -6.70 -11.24 15.17
C SER A 114 -7.18 -9.87 14.72
N SER A 115 -7.17 -8.91 15.64
CA SER A 115 -7.60 -7.55 15.34
C SER A 115 -6.41 -6.66 15.00
N ARG A 116 -5.78 -6.94 13.86
CA ARG A 116 -4.61 -6.17 13.43
C ARG A 116 -4.61 -5.97 11.92
N VAL A 117 -4.42 -4.73 11.49
CA VAL A 117 -4.39 -4.39 10.08
C VAL A 117 -3.28 -3.39 9.77
N GLY A 118 -2.62 -3.57 8.64
CA GLY A 118 -1.55 -2.66 8.26
C GLY A 118 -2.01 -1.62 7.26
N ILE A 119 -1.22 -0.55 7.13
CA ILE A 119 -1.54 0.53 6.19
C ILE A 119 -0.27 1.06 5.53
N ARG A 120 -0.43 1.80 4.44
CA ARG A 120 0.72 2.34 3.73
C ARG A 120 0.38 3.67 3.06
N VAL A 121 1.18 4.69 3.32
CA VAL A 121 0.97 6.01 2.73
C VAL A 121 2.07 6.33 1.72
N PRO A 122 1.89 5.95 0.45
CA PRO A 122 2.88 6.19 -0.61
C PRO A 122 2.87 7.63 -1.10
N ASP A 123 3.73 7.93 -2.06
CA ASP A 123 3.83 9.27 -2.61
C ASP A 123 2.95 9.41 -3.85
N ASP A 124 2.17 8.38 -4.15
CA ASP A 124 1.29 8.38 -5.30
C ASP A 124 0.10 9.30 -5.08
N GLU A 125 0.09 10.44 -5.77
CA GLU A 125 -1.00 11.40 -5.65
C GLU A 125 -2.33 10.76 -5.99
N ILE A 126 -2.36 9.96 -7.04
CA ILE A 126 -3.57 9.27 -7.47
C ILE A 126 -4.04 8.28 -6.41
N CYS A 127 -3.14 7.40 -6.00
CA CYS A 127 -3.45 6.40 -4.99
C CYS A 127 -3.80 7.05 -3.66
N ARG A 128 -3.41 8.32 -3.52
CA ARG A 128 -3.69 9.06 -2.29
C ARG A 128 -5.15 9.47 -2.20
N ARG A 129 -5.68 9.98 -3.32
CA ARG A 129 -7.06 10.44 -3.36
C ARG A 129 -8.05 9.28 -3.29
N ILE A 130 -7.89 8.32 -4.19
CA ILE A 130 -8.78 7.16 -4.26
C ILE A 130 -8.79 6.40 -2.93
N ALA A 131 -7.62 6.21 -2.34
CA ALA A 131 -7.52 5.49 -1.07
C ALA A 131 -8.08 6.30 0.08
N ALA A 132 -8.07 7.62 -0.06
CA ALA A 132 -8.61 8.49 0.97
C ALA A 132 -10.04 8.09 1.30
N ARG A 133 -10.89 8.10 0.28
CA ARG A 133 -12.27 7.68 0.43
C ARG A 133 -12.36 6.16 0.48
N PHE A 134 -12.38 5.55 -0.70
CA PHE A 134 -12.44 4.09 -0.80
C PHE A 134 -11.08 3.46 -0.50
N PRO A 135 -10.98 2.69 0.59
CA PRO A 135 -9.72 2.01 0.96
C PRO A 135 -9.36 0.92 -0.06
N VAL A 136 -8.07 0.76 -0.31
CA VAL A 136 -7.60 -0.24 -1.27
C VAL A 136 -6.54 -1.14 -0.66
N THR A 137 -6.31 -2.29 -1.30
CA THR A 137 -5.31 -3.24 -0.83
C THR A 137 -3.93 -2.80 -1.28
N ALA A 138 -2.94 -2.92 -0.39
CA ALA A 138 -1.58 -2.51 -0.71
C ALA A 138 -0.58 -3.61 -0.36
N THR A 139 -0.03 -4.25 -1.38
CA THR A 139 0.95 -5.31 -1.19
C THR A 139 2.15 -5.13 -2.11
N SER A 140 3.34 -5.41 -1.59
CA SER A 140 4.57 -5.28 -2.37
C SER A 140 4.77 -6.49 -3.29
N ALA A 141 4.74 -6.26 -4.60
CA ALA A 141 4.91 -7.34 -5.57
C ALA A 141 6.39 -7.62 -5.80
N ASN A 142 6.93 -8.54 -5.00
CA ASN A 142 8.34 -8.92 -5.13
C ASN A 142 8.61 -10.26 -4.44
N ILE A 143 7.63 -11.14 -4.49
CA ILE A 143 7.76 -12.46 -3.87
C ILE A 143 8.53 -13.41 -4.79
N SER A 144 8.29 -14.71 -4.62
CA SER A 144 8.97 -15.72 -5.43
C SER A 144 8.74 -15.46 -6.92
N GLY A 145 9.66 -15.96 -7.75
CA GLY A 145 9.55 -15.75 -9.18
C GLY A 145 10.07 -14.40 -9.61
N LYS A 146 9.40 -13.79 -10.58
CA LYS A 146 9.80 -12.47 -11.09
C LYS A 146 8.62 -11.49 -11.05
N PRO A 147 8.15 -11.12 -9.84
CA PRO A 147 7.02 -10.19 -9.71
C PRO A 147 7.27 -8.81 -10.33
N PRO A 148 8.44 -8.17 -10.06
CA PRO A 148 8.74 -6.85 -10.65
C PRO A 148 8.89 -6.92 -12.16
N SER A 149 7.86 -6.45 -12.86
CA SER A 149 7.87 -6.47 -14.33
C SER A 149 8.74 -5.35 -14.89
N PRO A 150 9.34 -5.58 -16.07
CA PRO A 150 10.22 -4.61 -16.71
C PRO A 150 9.49 -3.75 -17.73
N ARG A 151 8.32 -4.23 -18.18
CA ARG A 151 7.52 -3.50 -19.16
C ARG A 151 6.05 -3.54 -18.79
N LEU A 152 5.36 -2.43 -19.02
CA LEU A 152 3.94 -2.34 -18.71
C LEU A 152 3.13 -3.30 -19.58
N GLU A 153 3.45 -3.34 -20.87
CA GLU A 153 2.77 -4.21 -21.81
C GLU A 153 3.01 -5.68 -21.45
N GLU A 154 4.04 -5.92 -20.65
CA GLU A 154 4.38 -7.28 -20.24
C GLU A 154 3.41 -7.81 -19.20
N ILE A 155 3.01 -6.94 -18.27
CA ILE A 155 2.08 -7.34 -17.21
C ILE A 155 0.71 -7.69 -17.79
N VAL A 156 0.11 -6.75 -18.51
CA VAL A 156 -1.20 -6.96 -19.11
C VAL A 156 -1.21 -8.20 -20.00
N ARG A 157 -0.14 -8.39 -20.77
CA ARG A 157 -0.03 -9.53 -21.67
C ARG A 157 0.03 -10.84 -20.91
N ASP A 158 0.91 -10.91 -19.92
CA ASP A 158 1.09 -12.11 -19.12
C ASP A 158 -0.19 -12.43 -18.33
N LEU A 159 -0.88 -11.40 -17.88
CA LEU A 159 -2.10 -11.56 -17.11
C LEU A 159 -3.32 -11.12 -17.90
N ASP A 160 -3.72 -11.96 -18.86
CA ASP A 160 -4.85 -11.69 -19.76
C ASP A 160 -5.75 -10.56 -19.25
N ALA A 161 -6.40 -10.79 -18.11
CA ALA A 161 -7.29 -9.79 -17.54
C ALA A 161 -7.35 -9.91 -16.02
N VAL A 162 -6.44 -10.70 -15.45
CA VAL A 162 -6.40 -10.88 -14.00
C VAL A 162 -5.68 -9.70 -13.33
N ASP A 163 -4.41 -9.54 -13.66
CA ASP A 163 -3.61 -8.45 -13.10
C ASP A 163 -3.43 -7.32 -14.11
N LEU A 164 -4.28 -6.29 -13.98
CA LEU A 164 -4.24 -5.16 -14.88
C LEU A 164 -3.05 -4.25 -14.58
N VAL A 165 -2.29 -3.93 -15.63
CA VAL A 165 -1.12 -3.07 -15.52
C VAL A 165 -1.52 -1.64 -15.13
N LEU A 166 -0.53 -0.76 -15.02
CA LEU A 166 -0.77 0.63 -14.68
C LEU A 166 -0.12 1.56 -15.70
N ASP A 167 -0.74 2.70 -15.95
CA ASP A 167 -0.25 3.65 -16.94
C ASP A 167 0.66 4.71 -16.31
N ALA A 168 0.45 4.98 -15.03
CA ALA A 168 1.24 5.99 -14.32
C ALA A 168 2.70 5.60 -14.24
N GLY A 169 2.95 4.39 -13.71
CA GLY A 169 4.32 3.91 -13.58
C GLY A 169 4.89 4.11 -12.20
N ASP A 170 6.21 3.98 -12.09
CA ASP A 170 6.90 4.14 -10.82
C ASP A 170 6.93 5.60 -10.38
N CYS A 171 7.78 5.91 -9.40
CA CYS A 171 7.91 7.28 -8.90
C CYS A 171 9.35 7.61 -8.57
N LEU A 172 10.00 6.76 -7.77
CA LEU A 172 11.38 6.99 -7.36
C LEU A 172 12.24 5.74 -7.54
N ASP A 173 13.06 5.43 -6.54
CA ASP A 173 13.97 4.29 -6.60
C ASP A 173 13.29 3.01 -6.13
N MET A 174 13.77 1.87 -6.60
CA MET A 174 13.22 0.57 -6.20
C MET A 174 13.58 0.24 -4.74
N GLU A 175 13.97 1.25 -3.98
CA GLU A 175 14.32 1.07 -2.58
C GLU A 175 14.14 2.37 -1.80
N PRO A 176 13.98 2.29 -0.46
CA PRO A 176 14.01 1.04 0.29
C PRO A 176 12.61 0.48 0.55
N SER A 177 12.47 -0.27 1.64
CA SER A 177 11.19 -0.85 2.02
C SER A 177 11.12 -1.09 3.52
N THR A 178 10.52 -0.14 4.24
CA THR A 178 10.41 -0.24 5.69
C THR A 178 9.02 -0.72 6.11
N VAL A 179 8.98 -1.65 7.06
CA VAL A 179 7.72 -2.18 7.56
C VAL A 179 7.66 -2.10 9.08
N ILE A 180 6.89 -1.13 9.58
CA ILE A 180 6.76 -0.94 11.02
C ILE A 180 5.39 -1.35 11.53
N ASP A 181 5.36 -2.20 12.55
CA ASP A 181 4.12 -2.64 13.15
C ASP A 181 3.69 -1.70 14.26
N LEU A 182 3.19 -0.54 13.87
CA LEU A 182 2.75 0.48 14.83
C LEU A 182 1.50 0.02 15.57
N THR A 183 1.66 -0.81 16.58
CA THR A 183 0.52 -1.26 17.36
C THR A 183 0.15 -0.20 18.38
N VAL A 184 0.82 -0.21 19.53
CA VAL A 184 0.59 0.80 20.55
C VAL A 184 1.88 1.56 20.85
N ASN A 185 2.24 1.65 22.14
CA ASN A 185 3.44 2.38 22.55
C ASN A 185 4.70 1.80 21.92
N PRO A 186 4.94 0.48 22.03
CA PRO A 186 6.14 -0.15 21.47
C PRO A 186 6.08 -0.28 19.94
N PRO A 187 6.89 0.51 19.22
CA PRO A 187 6.94 0.47 17.76
C PRO A 187 7.83 -0.64 17.23
N ARG A 188 7.25 -1.55 16.46
CA ARG A 188 8.00 -2.67 15.91
C ARG A 188 8.64 -2.30 14.57
N VAL A 189 9.40 -1.21 14.59
CA VAL A 189 10.09 -0.74 13.39
C VAL A 189 11.01 -1.83 12.84
N LEU A 190 10.52 -2.56 11.85
CA LEU A 190 11.28 -3.64 11.24
C LEU A 190 11.46 -3.43 9.74
N ARG A 191 12.55 -2.74 9.38
CA ARG A 191 12.85 -2.47 7.98
C ARG A 191 13.74 -3.56 7.40
N ARG A 192 13.37 -4.07 6.23
CA ARG A 192 14.13 -5.13 5.57
C ARG A 192 15.30 -4.55 4.78
N GLY A 193 15.20 -3.26 4.46
CA GLY A 193 16.25 -2.60 3.70
C GLY A 193 17.40 -2.14 4.57
N LYS A 194 18.33 -3.05 4.86
CA LYS A 194 19.48 -2.72 5.69
C LYS A 194 20.67 -2.31 4.84
N GLY A 195 20.70 -1.04 4.45
CA GLY A 195 21.78 -0.53 3.62
C GLY A 195 23.02 -0.19 4.45
N PRO A 196 24.18 -0.07 3.80
CA PRO A 196 25.44 0.26 4.48
C PRO A 196 25.47 1.71 4.95
N LEU A 197 26.44 2.03 5.81
CA LEU A 197 26.59 3.38 6.34
C LEU A 197 28.06 3.75 6.49
N ASP A 198 28.55 4.61 5.59
CA ASP A 198 29.95 5.04 5.63
C ASP A 198 30.23 5.91 6.86
N PRO A 199 29.42 6.98 7.10
CA PRO A 199 29.62 7.86 8.24
C PRO A 199 29.51 7.13 9.58
N VAL A 200 30.64 6.64 10.07
CA VAL A 200 30.66 5.91 11.34
C VAL A 200 30.50 6.87 12.52
N LEU A 201 29.99 6.35 13.62
CA LEU A 201 29.77 7.16 14.83
C LEU A 201 30.80 6.81 15.91
N LEU A 202 32.03 6.54 15.49
CA LEU A 202 33.10 6.21 16.42
C LEU A 202 33.53 7.42 17.24
N ARG A 203 33.71 8.54 16.56
CA ARG A 203 34.12 9.77 17.23
C ARG A 203 32.95 10.74 17.35
N GLY A 204 31.77 10.29 16.92
CA GLY A 204 30.58 11.12 17.00
C GLY A 204 29.37 10.37 17.53
N ALA A 205 29.37 10.10 18.84
CA ALA A 205 28.27 9.38 19.46
C ALA A 205 27.35 10.33 20.21
N GLY A 206 27.89 11.47 20.62
CA GLY A 206 27.10 12.45 21.34
C GLY A 206 27.80 12.94 22.60
N ASP A 207 27.75 12.14 23.65
CA ASP A 207 28.38 12.50 24.93
C ASP A 207 29.63 11.66 25.17
N VAL A 208 30.77 12.15 24.69
CA VAL A 208 32.04 11.46 24.86
C VAL A 208 32.89 12.11 25.94
N MET A 1 -30.42 26.12 1.54
CA MET A 1 -29.50 26.57 2.62
C MET A 1 -28.34 27.37 2.05
N LEU A 2 -27.46 27.83 2.94
CA LEU A 2 -26.30 28.61 2.53
C LEU A 2 -25.03 27.77 2.56
N ILE A 3 -24.57 27.44 3.76
CA ILE A 3 -23.37 26.63 3.92
C ILE A 3 -23.69 25.14 3.76
N ARG A 4 -23.27 24.57 2.63
CA ARG A 4 -23.49 23.17 2.35
C ARG A 4 -22.19 22.38 2.41
N LYS A 5 -22.30 21.06 2.32
CA LYS A 5 -21.13 20.19 2.37
C LYS A 5 -20.35 20.25 1.06
N ILE A 6 -19.29 19.45 0.96
CA ILE A 6 -18.47 19.42 -0.24
C ILE A 6 -19.15 18.64 -1.35
N THR A 7 -19.04 19.13 -2.58
CA THR A 7 -19.65 18.48 -3.73
C THR A 7 -18.94 17.18 -4.05
N ARG A 8 -19.36 16.53 -5.14
CA ARG A 8 -18.77 15.27 -5.56
C ARG A 8 -17.57 15.51 -6.46
N LYS A 9 -16.84 14.44 -6.77
CA LYS A 9 -15.66 14.54 -7.62
C LYS A 9 -16.05 14.54 -9.09
N ASN A 10 -15.82 15.67 -9.75
CA ASN A 10 -16.15 15.82 -11.16
C ASN A 10 -14.96 15.42 -12.06
N PRO A 11 -13.76 15.99 -11.82
CA PRO A 11 -12.58 15.68 -12.62
C PRO A 11 -12.21 14.20 -12.55
N SER A 12 -11.82 13.63 -13.69
CA SER A 12 -11.45 12.23 -13.76
C SER A 12 -10.63 11.94 -15.01
N PRO A 13 -9.31 11.71 -14.86
CA PRO A 13 -8.43 11.42 -15.98
C PRO A 13 -8.70 10.05 -16.60
N ASP A 14 -8.06 9.78 -17.74
CA ASP A 14 -8.25 8.51 -18.44
C ASP A 14 -7.64 7.36 -17.64
N VAL A 15 -6.55 7.65 -16.92
CA VAL A 15 -5.88 6.64 -16.12
C VAL A 15 -6.75 6.21 -14.93
N LEU A 16 -7.47 7.17 -14.37
CA LEU A 16 -8.34 6.89 -13.23
C LEU A 16 -9.56 6.09 -13.65
N GLU A 17 -10.10 6.43 -14.82
CA GLU A 17 -11.26 5.72 -15.36
C GLU A 17 -10.90 4.29 -15.72
N GLU A 18 -9.62 4.06 -16.00
CA GLU A 18 -9.15 2.72 -16.35
C GLU A 18 -9.09 1.83 -15.13
N ALA A 19 -8.77 2.43 -13.99
CA ALA A 19 -8.69 1.70 -12.72
C ALA A 19 -10.07 1.21 -12.29
N ILE A 20 -11.08 2.04 -12.53
CA ILE A 20 -12.45 1.70 -12.17
C ILE A 20 -13.02 0.67 -13.15
N SER A 21 -12.40 0.55 -14.31
CA SER A 21 -12.85 -0.39 -15.33
C SER A 21 -12.49 -1.83 -14.93
N VAL A 22 -11.27 -2.03 -14.46
CA VAL A 22 -10.82 -3.35 -14.06
C VAL A 22 -11.55 -3.82 -12.79
N MET A 23 -11.93 -2.87 -11.95
CA MET A 23 -12.64 -3.18 -10.72
C MET A 23 -14.03 -3.73 -11.02
N GLU A 24 -14.62 -3.26 -12.11
CA GLU A 24 -15.94 -3.70 -12.52
C GLU A 24 -15.92 -5.12 -13.08
N GLY A 25 -14.83 -5.45 -13.78
CA GLY A 25 -14.70 -6.77 -14.37
C GLY A 25 -14.09 -7.77 -13.41
N GLY A 26 -13.97 -7.38 -12.14
CA GLY A 26 -13.40 -8.26 -11.14
C GLY A 26 -11.95 -8.60 -11.42
N GLY A 27 -11.11 -7.56 -11.48
CA GLY A 27 -9.69 -7.77 -11.74
C GLY A 27 -8.80 -7.09 -10.72
N ILE A 28 -7.56 -7.53 -10.62
CA ILE A 28 -6.62 -6.94 -9.69
C ILE A 28 -5.75 -5.90 -10.39
N VAL A 29 -5.36 -4.86 -9.65
CA VAL A 29 -4.54 -3.79 -10.21
C VAL A 29 -3.20 -3.73 -9.50
N ILE A 30 -2.12 -3.64 -10.27
CA ILE A 30 -0.77 -3.57 -9.70
C ILE A 30 -0.24 -2.15 -9.72
N TYR A 31 0.67 -1.84 -8.80
CA TYR A 31 1.24 -0.50 -8.71
C TYR A 31 2.59 -0.50 -7.99
N PRO A 32 3.72 -0.46 -8.74
CA PRO A 32 5.06 -0.41 -8.17
C PRO A 32 5.39 0.99 -7.68
N THR A 33 6.11 1.08 -6.56
CA THR A 33 6.47 2.39 -6.00
C THR A 33 7.90 2.43 -5.48
N ASP A 34 8.08 1.94 -4.25
CA ASP A 34 9.38 1.97 -3.61
C ASP A 34 10.31 0.92 -4.18
N THR A 35 10.13 -0.32 -3.74
CA THR A 35 10.99 -1.42 -4.17
C THR A 35 10.60 -1.92 -5.56
N ILE A 36 9.67 -2.88 -5.60
CA ILE A 36 9.24 -3.46 -6.86
C ILE A 36 7.75 -3.22 -7.09
N TYR A 37 7.11 -4.14 -7.82
CA TYR A 37 5.70 -4.04 -8.11
C TYR A 37 4.86 -4.27 -6.87
N GLY A 38 3.78 -3.49 -6.75
CA GLY A 38 2.89 -3.64 -5.61
C GLY A 38 1.50 -4.06 -6.03
N LEU A 39 0.60 -4.18 -5.06
CA LEU A 39 -0.77 -4.57 -5.35
C LEU A 39 -1.76 -3.51 -4.87
N GLY A 40 -2.79 -3.28 -5.68
CA GLY A 40 -3.81 -2.31 -5.35
C GLY A 40 -5.16 -2.73 -5.88
N VAL A 41 -6.06 -3.10 -4.98
CA VAL A 41 -7.39 -3.55 -5.38
C VAL A 41 -8.42 -3.29 -4.27
N ASN A 42 -9.68 -3.20 -4.66
CA ASN A 42 -10.75 -2.95 -3.69
C ASN A 42 -10.72 -4.01 -2.58
N ALA A 43 -10.18 -3.61 -1.43
CA ALA A 43 -10.04 -4.51 -0.29
C ALA A 43 -11.39 -5.05 0.18
N LEU A 44 -12.42 -4.22 0.11
CA LEU A 44 -13.75 -4.62 0.55
C LEU A 44 -14.47 -5.42 -0.53
N ASP A 45 -13.69 -5.93 -1.47
CA ASP A 45 -14.22 -6.75 -2.55
C ASP A 45 -13.79 -8.20 -2.40
N GLU A 46 -14.55 -9.11 -3.00
CA GLU A 46 -14.23 -10.54 -2.93
C GLU A 46 -13.06 -10.88 -3.83
N ASP A 47 -12.92 -10.13 -4.93
CA ASP A 47 -11.84 -10.37 -5.88
C ASP A 47 -10.48 -10.15 -5.23
N ALA A 48 -10.42 -9.23 -4.28
CA ALA A 48 -9.17 -8.93 -3.60
C ALA A 48 -8.77 -10.08 -2.67
N VAL A 49 -9.76 -10.75 -2.08
CA VAL A 49 -9.51 -11.85 -1.18
C VAL A 49 -8.94 -13.05 -1.94
N ARG A 50 -9.53 -13.36 -3.09
CA ARG A 50 -9.08 -14.47 -3.91
C ARG A 50 -7.69 -14.20 -4.48
N ARG A 51 -7.50 -12.99 -4.97
CA ARG A 51 -6.22 -12.60 -5.56
C ARG A 51 -5.13 -12.54 -4.48
N LEU A 52 -5.56 -12.35 -3.23
CA LEU A 52 -4.62 -12.27 -2.12
C LEU A 52 -3.98 -13.64 -1.85
N PHE A 53 -4.81 -14.65 -1.68
CA PHE A 53 -4.33 -16.00 -1.42
C PHE A 53 -3.57 -16.55 -2.63
N ARG A 54 -3.73 -15.90 -3.77
CA ARG A 54 -3.07 -16.33 -5.00
C ARG A 54 -1.56 -16.11 -4.92
N VAL A 55 -1.15 -14.84 -4.87
CA VAL A 55 0.26 -14.51 -4.83
C VAL A 55 0.86 -14.77 -3.44
N LYS A 56 0.08 -14.46 -2.40
CA LYS A 56 0.54 -14.63 -1.03
C LYS A 56 0.39 -16.08 -0.57
N GLY A 57 -0.14 -16.93 -1.45
CA GLY A 57 -0.33 -18.33 -1.11
C GLY A 57 -1.34 -18.53 0.00
N ARG A 58 -1.15 -19.56 0.81
CA ARG A 58 -2.06 -19.87 1.91
C ARG A 58 -1.52 -19.34 3.22
N SER A 59 -2.25 -18.40 3.83
CA SER A 59 -1.85 -17.82 5.10
C SER A 59 -3.07 -17.33 5.88
N PRO A 60 -3.91 -18.26 6.39
CA PRO A 60 -5.11 -17.92 7.15
C PRO A 60 -4.81 -17.36 8.53
N HIS A 61 -3.52 -17.22 8.84
CA HIS A 61 -3.10 -16.71 10.14
C HIS A 61 -2.39 -15.36 10.00
N LYS A 62 -1.87 -15.10 8.81
CA LYS A 62 -1.17 -13.85 8.54
C LYS A 62 -2.14 -12.76 8.09
N PRO A 63 -2.13 -11.59 8.77
CA PRO A 63 -3.03 -10.48 8.42
C PRO A 63 -2.68 -9.88 7.05
N VAL A 64 -3.50 -8.93 6.61
CA VAL A 64 -3.29 -8.29 5.32
C VAL A 64 -2.93 -6.81 5.51
N SER A 65 -2.21 -6.26 4.54
CA SER A 65 -1.80 -4.87 4.60
C SER A 65 -2.52 -4.04 3.53
N ILE A 66 -3.07 -2.90 3.93
CA ILE A 66 -3.78 -2.03 3.00
C ILE A 66 -3.01 -0.73 2.78
N CYS A 67 -3.49 0.07 1.83
CA CYS A 67 -2.87 1.35 1.52
C CYS A 67 -3.84 2.50 1.77
N VAL A 68 -3.37 3.55 2.41
CA VAL A 68 -4.20 4.70 2.72
C VAL A 68 -3.41 6.00 2.59
N SER A 69 -4.11 7.13 2.71
CA SER A 69 -3.46 8.44 2.64
C SER A 69 -2.86 8.82 3.98
N CYS A 70 -3.59 8.51 5.04
CA CYS A 70 -3.14 8.81 6.40
C CYS A 70 -3.95 8.03 7.42
N VAL A 71 -3.46 7.98 8.65
CA VAL A 71 -4.14 7.28 9.73
C VAL A 71 -5.58 7.78 9.89
N ASP A 72 -5.76 9.07 9.62
CA ASP A 72 -7.09 9.68 9.72
C ASP A 72 -8.03 9.13 8.65
N GLU A 73 -7.46 8.78 7.50
CA GLU A 73 -8.26 8.26 6.39
C GLU A 73 -8.78 6.85 6.70
N ILE A 74 -8.11 6.16 7.63
CA ILE A 74 -8.53 4.81 8.03
C ILE A 74 -9.03 4.78 9.48
N PRO A 75 -10.15 5.48 9.79
CA PRO A 75 -10.70 5.51 11.15
C PRO A 75 -11.14 4.12 11.62
N ARG A 76 -12.28 3.67 11.13
CA ARG A 76 -12.84 2.37 11.52
C ARG A 76 -12.06 1.21 10.90
N PHE A 77 -10.79 1.44 10.54
CA PHE A 77 -9.98 0.38 9.95
C PHE A 77 -9.00 -0.20 10.98
N SER A 78 -8.22 0.67 11.60
CA SER A 78 -7.24 0.24 12.59
C SER A 78 -7.49 0.93 13.94
N ARG A 79 -6.68 0.56 14.93
CA ARG A 79 -6.80 1.13 16.26
C ARG A 79 -5.57 1.97 16.61
N PRO A 80 -5.58 3.27 16.26
CA PRO A 80 -4.46 4.16 16.49
C PRO A 80 -4.68 5.09 17.69
N SER A 81 -3.80 6.08 17.82
CA SER A 81 -3.89 7.03 18.91
C SER A 81 -3.43 8.42 18.47
N GLY A 82 -3.48 9.39 19.38
CA GLY A 82 -3.08 10.74 19.06
C GLY A 82 -1.57 10.90 18.98
N ASP A 83 -0.95 11.17 20.13
CA ASP A 83 0.50 11.37 20.19
C ASP A 83 1.25 10.20 19.57
N ALA A 84 0.69 9.01 19.71
CA ALA A 84 1.32 7.81 19.16
C ALA A 84 1.47 7.91 17.64
N MET A 85 0.39 8.30 16.98
CA MET A 85 0.40 8.44 15.53
C MET A 85 1.20 9.65 15.09
N GLU A 86 1.42 10.57 16.03
CA GLU A 86 2.20 11.77 15.74
C GLU A 86 3.60 11.40 15.27
N LEU A 87 4.27 10.56 16.05
CA LEU A 87 5.61 10.09 15.70
C LEU A 87 5.56 9.26 14.42
N MET A 88 4.46 8.56 14.22
CA MET A 88 4.28 7.72 13.03
C MET A 88 4.22 8.56 11.76
N GLU A 89 3.38 9.59 11.78
CA GLU A 89 3.21 10.46 10.62
C GLU A 89 4.44 11.32 10.38
N ARG A 90 5.38 11.28 11.33
CA ARG A 90 6.60 12.06 11.23
C ARG A 90 7.57 11.44 10.21
N ILE A 91 7.38 10.15 9.92
CA ILE A 91 8.27 9.44 9.01
C ILE A 91 7.59 9.15 7.66
N LEU A 92 6.45 9.78 7.41
CA LEU A 92 5.72 9.60 6.16
C LEU A 92 5.35 10.95 5.55
N PRO A 93 4.93 10.99 4.26
CA PRO A 93 4.82 9.82 3.39
C PRO A 93 6.17 9.37 2.82
N GLY A 94 6.22 8.15 2.33
CA GLY A 94 7.44 7.61 1.76
C GLY A 94 7.50 6.10 1.85
N PRO A 95 8.70 5.50 1.94
CA PRO A 95 8.85 4.06 2.07
C PRO A 95 8.59 3.60 3.50
N TYR A 96 7.65 4.26 4.15
CA TYR A 96 7.30 3.97 5.53
C TYR A 96 6.16 2.96 5.63
N THR A 97 6.32 2.00 6.52
CA THR A 97 5.29 0.98 6.74
C THR A 97 4.70 1.12 8.14
N VAL A 98 3.39 1.36 8.22
CA VAL A 98 2.73 1.54 9.51
C VAL A 98 1.71 0.44 9.77
N VAL A 99 2.04 -0.44 10.72
CA VAL A 99 1.14 -1.51 11.13
C VAL A 99 0.52 -1.19 12.48
N LEU A 100 -0.81 -1.29 12.56
CA LEU A 100 -1.54 -1.02 13.79
C LEU A 100 -2.45 -2.19 14.15
N GLU A 101 -3.28 -2.00 15.16
CA GLU A 101 -4.24 -3.01 15.59
C GLU A 101 -5.39 -3.10 14.60
N ARG A 102 -6.38 -3.95 14.90
CA ARG A 102 -7.52 -4.11 14.02
C ARG A 102 -8.82 -3.75 14.73
N ASN A 103 -9.73 -3.10 14.00
CA ASN A 103 -11.02 -2.70 14.55
C ASN A 103 -11.95 -3.90 14.71
N GLU A 104 -13.18 -3.64 15.15
CA GLU A 104 -14.17 -4.70 15.32
C GLU A 104 -14.75 -5.14 13.98
N LEU A 105 -13.87 -5.48 13.04
CA LEU A 105 -14.30 -5.91 11.71
C LEU A 105 -14.72 -7.37 11.72
N ILE A 106 -15.86 -7.65 11.08
CA ILE A 106 -16.38 -9.01 11.02
C ILE A 106 -15.55 -9.89 10.08
N PRO A 107 -15.29 -9.43 8.83
CA PRO A 107 -14.49 -10.20 7.87
C PRO A 107 -13.16 -10.67 8.45
N ASP A 108 -13.04 -11.97 8.70
CA ASP A 108 -11.83 -12.55 9.25
C ASP A 108 -10.78 -12.79 8.17
N VAL A 109 -11.24 -12.84 6.92
CA VAL A 109 -10.35 -13.08 5.79
C VAL A 109 -9.43 -11.90 5.55
N ILE A 110 -9.76 -10.75 6.15
CA ILE A 110 -8.96 -9.55 6.00
C ILE A 110 -8.03 -9.36 7.19
N THR A 111 -8.55 -9.59 8.39
CA THR A 111 -7.76 -9.45 9.60
C THR A 111 -6.82 -10.64 9.80
N GLY A 112 -7.06 -11.70 9.02
CA GLY A 112 -6.24 -12.88 9.12
C GLY A 112 -6.53 -13.70 10.36
N GLY A 113 -5.56 -14.48 10.80
CA GLY A 113 -5.75 -15.31 12.00
C GLY A 113 -5.52 -14.53 13.27
N SER A 114 -4.93 -13.34 13.14
CA SER A 114 -4.65 -12.49 14.30
C SER A 114 -5.62 -11.33 14.36
N SER A 115 -5.41 -10.43 15.32
CA SER A 115 -6.28 -9.27 15.48
C SER A 115 -5.53 -7.98 15.15
N ARG A 116 -4.77 -8.00 14.06
CA ARG A 116 -3.99 -6.84 13.64
C ARG A 116 -4.10 -6.63 12.13
N VAL A 117 -3.80 -5.41 11.69
CA VAL A 117 -3.86 -5.08 10.27
C VAL A 117 -2.68 -4.17 9.88
N GLY A 118 -2.16 -4.38 8.68
CA GLY A 118 -1.05 -3.58 8.20
C GLY A 118 -1.49 -2.47 7.28
N ILE A 119 -0.71 -1.38 7.26
CA ILE A 119 -1.01 -0.24 6.41
C ILE A 119 0.28 0.40 5.90
N ARG A 120 0.22 0.99 4.72
CA ARG A 120 1.39 1.63 4.13
C ARG A 120 1.00 2.82 3.27
N VAL A 121 1.75 3.92 3.40
CA VAL A 121 1.50 5.12 2.62
C VAL A 121 2.61 5.35 1.60
N PRO A 122 2.47 4.76 0.39
CA PRO A 122 3.48 4.89 -0.67
C PRO A 122 3.64 6.32 -1.16
N ASP A 123 4.49 6.51 -2.15
CA ASP A 123 4.75 7.83 -2.72
C ASP A 123 3.85 8.11 -3.91
N ASP A 124 2.88 7.22 -4.15
CA ASP A 124 1.96 7.37 -5.26
C ASP A 124 0.96 8.49 -4.99
N GLU A 125 1.04 9.55 -5.81
CA GLU A 125 0.15 10.70 -5.66
C GLU A 125 -1.32 10.29 -5.74
N ILE A 126 -1.69 9.65 -6.85
CA ILE A 126 -3.07 9.24 -7.06
C ILE A 126 -3.53 8.26 -5.97
N CYS A 127 -2.72 7.25 -5.70
CA CYS A 127 -3.05 6.25 -4.70
C CYS A 127 -3.28 6.91 -3.34
N ARG A 128 -2.82 8.14 -3.18
CA ARG A 128 -2.99 8.87 -1.93
C ARG A 128 -4.42 9.35 -1.77
N ARG A 129 -4.91 10.10 -2.76
CA ARG A 129 -6.26 10.65 -2.72
C ARG A 129 -7.31 9.55 -2.71
N ILE A 130 -7.20 8.62 -3.66
CA ILE A 130 -8.18 7.53 -3.78
C ILE A 130 -8.23 6.69 -2.50
N ALA A 131 -7.06 6.43 -1.91
CA ALA A 131 -6.98 5.63 -0.70
C ALA A 131 -7.50 6.40 0.50
N ALA A 132 -7.42 7.73 0.44
CA ALA A 132 -7.92 8.58 1.53
C ALA A 132 -9.37 8.23 1.81
N ARG A 133 -10.19 8.29 0.78
CA ARG A 133 -11.60 7.93 0.90
C ARG A 133 -11.74 6.40 0.96
N PHE A 134 -11.86 5.79 -0.20
CA PHE A 134 -11.99 4.34 -0.29
C PHE A 134 -10.64 3.64 -0.09
N PRO A 135 -10.51 2.79 0.94
CA PRO A 135 -9.28 2.04 1.20
C PRO A 135 -8.98 1.04 0.09
N VAL A 136 -7.71 0.67 -0.06
CA VAL A 136 -7.30 -0.27 -1.09
C VAL A 136 -6.35 -1.33 -0.54
N THR A 137 -6.24 -2.45 -1.24
CA THR A 137 -5.35 -3.52 -0.84
C THR A 137 -3.92 -3.21 -1.29
N ALA A 138 -2.95 -3.49 -0.44
CA ALA A 138 -1.55 -3.22 -0.76
C ALA A 138 -0.65 -4.41 -0.44
N THR A 139 -0.20 -5.11 -1.47
CA THR A 139 0.68 -6.26 -1.30
C THR A 139 1.82 -6.23 -2.32
N SER A 140 3.05 -6.23 -1.82
CA SER A 140 4.22 -6.20 -2.69
C SER A 140 4.35 -7.50 -3.50
N ALA A 141 4.15 -7.40 -4.80
CA ALA A 141 4.24 -8.57 -5.68
C ALA A 141 5.68 -8.88 -6.04
N ASN A 142 6.24 -9.90 -5.41
CA ASN A 142 7.62 -10.29 -5.67
C ASN A 142 7.87 -11.73 -5.22
N ILE A 143 6.82 -12.55 -5.26
CA ILE A 143 6.91 -13.95 -4.86
C ILE A 143 7.54 -14.79 -5.96
N SER A 144 7.26 -16.10 -5.94
CA SER A 144 7.80 -17.01 -6.94
C SER A 144 7.39 -16.58 -8.34
N GLY A 145 8.08 -17.12 -9.34
CA GLY A 145 7.77 -16.78 -10.72
C GLY A 145 8.44 -15.49 -11.16
N LYS A 146 7.74 -14.71 -11.99
CA LYS A 146 8.27 -13.44 -12.47
C LYS A 146 7.28 -12.31 -12.22
N PRO A 147 7.07 -11.93 -10.95
CA PRO A 147 6.11 -10.88 -10.58
C PRO A 147 6.44 -9.52 -11.19
N PRO A 148 7.70 -9.04 -11.12
CA PRO A 148 8.07 -7.73 -11.67
C PRO A 148 8.20 -7.74 -13.19
N SER A 149 7.41 -6.92 -13.85
CA SER A 149 7.44 -6.82 -15.31
C SER A 149 8.31 -5.65 -15.76
N PRO A 150 8.98 -5.79 -16.92
CA PRO A 150 9.87 -4.76 -17.44
C PRO A 150 9.20 -3.84 -18.46
N ARG A 151 8.03 -4.23 -18.94
CA ARG A 151 7.31 -3.43 -19.92
C ARG A 151 5.83 -3.31 -19.58
N LEU A 152 5.28 -2.11 -19.79
CA LEU A 152 3.87 -1.86 -19.51
C LEU A 152 2.98 -2.59 -20.51
N GLU A 153 3.38 -2.55 -21.78
CA GLU A 153 2.63 -3.21 -22.85
C GLU A 153 2.74 -4.73 -22.72
N GLU A 154 3.74 -5.18 -21.96
CA GLU A 154 3.96 -6.61 -21.76
C GLU A 154 2.93 -7.19 -20.79
N ILE A 155 2.57 -6.42 -19.78
CA ILE A 155 1.60 -6.88 -18.78
C ILE A 155 0.21 -7.02 -19.39
N VAL A 156 -0.21 -6.03 -20.17
CA VAL A 156 -1.52 -6.07 -20.79
C VAL A 156 -1.60 -7.19 -21.83
N ARG A 157 -0.46 -7.53 -22.41
CA ARG A 157 -0.39 -8.57 -23.43
C ARG A 157 -0.49 -9.96 -22.80
N ASP A 158 0.38 -10.24 -21.84
CA ASP A 158 0.42 -11.56 -21.19
C ASP A 158 -0.74 -11.74 -20.22
N LEU A 159 -1.02 -10.71 -19.43
CA LEU A 159 -2.08 -10.75 -18.44
C LEU A 159 -3.39 -10.27 -19.02
N ASP A 160 -3.92 -11.03 -19.99
CA ASP A 160 -5.17 -10.72 -20.68
C ASP A 160 -6.00 -9.67 -19.96
N ALA A 161 -6.49 -10.02 -18.76
CA ALA A 161 -7.30 -9.10 -17.98
C ALA A 161 -7.28 -9.46 -16.50
N VAL A 162 -6.21 -10.12 -16.07
CA VAL A 162 -6.08 -10.51 -14.66
C VAL A 162 -5.60 -9.34 -13.82
N ASP A 163 -4.35 -8.92 -14.02
CA ASP A 163 -3.78 -7.79 -13.29
C ASP A 163 -3.56 -6.61 -14.23
N LEU A 164 -4.52 -5.69 -14.23
CA LEU A 164 -4.44 -4.51 -15.09
C LEU A 164 -3.20 -3.67 -14.76
N VAL A 165 -2.45 -3.33 -15.81
CA VAL A 165 -1.24 -2.53 -15.64
C VAL A 165 -1.58 -1.12 -15.18
N LEU A 166 -0.54 -0.31 -14.92
CA LEU A 166 -0.74 1.06 -14.46
C LEU A 166 0.03 2.04 -15.34
N ASP A 167 -0.68 3.02 -15.89
CA ASP A 167 -0.08 4.03 -16.76
C ASP A 167 0.34 5.27 -15.98
N ALA A 168 -0.03 5.31 -14.69
CA ALA A 168 0.30 6.44 -13.84
C ALA A 168 1.80 6.57 -13.66
N GLY A 169 2.50 5.44 -13.68
CA GLY A 169 3.94 5.44 -13.53
C GLY A 169 4.38 5.04 -12.14
N ASP A 170 5.22 4.00 -12.07
CA ASP A 170 5.73 3.50 -10.80
C ASP A 170 6.77 4.45 -10.22
N CYS A 171 7.51 3.96 -9.22
CA CYS A 171 8.56 4.75 -8.60
C CYS A 171 9.82 3.89 -8.38
N LEU A 172 10.76 4.43 -7.61
CA LEU A 172 12.02 3.71 -7.35
C LEU A 172 12.52 3.93 -5.92
N ASP A 173 11.61 3.94 -4.94
CA ASP A 173 12.03 4.17 -3.56
C ASP A 173 12.49 2.86 -2.92
N MET A 174 13.33 2.12 -3.64
CA MET A 174 13.85 0.84 -3.16
C MET A 174 14.61 1.01 -1.85
N GLU A 175 15.02 2.24 -1.55
CA GLU A 175 15.76 2.52 -0.32
C GLU A 175 15.29 3.83 0.31
N PRO A 176 15.11 3.84 1.64
CA PRO A 176 15.33 2.69 2.51
C PRO A 176 14.12 1.74 2.55
N SER A 177 13.97 1.04 3.66
CA SER A 177 12.86 0.10 3.83
C SER A 177 12.52 -0.08 5.31
N THR A 178 11.59 0.72 5.79
CA THR A 178 11.19 0.67 7.20
C THR A 178 9.87 -0.08 7.37
N VAL A 179 9.86 -1.03 8.29
CA VAL A 179 8.65 -1.80 8.58
C VAL A 179 8.36 -1.79 10.09
N ILE A 180 7.42 -0.95 10.49
CA ILE A 180 7.08 -0.80 11.91
C ILE A 180 5.65 -1.24 12.19
N ASP A 181 5.46 -1.94 13.31
CA ASP A 181 4.14 -2.38 13.73
C ASP A 181 3.67 -1.56 14.93
N LEU A 182 3.60 -0.24 14.74
CA LEU A 182 3.18 0.67 15.79
C LEU A 182 1.69 0.51 16.10
N THR A 183 1.38 -0.11 17.24
CA THR A 183 0.00 -0.29 17.64
C THR A 183 -0.50 0.97 18.36
N VAL A 184 -0.29 1.04 19.68
CA VAL A 184 -0.69 2.20 20.44
C VAL A 184 0.50 2.84 21.15
N ASN A 185 0.85 2.31 22.32
CA ASN A 185 1.96 2.85 23.10
C ASN A 185 3.29 2.20 22.71
N PRO A 186 3.38 0.86 22.71
CA PRO A 186 4.62 0.16 22.35
C PRO A 186 4.79 0.00 20.85
N PRO A 187 5.72 0.77 20.24
CA PRO A 187 5.98 0.71 18.80
C PRO A 187 6.95 -0.41 18.43
N ARG A 188 6.56 -1.21 17.44
CA ARG A 188 7.40 -2.31 16.97
C ARG A 188 8.32 -1.85 15.85
N VAL A 189 9.01 -0.73 16.08
CA VAL A 189 9.91 -0.17 15.09
C VAL A 189 10.96 -1.19 14.65
N LEU A 190 10.79 -1.72 13.45
CA LEU A 190 11.71 -2.72 12.91
C LEU A 190 12.16 -2.35 11.50
N ARG A 191 13.18 -1.50 11.42
CA ARG A 191 13.71 -1.07 10.13
C ARG A 191 14.76 -2.06 9.62
N ARG A 192 15.23 -1.84 8.40
CA ARG A 192 16.23 -2.71 7.80
C ARG A 192 17.56 -2.62 8.56
N GLY A 193 17.90 -3.69 9.27
CA GLY A 193 19.12 -3.72 10.04
C GLY A 193 20.31 -4.19 9.22
N LYS A 194 20.89 -3.29 8.45
CA LYS A 194 22.05 -3.61 7.63
C LYS A 194 23.32 -3.01 8.22
N GLY A 195 24.19 -3.87 8.73
CA GLY A 195 25.43 -3.41 9.33
C GLY A 195 26.52 -3.17 8.30
N PRO A 196 27.55 -4.03 8.25
CA PRO A 196 28.67 -3.90 7.31
C PRO A 196 28.26 -4.22 5.87
N LEU A 197 28.37 -3.24 4.99
CA LEU A 197 28.02 -3.41 3.59
C LEU A 197 28.87 -2.51 2.70
N ASP A 198 28.78 -2.72 1.39
CA ASP A 198 29.54 -1.93 0.44
C ASP A 198 28.96 -0.52 0.29
N PRO A 199 29.82 0.51 0.34
CA PRO A 199 29.38 1.91 0.22
C PRO A 199 29.18 2.34 -1.23
N VAL A 200 28.52 1.48 -2.00
CA VAL A 200 28.26 1.76 -3.41
C VAL A 200 27.54 3.09 -3.59
N LEU A 201 26.25 3.11 -3.27
CA LEU A 201 25.45 4.33 -3.40
C LEU A 201 24.98 4.82 -2.03
N LEU A 202 25.91 4.90 -1.08
CA LEU A 202 25.58 5.35 0.26
C LEU A 202 25.20 6.83 0.26
N ARG A 203 26.12 7.68 -0.16
CA ARG A 203 25.88 9.12 -0.22
C ARG A 203 24.93 9.46 -1.36
N GLY A 204 24.06 10.44 -1.13
CA GLY A 204 23.11 10.85 -2.15
C GLY A 204 22.36 12.11 -1.77
N ALA A 205 21.53 12.59 -2.69
CA ALA A 205 20.75 13.80 -2.45
C ALA A 205 19.28 13.47 -2.21
N GLY A 206 18.61 14.30 -1.41
CA GLY A 206 17.21 14.08 -1.11
C GLY A 206 16.81 14.64 0.24
N ASP A 207 17.77 15.22 0.94
CA ASP A 207 17.52 15.80 2.26
C ASP A 207 17.50 17.32 2.18
N VAL A 208 18.14 17.87 1.16
CA VAL A 208 18.19 19.32 0.98
C VAL A 208 17.03 19.81 0.12
N MET A 1 -12.71 41.62 0.96
CA MET A 1 -12.55 40.28 0.35
C MET A 1 -13.90 39.70 -0.07
N LEU A 2 -13.96 39.16 -1.28
CA LEU A 2 -15.19 38.56 -1.79
C LEU A 2 -15.05 37.04 -1.89
N ILE A 3 -16.08 36.39 -2.41
CA ILE A 3 -16.08 34.94 -2.56
C ILE A 3 -15.39 34.51 -3.85
N ARG A 4 -14.79 33.33 -3.84
CA ARG A 4 -14.09 32.80 -5.01
C ARG A 4 -14.91 31.71 -5.69
N LYS A 5 -14.45 31.27 -6.85
CA LYS A 5 -15.14 30.23 -7.61
C LYS A 5 -14.76 28.84 -7.10
N ILE A 6 -15.58 27.85 -7.43
CA ILE A 6 -15.33 26.47 -7.01
C ILE A 6 -14.79 25.65 -8.17
N THR A 7 -13.83 24.77 -7.87
CA THR A 7 -13.22 23.92 -8.87
C THR A 7 -14.20 22.85 -9.36
N ARG A 8 -14.49 22.86 -10.65
CA ARG A 8 -15.41 21.88 -11.24
C ARG A 8 -14.65 20.69 -11.81
N LYS A 9 -15.39 19.64 -12.14
CA LYS A 9 -14.79 18.42 -12.69
C LYS A 9 -14.90 18.41 -14.21
N ASN A 10 -14.43 19.48 -14.86
CA ASN A 10 -14.48 19.58 -16.31
C ASN A 10 -13.41 18.71 -16.97
N PRO A 11 -12.12 18.82 -16.54
CA PRO A 11 -11.04 18.03 -17.13
C PRO A 11 -11.16 16.55 -16.81
N SER A 12 -11.31 16.23 -15.53
CA SER A 12 -11.44 14.84 -15.06
C SER A 12 -10.16 14.06 -15.34
N PRO A 13 -9.54 13.49 -14.29
CA PRO A 13 -8.30 12.70 -14.43
C PRO A 13 -8.52 11.40 -15.18
N ASP A 14 -7.71 11.17 -16.20
CA ASP A 14 -7.81 9.95 -17.00
C ASP A 14 -7.25 8.76 -16.24
N VAL A 15 -6.22 8.99 -15.43
CA VAL A 15 -5.60 7.95 -14.63
C VAL A 15 -6.60 7.35 -13.65
N LEU A 16 -7.43 8.21 -13.05
CA LEU A 16 -8.44 7.76 -12.11
C LEU A 16 -9.53 6.95 -12.81
N GLU A 17 -9.83 7.34 -14.04
CA GLU A 17 -10.85 6.66 -14.83
C GLU A 17 -10.36 5.27 -15.27
N GLU A 18 -9.04 5.13 -15.38
CA GLU A 18 -8.45 3.86 -15.80
C GLU A 18 -8.55 2.83 -14.67
N ALA A 19 -8.38 3.29 -13.44
CA ALA A 19 -8.47 2.43 -12.28
C ALA A 19 -9.88 1.87 -12.11
N ILE A 20 -10.87 2.71 -12.40
CA ILE A 20 -12.26 2.31 -12.28
C ILE A 20 -12.68 1.39 -13.43
N SER A 21 -11.95 1.50 -14.54
CA SER A 21 -12.24 0.68 -15.71
C SER A 21 -11.92 -0.78 -15.45
N VAL A 22 -10.75 -1.04 -14.89
CA VAL A 22 -10.32 -2.40 -14.59
C VAL A 22 -11.14 -2.98 -13.44
N MET A 23 -11.57 -2.12 -12.53
CA MET A 23 -12.36 -2.55 -11.38
C MET A 23 -13.76 -2.97 -11.81
N GLU A 24 -14.24 -2.38 -12.91
CA GLU A 24 -15.57 -2.69 -13.42
C GLU A 24 -15.63 -4.13 -13.91
N GLY A 25 -14.53 -4.62 -14.45
CA GLY A 25 -14.48 -5.99 -14.94
C GLY A 25 -13.97 -6.95 -13.90
N GLY A 26 -13.71 -6.45 -12.70
CA GLY A 26 -13.23 -7.30 -11.62
C GLY A 26 -11.85 -7.84 -11.90
N GLY A 27 -10.86 -6.95 -11.96
CA GLY A 27 -9.49 -7.37 -12.22
C GLY A 27 -8.54 -6.90 -11.13
N ILE A 28 -7.27 -7.31 -11.25
CA ILE A 28 -6.26 -6.93 -10.29
C ILE A 28 -5.47 -5.72 -10.78
N VAL A 29 -5.12 -4.83 -9.85
CA VAL A 29 -4.37 -3.63 -10.19
C VAL A 29 -3.01 -3.64 -9.50
N ILE A 30 -1.95 -3.57 -10.28
CA ILE A 30 -0.60 -3.53 -9.73
C ILE A 30 -0.04 -2.10 -9.77
N TYR A 31 1.03 -1.86 -9.03
CA TYR A 31 1.60 -0.52 -8.95
C TYR A 31 2.97 -0.53 -8.25
N PRO A 32 4.06 -0.78 -8.99
CA PRO A 32 5.41 -0.74 -8.43
C PRO A 32 5.87 0.69 -8.20
N THR A 33 6.15 1.03 -6.94
CA THR A 33 6.53 2.40 -6.59
C THR A 33 7.96 2.48 -6.04
N ASP A 34 8.15 3.25 -4.97
CA ASP A 34 9.47 3.40 -4.37
C ASP A 34 10.05 2.04 -4.04
N THR A 35 9.25 1.19 -3.42
CA THR A 35 9.70 -0.15 -3.06
C THR A 35 9.66 -1.07 -4.27
N ILE A 36 8.91 -2.17 -4.18
CA ILE A 36 8.82 -3.11 -5.29
C ILE A 36 7.42 -3.12 -5.89
N TYR A 37 7.07 -4.20 -6.57
CA TYR A 37 5.76 -4.33 -7.19
C TYR A 37 4.68 -4.49 -6.13
N GLY A 38 3.78 -3.51 -6.06
CA GLY A 38 2.70 -3.54 -5.10
C GLY A 38 1.36 -3.61 -5.79
N LEU A 39 0.55 -4.60 -5.43
CA LEU A 39 -0.74 -4.77 -6.07
C LEU A 39 -1.88 -4.46 -5.09
N GLY A 40 -2.89 -3.78 -5.61
CA GLY A 40 -4.03 -3.42 -4.79
C GLY A 40 -5.31 -3.45 -5.57
N VAL A 41 -6.43 -3.53 -4.85
CA VAL A 41 -7.74 -3.59 -5.49
C VAL A 41 -8.83 -3.17 -4.52
N ASN A 42 -10.09 -3.38 -4.92
CA ASN A 42 -11.22 -3.04 -4.07
C ASN A 42 -11.10 -3.75 -2.73
N ALA A 43 -11.13 -2.97 -1.65
CA ALA A 43 -10.95 -3.50 -0.30
C ALA A 43 -11.99 -4.58 0.03
N LEU A 44 -13.24 -4.18 0.13
CA LEU A 44 -14.31 -5.12 0.49
C LEU A 44 -14.76 -5.94 -0.73
N ASP A 45 -13.80 -6.39 -1.53
CA ASP A 45 -14.11 -7.21 -2.70
C ASP A 45 -13.66 -8.65 -2.49
N GLU A 46 -14.33 -9.58 -3.17
CA GLU A 46 -13.99 -11.00 -3.07
C GLU A 46 -12.72 -11.31 -3.85
N ASP A 47 -12.49 -10.55 -4.93
CA ASP A 47 -11.33 -10.75 -5.77
C ASP A 47 -10.04 -10.47 -4.99
N ALA A 48 -10.15 -9.63 -3.95
CA ALA A 48 -9.01 -9.29 -3.12
C ALA A 48 -8.56 -10.48 -2.28
N VAL A 49 -9.54 -11.24 -1.78
CA VAL A 49 -9.24 -12.41 -0.97
C VAL A 49 -8.67 -13.54 -1.82
N ARG A 50 -9.21 -13.68 -3.02
CA ARG A 50 -8.77 -14.72 -3.94
C ARG A 50 -7.34 -14.47 -4.41
N ARG A 51 -7.01 -13.20 -4.63
CA ARG A 51 -5.67 -12.82 -5.08
C ARG A 51 -4.66 -12.92 -3.93
N LEU A 52 -5.17 -12.88 -2.71
CA LEU A 52 -4.32 -12.96 -1.53
C LEU A 52 -3.71 -14.35 -1.38
N PHE A 53 -4.54 -15.38 -1.56
CA PHE A 53 -4.10 -16.76 -1.44
C PHE A 53 -3.29 -17.19 -2.66
N ARG A 54 -3.56 -16.57 -3.80
CA ARG A 54 -2.86 -16.90 -5.03
C ARG A 54 -1.40 -16.47 -4.98
N VAL A 55 -1.19 -15.18 -4.72
CA VAL A 55 0.16 -14.62 -4.66
C VAL A 55 0.93 -15.18 -3.46
N LYS A 56 0.31 -15.14 -2.28
CA LYS A 56 0.96 -15.62 -1.07
C LYS A 56 0.89 -17.14 -0.97
N GLY A 57 -0.30 -17.66 -0.69
CA GLY A 57 -0.47 -19.09 -0.56
C GLY A 57 0.40 -19.69 0.54
N ARG A 58 0.62 -18.93 1.61
CA ARG A 58 1.44 -19.39 2.72
C ARG A 58 0.61 -19.52 3.98
N SER A 59 0.19 -18.38 4.53
CA SER A 59 -0.61 -18.35 5.74
C SER A 59 -1.77 -17.37 5.61
N PRO A 60 -2.98 -17.87 5.29
CA PRO A 60 -4.17 -17.02 5.14
C PRO A 60 -4.80 -16.67 6.48
N HIS A 61 -4.06 -16.89 7.56
CA HIS A 61 -4.56 -16.60 8.90
C HIS A 61 -3.92 -15.33 9.46
N LYS A 62 -2.94 -14.80 8.74
CA LYS A 62 -2.25 -13.59 9.16
C LYS A 62 -2.97 -12.34 8.67
N PRO A 63 -2.90 -11.23 9.42
CA PRO A 63 -3.54 -9.96 9.06
C PRO A 63 -3.15 -9.50 7.66
N VAL A 64 -3.90 -8.55 7.11
CA VAL A 64 -3.63 -8.03 5.78
C VAL A 64 -3.18 -6.57 5.84
N SER A 65 -2.52 -6.12 4.78
CA SER A 65 -2.05 -4.74 4.70
C SER A 65 -2.89 -3.94 3.70
N ILE A 66 -3.23 -2.71 4.05
CA ILE A 66 -4.04 -1.87 3.19
C ILE A 66 -3.26 -0.65 2.69
N CYS A 67 -3.84 0.05 1.73
CA CYS A 67 -3.20 1.23 1.16
C CYS A 67 -4.12 2.44 1.30
N VAL A 68 -3.64 3.45 2.03
CA VAL A 68 -4.41 4.66 2.25
C VAL A 68 -3.51 5.89 2.09
N SER A 69 -4.08 7.08 2.26
CA SER A 69 -3.31 8.31 2.14
C SER A 69 -2.68 8.68 3.47
N CYS A 70 -3.43 8.49 4.55
CA CYS A 70 -2.96 8.78 5.89
C CYS A 70 -3.85 8.12 6.93
N VAL A 71 -3.37 8.08 8.17
CA VAL A 71 -4.12 7.48 9.26
C VAL A 71 -5.47 8.17 9.44
N ASP A 72 -5.52 9.46 9.09
CA ASP A 72 -6.74 10.24 9.18
C ASP A 72 -7.78 9.73 8.18
N GLU A 73 -7.31 9.16 7.08
CA GLU A 73 -8.19 8.65 6.04
C GLU A 73 -8.76 7.29 6.42
N ILE A 74 -8.07 6.59 7.31
CA ILE A 74 -8.53 5.27 7.77
C ILE A 74 -8.91 5.28 9.26
N PRO A 75 -9.85 6.15 9.68
CA PRO A 75 -10.27 6.22 11.09
C PRO A 75 -11.03 4.98 11.52
N ARG A 76 -12.17 4.74 10.88
CA ARG A 76 -13.00 3.59 11.20
C ARG A 76 -12.38 2.29 10.69
N PHE A 77 -11.18 2.38 10.12
CA PHE A 77 -10.50 1.20 9.60
C PHE A 77 -9.59 0.59 10.66
N SER A 78 -8.56 1.34 11.05
CA SER A 78 -7.63 0.86 12.07
C SER A 78 -7.71 1.72 13.33
N ARG A 79 -6.87 1.42 14.31
CA ARG A 79 -6.86 2.16 15.56
C ARG A 79 -5.53 2.88 15.76
N PRO A 80 -5.55 4.22 15.81
CA PRO A 80 -4.35 5.03 15.97
C PRO A 80 -4.18 5.56 17.39
N SER A 81 -3.14 6.36 17.61
CA SER A 81 -2.87 6.92 18.92
C SER A 81 -2.33 8.35 18.81
N GLY A 82 -2.19 9.01 19.96
CA GLY A 82 -1.70 10.38 19.98
C GLY A 82 -0.24 10.50 19.59
N ASP A 83 0.62 10.70 20.60
CA ASP A 83 2.05 10.85 20.37
C ASP A 83 2.61 9.67 19.60
N ALA A 84 1.95 8.51 19.74
CA ALA A 84 2.38 7.31 19.05
C ALA A 84 2.36 7.50 17.54
N MET A 85 1.22 7.96 17.02
CA MET A 85 1.09 8.19 15.58
C MET A 85 1.84 9.44 15.16
N GLU A 86 2.12 10.31 16.11
CA GLU A 86 2.85 11.54 15.84
C GLU A 86 4.27 11.22 15.37
N LEU A 87 4.91 10.28 16.06
CA LEU A 87 6.27 9.85 15.71
C LEU A 87 6.28 9.24 14.31
N MET A 88 5.31 8.38 14.05
CA MET A 88 5.20 7.71 12.76
C MET A 88 4.89 8.72 11.65
N GLU A 89 4.19 9.78 12.01
CA GLU A 89 3.82 10.81 11.03
C GLU A 89 5.03 11.64 10.64
N ARG A 90 6.07 11.56 11.44
CA ARG A 90 7.30 12.31 11.19
C ARG A 90 8.10 11.67 10.06
N ILE A 91 7.75 10.45 9.70
CA ILE A 91 8.45 9.72 8.64
C ILE A 91 7.56 9.46 7.44
N LEU A 92 6.77 10.45 7.05
CA LEU A 92 5.88 10.30 5.90
C LEU A 92 6.09 11.45 4.90
N PRO A 93 5.93 11.19 3.59
CA PRO A 93 5.62 9.85 3.06
C PRO A 93 6.85 8.94 3.01
N GLY A 94 6.69 7.77 2.40
CA GLY A 94 7.81 6.84 2.29
C GLY A 94 7.36 5.40 2.10
N PRO A 95 8.27 4.51 1.66
CA PRO A 95 7.96 3.10 1.45
C PRO A 95 7.99 2.30 2.74
N TYR A 96 7.33 2.82 3.77
CA TYR A 96 7.31 2.15 5.06
C TYR A 96 5.93 1.53 5.34
N THR A 97 5.90 0.57 6.26
CA THR A 97 4.66 -0.10 6.62
C THR A 97 4.20 0.32 8.01
N VAL A 98 2.90 0.54 8.16
CA VAL A 98 2.35 0.96 9.45
C VAL A 98 1.32 -0.05 9.96
N VAL A 99 1.71 -0.80 10.98
CA VAL A 99 0.82 -1.80 11.57
C VAL A 99 0.26 -1.30 12.91
N LEU A 100 -1.06 -1.23 13.00
CA LEU A 100 -1.74 -0.79 14.21
C LEU A 100 -2.76 -1.83 14.66
N GLU A 101 -3.62 -1.44 15.60
CA GLU A 101 -4.67 -2.32 16.09
C GLU A 101 -5.79 -2.45 15.04
N ARG A 102 -6.83 -3.19 15.37
CA ARG A 102 -7.95 -3.38 14.46
C ARG A 102 -9.25 -2.86 15.06
N ASN A 103 -10.13 -2.36 14.20
CA ASN A 103 -11.42 -1.82 14.63
C ASN A 103 -12.38 -2.94 15.01
N GLU A 104 -13.63 -2.57 15.28
CA GLU A 104 -14.65 -3.53 15.67
C GLU A 104 -15.16 -4.32 14.46
N LEU A 105 -14.26 -4.66 13.54
CA LEU A 105 -14.63 -5.41 12.36
C LEU A 105 -14.85 -6.88 12.69
N ILE A 106 -16.00 -7.41 12.29
CA ILE A 106 -16.34 -8.81 12.56
C ILE A 106 -15.59 -9.76 11.62
N PRO A 107 -15.60 -9.52 10.29
CA PRO A 107 -14.92 -10.39 9.32
C PRO A 107 -13.46 -10.64 9.70
N ASP A 108 -13.17 -11.86 10.14
CA ASP A 108 -11.82 -12.23 10.53
C ASP A 108 -10.97 -12.57 9.31
N VAL A 109 -11.56 -12.43 8.12
CA VAL A 109 -10.86 -12.72 6.88
C VAL A 109 -9.92 -11.57 6.50
N ILE A 110 -10.13 -10.42 7.15
CA ILE A 110 -9.31 -9.24 6.88
C ILE A 110 -8.39 -8.93 8.06
N THR A 111 -8.93 -9.02 9.27
CA THR A 111 -8.16 -8.75 10.47
C THR A 111 -7.26 -9.94 10.82
N GLY A 112 -7.48 -11.06 10.12
CA GLY A 112 -6.70 -12.25 10.37
C GLY A 112 -7.13 -12.97 11.64
N GLY A 113 -6.18 -13.65 12.28
CA GLY A 113 -6.47 -14.38 13.49
C GLY A 113 -6.32 -13.52 14.73
N SER A 114 -5.73 -12.34 14.56
CA SER A 114 -5.53 -11.41 15.67
C SER A 114 -6.31 -10.12 15.46
N SER A 115 -6.06 -9.14 16.31
CA SER A 115 -6.73 -7.85 16.21
C SER A 115 -5.76 -6.77 15.75
N ARG A 116 -5.26 -6.91 14.52
CA ARG A 116 -4.32 -5.95 13.97
C ARG A 116 -4.61 -5.69 12.50
N VAL A 117 -4.25 -4.51 12.03
CA VAL A 117 -4.44 -4.13 10.63
C VAL A 117 -3.24 -3.35 10.11
N GLY A 118 -2.78 -3.70 8.91
CA GLY A 118 -1.64 -3.02 8.33
C GLY A 118 -2.03 -1.95 7.33
N ILE A 119 -1.15 -0.99 7.13
CA ILE A 119 -1.39 0.09 6.18
C ILE A 119 -0.15 0.35 5.34
N ARG A 120 -0.27 1.21 4.34
CA ARG A 120 0.85 1.53 3.46
C ARG A 120 0.66 2.88 2.78
N VAL A 121 1.57 3.81 3.08
CA VAL A 121 1.53 5.14 2.49
C VAL A 121 2.69 5.35 1.52
N PRO A 122 2.57 4.82 0.29
CA PRO A 122 3.63 4.93 -0.73
C PRO A 122 3.63 6.30 -1.41
N ASP A 123 4.43 6.42 -2.47
CA ASP A 123 4.53 7.66 -3.21
C ASP A 123 3.52 7.72 -4.35
N ASP A 124 2.45 6.93 -4.22
CA ASP A 124 1.41 6.89 -5.24
C ASP A 124 0.43 8.05 -5.06
N GLU A 125 0.65 9.12 -5.82
CA GLU A 125 -0.20 10.30 -5.74
C GLU A 125 -1.65 9.93 -6.06
N ILE A 126 -1.85 9.14 -7.11
CA ILE A 126 -3.18 8.71 -7.52
C ILE A 126 -3.83 7.84 -6.46
N CYS A 127 -3.12 6.80 -6.05
CA CYS A 127 -3.63 5.88 -5.03
C CYS A 127 -3.82 6.59 -3.70
N ARG A 128 -3.27 7.80 -3.60
CA ARG A 128 -3.38 8.58 -2.38
C ARG A 128 -4.77 9.19 -2.23
N ARG A 129 -5.31 9.71 -3.33
CA ARG A 129 -6.62 10.34 -3.33
C ARG A 129 -7.74 9.30 -3.23
N ILE A 130 -7.72 8.33 -4.13
CA ILE A 130 -8.74 7.29 -4.15
C ILE A 130 -8.81 6.54 -2.81
N ALA A 131 -7.64 6.30 -2.23
CA ALA A 131 -7.56 5.60 -0.95
C ALA A 131 -8.06 6.48 0.18
N ALA A 132 -7.96 7.80 0.02
CA ALA A 132 -8.45 8.72 1.02
C ALA A 132 -9.89 8.42 1.35
N ARG A 133 -10.72 8.37 0.30
CA ARG A 133 -12.12 8.02 0.46
C ARG A 133 -12.25 6.51 0.65
N PHE A 134 -12.39 5.78 -0.46
CA PHE A 134 -12.48 4.33 -0.41
C PHE A 134 -11.11 3.70 -0.21
N PRO A 135 -10.94 2.88 0.85
CA PRO A 135 -9.67 2.19 1.12
C PRO A 135 -9.34 1.18 0.03
N VAL A 136 -8.09 0.74 -0.03
CA VAL A 136 -7.65 -0.20 -1.05
C VAL A 136 -6.81 -1.33 -0.45
N THR A 137 -6.92 -2.52 -1.03
CA THR A 137 -6.14 -3.66 -0.58
C THR A 137 -4.70 -3.51 -1.05
N ALA A 138 -3.76 -4.08 -0.30
CA ALA A 138 -2.34 -3.97 -0.65
C ALA A 138 -1.58 -5.25 -0.32
N THR A 139 -1.09 -5.90 -1.38
CA THR A 139 -0.30 -7.12 -1.23
C THR A 139 0.94 -7.06 -2.11
N SER A 140 2.02 -7.70 -1.66
CA SER A 140 3.27 -7.70 -2.41
C SER A 140 3.25 -8.75 -3.52
N ALA A 141 3.51 -8.31 -4.74
CA ALA A 141 3.52 -9.20 -5.89
C ALA A 141 4.73 -10.15 -5.85
N ASN A 142 4.45 -11.45 -5.80
CA ASN A 142 5.50 -12.45 -5.75
C ASN A 142 4.97 -13.83 -6.13
N ILE A 143 3.96 -13.84 -7.00
CA ILE A 143 3.35 -15.09 -7.45
C ILE A 143 4.33 -15.89 -8.32
N SER A 144 3.96 -17.12 -8.64
CA SER A 144 4.80 -17.99 -9.45
C SER A 144 5.18 -17.32 -10.75
N GLY A 145 6.36 -17.65 -11.27
CA GLY A 145 6.83 -17.06 -12.52
C GLY A 145 7.61 -15.78 -12.29
N LYS A 146 7.34 -14.77 -13.11
CA LYS A 146 8.03 -13.49 -13.00
C LYS A 146 7.05 -12.38 -12.65
N PRO A 147 6.84 -12.11 -11.34
CA PRO A 147 5.90 -11.08 -10.89
C PRO A 147 6.27 -9.67 -11.38
N PRO A 148 7.53 -9.22 -11.20
CA PRO A 148 7.94 -7.88 -11.64
C PRO A 148 8.29 -7.83 -13.13
N SER A 149 7.65 -6.93 -13.86
CA SER A 149 7.90 -6.78 -15.29
C SER A 149 8.92 -5.66 -15.54
N PRO A 150 9.64 -5.72 -16.67
CA PRO A 150 10.67 -4.74 -17.00
C PRO A 150 10.15 -3.63 -17.92
N ARG A 151 8.95 -3.82 -18.45
CA ARG A 151 8.35 -2.83 -19.36
C ARG A 151 6.87 -2.66 -19.08
N LEU A 152 6.40 -1.42 -19.14
CA LEU A 152 5.00 -1.10 -18.90
C LEU A 152 4.13 -1.71 -19.99
N GLU A 153 4.55 -1.54 -21.24
CA GLU A 153 3.82 -2.08 -22.38
C GLU A 153 3.85 -3.60 -22.37
N GLU A 154 4.80 -4.16 -21.63
CA GLU A 154 4.94 -5.61 -21.53
C GLU A 154 3.77 -6.22 -20.74
N ILE A 155 3.37 -5.53 -19.68
CA ILE A 155 2.26 -6.01 -18.85
C ILE A 155 0.93 -5.90 -19.58
N VAL A 156 0.77 -4.83 -20.35
CA VAL A 156 -0.46 -4.61 -21.09
C VAL A 156 -0.68 -5.68 -22.16
N ARG A 157 0.38 -6.01 -22.88
CA ARG A 157 0.31 -7.01 -23.95
C ARG A 157 0.24 -8.43 -23.40
N ASP A 158 1.11 -8.73 -22.44
CA ASP A 158 1.17 -10.07 -21.86
C ASP A 158 -0.05 -10.35 -21.00
N LEU A 159 -0.44 -9.37 -20.18
CA LEU A 159 -1.57 -9.53 -19.29
C LEU A 159 -2.82 -8.86 -19.87
N ASP A 160 -3.31 -9.43 -20.98
CA ASP A 160 -4.48 -8.92 -21.71
C ASP A 160 -5.31 -7.96 -20.87
N ALA A 161 -5.93 -8.46 -19.81
CA ALA A 161 -6.76 -7.61 -18.94
C ALA A 161 -6.85 -8.18 -17.53
N VAL A 162 -5.86 -8.96 -17.13
CA VAL A 162 -5.84 -9.53 -15.78
C VAL A 162 -5.34 -8.50 -14.76
N ASP A 163 -4.06 -8.17 -14.83
CA ASP A 163 -3.48 -7.16 -13.94
C ASP A 163 -3.17 -5.88 -14.70
N LEU A 164 -4.06 -4.92 -14.58
CA LEU A 164 -3.91 -3.64 -15.27
C LEU A 164 -2.61 -2.93 -14.88
N VAL A 165 -1.86 -2.50 -15.90
CA VAL A 165 -0.59 -1.80 -15.69
C VAL A 165 -0.83 -0.46 -14.98
N LEU A 166 0.21 0.37 -14.91
CA LEU A 166 0.11 1.66 -14.24
C LEU A 166 0.57 2.80 -15.14
N ASP A 167 -0.33 3.73 -15.42
CA ASP A 167 -0.01 4.88 -16.26
C ASP A 167 0.46 6.06 -15.42
N ALA A 168 0.50 5.87 -14.10
CA ALA A 168 0.93 6.94 -13.20
C ALA A 168 2.44 7.10 -13.23
N GLY A 169 3.15 5.99 -13.33
CA GLY A 169 4.60 6.03 -13.37
C GLY A 169 5.24 6.16 -11.99
N ASP A 170 5.05 5.15 -11.16
CA ASP A 170 5.61 5.15 -9.81
C ASP A 170 7.13 4.93 -9.85
N CYS A 171 7.62 3.90 -9.15
CA CYS A 171 9.05 3.62 -9.14
C CYS A 171 9.32 2.11 -9.15
N LEU A 172 10.57 1.74 -8.93
CA LEU A 172 10.96 0.32 -8.94
C LEU A 172 12.05 -0.02 -7.93
N ASP A 173 12.38 0.90 -7.03
CA ASP A 173 13.48 0.66 -6.08
C ASP A 173 13.16 -0.50 -5.14
N MET A 174 13.57 -1.70 -5.54
CA MET A 174 13.32 -2.91 -4.77
C MET A 174 13.85 -2.79 -3.33
N GLU A 175 14.71 -1.80 -3.11
CA GLU A 175 15.28 -1.60 -1.78
C GLU A 175 15.37 -0.10 -1.44
N PRO A 176 15.28 0.25 -0.15
CA PRO A 176 15.13 -0.72 0.94
C PRO A 176 13.68 -1.09 1.21
N SER A 177 13.38 -1.46 2.45
CA SER A 177 12.02 -1.84 2.83
C SER A 177 11.80 -1.59 4.32
N THR A 178 10.90 -0.67 4.63
CA THR A 178 10.61 -0.32 6.02
C THR A 178 9.32 -0.98 6.50
N VAL A 179 9.42 -1.74 7.59
CA VAL A 179 8.26 -2.41 8.18
C VAL A 179 8.17 -2.11 9.67
N ILE A 180 7.21 -1.26 10.05
CA ILE A 180 7.05 -0.88 11.45
C ILE A 180 5.65 -1.23 11.96
N ASP A 181 5.59 -1.85 13.13
CA ASP A 181 4.32 -2.22 13.75
C ASP A 181 3.90 -1.14 14.75
N LEU A 182 3.49 0.01 14.22
CA LEU A 182 3.08 1.14 15.05
C LEU A 182 1.78 0.84 15.78
N THR A 183 1.87 0.16 16.92
CA THR A 183 0.70 -0.15 17.71
C THR A 183 0.27 1.05 18.54
N VAL A 184 0.82 1.15 19.74
CA VAL A 184 0.50 2.27 20.63
C VAL A 184 1.77 3.06 20.97
N ASN A 185 2.00 3.30 22.26
CA ASN A 185 3.17 4.06 22.70
C ASN A 185 4.48 3.40 22.25
N PRO A 186 4.67 2.09 22.51
CA PRO A 186 5.88 1.38 22.11
C PRO A 186 5.84 0.94 20.65
N PRO A 187 6.61 1.62 19.77
CA PRO A 187 6.66 1.30 18.34
C PRO A 187 7.64 0.18 18.04
N ARG A 188 7.25 -0.71 17.12
CA ARG A 188 8.10 -1.82 16.72
C ARG A 188 8.86 -1.48 15.44
N VAL A 189 9.64 -0.42 15.51
CA VAL A 189 10.43 0.03 14.36
C VAL A 189 11.38 -1.06 13.88
N LEU A 190 11.05 -1.64 12.73
CA LEU A 190 11.87 -2.70 12.15
C LEU A 190 12.22 -2.39 10.70
N ARG A 191 13.23 -1.54 10.52
CA ARG A 191 13.66 -1.15 9.17
C ARG A 191 14.89 -1.96 8.75
N ARG A 192 14.94 -2.30 7.47
CA ARG A 192 16.07 -3.06 6.92
C ARG A 192 17.22 -2.14 6.55
N GLY A 193 18.01 -1.77 7.55
CA GLY A 193 19.14 -0.89 7.32
C GLY A 193 20.40 -1.64 6.97
N LYS A 194 20.88 -1.45 5.75
CA LYS A 194 22.10 -2.12 5.29
C LYS A 194 23.33 -1.27 5.55
N GLY A 195 23.20 -0.34 6.50
CA GLY A 195 24.30 0.54 6.83
C GLY A 195 25.31 -0.12 7.77
N PRO A 196 25.22 0.16 9.08
CA PRO A 196 26.14 -0.41 10.08
C PRO A 196 25.88 -1.90 10.30
N LEU A 197 26.34 -2.72 9.35
CA LEU A 197 26.16 -4.16 9.43
C LEU A 197 27.19 -4.89 8.57
N ASP A 198 27.94 -4.13 7.79
CA ASP A 198 28.97 -4.71 6.92
C ASP A 198 30.13 -5.26 7.73
N PRO A 199 30.45 -6.56 7.56
CA PRO A 199 31.55 -7.20 8.29
C PRO A 199 32.90 -6.55 8.02
N VAL A 200 33.28 -6.50 6.75
CA VAL A 200 34.55 -5.90 6.34
C VAL A 200 34.48 -4.38 6.43
N LEU A 201 35.24 -3.81 7.35
CA LEU A 201 35.27 -2.36 7.54
C LEU A 201 36.42 -1.73 6.73
N LEU A 202 36.75 -2.36 5.61
CA LEU A 202 37.84 -1.87 4.76
C LEU A 202 37.48 -0.52 4.15
N ARG A 203 36.18 -0.26 3.99
CA ARG A 203 35.71 0.99 3.42
C ARG A 203 35.51 2.04 4.50
N GLY A 204 34.47 1.88 5.30
CA GLY A 204 34.19 2.84 6.35
C GLY A 204 32.70 3.04 6.57
N ALA A 205 32.35 3.61 7.71
CA ALA A 205 30.96 3.86 8.05
C ALA A 205 30.54 5.27 7.65
N GLY A 206 31.47 6.21 7.76
CA GLY A 206 31.18 7.59 7.42
C GLY A 206 32.28 8.22 6.58
N ASP A 207 32.02 8.39 5.28
CA ASP A 207 32.98 8.99 4.38
C ASP A 207 32.76 10.48 4.23
N VAL A 208 31.54 10.92 4.51
CA VAL A 208 31.20 12.34 4.42
C VAL A 208 31.58 13.08 5.69
N MET A 1 -24.14 40.98 -7.90
CA MET A 1 -23.99 39.67 -7.22
C MET A 1 -22.63 39.55 -6.54
N LEU A 2 -22.53 38.60 -5.62
CA LEU A 2 -21.28 38.36 -4.90
C LEU A 2 -20.41 37.34 -5.62
N ILE A 3 -19.18 37.18 -5.15
CA ILE A 3 -18.25 36.22 -5.74
C ILE A 3 -18.34 34.88 -5.04
N ARG A 4 -18.56 33.82 -5.82
CA ARG A 4 -18.67 32.47 -5.27
C ARG A 4 -17.29 31.86 -5.08
N LYS A 5 -17.27 30.56 -4.76
CA LYS A 5 -16.02 29.85 -4.54
C LYS A 5 -15.34 29.52 -5.88
N ILE A 6 -14.28 28.72 -5.82
CA ILE A 6 -13.54 28.34 -7.02
C ILE A 6 -13.84 26.89 -7.40
N THR A 7 -13.90 26.64 -8.71
CA THR A 7 -14.18 25.31 -9.22
C THR A 7 -12.96 24.41 -9.10
N ARG A 8 -13.09 23.17 -9.55
CA ARG A 8 -11.99 22.21 -9.51
C ARG A 8 -10.92 22.55 -10.53
N LYS A 9 -9.76 21.92 -10.41
CA LYS A 9 -8.65 22.16 -11.33
C LYS A 9 -8.68 21.16 -12.48
N ASN A 10 -8.25 19.93 -12.21
CA ASN A 10 -8.21 18.89 -13.22
C ASN A 10 -9.27 17.82 -12.93
N PRO A 11 -10.06 17.43 -13.95
CA PRO A 11 -11.11 16.41 -13.79
C PRO A 11 -10.52 15.01 -13.61
N SER A 12 -11.31 14.00 -13.92
CA SER A 12 -10.87 12.61 -13.78
C SER A 12 -9.95 12.22 -14.94
N PRO A 13 -8.65 12.00 -14.67
CA PRO A 13 -7.68 11.62 -15.69
C PRO A 13 -8.00 10.26 -16.32
N ASP A 14 -7.26 9.91 -17.36
CA ASP A 14 -7.46 8.64 -18.05
C ASP A 14 -7.09 7.47 -17.14
N VAL A 15 -6.09 7.68 -16.31
CA VAL A 15 -5.62 6.64 -15.38
C VAL A 15 -6.69 6.32 -14.34
N LEU A 16 -7.42 7.34 -13.93
CA LEU A 16 -8.48 7.16 -12.93
C LEU A 16 -9.63 6.34 -13.50
N GLU A 17 -10.07 6.68 -14.70
CA GLU A 17 -11.16 5.98 -15.35
C GLU A 17 -10.76 4.56 -15.73
N GLU A 18 -9.45 4.32 -15.83
CA GLU A 18 -8.94 3.01 -16.18
C GLU A 18 -9.04 2.06 -15.00
N ALA A 19 -8.87 2.60 -13.80
CA ALA A 19 -8.94 1.80 -12.58
C ALA A 19 -10.38 1.36 -12.30
N ILE A 20 -11.33 2.23 -12.61
CA ILE A 20 -12.74 1.93 -12.39
C ILE A 20 -13.23 0.85 -13.36
N SER A 21 -12.64 0.83 -14.56
CA SER A 21 -13.01 -0.14 -15.58
C SER A 21 -12.70 -1.57 -15.12
N VAL A 22 -11.49 -1.77 -14.61
CA VAL A 22 -11.07 -3.08 -14.15
C VAL A 22 -11.91 -3.53 -12.96
N MET A 23 -12.47 -2.57 -12.22
CA MET A 23 -13.30 -2.87 -11.06
C MET A 23 -14.52 -3.69 -11.47
N GLU A 24 -15.19 -3.25 -12.54
CA GLU A 24 -16.37 -3.94 -13.03
C GLU A 24 -15.98 -5.27 -13.70
N GLY A 25 -14.74 -5.36 -14.16
CA GLY A 25 -14.27 -6.57 -14.81
C GLY A 25 -13.73 -7.58 -13.82
N GLY A 26 -13.65 -7.19 -12.55
CA GLY A 26 -13.14 -8.08 -11.52
C GLY A 26 -11.67 -8.43 -11.73
N GLY A 27 -10.83 -7.40 -11.78
CA GLY A 27 -9.40 -7.61 -11.97
C GLY A 27 -8.58 -7.01 -10.86
N ILE A 28 -7.27 -7.26 -10.90
CA ILE A 28 -6.36 -6.74 -9.89
C ILE A 28 -5.71 -5.45 -10.37
N VAL A 29 -5.41 -4.56 -9.44
CA VAL A 29 -4.76 -3.30 -9.77
C VAL A 29 -3.39 -3.21 -9.09
N ILE A 30 -2.33 -3.14 -9.89
CA ILE A 30 -0.98 -3.05 -9.33
C ILE A 30 -0.47 -1.63 -9.40
N TYR A 31 0.70 -1.39 -8.82
CA TYR A 31 1.26 -0.05 -8.79
C TYR A 31 2.69 -0.02 -8.27
N PRO A 32 3.68 0.19 -9.16
CA PRO A 32 5.08 0.30 -8.77
C PRO A 32 5.43 1.73 -8.34
N THR A 33 5.97 1.86 -7.13
CA THR A 33 6.32 3.19 -6.61
C THR A 33 7.83 3.31 -6.38
N ASP A 34 8.21 4.20 -5.46
CA ASP A 34 9.62 4.43 -5.17
C ASP A 34 10.33 3.12 -4.80
N THR A 35 9.58 2.19 -4.21
CA THR A 35 10.12 0.90 -3.81
C THR A 35 9.91 -0.14 -4.92
N ILE A 36 9.16 -1.20 -4.61
CA ILE A 36 8.90 -2.25 -5.59
C ILE A 36 7.44 -2.27 -6.01
N TYR A 37 7.03 -3.36 -6.65
CA TYR A 37 5.66 -3.49 -7.12
C TYR A 37 4.69 -3.70 -5.97
N GLY A 38 3.66 -2.85 -5.92
CA GLY A 38 2.64 -2.97 -4.89
C GLY A 38 1.26 -2.86 -5.50
N LEU A 39 0.45 -3.89 -5.30
CA LEU A 39 -0.88 -3.92 -5.90
C LEU A 39 -1.97 -3.82 -4.85
N GLY A 40 -3.09 -3.21 -5.25
CA GLY A 40 -4.22 -3.07 -4.36
C GLY A 40 -5.53 -3.19 -5.10
N VAL A 41 -6.62 -3.29 -4.35
CA VAL A 41 -7.95 -3.43 -4.94
C VAL A 41 -9.04 -3.03 -3.96
N ASN A 42 -10.29 -3.30 -4.32
CA ASN A 42 -11.42 -2.98 -3.45
C ASN A 42 -11.24 -3.67 -2.09
N ALA A 43 -11.18 -2.87 -1.03
CA ALA A 43 -10.97 -3.38 0.31
C ALA A 43 -12.05 -4.39 0.73
N LEU A 44 -13.29 -3.92 0.82
CA LEU A 44 -14.39 -4.77 1.26
C LEU A 44 -14.88 -5.70 0.15
N ASP A 45 -13.95 -6.15 -0.69
CA ASP A 45 -14.28 -7.06 -1.78
C ASP A 45 -13.66 -8.44 -1.52
N GLU A 46 -14.36 -9.47 -1.98
CA GLU A 46 -13.88 -10.84 -1.83
C GLU A 46 -12.75 -11.14 -2.80
N ASP A 47 -12.78 -10.47 -3.96
CA ASP A 47 -11.76 -10.67 -4.98
C ASP A 47 -10.37 -10.36 -4.45
N ALA A 48 -10.30 -9.50 -3.43
CA ALA A 48 -9.02 -9.12 -2.84
C ALA A 48 -8.44 -10.27 -2.03
N VAL A 49 -9.31 -11.08 -1.44
CA VAL A 49 -8.87 -12.21 -0.63
C VAL A 49 -8.32 -13.33 -1.50
N ARG A 50 -9.03 -13.64 -2.58
CA ARG A 50 -8.62 -14.70 -3.50
C ARG A 50 -7.33 -14.31 -4.24
N ARG A 51 -7.20 -13.03 -4.55
CA ARG A 51 -6.02 -12.55 -5.25
C ARG A 51 -4.80 -12.51 -4.34
N LEU A 52 -5.03 -12.20 -3.07
CA LEU A 52 -3.96 -12.13 -2.09
C LEU A 52 -3.37 -13.52 -1.84
N PHE A 53 -4.17 -14.55 -2.09
CA PHE A 53 -3.74 -15.93 -1.88
C PHE A 53 -2.79 -16.39 -2.98
N ARG A 54 -3.15 -16.11 -4.23
CA ARG A 54 -2.33 -16.52 -5.37
C ARG A 54 -0.90 -16.01 -5.24
N VAL A 55 -0.75 -14.73 -4.92
CA VAL A 55 0.57 -14.13 -4.78
C VAL A 55 1.23 -14.55 -3.47
N LYS A 56 0.50 -14.42 -2.37
CA LYS A 56 1.05 -14.77 -1.05
C LYS A 56 0.70 -16.21 -0.67
N GLY A 57 -0.58 -16.45 -0.37
CA GLY A 57 -1.01 -17.78 0.01
C GLY A 57 -0.31 -18.30 1.26
N ARG A 58 0.34 -17.39 1.99
CA ARG A 58 1.06 -17.75 3.20
C ARG A 58 0.47 -17.06 4.42
N SER A 59 -0.79 -16.65 4.30
CA SER A 59 -1.47 -15.95 5.40
C SER A 59 -2.97 -16.25 5.39
N PRO A 60 -3.36 -17.51 5.64
CA PRO A 60 -4.77 -17.92 5.64
C PRO A 60 -5.64 -17.01 6.51
N HIS A 61 -5.27 -16.87 7.78
CA HIS A 61 -6.02 -16.03 8.71
C HIS A 61 -5.13 -14.97 9.34
N LYS A 62 -4.05 -14.62 8.64
CA LYS A 62 -3.12 -13.61 9.12
C LYS A 62 -3.55 -12.22 8.66
N PRO A 63 -3.30 -11.18 9.49
CA PRO A 63 -3.67 -9.80 9.17
C PRO A 63 -3.17 -9.36 7.80
N VAL A 64 -3.91 -8.48 7.14
CA VAL A 64 -3.52 -7.98 5.83
C VAL A 64 -3.18 -6.49 5.89
N SER A 65 -2.56 -6.00 4.83
CA SER A 65 -2.17 -4.59 4.77
C SER A 65 -3.07 -3.84 3.79
N ILE A 66 -3.44 -2.62 4.15
CA ILE A 66 -4.30 -1.79 3.30
C ILE A 66 -3.57 -0.54 2.84
N CYS A 67 -4.20 0.18 1.91
CA CYS A 67 -3.63 1.42 1.39
C CYS A 67 -4.59 2.59 1.61
N VAL A 68 -4.10 3.65 2.25
CA VAL A 68 -4.92 4.81 2.52
C VAL A 68 -4.16 6.10 2.22
N SER A 69 -4.79 7.24 2.45
CA SER A 69 -4.17 8.53 2.20
C SER A 69 -3.44 9.03 3.44
N CYS A 70 -4.07 8.90 4.59
CA CYS A 70 -3.48 9.34 5.85
C CYS A 70 -4.21 8.74 7.04
N VAL A 71 -3.69 8.98 8.24
CA VAL A 71 -4.30 8.48 9.46
C VAL A 71 -5.73 8.97 9.61
N ASP A 72 -5.96 10.21 9.19
CA ASP A 72 -7.30 10.80 9.27
C ASP A 72 -8.25 10.10 8.31
N GLU A 73 -7.69 9.46 7.29
CA GLU A 73 -8.50 8.76 6.30
C GLU A 73 -8.94 7.38 6.81
N ILE A 74 -8.22 6.87 7.82
CA ILE A 74 -8.54 5.57 8.41
C ILE A 74 -9.01 5.70 9.86
N PRO A 75 -10.03 6.53 10.16
CA PRO A 75 -10.53 6.69 11.53
C PRO A 75 -11.09 5.38 12.08
N ARG A 76 -12.34 5.08 11.74
CA ARG A 76 -12.98 3.85 12.18
C ARG A 76 -12.42 2.63 11.44
N PHE A 77 -11.24 2.78 10.86
CA PHE A 77 -10.62 1.69 10.12
C PHE A 77 -9.51 1.03 10.92
N SER A 78 -8.79 1.84 11.71
CA SER A 78 -7.71 1.32 12.54
C SER A 78 -7.78 1.91 13.95
N ARG A 79 -7.03 1.30 14.87
CA ARG A 79 -7.01 1.77 16.25
C ARG A 79 -5.62 2.33 16.60
N PRO A 80 -5.51 3.68 16.69
CA PRO A 80 -4.25 4.34 16.98
C PRO A 80 -4.16 4.82 18.43
N SER A 81 -3.04 5.44 18.77
CA SER A 81 -2.82 5.95 20.12
C SER A 81 -2.21 7.35 20.08
N GLY A 82 -1.85 7.86 21.25
CA GLY A 82 -1.27 9.18 21.34
C GLY A 82 0.18 9.22 20.86
N ASP A 83 1.10 8.84 21.76
CA ASP A 83 2.52 8.83 21.43
C ASP A 83 2.80 7.94 20.23
N ALA A 84 1.94 6.94 20.03
CA ALA A 84 2.08 6.01 18.91
C ALA A 84 1.95 6.75 17.58
N MET A 85 0.91 7.57 17.45
CA MET A 85 0.67 8.31 16.23
C MET A 85 1.70 9.41 16.04
N GLU A 86 2.43 9.74 17.10
CA GLU A 86 3.45 10.77 17.04
C GLU A 86 4.60 10.33 16.14
N LEU A 87 5.11 9.12 16.39
CA LEU A 87 6.21 8.57 15.60
C LEU A 87 5.79 8.42 14.13
N MET A 88 4.55 8.00 13.91
CA MET A 88 4.04 7.81 12.55
C MET A 88 3.97 9.13 11.78
N GLU A 89 3.38 10.14 12.41
CA GLU A 89 3.23 11.45 11.78
C GLU A 89 4.56 12.19 11.71
N ARG A 90 5.61 11.58 12.27
CA ARG A 90 6.93 12.20 12.29
C ARG A 90 7.58 12.13 10.91
N ILE A 91 7.76 10.92 10.38
CA ILE A 91 8.38 10.74 9.07
C ILE A 91 7.41 10.16 8.05
N LEU A 92 6.49 10.98 7.58
CA LEU A 92 5.50 10.55 6.58
C LEU A 92 5.41 11.55 5.43
N PRO A 93 5.10 11.07 4.21
CA PRO A 93 4.86 9.66 3.89
C PRO A 93 6.16 8.88 3.76
N GLY A 94 6.16 7.85 2.91
CA GLY A 94 7.36 7.07 2.71
C GLY A 94 7.07 5.67 2.20
N PRO A 95 8.07 5.01 1.55
CA PRO A 95 7.92 3.67 1.01
C PRO A 95 8.07 2.60 2.09
N TYR A 96 7.44 2.83 3.23
CA TYR A 96 7.50 1.89 4.34
C TYR A 96 6.14 1.24 4.59
N THR A 97 6.09 0.40 5.62
CA THR A 97 4.84 -0.25 6.00
C THR A 97 4.36 0.26 7.35
N VAL A 98 3.05 0.47 7.46
CA VAL A 98 2.47 0.98 8.70
C VAL A 98 1.50 -0.03 9.31
N VAL A 99 1.96 -0.72 10.35
CA VAL A 99 1.12 -1.70 11.04
C VAL A 99 0.57 -1.11 12.33
N LEU A 100 -0.76 -1.11 12.44
CA LEU A 100 -1.45 -0.57 13.62
C LEU A 100 -2.41 -1.60 14.20
N GLU A 101 -3.10 -1.21 15.26
CA GLU A 101 -4.10 -2.08 15.89
C GLU A 101 -5.36 -2.15 15.04
N ARG A 102 -6.44 -2.68 15.63
CA ARG A 102 -7.71 -2.80 14.91
C ARG A 102 -8.81 -2.00 15.62
N ASN A 103 -9.63 -1.31 14.82
CA ASN A 103 -10.72 -0.51 15.35
C ASN A 103 -11.86 -1.37 15.86
N GLU A 104 -13.03 -0.76 16.04
CA GLU A 104 -14.21 -1.47 16.53
C GLU A 104 -14.72 -2.48 15.51
N LEU A 105 -14.68 -2.10 14.24
CA LEU A 105 -15.15 -2.98 13.16
C LEU A 105 -14.20 -4.16 12.99
N ILE A 106 -14.59 -5.30 13.53
CA ILE A 106 -13.79 -6.51 13.42
C ILE A 106 -14.01 -7.20 12.08
N PRO A 107 -13.05 -7.05 11.13
CA PRO A 107 -13.16 -7.66 9.81
C PRO A 107 -12.99 -9.18 9.86
N ASP A 108 -13.83 -9.88 9.09
CA ASP A 108 -13.80 -11.34 9.07
C ASP A 108 -12.49 -11.89 8.48
N VAL A 109 -12.45 -12.03 7.16
CA VAL A 109 -11.28 -12.60 6.48
C VAL A 109 -10.23 -11.54 6.16
N ILE A 110 -10.25 -10.43 6.91
CA ILE A 110 -9.27 -9.37 6.70
C ILE A 110 -8.23 -9.35 7.83
N THR A 111 -8.71 -9.27 9.07
CA THR A 111 -7.83 -9.26 10.23
C THR A 111 -7.51 -10.68 10.69
N GLY A 112 -8.40 -11.62 10.36
CA GLY A 112 -8.21 -13.00 10.76
C GLY A 112 -8.35 -13.20 12.26
N GLY A 113 -7.51 -14.07 12.81
CA GLY A 113 -7.56 -14.34 14.24
C GLY A 113 -6.69 -13.38 15.03
N SER A 114 -6.49 -12.18 14.49
CA SER A 114 -5.67 -11.18 15.16
C SER A 114 -6.46 -9.88 15.37
N SER A 115 -5.94 -9.00 16.22
CA SER A 115 -6.59 -7.73 16.50
C SER A 115 -5.78 -6.56 15.97
N ARG A 116 -5.25 -6.70 14.76
CA ARG A 116 -4.45 -5.65 14.16
C ARG A 116 -4.82 -5.46 12.69
N VAL A 117 -4.40 -4.33 12.13
CA VAL A 117 -4.69 -4.01 10.73
C VAL A 117 -3.48 -3.36 10.07
N GLY A 118 -3.25 -3.71 8.80
CA GLY A 118 -2.12 -3.16 8.07
C GLY A 118 -2.49 -1.91 7.29
N ILE A 119 -1.52 -1.02 7.13
CA ILE A 119 -1.73 0.23 6.40
C ILE A 119 -0.46 0.62 5.64
N ARG A 120 -0.63 1.30 4.51
CA ARG A 120 0.51 1.71 3.70
C ARG A 120 0.27 3.06 3.03
N VAL A 121 1.18 4.00 3.28
CA VAL A 121 1.09 5.33 2.70
C VAL A 121 2.19 5.55 1.67
N PRO A 122 1.97 5.09 0.42
CA PRO A 122 2.97 5.24 -0.66
C PRO A 122 3.00 6.63 -1.25
N ASP A 123 3.88 6.83 -2.22
CA ASP A 123 4.02 8.13 -2.88
C ASP A 123 3.16 8.20 -4.14
N ASP A 124 2.16 7.33 -4.21
CA ASP A 124 1.26 7.30 -5.36
C ASP A 124 0.17 8.36 -5.22
N GLU A 125 0.29 9.43 -5.99
CA GLU A 125 -0.68 10.51 -5.96
C GLU A 125 -2.09 10.02 -6.27
N ILE A 126 -2.20 9.14 -7.27
CA ILE A 126 -3.48 8.59 -7.67
C ILE A 126 -4.12 7.81 -6.54
N CYS A 127 -3.41 6.79 -6.06
CA CYS A 127 -3.91 5.95 -4.98
C CYS A 127 -4.21 6.78 -3.73
N ARG A 128 -3.59 7.95 -3.65
CA ARG A 128 -3.79 8.84 -2.51
C ARG A 128 -5.21 9.40 -2.48
N ARG A 129 -5.75 9.69 -3.65
CA ARG A 129 -7.10 10.24 -3.76
C ARG A 129 -8.16 9.16 -3.52
N ILE A 130 -8.07 8.07 -4.27
CA ILE A 130 -9.02 6.97 -4.15
C ILE A 130 -9.04 6.41 -2.73
N ALA A 131 -7.86 6.07 -2.22
CA ALA A 131 -7.74 5.51 -0.87
C ALA A 131 -8.21 6.51 0.18
N ALA A 132 -8.10 7.79 -0.15
CA ALA A 132 -8.55 8.83 0.77
C ALA A 132 -10.01 8.61 1.14
N ARG A 133 -10.85 8.44 0.13
CA ARG A 133 -12.25 8.16 0.35
C ARG A 133 -12.44 6.71 0.81
N PHE A 134 -12.64 5.82 -0.15
CA PHE A 134 -12.79 4.39 0.15
C PHE A 134 -11.43 3.76 0.43
N PRO A 135 -11.37 2.78 1.35
CA PRO A 135 -10.13 2.07 1.67
C PRO A 135 -9.74 1.12 0.54
N VAL A 136 -8.46 0.75 0.50
CA VAL A 136 -7.97 -0.14 -0.54
C VAL A 136 -7.11 -1.25 0.05
N THR A 137 -7.08 -2.40 -0.64
CA THR A 137 -6.26 -3.52 -0.21
C THR A 137 -4.82 -3.28 -0.66
N ALA A 138 -3.87 -3.86 0.07
CA ALA A 138 -2.46 -3.68 -0.25
C ALA A 138 -1.66 -4.95 -0.01
N THR A 139 -1.10 -5.50 -1.08
CA THR A 139 -0.30 -6.71 -1.00
C THR A 139 0.89 -6.65 -1.96
N SER A 140 2.04 -7.14 -1.53
CA SER A 140 3.24 -7.12 -2.35
C SER A 140 3.09 -8.05 -3.56
N ALA A 141 3.57 -7.59 -4.71
CA ALA A 141 3.48 -8.38 -5.93
C ALA A 141 4.46 -9.55 -5.92
N ASN A 142 4.05 -10.66 -6.51
CA ASN A 142 4.89 -11.85 -6.59
C ASN A 142 4.32 -12.85 -7.61
N ILE A 143 3.96 -12.35 -8.78
CA ILE A 143 3.41 -13.19 -9.84
C ILE A 143 4.42 -14.25 -10.26
N SER A 144 3.92 -15.31 -10.91
CA SER A 144 4.78 -16.39 -11.38
C SER A 144 5.82 -15.87 -12.36
N GLY A 145 7.03 -16.42 -12.27
CA GLY A 145 8.10 -15.99 -13.16
C GLY A 145 8.90 -14.84 -12.58
N LYS A 146 8.76 -13.67 -13.18
CA LYS A 146 9.49 -12.48 -12.72
C LYS A 146 8.54 -11.32 -12.46
N PRO A 147 8.09 -11.15 -11.19
CA PRO A 147 7.15 -10.09 -10.82
C PRO A 147 7.69 -8.67 -11.10
N PRO A 148 8.95 -8.35 -10.69
CA PRO A 148 9.51 -7.02 -10.93
C PRO A 148 9.93 -6.83 -12.39
N SER A 149 9.00 -6.32 -13.20
CA SER A 149 9.26 -6.09 -14.62
C SER A 149 9.94 -4.73 -14.84
N PRO A 150 10.65 -4.58 -15.98
CA PRO A 150 11.36 -3.35 -16.29
C PRO A 150 10.57 -2.41 -17.19
N ARG A 151 9.46 -2.92 -17.74
CA ARG A 151 8.61 -2.11 -18.62
C ARG A 151 7.14 -2.39 -18.38
N LEU A 152 6.32 -1.34 -18.45
CA LEU A 152 4.89 -1.47 -18.26
C LEU A 152 4.28 -2.40 -19.31
N GLU A 153 4.91 -2.46 -20.48
CA GLU A 153 4.45 -3.30 -21.57
C GLU A 153 4.68 -4.78 -21.27
N GLU A 154 5.79 -5.08 -20.59
CA GLU A 154 6.14 -6.45 -20.26
C GLU A 154 5.03 -7.09 -19.42
N ILE A 155 4.58 -6.38 -18.40
CA ILE A 155 3.52 -6.87 -17.53
C ILE A 155 2.16 -6.83 -18.22
N VAL A 156 1.95 -5.81 -19.04
CA VAL A 156 0.71 -5.67 -19.78
C VAL A 156 0.58 -6.79 -20.82
N ARG A 157 1.72 -7.36 -21.18
CA ARG A 157 1.75 -8.46 -22.14
C ARG A 157 1.20 -9.74 -21.52
N ASP A 158 1.65 -10.04 -20.31
CA ASP A 158 1.20 -11.23 -19.60
C ASP A 158 -0.23 -11.05 -19.11
N LEU A 159 -0.53 -9.87 -18.59
CA LEU A 159 -1.86 -9.56 -18.08
C LEU A 159 -2.55 -8.53 -18.98
N ASP A 160 -2.87 -8.95 -20.20
CA ASP A 160 -3.50 -8.09 -21.21
C ASP A 160 -4.09 -6.82 -20.62
N ALA A 161 -5.08 -6.96 -19.75
CA ALA A 161 -5.70 -5.81 -19.12
C ALA A 161 -6.38 -6.20 -17.81
N VAL A 162 -5.99 -7.35 -17.26
CA VAL A 162 -6.56 -7.81 -16.00
C VAL A 162 -5.88 -7.13 -14.82
N ASP A 163 -4.56 -7.02 -14.89
CA ASP A 163 -3.78 -6.37 -13.84
C ASP A 163 -3.22 -5.05 -14.33
N LEU A 164 -3.73 -3.95 -13.79
CA LEU A 164 -3.30 -2.62 -14.18
C LEU A 164 -1.92 -2.28 -13.60
N VAL A 165 -0.92 -3.05 -13.98
CA VAL A 165 0.46 -2.83 -13.54
C VAL A 165 1.12 -1.71 -14.33
N LEU A 166 0.33 -0.80 -14.91
CA LEU A 166 0.89 0.24 -15.76
C LEU A 166 0.09 1.54 -15.71
N ASP A 167 -0.47 1.85 -14.56
CA ASP A 167 -1.26 3.07 -14.42
C ASP A 167 -0.35 4.30 -14.49
N ALA A 168 0.23 4.66 -13.37
CA ALA A 168 1.15 5.79 -13.31
C ALA A 168 2.56 5.36 -13.68
N GLY A 169 2.91 4.14 -13.29
CA GLY A 169 4.23 3.60 -13.57
C GLY A 169 5.13 3.63 -12.35
N ASP A 170 6.35 3.10 -12.49
CA ASP A 170 7.30 3.05 -11.38
C ASP A 170 7.67 4.46 -10.92
N CYS A 171 8.58 4.53 -9.95
CA CYS A 171 9.00 5.82 -9.41
C CYS A 171 10.51 5.84 -9.14
N LEU A 172 10.97 4.98 -8.23
CA LEU A 172 12.38 4.95 -7.86
C LEU A 172 12.97 3.54 -8.04
N ASP A 173 13.75 3.10 -7.05
CA ASP A 173 14.41 1.79 -7.12
C ASP A 173 13.51 0.67 -6.60
N MET A 174 13.62 -0.50 -7.21
CA MET A 174 12.83 -1.65 -6.79
C MET A 174 13.30 -2.18 -5.43
N GLU A 175 14.27 -1.50 -4.85
CA GLU A 175 14.81 -1.90 -3.54
C GLU A 175 15.38 -0.69 -2.80
N PRO A 176 15.36 -0.72 -1.46
CA PRO A 176 14.84 -1.84 -0.67
C PRO A 176 13.37 -1.68 -0.31
N SER A 177 13.02 -1.98 0.94
CA SER A 177 11.64 -1.85 1.40
C SER A 177 11.61 -1.76 2.94
N THR A 178 10.89 -0.76 3.45
CA THR A 178 10.81 -0.56 4.90
C THR A 178 9.50 -1.09 5.46
N VAL A 179 9.59 -1.72 6.64
CA VAL A 179 8.41 -2.27 7.31
C VAL A 179 8.36 -1.80 8.77
N ILE A 180 7.33 -1.05 9.12
CA ILE A 180 7.19 -0.54 10.49
C ILE A 180 5.90 -1.03 11.12
N ASP A 181 6.02 -1.73 12.25
CA ASP A 181 4.86 -2.24 12.96
C ASP A 181 4.51 -1.33 14.13
N LEU A 182 4.05 -0.12 13.80
CA LEU A 182 3.67 0.86 14.81
C LEU A 182 2.41 0.43 15.55
N THR A 183 2.55 -0.48 16.50
CA THR A 183 1.41 -0.96 17.26
C THR A 183 0.97 0.06 18.30
N VAL A 184 1.69 0.11 19.43
CA VAL A 184 1.36 1.05 20.49
C VAL A 184 2.54 2.00 20.77
N ASN A 185 3.06 1.97 22.00
CA ASN A 185 4.15 2.86 22.38
C ASN A 185 5.47 2.50 21.69
N PRO A 186 5.90 1.23 21.77
CA PRO A 186 7.16 0.79 21.14
C PRO A 186 7.03 0.57 19.64
N PRO A 187 7.65 1.45 18.82
CA PRO A 187 7.61 1.32 17.37
C PRO A 187 8.55 0.24 16.87
N ARG A 188 8.00 -0.73 16.14
CA ARG A 188 8.80 -1.84 15.63
C ARG A 188 9.40 -1.49 14.27
N VAL A 189 10.23 -0.46 14.26
CA VAL A 189 10.90 -0.03 13.03
C VAL A 189 11.79 -1.14 12.49
N LEU A 190 11.25 -1.95 11.59
CA LEU A 190 12.00 -3.06 11.03
C LEU A 190 12.09 -2.96 9.50
N ARG A 191 13.11 -2.26 9.02
CA ARG A 191 13.31 -2.08 7.58
C ARG A 191 14.16 -3.20 7.00
N ARG A 192 13.83 -3.62 5.80
CA ARG A 192 14.55 -4.69 5.12
C ARG A 192 15.79 -4.14 4.40
N GLY A 193 16.00 -2.83 4.54
CA GLY A 193 17.14 -2.19 3.89
C GLY A 193 18.34 -2.07 4.81
N LYS A 194 19.32 -1.26 4.41
CA LYS A 194 20.53 -1.07 5.20
C LYS A 194 20.42 0.19 6.06
N GLY A 195 19.96 0.00 7.30
CA GLY A 195 19.82 1.11 8.22
C GLY A 195 21.09 1.40 8.99
N PRO A 196 21.22 2.60 9.59
CA PRO A 196 22.40 2.98 10.36
C PRO A 196 22.49 2.24 11.69
N LEU A 197 23.61 1.56 11.91
CA LEU A 197 23.82 0.81 13.14
C LEU A 197 25.24 1.02 13.66
N ASP A 198 26.19 1.07 12.74
CA ASP A 198 27.60 1.26 13.10
C ASP A 198 27.88 2.72 13.46
N PRO A 199 28.60 2.97 14.57
CA PRO A 199 28.93 4.33 15.00
C PRO A 199 29.94 5.00 14.08
N VAL A 200 30.13 6.30 14.27
CA VAL A 200 31.06 7.07 13.45
C VAL A 200 32.51 6.72 13.79
N LEU A 201 33.11 5.83 13.00
CA LEU A 201 34.48 5.41 13.22
C LEU A 201 35.45 6.39 12.56
N LEU A 202 35.80 7.45 13.27
CA LEU A 202 36.72 8.46 12.75
C LEU A 202 38.16 8.09 13.08
N ARG A 203 38.43 7.80 14.35
CA ARG A 203 39.76 7.44 14.79
C ARG A 203 40.04 5.96 14.53
N GLY A 204 39.06 5.27 13.94
CA GLY A 204 39.22 3.86 13.65
C GLY A 204 39.56 3.61 12.19
N ALA A 205 38.55 3.28 11.40
CA ALA A 205 38.75 3.02 9.98
C ALA A 205 38.16 4.13 9.12
N GLY A 206 36.84 4.15 8.99
CA GLY A 206 36.19 5.18 8.20
C GLY A 206 36.57 5.11 6.74
N ASP A 207 36.42 6.22 6.03
CA ASP A 207 36.75 6.29 4.61
C ASP A 207 38.01 7.12 4.38
N VAL A 208 38.41 7.87 5.40
CA VAL A 208 39.60 8.70 5.31
C VAL A 208 40.84 7.95 5.77
N MET A 1 -31.30 35.77 0.11
CA MET A 1 -30.33 34.75 -0.41
C MET A 1 -31.04 33.48 -0.85
N LEU A 2 -30.56 32.89 -1.94
CA LEU A 2 -31.15 31.67 -2.47
C LEU A 2 -30.40 30.44 -1.97
N ILE A 3 -30.86 29.26 -2.39
CA ILE A 3 -30.22 28.01 -1.98
C ILE A 3 -29.29 27.50 -3.08
N ARG A 4 -27.99 27.73 -2.90
CA ARG A 4 -27.00 27.30 -3.87
C ARG A 4 -26.46 25.92 -3.52
N LYS A 5 -26.28 25.08 -4.54
CA LYS A 5 -25.78 23.73 -4.34
C LYS A 5 -24.25 23.71 -4.30
N ILE A 6 -23.68 22.52 -4.37
CA ILE A 6 -22.24 22.36 -4.34
C ILE A 6 -21.67 22.18 -5.75
N THR A 7 -20.59 22.89 -6.04
CA THR A 7 -19.95 22.81 -7.35
C THR A 7 -19.02 21.60 -7.43
N ARG A 8 -18.36 21.45 -8.58
CA ARG A 8 -17.45 20.34 -8.79
C ARG A 8 -16.00 20.80 -8.61
N LYS A 9 -15.45 20.56 -7.43
CA LYS A 9 -14.08 20.95 -7.13
C LYS A 9 -13.16 19.73 -7.04
N ASN A 10 -13.70 18.58 -7.41
CA ASN A 10 -12.93 17.33 -7.38
C ASN A 10 -12.37 17.01 -8.76
N PRO A 11 -11.06 17.21 -8.98
CA PRO A 11 -10.42 16.93 -10.27
C PRO A 11 -10.45 15.45 -10.61
N SER A 12 -11.00 15.12 -11.77
CA SER A 12 -11.09 13.73 -12.21
C SER A 12 -10.27 13.50 -13.48
N PRO A 13 -8.95 13.28 -13.33
CA PRO A 13 -8.05 13.05 -14.48
C PRO A 13 -8.39 11.75 -15.21
N ASP A 14 -7.74 11.55 -16.35
CA ASP A 14 -7.96 10.34 -17.14
C ASP A 14 -7.43 9.11 -16.42
N VAL A 15 -6.44 9.32 -15.57
CA VAL A 15 -5.85 8.22 -14.80
C VAL A 15 -6.77 7.78 -13.67
N LEU A 16 -7.48 8.73 -13.09
CA LEU A 16 -8.40 8.44 -11.99
C LEU A 16 -9.60 7.64 -12.48
N GLU A 17 -10.20 8.09 -13.58
CA GLU A 17 -11.36 7.43 -14.15
C GLU A 17 -11.00 6.04 -14.68
N GLU A 18 -9.72 5.84 -14.97
CA GLU A 18 -9.24 4.55 -15.48
C GLU A 18 -9.21 3.52 -14.37
N ALA A 19 -8.86 3.95 -13.15
CA ALA A 19 -8.80 3.06 -12.01
C ALA A 19 -10.19 2.56 -11.62
N ILE A 20 -11.18 3.45 -11.74
CA ILE A 20 -12.56 3.10 -11.42
C ILE A 20 -13.09 2.06 -12.39
N SER A 21 -12.67 2.15 -13.65
CA SER A 21 -13.10 1.21 -14.68
C SER A 21 -12.64 -0.20 -14.34
N VAL A 22 -11.48 -0.31 -13.71
CA VAL A 22 -10.93 -1.62 -13.33
C VAL A 22 -11.74 -2.24 -12.20
N MET A 23 -12.29 -1.39 -11.34
CA MET A 23 -13.10 -1.87 -10.21
C MET A 23 -14.32 -2.64 -10.70
N GLU A 24 -14.96 -2.11 -11.75
CA GLU A 24 -16.14 -2.74 -12.31
C GLU A 24 -15.76 -3.98 -13.12
N GLY A 25 -14.47 -4.13 -13.38
CA GLY A 25 -14.00 -5.26 -14.16
C GLY A 25 -13.75 -6.50 -13.31
N GLY A 26 -13.76 -6.30 -12.00
CA GLY A 26 -13.54 -7.42 -11.09
C GLY A 26 -12.14 -7.97 -11.18
N GLY A 27 -11.15 -7.09 -11.37
CA GLY A 27 -9.77 -7.52 -11.46
C GLY A 27 -8.86 -6.79 -10.50
N ILE A 28 -7.63 -7.27 -10.39
CA ILE A 28 -6.65 -6.65 -9.50
C ILE A 28 -5.76 -5.68 -10.26
N VAL A 29 -5.36 -4.60 -9.60
CA VAL A 29 -4.51 -3.58 -10.23
C VAL A 29 -3.16 -3.49 -9.52
N ILE A 30 -2.08 -3.41 -10.29
CA ILE A 30 -0.74 -3.28 -9.71
C ILE A 30 -0.26 -1.83 -9.81
N TYR A 31 0.61 -1.45 -8.88
CA TYR A 31 1.11 -0.08 -8.86
C TYR A 31 2.42 0.04 -8.06
N PRO A 32 3.58 0.13 -8.75
CA PRO A 32 4.86 0.30 -8.08
C PRO A 32 5.11 1.77 -7.73
N THR A 33 5.62 2.01 -6.53
CA THR A 33 5.87 3.38 -6.08
C THR A 33 7.35 3.61 -5.82
N ASP A 34 7.66 4.47 -4.85
CA ASP A 34 9.05 4.80 -4.51
C ASP A 34 9.83 3.53 -4.21
N THR A 35 9.13 2.48 -3.79
CA THR A 35 9.76 1.21 -3.46
C THR A 35 9.69 0.26 -4.67
N ILE A 36 9.06 -0.89 -4.50
CA ILE A 36 8.97 -1.88 -5.57
C ILE A 36 7.52 -2.01 -6.06
N TYR A 37 7.26 -3.00 -6.91
CA TYR A 37 5.93 -3.23 -7.44
C TYR A 37 4.96 -3.58 -6.32
N GLY A 38 3.84 -2.88 -6.27
CA GLY A 38 2.86 -3.13 -5.24
C GLY A 38 1.52 -3.52 -5.82
N LEU A 39 0.56 -3.82 -4.95
CA LEU A 39 -0.77 -4.21 -5.38
C LEU A 39 -1.80 -3.24 -4.84
N GLY A 40 -2.79 -2.93 -5.67
CA GLY A 40 -3.86 -2.02 -5.27
C GLY A 40 -5.18 -2.41 -5.90
N VAL A 41 -6.13 -2.82 -5.07
CA VAL A 41 -7.43 -3.25 -5.56
C VAL A 41 -8.51 -3.05 -4.49
N ASN A 42 -9.77 -3.03 -4.90
CA ASN A 42 -10.87 -2.86 -3.97
C ASN A 42 -10.82 -3.92 -2.87
N ALA A 43 -10.27 -3.53 -1.72
CA ALA A 43 -10.10 -4.46 -0.59
C ALA A 43 -11.44 -5.00 -0.10
N LEU A 44 -12.51 -4.25 -0.33
CA LEU A 44 -13.83 -4.67 0.12
C LEU A 44 -14.43 -5.72 -0.82
N ASP A 45 -13.60 -6.20 -1.73
CA ASP A 45 -14.02 -7.24 -2.67
C ASP A 45 -13.32 -8.55 -2.38
N GLU A 46 -13.96 -9.66 -2.75
CA GLU A 46 -13.39 -10.98 -2.52
C GLU A 46 -12.26 -11.26 -3.51
N ASP A 47 -12.24 -10.51 -4.60
CA ASP A 47 -11.20 -10.65 -5.61
C ASP A 47 -9.86 -10.16 -5.08
N ALA A 48 -9.91 -9.26 -4.12
CA ALA A 48 -8.70 -8.70 -3.53
C ALA A 48 -8.04 -9.69 -2.58
N VAL A 49 -8.84 -10.32 -1.72
CA VAL A 49 -8.32 -11.29 -0.77
C VAL A 49 -7.76 -12.51 -1.47
N ARG A 50 -8.37 -12.89 -2.60
CA ARG A 50 -7.92 -14.03 -3.37
C ARG A 50 -6.51 -13.82 -3.90
N ARG A 51 -6.24 -12.59 -4.35
CA ARG A 51 -4.93 -12.24 -4.88
C ARG A 51 -3.84 -12.40 -3.83
N LEU A 52 -4.05 -11.74 -2.69
CA LEU A 52 -3.08 -11.78 -1.59
C LEU A 52 -2.79 -13.23 -1.18
N PHE A 53 -3.74 -14.10 -1.41
CA PHE A 53 -3.59 -15.51 -1.05
C PHE A 53 -2.63 -16.21 -1.99
N ARG A 54 -2.59 -15.77 -3.25
CA ARG A 54 -1.72 -16.36 -4.25
C ARG A 54 -0.27 -15.97 -4.01
N VAL A 55 -0.05 -14.70 -3.65
CA VAL A 55 1.30 -14.20 -3.40
C VAL A 55 1.84 -14.70 -2.06
N LYS A 56 0.96 -14.83 -1.08
CA LYS A 56 1.37 -15.27 0.25
C LYS A 56 1.20 -16.79 0.41
N GLY A 57 0.73 -17.44 -0.65
CA GLY A 57 0.54 -18.88 -0.61
C GLY A 57 -0.50 -19.30 0.41
N ARG A 58 -0.07 -20.03 1.42
CA ARG A 58 -0.97 -20.49 2.47
C ARG A 58 -0.87 -19.63 3.71
N SER A 59 -1.88 -18.77 3.92
CA SER A 59 -1.90 -17.89 5.07
C SER A 59 -3.34 -17.55 5.48
N PRO A 60 -4.11 -18.55 5.93
CA PRO A 60 -5.50 -18.36 6.35
C PRO A 60 -5.62 -17.77 7.74
N HIS A 61 -4.48 -17.42 8.33
CA HIS A 61 -4.45 -16.85 9.67
C HIS A 61 -3.79 -15.48 9.67
N LYS A 62 -3.11 -15.15 8.58
CA LYS A 62 -2.43 -13.87 8.46
C LYS A 62 -3.37 -12.80 7.89
N PRO A 63 -3.47 -11.64 8.55
CA PRO A 63 -4.34 -10.55 8.10
C PRO A 63 -3.94 -10.03 6.72
N VAL A 64 -4.61 -8.98 6.27
CA VAL A 64 -4.31 -8.39 4.97
C VAL A 64 -3.70 -7.00 5.13
N SER A 65 -3.21 -6.45 4.03
CA SER A 65 -2.61 -5.12 4.04
C SER A 65 -3.44 -4.14 3.23
N ILE A 66 -3.66 -2.95 3.80
CA ILE A 66 -4.45 -1.91 3.16
C ILE A 66 -3.62 -0.67 2.85
N CYS A 67 -4.09 0.15 1.91
CA CYS A 67 -3.41 1.37 1.53
C CYS A 67 -4.30 2.57 1.80
N VAL A 68 -3.71 3.66 2.28
CA VAL A 68 -4.47 4.86 2.59
C VAL A 68 -3.61 6.12 2.41
N SER A 69 -4.25 7.29 2.52
CA SER A 69 -3.54 8.55 2.40
C SER A 69 -3.03 9.00 3.76
N CYS A 70 -3.82 8.69 4.80
CA CYS A 70 -3.45 9.04 6.16
C CYS A 70 -4.29 8.25 7.16
N VAL A 71 -3.81 8.16 8.40
CA VAL A 71 -4.52 7.44 9.45
C VAL A 71 -5.93 7.99 9.62
N ASP A 72 -6.08 9.30 9.38
CA ASP A 72 -7.37 9.95 9.50
C ASP A 72 -8.32 9.48 8.42
N GLU A 73 -7.77 9.03 7.30
CA GLU A 73 -8.57 8.56 6.18
C GLU A 73 -9.11 7.15 6.44
N ILE A 74 -8.44 6.42 7.33
CA ILE A 74 -8.88 5.06 7.69
C ILE A 74 -9.35 4.97 9.15
N PRO A 75 -10.39 5.73 9.54
CA PRO A 75 -10.89 5.72 10.92
C PRO A 75 -11.47 4.36 11.30
N ARG A 76 -12.65 4.05 10.77
CA ARG A 76 -13.33 2.80 11.07
C ARG A 76 -12.66 1.60 10.40
N PHE A 77 -11.43 1.78 9.93
CA PHE A 77 -10.71 0.70 9.26
C PHE A 77 -9.59 0.15 10.15
N SER A 78 -8.96 1.03 10.92
CA SER A 78 -7.88 0.63 11.82
C SER A 78 -8.03 1.27 13.19
N ARG A 79 -7.32 0.75 14.17
CA ARG A 79 -7.37 1.27 15.54
C ARG A 79 -6.03 1.87 15.94
N PRO A 80 -5.91 3.21 15.94
CA PRO A 80 -4.67 3.91 16.26
C PRO A 80 -4.67 4.49 17.67
N SER A 81 -3.67 5.33 17.96
CA SER A 81 -3.54 5.95 19.26
C SER A 81 -2.99 7.37 19.14
N GLY A 82 -2.73 8.00 20.28
CA GLY A 82 -2.21 9.36 20.29
C GLY A 82 -0.74 9.43 19.91
N ASP A 83 0.12 9.27 20.90
CA ASP A 83 1.57 9.32 20.66
C ASP A 83 2.00 8.31 19.61
N ALA A 84 1.24 7.21 19.53
CA ALA A 84 1.54 6.17 18.54
C ALA A 84 1.50 6.73 17.13
N MET A 85 0.43 7.45 16.82
CA MET A 85 0.28 8.05 15.50
C MET A 85 1.24 9.22 15.31
N GLU A 86 1.75 9.75 16.42
CA GLU A 86 2.70 10.85 16.37
C GLU A 86 4.05 10.36 15.86
N LEU A 87 4.41 9.14 16.24
CA LEU A 87 5.68 8.54 15.81
C LEU A 87 5.69 8.35 14.31
N MET A 88 4.59 7.81 13.77
CA MET A 88 4.50 7.57 12.33
C MET A 88 4.28 8.86 11.55
N GLU A 89 3.67 9.85 12.21
CA GLU A 89 3.37 11.12 11.57
C GLU A 89 4.62 11.82 11.07
N ARG A 90 5.67 11.77 11.87
CA ARG A 90 6.93 12.42 11.53
C ARG A 90 7.70 11.63 10.47
N ILE A 91 7.35 10.36 10.30
CA ILE A 91 8.02 9.50 9.33
C ILE A 91 7.21 9.37 8.05
N LEU A 92 5.96 9.82 8.08
CA LEU A 92 5.08 9.73 6.92
C LEU A 92 4.78 11.12 6.35
N PRO A 93 4.51 11.22 5.04
CA PRO A 93 4.48 10.08 4.11
C PRO A 93 5.88 9.58 3.76
N GLY A 94 5.94 8.48 3.02
CA GLY A 94 7.23 7.92 2.63
C GLY A 94 7.16 6.43 2.36
N PRO A 95 8.30 5.78 2.12
CA PRO A 95 8.35 4.34 1.85
C PRO A 95 8.32 3.50 3.13
N TYR A 96 7.69 4.04 4.16
CA TYR A 96 7.59 3.34 5.44
C TYR A 96 6.22 2.71 5.61
N THR A 97 6.19 1.53 6.23
CA THR A 97 4.94 0.82 6.46
C THR A 97 4.57 0.88 7.95
N VAL A 98 3.29 1.13 8.22
CA VAL A 98 2.80 1.23 9.58
C VAL A 98 1.72 0.20 9.87
N VAL A 99 2.05 -0.77 10.72
CA VAL A 99 1.10 -1.80 11.12
C VAL A 99 0.28 -1.32 12.31
N LEU A 100 -1.04 -1.38 12.20
CA LEU A 100 -1.93 -0.91 13.24
C LEU A 100 -2.90 -2.02 13.67
N GLU A 101 -3.74 -1.72 14.66
CA GLU A 101 -4.73 -2.68 15.15
C GLU A 101 -5.87 -2.85 14.16
N ARG A 102 -6.92 -3.55 14.58
CA ARG A 102 -8.08 -3.79 13.72
C ARG A 102 -9.35 -3.19 14.31
N ASN A 103 -10.16 -2.59 13.45
CA ASN A 103 -11.43 -2.00 13.85
C ASN A 103 -12.46 -3.08 14.12
N GLU A 104 -13.64 -2.67 14.57
CA GLU A 104 -14.73 -3.60 14.86
C GLU A 104 -15.42 -4.07 13.56
N LEU A 105 -14.64 -4.63 12.64
CA LEU A 105 -15.18 -5.12 11.38
C LEU A 105 -15.61 -6.58 11.51
N ILE A 106 -16.82 -6.88 11.07
CA ILE A 106 -17.36 -8.24 11.15
C ILE A 106 -16.59 -9.20 10.22
N PRO A 107 -16.43 -8.86 8.92
CA PRO A 107 -15.72 -9.72 7.98
C PRO A 107 -14.34 -10.14 8.47
N ASP A 108 -14.22 -11.39 8.91
CA ASP A 108 -12.96 -11.91 9.41
C ASP A 108 -12.03 -12.30 8.27
N VAL A 109 -12.55 -12.20 7.04
CA VAL A 109 -11.77 -12.53 5.86
C VAL A 109 -10.70 -11.49 5.58
N ILE A 110 -10.95 -10.26 6.03
CA ILE A 110 -10.02 -9.16 5.84
C ILE A 110 -9.11 -9.01 7.05
N THR A 111 -9.68 -9.17 8.24
CA THR A 111 -8.92 -9.04 9.48
C THR A 111 -7.99 -10.23 9.67
N GLY A 112 -8.31 -11.34 9.02
CA GLY A 112 -7.50 -12.54 9.13
C GLY A 112 -7.67 -13.24 10.47
N GLY A 113 -6.67 -14.03 10.85
CA GLY A 113 -6.72 -14.74 12.11
C GLY A 113 -6.42 -13.85 13.29
N SER A 114 -5.74 -12.74 13.03
CA SER A 114 -5.38 -11.80 14.10
C SER A 114 -6.20 -10.52 13.98
N SER A 115 -5.96 -9.58 14.89
CA SER A 115 -6.69 -8.31 14.90
C SER A 115 -5.75 -7.15 14.57
N ARG A 116 -5.14 -7.21 13.38
CA ARG A 116 -4.23 -6.16 12.95
C ARG A 116 -4.36 -5.90 11.46
N VAL A 117 -3.94 -4.72 11.02
CA VAL A 117 -4.01 -4.34 9.61
C VAL A 117 -2.76 -3.58 9.19
N GLY A 118 -2.01 -4.15 8.25
CA GLY A 118 -0.83 -3.50 7.76
C GLY A 118 -1.16 -2.45 6.72
N ILE A 119 -0.83 -1.20 7.01
CA ILE A 119 -1.15 -0.10 6.11
C ILE A 119 0.08 0.78 5.86
N ARG A 120 0.13 1.38 4.67
CA ARG A 120 1.26 2.22 4.31
C ARG A 120 0.81 3.41 3.46
N VAL A 121 1.54 4.52 3.59
CA VAL A 121 1.25 5.73 2.83
C VAL A 121 2.34 5.99 1.80
N PRO A 122 2.21 5.43 0.58
CA PRO A 122 3.20 5.60 -0.48
C PRO A 122 3.31 7.05 -0.95
N ASP A 123 4.19 7.26 -1.92
CA ASP A 123 4.41 8.60 -2.47
C ASP A 123 3.52 8.84 -3.70
N ASP A 124 2.70 7.85 -4.04
CA ASP A 124 1.82 7.96 -5.19
C ASP A 124 0.69 8.95 -4.93
N GLU A 125 0.75 10.09 -5.59
CA GLU A 125 -0.26 11.14 -5.44
C GLU A 125 -1.66 10.60 -5.76
N ILE A 126 -1.74 9.78 -6.81
CA ILE A 126 -3.02 9.22 -7.23
C ILE A 126 -3.52 8.18 -6.23
N CYS A 127 -2.65 7.24 -5.86
CA CYS A 127 -3.01 6.20 -4.91
C CYS A 127 -3.39 6.79 -3.56
N ARG A 128 -2.99 8.04 -3.33
CA ARG A 128 -3.29 8.73 -2.08
C ARG A 128 -4.77 9.14 -2.03
N ARG A 129 -5.24 9.73 -3.12
CA ARG A 129 -6.62 10.19 -3.20
C ARG A 129 -7.61 9.03 -3.11
N ILE A 130 -7.41 8.02 -3.95
CA ILE A 130 -8.30 6.86 -3.97
C ILE A 130 -8.32 6.15 -2.63
N ALA A 131 -7.13 5.78 -2.15
CA ALA A 131 -7.01 5.08 -0.88
C ALA A 131 -7.50 5.94 0.28
N ALA A 132 -7.45 7.25 0.11
CA ALA A 132 -7.92 8.17 1.13
C ALA A 132 -9.35 7.83 1.52
N ARG A 133 -10.24 7.85 0.53
CA ARG A 133 -11.64 7.49 0.74
C ARG A 133 -11.79 5.98 0.87
N PHE A 134 -11.91 5.31 -0.27
CA PHE A 134 -12.04 3.85 -0.29
C PHE A 134 -10.69 3.18 -0.07
N PRO A 135 -10.52 2.48 1.08
CA PRO A 135 -9.27 1.77 1.38
C PRO A 135 -9.06 0.61 0.42
N VAL A 136 -7.85 0.49 -0.11
CA VAL A 136 -7.53 -0.53 -1.09
C VAL A 136 -6.54 -1.54 -0.55
N THR A 137 -6.39 -2.66 -1.25
CA THR A 137 -5.44 -3.70 -0.85
C THR A 137 -4.04 -3.32 -1.31
N ALA A 138 -3.09 -3.31 -0.38
CA ALA A 138 -1.71 -2.93 -0.70
C ALA A 138 -0.74 -4.04 -0.33
N THR A 139 -0.39 -4.87 -1.31
CA THR A 139 0.56 -5.96 -1.08
C THR A 139 1.68 -5.91 -2.11
N SER A 140 2.90 -5.65 -1.62
CA SER A 140 4.06 -5.57 -2.49
C SER A 140 4.32 -6.90 -3.19
N ALA A 141 4.32 -6.88 -4.52
CA ALA A 141 4.56 -8.09 -5.30
C ALA A 141 6.04 -8.41 -5.35
N ASN A 142 6.39 -9.65 -5.05
CA ASN A 142 7.79 -10.08 -5.06
C ASN A 142 7.90 -11.60 -5.17
N ILE A 143 7.08 -12.31 -4.40
CA ILE A 143 7.11 -13.77 -4.40
C ILE A 143 6.37 -14.36 -5.59
N SER A 144 5.18 -14.93 -5.35
CA SER A 144 4.38 -15.53 -6.41
C SER A 144 3.97 -14.50 -7.46
N GLY A 145 3.26 -14.97 -8.49
CA GLY A 145 2.82 -14.09 -9.55
C GLY A 145 3.96 -13.66 -10.46
N LYS A 146 3.82 -12.49 -11.06
CA LYS A 146 4.84 -11.95 -11.95
C LYS A 146 5.26 -10.55 -11.54
N PRO A 147 5.82 -10.39 -10.33
CA PRO A 147 6.22 -9.08 -9.81
C PRO A 147 7.28 -8.35 -10.66
N PRO A 148 8.29 -9.06 -11.24
CA PRO A 148 9.32 -8.39 -12.04
C PRO A 148 8.81 -7.96 -13.41
N SER A 149 8.00 -6.91 -13.43
CA SER A 149 7.47 -6.38 -14.68
C SER A 149 8.30 -5.20 -15.17
N PRO A 150 9.04 -5.38 -16.28
CA PRO A 150 9.90 -4.32 -16.82
C PRO A 150 9.22 -3.54 -17.94
N ARG A 151 8.11 -4.08 -18.45
CA ARG A 151 7.36 -3.42 -19.52
C ARG A 151 5.88 -3.35 -19.17
N LEU A 152 5.31 -2.16 -19.23
CA LEU A 152 3.90 -1.97 -18.92
C LEU A 152 3.01 -2.72 -19.90
N GLU A 153 3.43 -2.74 -21.16
CA GLU A 153 2.68 -3.43 -22.21
C GLU A 153 2.80 -4.94 -22.05
N GLU A 154 3.82 -5.37 -21.29
CA GLU A 154 4.05 -6.79 -21.06
C GLU A 154 3.02 -7.37 -20.10
N ILE A 155 2.63 -6.58 -19.10
CA ILE A 155 1.65 -7.02 -18.11
C ILE A 155 0.25 -7.11 -18.73
N VAL A 156 -0.12 -6.08 -19.49
CA VAL A 156 -1.43 -6.04 -20.12
C VAL A 156 -1.68 -7.28 -20.97
N ARG A 157 -0.62 -7.75 -21.64
CA ARG A 157 -0.72 -8.92 -22.50
C ARG A 157 -0.90 -10.20 -21.69
N ASP A 158 -0.05 -10.38 -20.69
CA ASP A 158 -0.10 -11.57 -19.85
C ASP A 158 -1.45 -11.70 -19.14
N LEU A 159 -1.92 -10.61 -18.56
CA LEU A 159 -3.18 -10.61 -17.83
C LEU A 159 -4.25 -9.82 -18.59
N ASP A 160 -4.87 -10.47 -19.57
CA ASP A 160 -5.91 -9.86 -20.39
C ASP A 160 -6.80 -8.93 -19.58
N ALA A 161 -7.15 -9.34 -18.36
CA ALA A 161 -7.99 -8.53 -17.50
C ALA A 161 -7.77 -8.89 -16.03
N VAL A 162 -6.68 -9.59 -15.75
CA VAL A 162 -6.37 -9.97 -14.37
C VAL A 162 -5.72 -8.82 -13.61
N ASP A 163 -4.40 -8.66 -13.79
CA ASP A 163 -3.67 -7.60 -13.14
C ASP A 163 -3.56 -6.37 -14.04
N LEU A 164 -4.58 -5.52 -14.00
CA LEU A 164 -4.62 -4.32 -14.82
C LEU A 164 -3.38 -3.46 -14.62
N VAL A 165 -2.67 -3.18 -15.71
CA VAL A 165 -1.47 -2.37 -15.67
C VAL A 165 -1.77 -0.96 -15.19
N LEU A 166 -0.73 -0.14 -15.06
CA LEU A 166 -0.87 1.23 -14.61
C LEU A 166 -0.24 2.20 -15.60
N ASP A 167 -0.93 3.31 -15.86
CA ASP A 167 -0.43 4.32 -16.79
C ASP A 167 0.37 5.39 -16.07
N ALA A 168 0.33 5.36 -14.74
CA ALA A 168 1.06 6.34 -13.95
C ALA A 168 2.54 6.00 -13.89
N GLY A 169 2.84 4.70 -13.87
CA GLY A 169 4.22 4.26 -13.82
C GLY A 169 4.76 4.15 -12.41
N ASP A 170 6.01 3.71 -12.28
CA ASP A 170 6.66 3.57 -10.98
C ASP A 170 6.99 4.94 -10.38
N CYS A 171 7.92 4.95 -9.43
CA CYS A 171 8.31 6.20 -8.77
C CYS A 171 9.80 6.25 -8.50
N LEU A 172 10.29 5.36 -7.65
CA LEU A 172 11.71 5.35 -7.29
C LEU A 172 12.33 3.96 -7.40
N ASP A 173 13.20 3.62 -6.44
CA ASP A 173 13.91 2.34 -6.45
C ASP A 173 13.10 1.22 -5.78
N MET A 174 13.29 0.00 -6.27
CA MET A 174 12.61 -1.16 -5.71
C MET A 174 12.95 -1.36 -4.24
N GLU A 175 13.96 -0.63 -3.76
CA GLU A 175 14.39 -0.72 -2.38
C GLU A 175 14.72 0.66 -1.81
N PRO A 176 14.71 0.82 -0.48
CA PRO A 176 14.43 -0.24 0.48
C PRO A 176 12.95 -0.33 0.86
N SER A 177 12.68 -0.91 2.03
CA SER A 177 11.32 -1.06 2.52
C SER A 177 11.31 -1.22 4.03
N THR A 178 10.64 -0.31 4.72
CA THR A 178 10.57 -0.35 6.18
C THR A 178 9.22 -0.90 6.66
N VAL A 179 9.26 -1.74 7.68
CA VAL A 179 8.05 -2.33 8.24
C VAL A 179 8.01 -2.17 9.76
N ILE A 180 7.28 -1.16 10.23
CA ILE A 180 7.15 -0.89 11.66
C ILE A 180 5.75 -1.26 12.16
N ASP A 181 5.68 -1.97 13.27
CA ASP A 181 4.41 -2.36 13.85
C ASP A 181 3.91 -1.32 14.84
N LEU A 182 3.49 -0.17 14.30
CA LEU A 182 2.94 0.92 15.10
C LEU A 182 1.55 0.59 15.63
N THR A 183 1.47 -0.15 16.74
CA THR A 183 0.17 -0.49 17.32
C THR A 183 -0.31 0.66 18.20
N VAL A 184 -0.08 0.52 19.50
CA VAL A 184 -0.46 1.56 20.45
C VAL A 184 0.77 2.04 21.23
N ASN A 185 1.35 1.13 21.99
CA ASN A 185 2.57 1.41 22.74
C ASN A 185 3.68 1.82 21.78
N PRO A 186 4.94 2.01 22.25
CA PRO A 186 6.02 2.40 21.34
C PRO A 186 6.22 1.37 20.24
N PRO A 187 6.07 1.80 18.97
CA PRO A 187 6.16 0.89 17.82
C PRO A 187 7.52 0.24 17.68
N ARG A 188 7.55 -0.91 16.99
CA ARG A 188 8.79 -1.63 16.78
C ARG A 188 9.32 -1.40 15.37
N VAL A 189 10.29 -0.51 15.25
CA VAL A 189 10.88 -0.19 13.95
C VAL A 189 11.67 -1.37 13.42
N LEU A 190 11.09 -2.07 12.44
CA LEU A 190 11.74 -3.23 11.84
C LEU A 190 11.92 -3.04 10.34
N ARG A 191 12.98 -2.34 9.96
CA ARG A 191 13.27 -2.09 8.56
C ARG A 191 14.40 -2.99 8.07
N ARG A 192 14.47 -3.19 6.76
CA ARG A 192 15.50 -4.03 6.16
C ARG A 192 16.85 -3.29 6.14
N GLY A 193 17.92 -4.05 6.34
CA GLY A 193 19.25 -3.46 6.34
C GLY A 193 19.85 -3.38 4.95
N LYS A 194 20.40 -2.22 4.61
CA LYS A 194 21.01 -2.01 3.31
C LYS A 194 22.53 -2.07 3.41
N GLY A 195 23.07 -1.59 4.52
CA GLY A 195 24.50 -1.58 4.72
C GLY A 195 25.01 -2.90 5.30
N PRO A 196 26.33 -3.16 5.21
CA PRO A 196 26.92 -4.39 5.73
C PRO A 196 26.88 -4.46 7.25
N LEU A 197 27.47 -3.46 7.90
CA LEU A 197 27.50 -3.40 9.36
C LEU A 197 27.67 -1.96 9.84
N ASP A 198 27.02 -1.65 10.96
CA ASP A 198 27.10 -0.30 11.53
C ASP A 198 28.48 -0.07 12.16
N PRO A 199 29.25 0.90 11.62
CA PRO A 199 30.58 1.22 12.14
C PRO A 199 30.55 1.65 13.60
N VAL A 200 31.53 1.19 14.38
CA VAL A 200 31.60 1.54 15.80
C VAL A 200 31.78 3.03 15.99
N LEU A 201 31.65 3.48 17.24
CA LEU A 201 31.79 4.90 17.56
C LEU A 201 33.25 5.26 17.82
N LEU A 202 34.15 4.71 17.01
CA LEU A 202 35.58 4.98 17.14
C LEU A 202 35.94 6.32 16.52
N ARG A 203 37.21 6.69 16.61
CA ARG A 203 37.69 7.94 16.05
C ARG A 203 38.36 7.72 14.70
N GLY A 204 38.14 8.66 13.78
CA GLY A 204 38.72 8.55 12.45
C GLY A 204 38.43 9.76 11.59
N ALA A 205 38.54 9.58 10.28
CA ALA A 205 38.28 10.68 9.34
C ALA A 205 36.78 10.86 9.11
N GLY A 206 36.38 12.11 8.87
CA GLY A 206 34.97 12.41 8.64
C GLY A 206 34.24 12.72 9.93
N ASP A 207 32.91 12.77 9.85
CA ASP A 207 32.08 13.07 11.01
C ASP A 207 31.76 11.80 11.78
N VAL A 208 32.19 10.66 11.27
CA VAL A 208 31.94 9.38 11.91
C VAL A 208 32.99 9.10 12.99
#